data_4DEV
#
_entry.id   4DEV
#
_cell.length_a   90.112
_cell.length_b   95.786
_cell.length_c   98.787
_cell.angle_alpha   89.96
_cell.angle_beta   99.74
_cell.angle_gamma   92.50
#
_symmetry.space_group_name_H-M   'P 1'
#
loop_
_entity.id
_entity.type
_entity.pdbx_description
1 polymer 'Acetyl-xylan esterase Est2A'
2 non-polymer 'ACETIC ACID'
3 non-polymer DI(HYDROXYETHYL)ETHER
4 non-polymer 'CHLORIDE ION'
5 non-polymer GLYCEROL
6 water water
#
_entity_poly.entity_id   1
_entity_poly.type   'polypeptide(L)'
_entity_poly.pdbx_seq_one_letter_code
;MSYYHHHHHHLESTSLYKKAGFENLYFQGSGAMSVLQYTEISNISSDKINILGRTGKKRQPLPVFFNGGGVEVVVTGSEL
WIDLETDSDVNEMWVALEINGAFIARQMLLPGEHSLCLFRSMEKTTPKRVRLYRELQAMNDDPKVKLLFKGFKHDGEFQN
VPVYSRKLEFIGDSITSGEGSYGAFDDVDWIPMYMSASANYATMTAKALNADYHLVSQGGWGVFCGWDNDVRHNLPSVYE
KVCGLAKGEMNEELGAQEEYDFASWQPDAIIVNLGTNDVTSFNQPEFLNPDDGKTYKMRTNTDGTRNREDELKIVSAIID
FLTMLRKHNPNAQIIWSYGMLGSDLNLVITEGINKYKENAGDEKVSFFQLPNTTMENFGSHMAPGPKSHQNAAKELVDYL
RNKLGWFE
;
_entity_poly.pdbx_strand_id   A,B,C,D,E,F,G,H
#
# COMPACT_ATOMS: atom_id res chain seq x y z
N LEU A 36 -5.84 20.88 -2.91
CA LEU A 36 -6.28 19.58 -2.29
C LEU A 36 -6.70 19.73 -0.83
N GLN A 37 -7.99 19.54 -0.57
CA GLN A 37 -8.51 19.53 0.79
C GLN A 37 -8.10 18.25 1.49
N TYR A 38 -7.96 18.32 2.81
CA TYR A 38 -7.75 17.13 3.61
C TYR A 38 -8.95 16.87 4.51
N THR A 39 -9.47 15.64 4.45
CA THR A 39 -10.56 15.23 5.31
C THR A 39 -10.17 13.93 6.02
N GLU A 40 -10.16 13.96 7.34
CA GLU A 40 -9.92 12.76 8.13
C GLU A 40 -11.05 11.77 7.89
N ILE A 41 -10.73 10.47 7.93
CA ILE A 41 -11.71 9.42 7.69
C ILE A 41 -12.93 9.55 8.62
N SER A 42 -12.69 9.87 9.89
CA SER A 42 -13.76 10.03 10.88
C SER A 42 -14.60 11.29 10.66
N ASN A 43 -14.17 12.17 9.75
CA ASN A 43 -14.90 13.42 9.46
C ASN A 43 -15.71 13.37 8.16
N ILE A 44 -15.84 12.16 7.60
CA ILE A 44 -16.75 11.94 6.48
C ILE A 44 -18.04 11.38 7.08
N SER A 45 -19.17 12.04 6.82
CA SER A 45 -20.45 11.60 7.38
C SER A 45 -20.81 10.20 6.87
N SER A 46 -21.54 9.46 7.70
CA SER A 46 -21.82 8.03 7.42
C SER A 46 -22.49 7.76 6.07
N ASP A 47 -23.26 8.72 5.57
CA ASP A 47 -23.90 8.55 4.26
C ASP A 47 -22.93 8.71 3.09
N LYS A 48 -21.69 9.11 3.39
CA LYS A 48 -20.69 9.39 2.36
C LYS A 48 -19.43 8.50 2.47
N ILE A 49 -19.52 7.48 3.31
CA ILE A 49 -18.46 6.47 3.43
C ILE A 49 -19.03 5.11 3.85
N ASN A 50 -18.52 4.05 3.23
CA ASN A 50 -18.76 2.70 3.70
C ASN A 50 -17.48 2.18 4.30
N ILE A 51 -17.49 1.93 5.60
CA ILE A 51 -16.37 1.26 6.24
C ILE A 51 -16.61 -0.24 6.16
N LEU A 52 -15.64 -0.93 5.57
CA LEU A 52 -15.74 -2.36 5.33
C LEU A 52 -14.93 -3.10 6.38
N GLY A 53 -15.59 -4.05 7.04
CA GLY A 53 -14.92 -4.90 8.04
C GLY A 53 -15.18 -4.48 9.48
N ARG A 54 -14.89 -5.38 10.41
CA ARG A 54 -15.14 -5.13 11.83
C ARG A 54 -14.38 -3.91 12.34
N THR A 55 -15.11 -3.06 13.05
CA THR A 55 -14.54 -1.89 13.71
C THR A 55 -14.83 -1.94 15.20
N GLY A 56 -13.99 -1.27 15.98
CA GLY A 56 -14.17 -1.22 17.43
C GLY A 56 -14.29 0.22 17.89
N LYS A 57 -13.63 0.52 19.00
CA LYS A 57 -13.71 1.83 19.65
C LYS A 57 -12.90 2.90 18.90
N LYS A 58 -11.75 2.52 18.35
CA LYS A 58 -10.88 3.46 17.66
C LYS A 58 -11.41 3.81 16.26
N ARG A 59 -11.71 5.09 16.06
CA ARG A 59 -12.25 5.58 14.79
C ARG A 59 -11.29 6.49 14.04
N GLN A 60 -10.32 7.06 14.73
CA GLN A 60 -9.36 7.97 14.11
C GLN A 60 -7.94 7.81 14.69
N PRO A 61 -6.96 7.38 13.86
CA PRO A 61 -7.15 6.85 12.50
C PRO A 61 -7.93 5.52 12.53
N LEU A 62 -8.39 5.05 11.36
CA LEU A 62 -9.16 3.81 11.32
C LEU A 62 -8.25 2.60 11.20
N PRO A 63 -8.25 1.72 12.21
CA PRO A 63 -7.50 0.47 12.07
C PRO A 63 -8.23 -0.51 11.16
N VAL A 64 -7.51 -1.08 10.21
CA VAL A 64 -8.08 -2.08 9.31
C VAL A 64 -7.53 -3.45 9.72
N PHE A 65 -8.32 -4.19 10.49
CA PHE A 65 -7.85 -5.42 11.14
C PHE A 65 -7.85 -6.64 10.24
N PHE A 66 -8.86 -6.74 9.38
CA PHE A 66 -9.10 -7.97 8.61
C PHE A 66 -8.85 -7.82 7.11
N ASN A 67 -8.48 -8.94 6.47
CA ASN A 67 -8.56 -9.06 5.01
C ASN A 67 -9.96 -8.66 4.53
N GLY A 68 -10.01 -7.94 3.42
CA GLY A 68 -11.28 -7.48 2.85
C GLY A 68 -11.80 -6.22 3.53
N GLY A 69 -11.16 -5.84 4.64
CA GLY A 69 -11.51 -4.61 5.33
C GLY A 69 -10.89 -3.38 4.66
N GLY A 70 -11.49 -2.22 4.90
CA GLY A 70 -11.04 -0.98 4.26
C GLY A 70 -12.19 -0.02 4.07
N VAL A 71 -12.13 0.77 3.02
CA VAL A 71 -13.10 1.86 2.83
C VAL A 71 -13.56 2.02 1.39
N GLU A 72 -14.80 2.49 1.25
CA GLU A 72 -15.34 2.87 -0.03
C GLU A 72 -15.94 4.26 0.05
N VAL A 73 -15.58 5.12 -0.89
CA VAL A 73 -16.17 6.45 -1.00
C VAL A 73 -16.55 6.69 -2.45
N VAL A 74 -17.34 7.74 -2.69
CA VAL A 74 -17.52 8.19 -4.05
C VAL A 74 -17.30 9.69 -4.15
N VAL A 75 -16.36 10.07 -5.01
CA VAL A 75 -15.89 11.43 -5.07
C VAL A 75 -15.79 11.92 -6.49
N THR A 76 -16.07 13.21 -6.65
CA THR A 76 -15.80 13.92 -7.89
C THR A 76 -14.36 14.39 -7.81
N GLY A 77 -13.95 15.22 -8.76
CA GLY A 77 -12.61 15.80 -8.73
C GLY A 77 -11.64 15.07 -9.64
N SER A 78 -10.46 15.67 -9.82
CA SER A 78 -9.46 15.11 -10.72
C SER A 78 -8.52 14.12 -10.00
N GLU A 79 -8.45 14.24 -8.68
CA GLU A 79 -7.40 13.57 -7.93
C GLU A 79 -7.85 13.16 -6.52
N LEU A 80 -7.42 11.97 -6.10
CA LEU A 80 -7.71 11.44 -4.77
C LEU A 80 -6.49 10.71 -4.23
N TRP A 81 -6.09 11.07 -3.00
CA TRP A 81 -5.02 10.40 -2.26
C TRP A 81 -5.56 9.90 -0.95
N ILE A 82 -5.04 8.77 -0.48
CA ILE A 82 -5.31 8.34 0.89
C ILE A 82 -4.02 8.38 1.72
N ASP A 83 -4.10 8.96 2.91
CA ASP A 83 -3.00 8.94 3.85
C ASP A 83 -3.24 7.78 4.80
N LEU A 84 -2.22 6.92 4.94
CA LEU A 84 -2.34 5.75 5.81
C LEU A 84 -1.00 5.37 6.43
N GLU A 85 -1.06 4.59 7.50
CA GLU A 85 0.14 4.13 8.19
C GLU A 85 0.14 2.61 8.24
N THR A 86 1.31 2.04 7.99
CA THR A 86 1.47 0.60 8.15
C THR A 86 2.75 0.25 8.92
N ASP A 87 2.73 -0.92 9.55
CA ASP A 87 3.93 -1.49 10.13
C ASP A 87 3.92 -2.99 9.89
N SER A 88 5.11 -3.58 9.89
CA SER A 88 5.28 -5.01 9.68
C SER A 88 6.74 -5.36 9.81
N ASP A 89 7.04 -6.66 9.81
CA ASP A 89 8.40 -7.14 9.74
C ASP A 89 8.51 -8.17 8.61
N VAL A 90 8.36 -9.45 8.95
CA VAL A 90 8.48 -10.55 7.99
C VAL A 90 7.30 -10.54 6.99
N ASN A 91 6.10 -10.25 7.50
CA ASN A 91 4.90 -10.27 6.68
C ASN A 91 4.36 -8.87 6.40
N GLU A 92 4.75 -8.32 5.24
CA GLU A 92 4.38 -6.97 4.85
C GLU A 92 2.91 -6.87 4.44
N MET A 93 2.37 -5.66 4.55
CA MET A 93 0.99 -5.37 4.16
C MET A 93 0.82 -5.40 2.65
N TRP A 94 -0.36 -5.83 2.22
CA TRP A 94 -0.79 -5.70 0.83
C TRP A 94 -2.16 -5.10 0.78
N VAL A 95 -2.39 -4.25 -0.22
CA VAL A 95 -3.71 -3.66 -0.47
C VAL A 95 -4.10 -3.81 -1.93
N ALA A 96 -5.40 -3.69 -2.20
CA ALA A 96 -5.92 -3.70 -3.55
C ALA A 96 -6.90 -2.56 -3.75
N LEU A 97 -6.95 -2.04 -4.97
CA LEU A 97 -7.77 -0.90 -5.33
C LEU A 97 -8.78 -1.28 -6.40
N GLU A 98 -10.05 -0.94 -6.16
CA GLU A 98 -11.09 -1.06 -7.17
C GLU A 98 -11.78 0.28 -7.41
N ILE A 99 -11.94 0.64 -8.68
CA ILE A 99 -12.66 1.85 -9.05
C ILE A 99 -13.89 1.49 -9.89
N ASN A 100 -15.04 2.01 -9.47
CA ASN A 100 -16.34 1.70 -10.09
C ASN A 100 -16.57 0.19 -10.20
N GLY A 101 -16.15 -0.53 -9.16
CA GLY A 101 -16.29 -1.98 -9.09
C GLY A 101 -15.24 -2.83 -9.79
N ALA A 102 -14.31 -2.18 -10.48
CA ALA A 102 -13.32 -2.88 -11.30
C ALA A 102 -11.93 -2.87 -10.67
N PHE A 103 -11.26 -4.03 -10.68
CA PHE A 103 -9.91 -4.17 -10.15
C PHE A 103 -8.94 -3.26 -10.91
N ILE A 104 -8.15 -2.48 -10.19
CA ILE A 104 -7.22 -1.53 -10.83
C ILE A 104 -5.76 -1.78 -10.45
N ALA A 105 -5.51 -2.01 -9.16
CA ALA A 105 -4.15 -2.06 -8.64
C ALA A 105 -4.03 -2.97 -7.43
N ARG A 106 -2.83 -3.50 -7.25
CA ARG A 106 -2.50 -4.33 -6.11
C ARG A 106 -0.99 -4.16 -5.86
N GLN A 107 -0.61 -3.87 -4.62
CA GLN A 107 0.80 -3.64 -4.25
C GLN A 107 1.09 -3.89 -2.77
N MET A 108 2.36 -4.12 -2.45
CA MET A 108 2.77 -4.21 -1.06
C MET A 108 2.96 -2.80 -0.46
N LEU A 109 2.85 -2.71 0.85
CA LEU A 109 3.15 -1.49 1.59
C LEU A 109 4.14 -1.83 2.69
N LEU A 110 5.30 -1.19 2.64
CA LEU A 110 6.32 -1.40 3.66
C LEU A 110 6.16 -0.39 4.79
N PRO A 111 6.76 -0.68 5.98
CA PRO A 111 6.47 0.15 7.15
C PRO A 111 6.65 1.65 6.94
N GLY A 112 5.77 2.43 7.57
CA GLY A 112 5.86 3.88 7.57
C GLY A 112 4.54 4.55 7.20
N GLU A 113 4.58 5.87 7.08
CA GLU A 113 3.44 6.65 6.61
C GLU A 113 3.46 6.67 5.08
N HIS A 114 2.32 6.44 4.47
CA HIS A 114 2.21 6.53 3.01
C HIS A 114 1.14 7.48 2.58
N SER A 115 1.34 8.07 1.41
CA SER A 115 0.29 8.79 0.72
C SER A 115 0.10 8.09 -0.63
N LEU A 116 -0.93 7.25 -0.71
CA LEU A 116 -1.21 6.51 -1.95
C LEU A 116 -2.17 7.30 -2.82
N CYS A 117 -1.78 7.52 -4.07
CA CYS A 117 -2.64 8.19 -5.02
C CYS A 117 -3.60 7.16 -5.62
N LEU A 118 -4.90 7.38 -5.41
CA LEU A 118 -5.90 6.41 -5.82
C LEU A 118 -6.39 6.67 -7.25
N PHE A 119 -6.48 7.94 -7.62
CA PHE A 119 -6.60 8.36 -9.01
C PHE A 119 -6.11 9.78 -9.23
N ARG A 120 -5.77 10.09 -10.48
CA ARG A 120 -5.34 11.43 -10.87
C ARG A 120 -5.67 11.74 -12.32
N SER A 121 -5.64 13.02 -12.68
CA SER A 121 -5.89 13.48 -14.05
C SER A 121 -7.27 13.13 -14.61
N MET A 122 -8.23 12.86 -13.72
CA MET A 122 -9.57 12.48 -14.15
C MET A 122 -10.47 13.70 -14.40
N GLU A 123 -11.53 13.49 -15.19
CA GLU A 123 -12.59 14.50 -15.38
C GLU A 123 -13.22 14.88 -14.03
N LYS A 124 -13.20 16.17 -13.72
CA LYS A 124 -13.55 16.67 -12.39
C LYS A 124 -15.03 16.52 -11.98
N THR A 125 -15.94 16.56 -12.96
CA THR A 125 -17.38 16.56 -12.64
C THR A 125 -17.99 15.18 -12.39
N THR A 126 -17.36 14.13 -12.94
CA THR A 126 -17.88 12.77 -12.84
C THR A 126 -17.51 12.13 -11.49
N PRO A 127 -18.51 11.55 -10.78
CA PRO A 127 -18.20 10.85 -9.54
C PRO A 127 -17.49 9.52 -9.80
N LYS A 128 -16.50 9.19 -8.97
CA LYS A 128 -15.80 7.90 -9.05
C LYS A 128 -16.04 7.13 -7.75
N ARG A 129 -16.43 5.87 -7.86
CA ARG A 129 -16.53 5.03 -6.69
C ARG A 129 -15.17 4.38 -6.47
N VAL A 130 -14.64 4.52 -5.26
CA VAL A 130 -13.28 4.08 -4.95
C VAL A 130 -13.32 3.18 -3.73
N ARG A 131 -12.82 1.96 -3.89
CA ARG A 131 -12.74 0.99 -2.81
C ARG A 131 -11.29 0.54 -2.63
N LEU A 132 -10.74 0.78 -1.45
CA LEU A 132 -9.38 0.31 -1.10
C LEU A 132 -9.47 -0.61 0.11
N TYR A 133 -8.96 -1.83 -0.04
CA TYR A 133 -9.07 -2.84 1.02
C TYR A 133 -7.79 -3.66 1.23
N ARG A 134 -7.73 -4.30 2.39
CA ARG A 134 -6.58 -5.09 2.83
C ARG A 134 -6.61 -6.47 2.19
N GLU A 135 -5.47 -6.89 1.63
CA GLU A 135 -5.36 -8.19 0.98
C GLU A 135 -4.94 -9.29 1.96
N LEU A 136 -4.38 -8.89 3.10
CA LEU A 136 -3.78 -9.81 4.06
C LEU A 136 -4.68 -10.08 5.26
N GLN A 137 -4.75 -11.34 5.67
CA GLN A 137 -5.50 -11.72 6.87
C GLN A 137 -4.91 -11.04 8.10
N ALA A 138 -5.68 -10.97 9.18
CA ALA A 138 -5.09 -10.68 10.49
C ALA A 138 -4.06 -11.79 10.75
N MET A 139 -2.99 -11.44 11.48
CA MET A 139 -1.93 -12.40 11.75
C MET A 139 -1.84 -12.69 13.25
N ASN A 140 -2.33 -13.85 13.67
CA ASN A 140 -2.42 -14.20 15.08
C ASN A 140 -1.09 -14.11 15.83
N ASP A 141 -0.01 -14.53 15.16
CA ASP A 141 1.31 -14.60 15.77
C ASP A 141 2.20 -13.40 15.43
N ASP A 142 1.63 -12.39 14.79
CA ASP A 142 2.38 -11.19 14.42
C ASP A 142 1.77 -9.96 15.07
N PRO A 143 2.34 -9.50 16.19
CA PRO A 143 1.75 -8.35 16.89
C PRO A 143 2.15 -6.99 16.30
N LYS A 144 3.01 -6.99 15.30
CA LYS A 144 3.55 -5.76 14.72
C LYS A 144 2.75 -5.29 13.51
N VAL A 145 2.27 -6.24 12.72
CA VAL A 145 1.59 -5.92 11.46
C VAL A 145 0.29 -5.13 11.70
N LYS A 146 0.14 -4.03 10.98
CA LYS A 146 -1.03 -3.17 11.12
C LYS A 146 -1.25 -2.33 9.88
N LEU A 147 -2.48 -1.88 9.71
CA LEU A 147 -2.83 -0.95 8.65
C LEU A 147 -3.86 0.03 9.20
N LEU A 148 -3.54 1.32 9.14
CA LEU A 148 -4.39 2.38 9.68
C LEU A 148 -4.69 3.40 8.59
N PHE A 149 -5.97 3.68 8.34
CA PHE A 149 -6.39 4.71 7.39
C PHE A 149 -6.60 6.04 8.12
N LYS A 150 -5.95 7.10 7.64
CA LYS A 150 -5.98 8.40 8.32
C LYS A 150 -6.98 9.39 7.71
N GLY A 151 -6.90 9.57 6.40
CA GLY A 151 -7.76 10.52 5.70
C GLY A 151 -7.48 10.58 4.22
N PHE A 152 -8.20 11.47 3.53
CA PHE A 152 -8.06 11.66 2.10
C PHE A 152 -7.62 13.07 1.71
N LYS A 153 -6.77 13.15 0.69
CA LYS A 153 -6.50 14.42 -0.01
C LYS A 153 -7.28 14.39 -1.31
N HIS A 154 -8.00 15.48 -1.60
CA HIS A 154 -8.98 15.48 -2.69
C HIS A 154 -9.33 16.87 -3.15
N ASP A 155 -9.48 17.05 -4.47
CA ASP A 155 -9.93 18.33 -4.99
C ASP A 155 -11.44 18.34 -5.26
N GLY A 156 -12.06 17.17 -5.24
CA GLY A 156 -13.49 17.03 -5.45
C GLY A 156 -14.28 16.88 -4.15
N GLU A 157 -15.54 16.50 -4.28
CA GLU A 157 -16.46 16.41 -3.14
C GLU A 157 -16.96 14.98 -2.94
N PHE A 158 -17.14 14.59 -1.69
CA PHE A 158 -17.68 13.29 -1.34
C PHE A 158 -19.19 13.27 -1.61
N GLN A 159 -19.63 12.25 -2.32
CA GLN A 159 -21.05 12.01 -2.62
C GLN A 159 -21.57 10.85 -1.79
N ASN A 160 -22.89 10.68 -1.77
CA ASN A 160 -23.47 9.52 -1.09
C ASN A 160 -22.95 8.21 -1.68
N VAL A 161 -22.64 7.25 -0.82
CA VAL A 161 -22.15 5.93 -1.23
C VAL A 161 -23.31 4.96 -1.42
N PRO A 162 -23.10 3.86 -2.19
CA PRO A 162 -24.16 2.84 -2.26
C PRO A 162 -24.49 2.35 -0.85
N VAL A 163 -25.76 2.09 -0.58
CA VAL A 163 -26.15 1.56 0.72
C VAL A 163 -26.35 0.05 0.58
N TYR A 164 -25.60 -0.72 1.38
CA TYR A 164 -25.71 -2.17 1.39
C TYR A 164 -26.49 -2.62 2.63
N SER A 165 -27.78 -2.84 2.47
CA SER A 165 -28.59 -3.34 3.58
C SER A 165 -28.28 -4.81 3.81
N ARG A 166 -27.95 -5.51 2.73
CA ARG A 166 -27.57 -6.92 2.79
C ARG A 166 -26.18 -7.06 3.40
N LYS A 167 -26.07 -7.97 4.36
CA LYS A 167 -24.81 -8.20 5.07
C LYS A 167 -24.47 -9.70 5.17
N LEU A 168 -23.22 -10.03 4.89
CA LEU A 168 -22.74 -11.41 4.97
C LEU A 168 -21.45 -11.49 5.76
N GLU A 169 -21.41 -12.36 6.77
CA GLU A 169 -20.17 -12.66 7.48
C GLU A 169 -19.60 -13.99 6.99
N PHE A 170 -18.29 -14.01 6.77
CA PHE A 170 -17.59 -15.22 6.34
C PHE A 170 -16.55 -15.56 7.39
N ILE A 171 -16.60 -16.79 7.89
CA ILE A 171 -15.64 -17.30 8.85
C ILE A 171 -14.92 -18.49 8.24
N GLY A 172 -13.58 -18.44 8.19
CA GLY A 172 -12.85 -19.50 7.53
C GLY A 172 -11.37 -19.64 7.83
N ASP A 173 -10.72 -20.46 7.00
CA ASP A 173 -9.30 -20.74 7.10
C ASP A 173 -8.55 -20.10 5.93
N SER A 174 -7.50 -20.73 5.42
CA SER A 174 -6.69 -20.14 4.34
C SER A 174 -7.48 -19.90 3.04
N ILE A 175 -8.51 -20.71 2.82
CA ILE A 175 -9.38 -20.56 1.66
C ILE A 175 -10.10 -19.21 1.71
N THR A 176 -10.61 -18.87 2.90
CA THR A 176 -11.29 -17.59 3.11
C THR A 176 -10.30 -16.42 3.20
N SER A 177 -9.05 -16.73 3.54
CA SER A 177 -7.94 -15.77 3.42
C SER A 177 -7.43 -15.65 1.99
N GLY A 178 -7.97 -16.47 1.08
CA GLY A 178 -7.57 -16.44 -0.32
C GLY A 178 -6.11 -16.80 -0.55
N GLU A 179 -5.57 -17.66 0.30
CA GLU A 179 -4.19 -18.11 0.18
C GLU A 179 -4.08 -18.99 -1.06
N GLY A 180 -3.19 -18.63 -1.97
CA GLY A 180 -3.07 -19.35 -3.24
C GLY A 180 -3.85 -18.73 -4.39
N SER A 181 -4.64 -17.70 -4.09
CA SER A 181 -5.44 -17.01 -5.13
C SER A 181 -4.55 -16.22 -6.09
N TYR A 182 -3.32 -15.95 -5.68
CA TYR A 182 -2.31 -15.38 -6.55
C TYR A 182 -1.08 -16.28 -6.52
N GLY A 183 -0.31 -16.26 -7.61
CA GLY A 183 0.97 -16.97 -7.67
C GLY A 183 0.93 -18.20 -8.56
N ALA A 184 2.11 -18.62 -9.03
CA ALA A 184 2.23 -19.78 -9.92
C ALA A 184 1.96 -21.09 -9.20
N PHE A 185 1.52 -22.09 -9.98
CA PHE A 185 1.15 -23.40 -9.46
C PHE A 185 2.15 -23.98 -8.47
N ASP A 186 3.44 -23.90 -8.80
CA ASP A 186 4.46 -24.56 -7.98
C ASP A 186 5.04 -23.72 -6.84
N ASP A 187 4.57 -22.47 -6.67
CA ASP A 187 5.06 -21.62 -5.58
C ASP A 187 4.55 -22.12 -4.24
N VAL A 188 5.42 -22.09 -3.23
CA VAL A 188 5.14 -22.70 -1.92
C VAL A 188 5.47 -21.86 -0.67
N ASP A 189 6.18 -20.74 -0.83
CA ASP A 189 6.54 -19.88 0.30
C ASP A 189 5.31 -19.26 0.97
N TRP A 190 5.27 -19.31 2.30
CA TRP A 190 4.11 -18.85 3.07
C TRP A 190 4.17 -17.38 3.36
N ILE A 191 3.93 -16.57 2.33
CA ILE A 191 4.12 -15.12 2.41
C ILE A 191 2.91 -14.35 1.84
N PRO A 192 2.74 -13.07 2.25
CA PRO A 192 1.55 -12.26 1.94
C PRO A 192 1.15 -12.14 0.47
N MET A 193 2.11 -12.10 -0.46
CA MET A 193 1.78 -11.81 -1.86
C MET A 193 0.82 -12.81 -2.50
N TYR A 194 0.69 -14.00 -1.92
CA TYR A 194 -0.12 -15.09 -2.47
C TYR A 194 -1.56 -15.10 -1.91
N MET A 195 -1.82 -14.24 -0.93
CA MET A 195 -3.13 -14.13 -0.28
C MET A 195 -3.92 -12.95 -0.82
N SER A 196 -5.24 -13.06 -0.82
CA SER A 196 -6.06 -11.93 -1.26
C SER A 196 -7.52 -11.94 -0.83
N ALA A 197 -8.08 -10.74 -0.79
CA ALA A 197 -9.53 -10.55 -0.80
C ALA A 197 -9.99 -10.19 -2.22
N SER A 198 -9.05 -9.79 -3.07
CA SER A 198 -9.37 -9.35 -4.42
C SER A 198 -9.80 -10.49 -5.35
N ALA A 199 -9.26 -11.69 -5.13
CA ALA A 199 -9.66 -12.88 -5.88
C ALA A 199 -10.05 -13.95 -4.87
N ASN A 200 -11.34 -13.96 -4.52
CA ASN A 200 -11.79 -14.63 -3.32
C ASN A 200 -13.28 -14.88 -3.40
N TYR A 201 -13.68 -16.14 -3.19
CA TYR A 201 -15.07 -16.57 -3.35
C TYR A 201 -16.02 -15.76 -2.48
N ALA A 202 -15.53 -15.34 -1.31
CA ALA A 202 -16.34 -14.61 -0.34
C ALA A 202 -16.71 -13.23 -0.85
N THR A 203 -15.70 -12.51 -1.37
CA THR A 203 -15.94 -11.16 -1.88
C THR A 203 -16.62 -11.21 -3.25
N MET A 204 -16.35 -12.27 -4.03
CA MET A 204 -17.11 -12.51 -5.26
C MET A 204 -18.59 -12.69 -4.95
N THR A 205 -18.88 -13.47 -3.91
CA THR A 205 -20.25 -13.73 -3.47
C THR A 205 -20.95 -12.45 -3.02
N ALA A 206 -20.28 -11.67 -2.15
CA ALA A 206 -20.84 -10.42 -1.65
C ALA A 206 -21.11 -9.41 -2.78
N LYS A 207 -20.16 -9.30 -3.71
CA LYS A 207 -20.28 -8.38 -4.84
C LYS A 207 -21.49 -8.72 -5.72
N ALA A 208 -21.66 -10.02 -6.02
CA ALA A 208 -22.76 -10.50 -6.84
C ALA A 208 -24.11 -10.19 -6.21
N LEU A 209 -24.15 -10.23 -4.88
CA LEU A 209 -25.39 -10.05 -4.14
C LEU A 209 -25.58 -8.63 -3.60
N ASN A 210 -24.70 -7.70 -4.00
CA ASN A 210 -24.75 -6.31 -3.55
C ASN A 210 -24.74 -6.22 -2.01
N ALA A 211 -23.86 -7.00 -1.39
CA ALA A 211 -23.83 -7.12 0.06
C ALA A 211 -22.56 -6.56 0.70
N ASP A 212 -22.74 -5.96 1.87
CA ASP A 212 -21.64 -5.69 2.80
C ASP A 212 -21.13 -7.05 3.29
N TYR A 213 -19.85 -7.13 3.60
CA TYR A 213 -19.26 -8.39 4.03
C TYR A 213 -18.20 -8.15 5.10
N HIS A 214 -18.07 -9.09 6.03
CA HIS A 214 -16.93 -9.17 6.94
C HIS A 214 -16.26 -10.50 6.75
N LEU A 215 -14.93 -10.48 6.69
CA LEU A 215 -14.14 -11.71 6.66
C LEU A 215 -13.44 -11.90 7.99
N VAL A 216 -13.56 -13.10 8.56
CA VAL A 216 -12.85 -13.48 9.78
C VAL A 216 -12.19 -14.83 9.48
N SER A 217 -10.88 -14.82 9.23
CA SER A 217 -10.21 -16.02 8.75
C SER A 217 -8.77 -16.19 9.23
N GLN A 218 -8.30 -17.44 9.27
CA GLN A 218 -6.92 -17.69 9.62
C GLN A 218 -6.41 -18.98 9.00
N GLY A 219 -5.38 -18.87 8.16
CA GLY A 219 -4.75 -20.01 7.51
C GLY A 219 -4.30 -21.08 8.49
N GLY A 220 -4.62 -22.34 8.17
CA GLY A 220 -4.20 -23.48 8.98
C GLY A 220 -5.11 -23.79 10.15
N TRP A 221 -6.05 -22.90 10.45
CA TRP A 221 -6.90 -23.05 11.62
C TRP A 221 -8.14 -23.85 11.32
N GLY A 222 -8.65 -24.52 12.35
CA GLY A 222 -9.87 -25.29 12.20
C GLY A 222 -10.97 -24.83 13.13
N VAL A 223 -12.06 -25.59 13.16
CA VAL A 223 -13.12 -25.36 14.14
C VAL A 223 -12.67 -25.85 15.53
N PHE A 224 -11.81 -26.89 15.56
CA PHE A 224 -11.30 -27.47 16.79
C PHE A 224 -9.77 -27.39 16.94
N CYS A 225 -9.03 -27.70 15.88
CA CYS A 225 -7.57 -27.63 15.93
C CYS A 225 -6.97 -27.27 14.58
N GLY A 226 -5.72 -26.80 14.60
CA GLY A 226 -4.98 -26.53 13.37
C GLY A 226 -4.61 -27.82 12.66
N TRP A 227 -4.20 -27.70 11.39
CA TRP A 227 -3.80 -28.84 10.57
C TRP A 227 -2.65 -29.61 11.19
N ASP A 228 -1.86 -28.94 12.03
CA ASP A 228 -0.71 -29.56 12.69
C ASP A 228 -1.05 -30.05 14.10
N ASN A 229 -2.34 -30.20 14.38
CA ASN A 229 -2.82 -30.66 15.70
C ASN A 229 -2.79 -29.61 16.81
N ASP A 230 -2.43 -28.37 16.48
CA ASP A 230 -2.41 -27.27 17.44
C ASP A 230 -3.82 -26.89 17.87
N VAL A 231 -4.19 -27.37 19.05
CA VAL A 231 -5.50 -27.20 19.63
C VAL A 231 -5.85 -25.74 19.96
N ARG A 232 -4.84 -24.89 20.06
CA ARG A 232 -5.05 -23.45 20.31
C ARG A 232 -5.53 -22.74 19.04
N HIS A 233 -5.29 -23.35 17.88
CA HIS A 233 -5.55 -22.70 16.60
C HIS A 233 -6.92 -23.03 16.06
N ASN A 234 -7.93 -22.51 16.75
CA ASN A 234 -9.32 -22.71 16.37
C ASN A 234 -10.03 -21.36 16.25
N LEU A 235 -10.87 -21.22 15.23
CA LEU A 235 -11.60 -19.96 15.00
C LEU A 235 -12.55 -19.55 16.13
N PRO A 236 -13.28 -20.51 16.74
CA PRO A 236 -14.20 -20.10 17.81
C PRO A 236 -13.54 -19.31 18.94
N SER A 237 -12.28 -19.60 19.24
CA SER A 237 -11.53 -18.96 20.33
C SER A 237 -11.28 -17.46 20.10
N VAL A 238 -11.29 -17.04 18.84
CA VAL A 238 -11.02 -15.64 18.50
C VAL A 238 -12.23 -14.88 17.94
N TYR A 239 -13.38 -15.54 17.86
CA TYR A 239 -14.56 -14.97 17.17
C TYR A 239 -15.20 -13.74 17.83
N GLU A 240 -15.24 -13.73 19.15
CA GLU A 240 -16.05 -12.74 19.89
C GLU A 240 -15.43 -11.35 20.06
N LYS A 241 -14.12 -11.25 19.90
CA LYS A 241 -13.44 -9.96 20.02
C LYS A 241 -13.50 -9.17 18.71
N VAL A 242 -13.21 -7.87 18.80
CA VAL A 242 -13.21 -7.00 17.62
C VAL A 242 -12.32 -7.60 16.54
N CYS A 243 -11.10 -7.95 16.93
CA CYS A 243 -10.22 -8.77 16.10
C CYS A 243 -9.37 -9.60 17.04
N GLY A 244 -9.88 -10.77 17.40
CA GLY A 244 -9.20 -11.69 18.32
C GLY A 244 -7.84 -12.12 17.83
N LEU A 245 -7.65 -12.05 16.51
CA LEU A 245 -6.40 -12.43 15.85
C LEU A 245 -5.37 -11.30 15.79
N ALA A 246 -5.69 -10.15 16.39
CA ALA A 246 -4.75 -9.05 16.49
C ALA A 246 -4.41 -8.88 17.97
N LYS A 247 -3.28 -9.46 18.36
CA LYS A 247 -2.89 -9.57 19.76
C LYS A 247 -1.67 -8.69 20.08
N GLY A 248 -1.36 -8.58 21.37
CA GLY A 248 -0.19 -7.81 21.82
C GLY A 248 -0.58 -6.39 22.17
N GLU A 249 0.38 -5.66 22.76
CA GLU A 249 0.15 -4.32 23.35
C GLU A 249 -0.39 -3.29 22.36
N MET A 250 0.24 -3.25 21.19
CA MET A 250 -0.10 -2.31 20.15
C MET A 250 -1.55 -2.54 19.70
N ASN A 251 -1.89 -3.78 19.38
CA ASN A 251 -3.25 -4.15 18.96
C ASN A 251 -4.29 -3.91 20.05
N GLU A 252 -3.90 -4.13 21.30
CA GLU A 252 -4.78 -3.86 22.43
C GLU A 252 -5.16 -2.38 22.49
N GLU A 253 -4.18 -1.51 22.23
CA GLU A 253 -4.44 -0.07 22.16
C GLU A 253 -5.34 0.29 21.00
N LEU A 254 -5.27 -0.50 19.92
CA LEU A 254 -6.15 -0.29 18.78
C LEU A 254 -7.60 -0.72 19.05
N GLY A 255 -7.83 -1.39 20.18
CA GLY A 255 -9.17 -1.87 20.54
C GLY A 255 -9.53 -3.24 20.01
N ALA A 256 -8.53 -3.99 19.56
CA ALA A 256 -8.76 -5.30 18.94
C ALA A 256 -9.20 -6.36 19.94
N GLN A 257 -8.78 -6.22 21.20
CA GLN A 257 -9.04 -7.27 22.18
C GLN A 257 -10.27 -6.99 23.06
N GLU A 258 -10.95 -5.88 22.78
CA GLU A 258 -12.26 -5.64 23.38
C GLU A 258 -13.32 -6.52 22.71
N GLU A 259 -14.42 -6.78 23.42
CA GLU A 259 -15.52 -7.57 22.87
C GLU A 259 -16.18 -6.84 21.70
N TYR A 260 -16.51 -7.58 20.64
CA TYR A 260 -17.09 -6.96 19.45
C TYR A 260 -18.54 -6.57 19.70
N ASP A 261 -18.92 -5.40 19.20
CA ASP A 261 -20.32 -4.95 19.29
C ASP A 261 -21.15 -5.57 18.16
N PHE A 262 -21.62 -6.79 18.39
CA PHE A 262 -22.38 -7.54 17.39
C PHE A 262 -23.68 -6.85 16.99
N ALA A 263 -24.31 -6.15 17.94
CA ALA A 263 -25.57 -5.45 17.67
C ALA A 263 -25.45 -4.35 16.61
N SER A 264 -24.24 -3.81 16.44
CA SER A 264 -23.99 -2.76 15.45
C SER A 264 -23.91 -3.26 14.01
N TRP A 265 -23.81 -4.58 13.82
CA TRP A 265 -23.68 -5.16 12.47
C TRP A 265 -24.19 -6.58 12.49
N GLN A 266 -25.45 -6.77 12.10
CA GLN A 266 -26.07 -8.07 12.15
C GLN A 266 -26.25 -8.63 10.74
N PRO A 267 -25.56 -9.74 10.42
CA PRO A 267 -25.59 -10.23 9.06
C PRO A 267 -26.87 -11.03 8.76
N ASP A 268 -27.28 -11.00 7.49
CA ASP A 268 -28.40 -11.81 7.00
C ASP A 268 -28.02 -13.30 7.01
N ALA A 269 -26.75 -13.56 6.73
CA ALA A 269 -26.23 -14.92 6.71
C ALA A 269 -24.78 -14.95 7.17
N ILE A 270 -24.41 -16.05 7.81
CA ILE A 270 -23.06 -16.31 8.23
C ILE A 270 -22.58 -17.58 7.55
N ILE A 271 -21.55 -17.43 6.72
CA ILE A 271 -20.98 -18.54 5.96
C ILE A 271 -19.75 -19.06 6.71
N VAL A 272 -19.85 -20.30 7.20
CA VAL A 272 -18.78 -20.91 7.95
C VAL A 272 -18.06 -21.94 7.08
N ASN A 273 -16.86 -21.58 6.62
CA ASN A 273 -16.04 -22.50 5.83
C ASN A 273 -14.86 -23.02 6.65
N LEU A 274 -15.16 -23.99 7.52
CA LEU A 274 -14.14 -24.62 8.38
C LEU A 274 -14.25 -26.13 8.33
N GLY A 275 -13.14 -26.79 8.67
CA GLY A 275 -13.12 -28.25 8.75
C GLY A 275 -11.97 -28.86 7.99
N THR A 276 -11.51 -28.18 6.94
CA THR A 276 -10.42 -28.68 6.11
C THR A 276 -9.17 -29.00 6.94
N ASN A 277 -8.81 -28.08 7.84
CA ASN A 277 -7.65 -28.30 8.69
C ASN A 277 -7.88 -29.33 9.80
N ASP A 278 -9.12 -29.39 10.30
CA ASP A 278 -9.48 -30.42 11.29
C ASP A 278 -9.30 -31.83 10.71
N VAL A 279 -9.73 -32.03 9.46
CA VAL A 279 -9.56 -33.34 8.81
C VAL A 279 -8.09 -33.69 8.60
N THR A 280 -7.31 -32.69 8.18
CA THR A 280 -5.88 -32.87 7.91
C THR A 280 -5.10 -33.34 9.13
N SER A 281 -5.44 -32.80 10.31
CA SER A 281 -4.73 -33.12 11.55
C SER A 281 -4.64 -34.62 11.85
N PHE A 282 -5.65 -35.37 11.40
CA PHE A 282 -5.70 -36.82 11.59
C PHE A 282 -4.51 -37.55 10.96
N ASN A 283 -3.92 -36.96 9.92
CA ASN A 283 -2.77 -37.54 9.22
C ASN A 283 -1.46 -36.82 9.54
N GLN A 284 -1.46 -36.00 10.59
CA GLN A 284 -0.28 -35.21 10.95
C GLN A 284 0.30 -35.63 12.30
N PRO A 285 1.62 -35.44 12.50
CA PRO A 285 2.28 -35.78 13.77
C PRO A 285 1.69 -35.04 14.97
N GLU A 286 1.94 -35.57 16.16
CA GLU A 286 1.48 -34.96 17.41
C GLU A 286 2.02 -33.54 17.60
N PHE A 287 1.32 -32.77 18.43
CA PHE A 287 1.72 -31.40 18.70
C PHE A 287 1.98 -31.21 20.20
N LEU A 288 3.22 -30.86 20.53
CA LEU A 288 3.59 -30.51 21.90
C LEU A 288 3.22 -29.05 22.15
N ASN A 289 2.20 -28.84 22.98
CA ASN A 289 1.70 -27.51 23.31
C ASN A 289 2.61 -26.83 24.34
N PRO A 290 3.28 -25.74 23.93
CA PRO A 290 4.18 -25.04 24.86
C PRO A 290 3.48 -24.34 26.03
N ASP A 291 2.17 -24.15 25.91
CA ASP A 291 1.39 -23.47 26.95
C ASP A 291 1.01 -24.36 28.13
N ASP A 292 1.01 -25.68 27.93
CA ASP A 292 0.67 -26.64 29.00
C ASP A 292 1.57 -27.88 29.04
N GLY A 293 2.54 -27.95 28.13
CA GLY A 293 3.50 -29.07 28.07
C GLY A 293 2.94 -30.40 27.62
N LYS A 294 1.65 -30.44 27.30
CA LYS A 294 0.97 -31.68 26.91
C LYS A 294 0.98 -31.86 25.39
N THR A 295 0.92 -33.12 24.94
CA THR A 295 0.92 -33.44 23.52
C THR A 295 -0.50 -33.75 23.02
N TYR A 296 -0.79 -33.30 21.81
CA TYR A 296 -2.12 -33.43 21.21
C TYR A 296 -2.02 -34.06 19.83
N LYS A 297 -2.92 -35.00 19.56
CA LYS A 297 -2.89 -35.77 18.34
C LYS A 297 -4.26 -36.31 18.02
N MET A 298 -4.79 -35.92 16.87
CA MET A 298 -5.98 -36.51 16.27
C MET A 298 -5.58 -37.86 15.69
N ARG A 299 -6.13 -38.93 16.26
CA ARG A 299 -5.66 -40.29 15.98
C ARG A 299 -6.42 -41.00 14.87
N THR A 300 -5.71 -41.82 14.11
CA THR A 300 -6.35 -42.75 13.19
C THR A 300 -6.07 -44.19 13.61
N ASN A 301 -7.09 -45.04 13.47
CA ASN A 301 -6.98 -46.44 13.81
C ASN A 301 -6.09 -47.18 12.81
N THR A 302 -5.62 -48.36 13.18
CA THR A 302 -4.81 -49.18 12.27
C THR A 302 -5.67 -49.65 11.09
N ASP A 303 -6.98 -49.52 11.28
CA ASP A 303 -8.05 -49.59 10.28
C ASP A 303 -7.85 -48.58 9.13
N GLY A 304 -7.10 -47.52 9.42
CA GLY A 304 -7.01 -46.37 8.51
C GLY A 304 -8.12 -45.37 8.78
N THR A 305 -9.12 -45.76 9.56
CA THR A 305 -10.26 -44.90 9.86
C THR A 305 -9.95 -43.95 11.04
N ARG A 306 -10.64 -42.81 11.09
CA ARG A 306 -10.45 -41.81 12.13
C ARG A 306 -10.90 -42.30 13.50
N ASN A 307 -10.14 -41.99 14.55
CA ASN A 307 -10.55 -42.25 15.93
C ASN A 307 -11.87 -41.54 16.21
N ARG A 308 -12.87 -42.32 16.64
CA ARG A 308 -14.23 -41.83 16.86
C ARG A 308 -14.29 -40.81 18.02
N GLU A 309 -13.53 -41.06 19.08
CA GLU A 309 -13.47 -40.13 20.20
C GLU A 309 -12.97 -38.76 19.72
N ASP A 310 -12.00 -38.76 18.81
CA ASP A 310 -11.47 -37.53 18.26
C ASP A 310 -12.43 -36.84 17.31
N GLU A 311 -13.15 -37.63 16.50
CA GLU A 311 -14.26 -37.10 15.70
C GLU A 311 -15.29 -36.37 16.57
N LEU A 312 -15.57 -36.96 17.73
CA LEU A 312 -16.54 -36.40 18.68
C LEU A 312 -16.09 -35.08 19.29
N LYS A 313 -14.78 -34.88 19.42
CA LYS A 313 -14.21 -33.59 19.81
C LYS A 313 -14.54 -32.50 18.78
N ILE A 314 -14.52 -32.86 17.50
CA ILE A 314 -14.88 -31.91 16.45
C ILE A 314 -16.38 -31.62 16.49
N VAL A 315 -17.19 -32.67 16.67
CA VAL A 315 -18.64 -32.53 16.83
C VAL A 315 -18.99 -31.54 17.96
N SER A 316 -18.35 -31.72 19.13
CA SER A 316 -18.56 -30.83 20.29
C SER A 316 -18.17 -29.39 20.01
N ALA A 317 -17.01 -29.21 19.37
CA ALA A 317 -16.53 -27.88 18.99
C ALA A 317 -17.53 -27.22 18.04
N ILE A 318 -18.10 -28.00 17.13
CA ILE A 318 -19.10 -27.49 16.20
C ILE A 318 -20.38 -27.08 16.93
N ILE A 319 -20.87 -27.93 17.85
CA ILE A 319 -22.06 -27.61 18.64
C ILE A 319 -21.82 -26.31 19.43
N ASP A 320 -20.68 -26.23 20.12
CA ASP A 320 -20.33 -25.07 20.91
C ASP A 320 -20.20 -23.80 20.08
N PHE A 321 -19.58 -23.93 18.90
CA PHE A 321 -19.41 -22.78 18.03
C PHE A 321 -20.73 -22.27 17.45
N LEU A 322 -21.63 -23.19 17.11
CA LEU A 322 -22.96 -22.81 16.59
C LEU A 322 -23.76 -22.07 17.66
N THR A 323 -23.65 -22.53 18.90
CA THR A 323 -24.25 -21.87 20.05
C THR A 323 -23.71 -20.43 20.18
N MET A 324 -22.40 -20.28 20.11
CA MET A 324 -21.74 -18.97 20.13
C MET A 324 -22.25 -18.05 19.03
N LEU A 325 -22.30 -18.59 17.80
CA LEU A 325 -22.80 -17.85 16.65
C LEU A 325 -24.25 -17.38 16.85
N ARG A 326 -25.12 -18.28 17.33
CA ARG A 326 -26.53 -17.94 17.55
C ARG A 326 -26.70 -16.88 18.66
N LYS A 327 -25.92 -17.02 19.73
CA LYS A 327 -25.95 -16.06 20.85
C LYS A 327 -25.71 -14.63 20.36
N HIS A 328 -24.73 -14.45 19.48
CA HIS A 328 -24.34 -13.13 19.01
C HIS A 328 -25.08 -12.67 17.78
N ASN A 329 -25.71 -13.64 17.10
CA ASN A 329 -26.47 -13.37 15.88
C ASN A 329 -27.82 -14.11 15.92
N PRO A 330 -28.80 -13.53 16.64
CA PRO A 330 -30.07 -14.22 16.90
C PRO A 330 -30.92 -14.54 15.67
N ASN A 331 -30.76 -13.77 14.60
CA ASN A 331 -31.65 -13.90 13.43
C ASN A 331 -30.97 -14.36 12.14
N ALA A 332 -29.65 -14.52 12.17
CA ALA A 332 -28.88 -14.87 10.99
C ALA A 332 -29.14 -16.30 10.52
N GLN A 333 -29.15 -16.51 9.20
CA GLN A 333 -29.10 -17.85 8.66
C GLN A 333 -27.64 -18.29 8.69
N ILE A 334 -27.34 -19.32 9.48
CA ILE A 334 -25.98 -19.84 9.58
C ILE A 334 -25.84 -20.99 8.59
N ILE A 335 -24.92 -20.84 7.64
CA ILE A 335 -24.74 -21.82 6.58
C ILE A 335 -23.30 -22.32 6.61
N TRP A 336 -23.13 -23.57 7.03
CA TRP A 336 -21.81 -24.19 7.00
C TRP A 336 -21.55 -24.57 5.58
N SER A 337 -20.52 -23.97 4.99
CA SER A 337 -20.21 -24.15 3.58
C SER A 337 -18.78 -24.67 3.43
N TYR A 338 -18.65 -25.91 2.99
CA TYR A 338 -17.38 -26.62 3.06
C TYR A 338 -17.21 -27.50 1.82
N GLY A 339 -15.98 -27.66 1.33
CA GLY A 339 -15.72 -28.59 0.23
C GLY A 339 -14.72 -28.18 -0.86
N MET A 340 -14.21 -26.96 -0.80
CA MET A 340 -13.29 -26.45 -1.83
C MET A 340 -11.93 -27.19 -1.84
N LEU A 341 -11.56 -27.76 -0.70
CA LEU A 341 -10.37 -28.61 -0.63
C LEU A 341 -10.73 -29.95 0.03
N GLY A 342 -11.57 -30.71 -0.67
CA GLY A 342 -12.02 -32.01 -0.16
C GLY A 342 -13.27 -31.92 0.70
N SER A 343 -14.01 -33.02 0.79
CA SER A 343 -15.26 -33.04 1.55
C SER A 343 -15.35 -34.18 2.56
N ASP A 344 -14.19 -34.71 2.95
CA ASP A 344 -14.18 -35.89 3.82
C ASP A 344 -14.79 -35.65 5.20
N LEU A 345 -14.88 -34.40 5.64
CA LEU A 345 -15.50 -34.08 6.93
C LEU A 345 -17.01 -33.83 6.86
N ASN A 346 -17.60 -34.05 5.69
CA ASN A 346 -19.04 -33.86 5.45
C ASN A 346 -19.95 -34.41 6.57
N LEU A 347 -19.66 -35.63 7.01
CA LEU A 347 -20.56 -36.29 7.97
C LEU A 347 -20.35 -35.82 9.40
N VAL A 348 -19.10 -35.62 9.78
CA VAL A 348 -18.74 -35.11 11.10
C VAL A 348 -19.30 -33.70 11.25
N ILE A 349 -19.16 -32.87 10.21
CA ILE A 349 -19.74 -31.53 10.21
C ILE A 349 -21.26 -31.56 10.39
N THR A 350 -21.94 -32.40 9.61
CA THR A 350 -23.40 -32.43 9.66
C THR A 350 -23.91 -33.09 10.94
N GLU A 351 -23.11 -33.99 11.52
CA GLU A 351 -23.43 -34.57 12.84
C GLU A 351 -23.47 -33.44 13.87
N GLY A 352 -22.46 -32.57 13.83
CA GLY A 352 -22.40 -31.38 14.70
C GLY A 352 -23.60 -30.45 14.51
N ILE A 353 -23.87 -30.09 13.26
CA ILE A 353 -25.03 -29.24 12.94
C ILE A 353 -26.35 -29.86 13.41
N ASN A 354 -26.53 -31.15 13.13
CA ASN A 354 -27.76 -31.85 13.49
C ASN A 354 -27.99 -31.94 14.99
N LYS A 355 -26.94 -32.33 15.73
CA LYS A 355 -27.06 -32.44 17.18
C LYS A 355 -27.30 -31.07 17.82
N TYR A 356 -26.57 -30.05 17.34
CA TYR A 356 -26.81 -28.69 17.81
C TYR A 356 -28.26 -28.25 17.57
N LYS A 357 -28.74 -28.41 16.33
CA LYS A 357 -30.02 -27.84 15.96
C LYS A 357 -31.22 -28.53 16.62
N GLU A 358 -31.09 -29.85 16.86
CA GLU A 358 -32.07 -30.65 17.59
C GLU A 358 -32.22 -30.14 19.03
N ASN A 359 -31.10 -29.98 19.72
CA ASN A 359 -31.08 -29.53 21.12
C ASN A 359 -31.48 -28.06 21.29
N ALA A 360 -31.09 -27.22 20.34
CA ALA A 360 -31.37 -25.78 20.42
C ALA A 360 -32.71 -25.38 19.83
N GLY A 361 -33.33 -26.26 19.06
CA GLY A 361 -34.54 -25.93 18.32
C GLY A 361 -34.28 -24.84 17.30
N ASP A 362 -33.11 -24.90 16.65
CA ASP A 362 -32.66 -23.86 15.73
C ASP A 362 -32.95 -24.23 14.28
N GLU A 363 -33.89 -23.52 13.67
CA GLU A 363 -34.34 -23.82 12.31
C GLU A 363 -33.65 -22.96 11.25
N LYS A 364 -32.64 -22.20 11.67
CA LYS A 364 -31.94 -21.32 10.75
C LYS A 364 -30.45 -21.68 10.66
N VAL A 365 -30.17 -22.99 10.60
CA VAL A 365 -28.83 -23.51 10.35
C VAL A 365 -28.93 -24.49 9.21
N SER A 366 -27.97 -24.39 8.27
CA SER A 366 -27.96 -25.18 7.05
C SER A 366 -26.55 -25.68 6.72
N PHE A 367 -26.48 -26.69 5.86
CA PHE A 367 -25.21 -27.16 5.31
C PHE A 367 -25.28 -27.02 3.79
N PHE A 368 -24.23 -26.44 3.23
CA PHE A 368 -24.07 -26.35 1.78
C PHE A 368 -22.67 -26.77 1.42
N GLN A 369 -22.55 -27.78 0.57
CA GLN A 369 -21.25 -28.24 0.15
C GLN A 369 -20.78 -27.42 -1.04
N LEU A 370 -19.57 -26.88 -0.92
CA LEU A 370 -18.93 -26.12 -2.00
C LEU A 370 -18.25 -27.07 -2.99
N PRO A 371 -18.14 -26.66 -4.27
CA PRO A 371 -17.45 -27.51 -5.25
C PRO A 371 -15.96 -27.68 -4.96
N ASN A 372 -15.47 -28.90 -5.19
CA ASN A 372 -14.06 -29.21 -4.98
C ASN A 372 -13.18 -28.56 -6.05
N THR A 373 -11.98 -28.17 -5.66
CA THR A 373 -10.98 -27.65 -6.60
C THR A 373 -10.41 -28.82 -7.41
N THR A 374 -10.50 -28.73 -8.73
CA THR A 374 -9.97 -29.77 -9.61
C THR A 374 -8.61 -29.32 -10.15
N MET A 375 -7.89 -30.23 -10.83
CA MET A 375 -6.50 -30.03 -11.25
C MET A 375 -6.32 -28.79 -12.13
N GLU A 376 -7.30 -28.47 -12.97
CA GLU A 376 -7.19 -27.29 -13.81
C GLU A 376 -7.44 -25.97 -13.04
N ASN A 377 -7.86 -26.07 -11.77
CA ASN A 377 -8.31 -24.89 -11.01
C ASN A 377 -7.50 -24.52 -9.75
N PHE A 378 -6.35 -25.15 -9.55
CA PHE A 378 -5.48 -24.81 -8.44
C PHE A 378 -4.76 -23.48 -8.68
N GLY A 379 -4.49 -22.77 -7.59
CA GLY A 379 -3.64 -21.58 -7.62
C GLY A 379 -2.26 -21.99 -7.18
N SER A 380 -1.64 -21.21 -6.31
CA SER A 380 -0.38 -21.61 -5.69
C SER A 380 -0.67 -22.39 -4.42
N HIS A 381 0.36 -23.02 -3.85
CA HIS A 381 0.24 -23.77 -2.59
C HIS A 381 -0.77 -24.90 -2.60
N MET A 382 -1.08 -25.42 -3.78
CA MET A 382 -2.10 -26.47 -3.93
C MET A 382 -3.43 -26.04 -3.29
N ALA A 383 -3.76 -24.77 -3.47
CA ALA A 383 -4.97 -24.21 -2.91
C ALA A 383 -5.88 -23.72 -4.05
N PRO A 384 -7.13 -23.34 -3.75
CA PRO A 384 -8.02 -22.88 -4.81
C PRO A 384 -7.49 -21.63 -5.52
N GLY A 385 -7.39 -21.70 -6.85
CA GLY A 385 -7.04 -20.53 -7.66
C GLY A 385 -8.27 -19.70 -7.97
N PRO A 386 -8.10 -18.57 -8.69
CA PRO A 386 -9.22 -17.68 -9.04
C PRO A 386 -10.45 -18.41 -9.63
N LYS A 387 -10.20 -19.38 -10.52
CA LYS A 387 -11.27 -20.16 -11.15
C LYS A 387 -12.08 -20.99 -10.15
N SER A 388 -11.38 -21.55 -9.16
CA SER A 388 -12.04 -22.32 -8.13
C SER A 388 -12.90 -21.41 -7.26
N HIS A 389 -12.32 -20.29 -6.85
CA HIS A 389 -13.09 -19.25 -6.14
C HIS A 389 -14.30 -18.83 -6.92
N GLN A 390 -14.16 -18.63 -8.24
CA GLN A 390 -15.28 -18.29 -9.13
C GLN A 390 -16.38 -19.36 -9.11
N ASN A 391 -15.99 -20.61 -9.29
CA ASN A 391 -16.94 -21.73 -9.29
C ASN A 391 -17.69 -21.85 -7.95
N ALA A 392 -16.96 -21.72 -6.84
CA ALA A 392 -17.57 -21.78 -5.50
C ALA A 392 -18.53 -20.62 -5.27
N ALA A 393 -18.12 -19.41 -5.69
CA ALA A 393 -18.97 -18.23 -5.60
C ALA A 393 -20.26 -18.41 -6.40
N LYS A 394 -20.16 -18.95 -7.62
CA LYS A 394 -21.35 -19.19 -8.46
C LYS A 394 -22.37 -20.06 -7.73
N GLU A 395 -21.90 -21.18 -7.20
CA GLU A 395 -22.77 -22.09 -6.47
C GLU A 395 -23.33 -21.51 -5.16
N LEU A 396 -22.49 -20.77 -4.43
CA LEU A 396 -22.92 -20.16 -3.16
C LEU A 396 -23.94 -19.05 -3.37
N VAL A 397 -23.71 -18.21 -4.38
CA VAL A 397 -24.64 -17.14 -4.74
C VAL A 397 -26.00 -17.72 -5.10
N ASP A 398 -26.01 -18.75 -5.95
CA ASP A 398 -27.25 -19.48 -6.30
C ASP A 398 -27.96 -19.98 -5.04
N TYR A 399 -27.19 -20.57 -4.14
CA TYR A 399 -27.73 -21.07 -2.88
C TYR A 399 -28.34 -19.96 -2.02
N LEU A 400 -27.64 -18.84 -1.88
CA LEU A 400 -28.11 -17.74 -1.04
C LEU A 400 -29.34 -17.04 -1.61
N ARG A 401 -29.39 -16.91 -2.95
CA ARG A 401 -30.57 -16.34 -3.62
C ARG A 401 -31.84 -17.10 -3.26
N ASN A 402 -31.74 -18.44 -3.30
CA ASN A 402 -32.85 -19.31 -2.93
C ASN A 402 -33.12 -19.35 -1.43
N LYS A 403 -32.08 -19.41 -0.61
CA LYS A 403 -32.24 -19.46 0.84
C LYS A 403 -32.82 -18.17 1.43
N LEU A 404 -32.35 -17.03 0.95
CA LEU A 404 -32.71 -15.73 1.55
C LEU A 404 -33.74 -14.98 0.73
N GLY A 405 -34.15 -15.57 -0.39
CA GLY A 405 -35.10 -14.92 -1.30
C GLY A 405 -34.51 -13.68 -1.94
N TRP A 406 -33.20 -13.72 -2.23
CA TRP A 406 -32.52 -12.59 -2.87
C TRP A 406 -32.45 -12.77 -4.36
N PHE A 407 -33.61 -12.79 -5.02
CA PHE A 407 -33.66 -13.02 -6.46
C PHE A 407 -33.39 -11.77 -7.26
N LEU B 36 44.06 -17.09 15.73
CA LEU B 36 43.90 -15.84 14.91
C LEU B 36 44.47 -15.97 13.50
N GLN B 37 43.58 -16.00 12.51
CA GLN B 37 43.98 -16.02 11.10
C GLN B 37 44.50 -14.64 10.71
N TYR B 38 45.41 -14.61 9.74
CA TYR B 38 45.85 -13.35 9.15
C TYR B 38 45.39 -13.23 7.70
N THR B 39 44.73 -12.13 7.39
CA THR B 39 44.27 -11.88 6.04
C THR B 39 44.74 -10.51 5.62
N GLU B 40 45.56 -10.47 4.58
CA GLU B 40 46.00 -9.20 4.00
C GLU B 40 44.79 -8.45 3.47
N ILE B 41 44.85 -7.12 3.57
CA ILE B 41 43.75 -6.27 3.14
C ILE B 41 43.36 -6.52 1.68
N SER B 42 44.35 -6.74 0.83
CA SER B 42 44.09 -7.01 -0.58
C SER B 42 43.54 -8.43 -0.84
N ASN B 43 43.56 -9.28 0.19
CA ASN B 43 43.02 -10.64 0.07
C ASN B 43 41.61 -10.80 0.67
N ILE B 44 40.94 -9.68 0.91
CA ILE B 44 39.52 -9.68 1.23
C ILE B 44 38.79 -9.32 -0.06
N SER B 45 37.88 -10.19 -0.49
CA SER B 45 37.13 -9.96 -1.72
C SER B 45 36.27 -8.70 -1.58
N SER B 46 36.01 -8.04 -2.72
CA SER B 46 35.38 -6.73 -2.73
C SER B 46 34.00 -6.68 -2.07
N ASP B 47 33.25 -7.78 -2.10
CA ASP B 47 31.94 -7.83 -1.45
C ASP B 47 32.03 -7.88 0.08
N LYS B 48 33.26 -8.04 0.59
CA LYS B 48 33.49 -8.20 2.02
C LYS B 48 34.36 -7.09 2.62
N ILE B 49 34.62 -6.04 1.84
CA ILE B 49 35.35 -4.87 2.32
C ILE B 49 34.93 -3.59 1.57
N ASN B 50 34.76 -2.51 2.33
CA ASN B 50 34.58 -1.18 1.77
C ASN B 50 35.87 -0.41 2.02
N ILE B 51 36.56 -0.06 0.94
CA ILE B 51 37.72 0.81 1.06
C ILE B 51 37.20 2.23 0.92
N LEU B 52 37.46 3.05 1.93
CA LEU B 52 36.99 4.42 1.94
C LEU B 52 38.12 5.33 1.49
N GLY B 53 37.83 6.14 0.47
CA GLY B 53 38.76 7.18 0.03
C GLY B 53 39.49 6.81 -1.24
N ARG B 54 40.10 7.81 -1.87
CA ARG B 54 40.81 7.60 -3.13
C ARG B 54 41.94 6.58 -2.98
N THR B 55 41.97 5.62 -3.90
CA THR B 55 43.10 4.69 -4.01
C THR B 55 43.74 4.82 -5.39
N GLY B 56 45.00 4.40 -5.49
CA GLY B 56 45.71 4.37 -6.77
C GLY B 56 46.14 2.95 -7.10
N LYS B 57 47.32 2.82 -7.71
CA LYS B 57 47.85 1.53 -8.14
C LYS B 57 48.27 0.62 -6.98
N LYS B 58 48.76 1.20 -5.89
CA LYS B 58 49.23 0.41 -4.75
C LYS B 58 48.08 -0.14 -3.89
N ARG B 59 48.03 -1.45 -3.76
CA ARG B 59 46.93 -2.11 -3.05
C ARG B 59 47.34 -2.94 -1.85
N GLN B 60 48.63 -3.28 -1.77
CA GLN B 60 49.16 -4.05 -0.65
C GLN B 60 50.59 -3.60 -0.29
N PRO B 61 50.78 -3.00 0.89
CA PRO B 61 49.74 -2.55 1.83
C PRO B 61 48.90 -1.43 1.21
N LEU B 62 47.77 -1.12 1.84
CA LEU B 62 46.88 -0.08 1.32
C LEU B 62 47.30 1.26 1.91
N PRO B 63 47.69 2.22 1.04
CA PRO B 63 47.95 3.57 1.53
C PRO B 63 46.63 4.28 1.78
N VAL B 64 46.54 4.92 2.94
CA VAL B 64 45.39 5.71 3.31
C VAL B 64 45.81 7.18 3.25
N PHE B 65 45.53 7.79 2.11
CA PHE B 65 46.05 9.11 1.78
C PHE B 65 45.29 10.27 2.44
N PHE B 66 43.97 10.14 2.54
CA PHE B 66 43.12 11.28 2.91
C PHE B 66 42.43 11.12 4.26
N ASN B 67 42.13 12.26 4.90
CA ASN B 67 41.20 12.30 6.01
C ASN B 67 39.90 11.63 5.62
N GLY B 68 39.32 10.84 6.53
CA GLY B 68 38.09 10.08 6.27
C GLY B 68 38.34 8.79 5.52
N GLY B 69 39.57 8.61 5.04
CA GLY B 69 39.95 7.39 4.32
C GLY B 69 40.23 6.26 5.29
N GLY B 70 40.07 5.02 4.82
CA GLY B 70 40.25 3.86 5.69
C GLY B 70 39.47 2.67 5.16
N VAL B 71 39.02 1.81 6.07
CA VAL B 71 38.29 0.61 5.68
C VAL B 71 37.11 0.27 6.58
N GLU B 72 36.13 -0.42 6.00
CA GLU B 72 35.02 -0.97 6.76
C GLU B 72 34.89 -2.45 6.42
N VAL B 73 34.76 -3.28 7.45
CA VAL B 73 34.47 -4.69 7.27
C VAL B 73 33.34 -5.07 8.23
N VAL B 74 32.75 -6.25 8.03
CA VAL B 74 31.90 -6.81 9.06
C VAL B 74 32.30 -8.24 9.37
N VAL B 75 32.66 -8.48 10.61
CA VAL B 75 33.25 -9.75 11.00
C VAL B 75 32.57 -10.33 12.23
N THR B 76 32.50 -11.66 12.24
CA THR B 76 32.11 -12.40 13.42
C THR B 76 33.37 -12.61 14.26
N GLY B 77 33.28 -13.43 15.31
CA GLY B 77 34.43 -13.73 16.15
C GLY B 77 34.48 -12.89 17.40
N SER B 78 35.37 -13.25 18.31
CA SER B 78 35.52 -12.55 19.58
C SER B 78 36.49 -11.38 19.49
N GLU B 79 37.36 -11.41 18.50
CA GLU B 79 38.53 -10.54 18.48
C GLU B 79 38.93 -10.11 17.08
N LEU B 80 39.32 -8.85 16.93
CA LEU B 80 39.78 -8.30 15.66
C LEU B 80 40.93 -7.31 15.88
N TRP B 81 42.02 -7.51 15.15
CA TRP B 81 43.16 -6.58 15.12
C TRP B 81 43.44 -6.14 13.71
N ILE B 82 43.94 -4.92 13.57
CA ILE B 82 44.46 -4.46 12.29
C ILE B 82 45.97 -4.22 12.42
N ASP B 83 46.73 -4.73 11.45
CA ASP B 83 48.16 -4.50 11.36
C ASP B 83 48.36 -3.35 10.39
N LEU B 84 49.08 -2.34 10.83
CA LEU B 84 49.27 -1.15 10.03
C LEU B 84 50.66 -0.54 10.26
N GLU B 85 51.06 0.35 9.35
CA GLU B 85 52.31 1.06 9.48
C GLU B 85 52.06 2.55 9.36
N THR B 86 52.74 3.32 10.19
CA THR B 86 52.68 4.77 10.07
C THR B 86 54.06 5.40 10.17
N ASP B 87 54.21 6.56 9.56
CA ASP B 87 55.40 7.38 9.79
C ASP B 87 54.98 8.85 9.92
N SER B 88 55.81 9.64 10.56
CA SER B 88 55.54 11.06 10.78
C SER B 88 56.72 11.69 11.50
N ASP B 89 56.71 13.02 11.58
CA ASP B 89 57.66 13.74 12.42
C ASP B 89 56.86 14.68 13.34
N VAL B 90 56.70 15.93 12.92
CA VAL B 90 56.01 16.93 13.75
C VAL B 90 54.50 16.66 13.82
N ASN B 91 53.93 16.21 12.70
CA ASN B 91 52.50 15.96 12.63
C ASN B 91 52.16 14.47 12.69
N GLU B 92 51.90 13.98 13.90
CA GLU B 92 51.61 12.55 14.09
C GLU B 92 50.23 12.16 13.55
N MET B 93 50.10 10.89 13.18
CA MET B 93 48.86 10.32 12.67
C MET B 93 47.81 10.20 13.77
N TRP B 94 46.55 10.36 13.38
CA TRP B 94 45.39 10.11 14.23
C TRP B 94 44.39 9.25 13.50
N VAL B 95 43.75 8.35 14.23
CA VAL B 95 42.70 7.49 13.67
C VAL B 95 41.49 7.46 14.60
N ALA B 96 40.33 7.15 14.05
CA ALA B 96 39.13 6.98 14.84
C ALA B 96 38.44 5.69 14.46
N LEU B 97 37.79 5.08 15.46
CA LEU B 97 37.15 3.77 15.32
C LEU B 97 35.64 3.88 15.55
N GLU B 98 34.86 3.32 14.63
CA GLU B 98 33.41 3.21 14.79
C GLU B 98 32.98 1.77 14.67
N ILE B 99 32.16 1.32 15.62
CA ILE B 99 31.63 -0.05 15.56
C ILE B 99 30.11 0.02 15.48
N ASN B 100 29.55 -0.65 14.48
CA ASN B 100 28.12 -0.61 14.19
C ASN B 100 27.59 0.82 14.06
N GLY B 101 28.38 1.67 13.42
CA GLY B 101 28.02 3.06 13.18
C GLY B 101 28.26 4.03 14.33
N ALA B 102 28.68 3.52 15.48
CA ALA B 102 28.85 4.35 16.68
C ALA B 102 30.33 4.64 16.98
N PHE B 103 30.63 5.90 17.32
CA PHE B 103 32.00 6.30 17.71
C PHE B 103 32.46 5.52 18.94
N ILE B 104 33.65 4.96 18.87
CA ILE B 104 34.17 4.19 20.00
C ILE B 104 35.50 4.74 20.53
N ALA B 105 36.42 5.05 19.63
CA ALA B 105 37.78 5.35 20.02
C ALA B 105 38.42 6.36 19.09
N ARG B 106 39.39 7.09 19.61
CA ARG B 106 40.17 8.06 18.86
C ARG B 106 41.53 8.15 19.54
N GLN B 107 42.61 8.04 18.76
CA GLN B 107 43.97 8.08 19.32
C GLN B 107 45.04 8.45 18.30
N MET B 108 46.18 8.92 18.80
CA MET B 108 47.34 9.15 17.95
C MET B 108 48.09 7.85 17.73
N LEU B 109 48.85 7.79 16.65
CA LEU B 109 49.73 6.67 16.35
C LEU B 109 51.09 7.25 16.02
N LEU B 110 52.13 6.79 16.72
CA LEU B 110 53.48 7.28 16.49
C LEU B 110 54.21 6.36 15.51
N PRO B 111 55.34 6.81 14.93
CA PRO B 111 55.94 6.05 13.83
C PRO B 111 56.24 4.59 14.19
N GLY B 112 56.08 3.71 13.21
CA GLY B 112 56.37 2.29 13.37
C GLY B 112 55.24 1.40 12.89
N GLU B 113 55.43 0.10 13.11
CA GLU B 113 54.39 -0.89 12.86
C GLU B 113 53.55 -0.99 14.13
N HIS B 114 52.24 -1.02 13.97
CA HIS B 114 51.33 -1.24 15.11
C HIS B 114 50.38 -2.35 14.83
N SER B 115 49.96 -3.02 15.91
CA SER B 115 48.86 -3.95 15.85
C SER B 115 47.76 -3.40 16.76
N LEU B 116 46.74 -2.80 16.15
CA LEU B 116 45.65 -2.19 16.91
C LEU B 116 44.52 -3.17 17.11
N CYS B 117 44.15 -3.38 18.36
CA CYS B 117 43.01 -4.23 18.69
C CYS B 117 41.74 -3.40 18.49
N LEU B 118 40.90 -3.83 17.56
CA LEU B 118 39.70 -3.08 17.23
C LEU B 118 38.51 -3.50 18.10
N PHE B 119 38.44 -4.79 18.42
CA PHE B 119 37.56 -5.30 19.47
C PHE B 119 38.07 -6.62 20.02
N ARG B 120 37.64 -6.95 21.23
CA ARG B 120 38.01 -8.22 21.87
C ARG B 120 36.96 -8.66 22.87
N SER B 121 37.01 -9.94 23.23
CA SER B 121 36.10 -10.53 24.23
C SER B 121 34.62 -10.46 23.84
N MET B 122 34.35 -10.36 22.55
CA MET B 122 32.98 -10.26 22.07
C MET B 122 32.31 -11.61 21.82
N GLU B 123 30.98 -11.63 21.76
CA GLU B 123 30.23 -12.83 21.39
C GLU B 123 30.60 -13.26 19.96
N LYS B 124 31.04 -14.50 19.80
CA LYS B 124 31.62 -14.98 18.53
C LYS B 124 30.68 -15.05 17.32
N THR B 125 29.40 -15.35 17.57
CA THR B 125 28.44 -15.59 16.48
C THR B 125 27.85 -14.34 15.83
N THR B 126 27.83 -13.23 16.56
CA THR B 126 27.25 -11.97 16.05
C THR B 126 28.26 -11.22 15.17
N PRO B 127 27.82 -10.76 13.98
CA PRO B 127 28.69 -9.92 13.14
C PRO B 127 28.82 -8.51 13.72
N LYS B 128 30.02 -7.95 13.61
CA LYS B 128 30.27 -6.57 14.02
C LYS B 128 30.73 -5.78 12.79
N ARG B 129 30.11 -4.63 12.54
CA ARG B 129 30.59 -3.74 11.49
C ARG B 129 31.66 -2.84 12.10
N VAL B 130 32.84 -2.81 11.46
CA VAL B 130 33.98 -2.10 12.01
C VAL B 130 34.50 -1.13 10.97
N ARG B 131 34.59 0.15 11.35
CA ARG B 131 35.11 1.17 10.45
C ARG B 131 36.25 1.90 11.16
N LEU B 132 37.44 1.83 10.55
CA LEU B 132 38.60 2.57 11.04
C LEU B 132 39.06 3.53 9.95
N TYR B 133 39.14 4.81 10.30
CA TYR B 133 39.48 5.84 9.31
C TYR B 133 40.50 6.86 9.84
N ARG B 134 41.15 7.53 8.89
CA ARG B 134 42.17 8.54 9.18
C ARG B 134 41.52 9.87 9.59
N GLU B 135 41.99 10.43 10.71
CA GLU B 135 41.46 11.71 11.22
C GLU B 135 42.17 12.92 10.63
N LEU B 136 43.40 12.72 10.13
CA LEU B 136 44.26 13.79 9.69
C LEU B 136 44.24 13.97 8.17
N GLN B 137 44.15 15.22 7.72
CA GLN B 137 44.23 15.54 6.30
C GLN B 137 45.56 15.07 5.69
N ALA B 138 45.61 14.92 4.37
CA ALA B 138 46.88 14.82 3.68
C ALA B 138 47.66 16.10 3.97
N MET B 139 48.99 15.99 4.01
CA MET B 139 49.82 17.12 4.41
C MET B 139 50.73 17.52 3.26
N ASN B 140 50.39 18.60 2.57
CA ASN B 140 51.08 18.99 1.34
C ASN B 140 52.60 19.16 1.48
N ASP B 141 53.02 19.73 2.62
CA ASP B 141 54.41 20.07 2.84
C ASP B 141 55.11 19.10 3.79
N ASP B 142 54.47 17.97 4.05
CA ASP B 142 55.03 16.96 4.93
C ASP B 142 55.17 15.64 4.14
N PRO B 143 56.38 15.36 3.62
CA PRO B 143 56.57 14.18 2.78
C PRO B 143 56.73 12.89 3.58
N LYS B 144 56.80 12.99 4.90
CA LYS B 144 57.08 11.85 5.76
C LYS B 144 55.81 11.15 6.27
N VAL B 145 54.77 11.94 6.53
CA VAL B 145 53.54 11.42 7.15
C VAL B 145 52.84 10.44 6.20
N LYS B 146 52.46 9.28 6.74
CA LYS B 146 51.79 8.22 5.96
C LYS B 146 51.06 7.26 6.88
N LEU B 147 50.05 6.59 6.33
CA LEU B 147 49.31 5.54 7.02
C LEU B 147 49.03 4.43 6.02
N LEU B 148 49.52 3.23 6.34
CA LEU B 148 49.33 2.07 5.47
C LEU B 148 48.61 0.95 6.22
N PHE B 149 47.57 0.38 5.62
CA PHE B 149 46.86 -0.75 6.23
C PHE B 149 47.38 -2.04 5.59
N LYS B 150 47.81 -3.00 6.42
CA LYS B 150 48.39 -4.25 5.90
C LYS B 150 47.40 -5.41 5.86
N GLY B 151 46.76 -5.67 7.00
CA GLY B 151 45.83 -6.79 7.12
C GLY B 151 45.17 -6.87 8.48
N PHE B 152 44.35 -7.91 8.64
CA PHE B 152 43.60 -8.13 9.86
C PHE B 152 43.97 -9.45 10.52
N LYS B 153 44.07 -9.44 11.84
CA LYS B 153 44.08 -10.66 12.64
C LYS B 153 42.70 -10.87 13.23
N HIS B 154 42.14 -12.06 13.00
CA HIS B 154 40.75 -12.35 13.37
C HIS B 154 40.52 -13.82 13.65
N ASP B 155 39.64 -14.11 14.60
CA ASP B 155 39.20 -15.49 14.84
C ASP B 155 37.86 -15.80 14.17
N GLY B 156 37.17 -14.75 13.72
CA GLY B 156 35.87 -14.88 13.04
C GLY B 156 35.99 -14.80 11.54
N GLU B 157 34.85 -14.66 10.87
CA GLU B 157 34.80 -14.67 9.41
C GLU B 157 34.28 -13.35 8.86
N PHE B 158 34.79 -12.95 7.70
CA PHE B 158 34.34 -11.76 7.03
C PHE B 158 33.00 -12.01 6.36
N GLN B 159 32.07 -11.09 6.58
CA GLN B 159 30.74 -11.15 5.99
C GLN B 159 30.58 -10.02 4.98
N ASN B 160 29.54 -10.11 4.15
CA ASN B 160 29.18 -9.05 3.22
C ASN B 160 29.02 -7.72 3.94
N VAL B 161 29.63 -6.67 3.39
CA VAL B 161 29.55 -5.33 3.97
C VAL B 161 28.38 -4.55 3.35
N PRO B 162 27.91 -3.48 4.02
CA PRO B 162 26.90 -2.64 3.36
C PRO B 162 27.38 -2.15 2.01
N VAL B 163 26.46 -2.10 1.04
CA VAL B 163 26.77 -1.60 -0.28
C VAL B 163 26.28 -0.15 -0.35
N TYR B 164 27.22 0.76 -0.64
CA TYR B 164 26.91 2.17 -0.77
C TYR B 164 26.95 2.56 -2.24
N SER B 165 25.80 2.49 -2.91
CA SER B 165 25.74 2.90 -4.32
C SER B 165 25.85 4.42 -4.47
N ARG B 166 25.31 5.14 -3.48
CA ARG B 166 25.39 6.60 -3.44
C ARG B 166 26.81 7.06 -3.09
N LYS B 167 27.32 8.04 -3.85
CA LYS B 167 28.69 8.53 -3.68
C LYS B 167 28.75 10.07 -3.66
N LEU B 168 29.48 10.61 -2.70
CA LEU B 168 29.67 12.06 -2.57
C LEU B 168 31.14 12.41 -2.44
N GLU B 169 31.63 13.31 -3.29
CA GLU B 169 32.97 13.87 -3.10
C GLU B 169 32.87 15.24 -2.45
N PHE B 170 33.72 15.48 -1.44
CA PHE B 170 33.80 16.78 -0.77
C PHE B 170 35.18 17.36 -0.99
N ILE B 171 35.22 18.58 -1.51
CA ILE B 171 36.49 19.30 -1.70
C ILE B 171 36.45 20.57 -0.84
N GLY B 172 37.50 20.80 -0.05
CA GLY B 172 37.49 21.97 0.83
C GLY B 172 38.78 22.32 1.52
N ASP B 173 38.65 23.15 2.56
CA ASP B 173 39.77 23.71 3.31
C ASP B 173 39.75 23.13 4.73
N SER B 174 40.15 23.90 5.74
CA SER B 174 40.24 23.36 7.11
C SER B 174 38.88 22.92 7.66
N ILE B 175 37.81 23.51 7.15
CA ILE B 175 36.46 23.14 7.57
C ILE B 175 36.17 21.68 7.18
N THR B 176 36.53 21.33 5.95
CA THR B 176 36.38 19.95 5.45
C THR B 176 37.44 19.01 6.05
N SER B 177 38.57 19.57 6.51
CA SER B 177 39.54 18.80 7.31
C SER B 177 39.12 18.73 8.79
N GLY B 178 37.97 19.33 9.12
CA GLY B 178 37.45 19.26 10.49
C GLY B 178 38.35 19.92 11.51
N GLU B 179 39.10 20.92 11.05
CA GLU B 179 40.05 21.61 11.90
C GLU B 179 39.29 22.42 12.95
N GLY B 180 39.53 22.12 14.22
CA GLY B 180 38.79 22.75 15.32
C GLY B 180 37.58 21.96 15.80
N SER B 181 37.32 20.81 15.17
CA SER B 181 36.19 19.96 15.57
C SER B 181 36.43 19.29 16.93
N TYR B 182 37.68 19.27 17.36
CA TYR B 182 38.05 18.88 18.71
C TYR B 182 38.89 20.00 19.33
N GLY B 183 38.89 20.09 20.65
CA GLY B 183 39.72 21.05 21.36
C GLY B 183 38.91 22.15 21.99
N ALA B 184 39.45 22.73 23.06
CA ALA B 184 38.85 23.84 23.78
C ALA B 184 38.81 25.13 22.94
N PHE B 185 37.82 25.98 23.24
CA PHE B 185 37.61 27.25 22.53
C PHE B 185 38.89 28.06 22.29
N ASP B 186 39.71 28.20 23.32
CA ASP B 186 40.87 29.10 23.22
C ASP B 186 42.17 28.43 22.74
N ASP B 187 42.13 27.14 22.41
CA ASP B 187 43.32 26.44 21.91
C ASP B 187 43.65 26.91 20.49
N VAL B 188 44.93 27.11 20.21
CA VAL B 188 45.36 27.70 18.92
C VAL B 188 46.49 26.97 18.16
N ASP B 189 47.11 25.96 18.75
CA ASP B 189 48.22 25.26 18.08
C ASP B 189 47.75 24.50 16.85
N TRP B 190 48.47 24.66 15.74
CA TRP B 190 48.15 23.98 14.48
C TRP B 190 48.71 22.59 14.44
N ILE B 191 48.08 21.69 15.19
CA ILE B 191 48.54 20.30 15.36
C ILE B 191 47.40 19.31 15.09
N PRO B 192 47.73 18.05 14.76
CA PRO B 192 46.74 17.05 14.34
C PRO B 192 45.58 16.77 15.30
N MET B 193 45.79 16.85 16.61
CA MET B 193 44.75 16.41 17.55
C MET B 193 43.42 17.16 17.43
N TYR B 194 43.45 18.34 16.79
CA TYR B 194 42.27 19.21 16.67
C TYR B 194 41.48 19.01 15.37
N MET B 195 42.01 18.21 14.45
CA MET B 195 41.37 17.92 13.17
C MET B 195 40.65 16.58 13.22
N SER B 196 39.55 16.44 12.48
CA SER B 196 38.86 15.15 12.41
C SER B 196 38.01 14.91 11.16
N ALA B 197 37.79 13.63 10.88
CA ALA B 197 36.69 13.19 10.02
C ALA B 197 35.55 12.69 10.89
N SER B 198 35.84 12.40 12.16
CA SER B 198 34.88 11.83 13.08
C SER B 198 33.79 12.82 13.52
N ALA B 199 34.13 14.10 13.63
CA ALA B 199 33.16 15.14 13.92
C ALA B 199 33.23 16.19 12.81
N ASN B 200 32.46 15.97 11.75
CA ASN B 200 32.69 16.64 10.48
C ASN B 200 31.43 16.63 9.64
N TYR B 201 31.00 17.81 9.17
CA TYR B 201 29.77 17.96 8.39
C TYR B 201 29.73 17.03 7.16
N ALA B 202 30.89 16.78 6.56
CA ALA B 202 30.96 15.95 5.36
C ALA B 202 30.62 14.50 5.65
N THR B 203 31.20 13.94 6.70
CA THR B 203 30.90 12.56 7.08
C THR B 203 29.53 12.43 7.75
N MET B 204 29.09 13.45 8.47
CA MET B 204 27.72 13.48 9.00
C MET B 204 26.70 13.40 7.84
N THR B 205 26.96 14.18 6.79
CA THR B 205 26.12 14.21 5.60
C THR B 205 26.07 12.85 4.88
N ALA B 206 27.25 12.28 4.64
CA ALA B 206 27.36 10.99 3.97
C ALA B 206 26.66 9.89 4.76
N LYS B 207 26.84 9.88 6.08
CA LYS B 207 26.25 8.86 6.94
C LYS B 207 24.73 8.95 6.92
N ALA B 208 24.20 10.17 7.01
CA ALA B 208 22.76 10.40 6.98
C ALA B 208 22.13 9.88 5.67
N LEU B 209 22.89 9.97 4.59
CA LEU B 209 22.39 9.63 3.26
C LEU B 209 22.82 8.23 2.81
N ASN B 210 23.46 7.49 3.71
CA ASN B 210 23.96 6.14 3.44
C ASN B 210 24.87 6.12 2.21
N ALA B 211 25.80 7.08 2.17
CA ALA B 211 26.65 7.28 1.01
C ALA B 211 28.15 7.06 1.29
N ASP B 212 28.82 6.46 0.31
CA ASP B 212 30.28 6.47 0.23
C ASP B 212 30.73 7.93 0.05
N TYR B 213 31.89 8.27 0.61
CA TYR B 213 32.39 9.64 0.53
C TYR B 213 33.89 9.63 0.28
N HIS B 214 34.37 10.62 -0.47
CA HIS B 214 35.79 10.97 -0.52
C HIS B 214 35.96 12.38 -0.03
N LEU B 215 37.01 12.61 0.78
CA LEU B 215 37.36 13.95 1.24
C LEU B 215 38.68 14.37 0.61
N VAL B 216 38.69 15.55 -0.03
CA VAL B 216 39.90 16.13 -0.59
C VAL B 216 40.00 17.54 -0.03
N SER B 217 40.89 17.75 0.93
CA SER B 217 40.91 19.04 1.63
C SER B 217 42.27 19.48 2.10
N GLN B 218 42.43 20.79 2.30
CA GLN B 218 43.68 21.33 2.83
C GLN B 218 43.47 22.64 3.57
N GLY B 219 43.75 22.63 4.87
CA GLY B 219 43.64 23.81 5.72
C GLY B 219 44.42 25.00 5.17
N GLY B 220 43.77 26.16 5.11
CA GLY B 220 44.40 27.39 4.65
C GLY B 220 44.32 27.63 3.15
N TRP B 221 43.96 26.59 2.39
CA TRP B 221 43.96 26.68 0.94
C TRP B 221 42.68 27.23 0.39
N GLY B 222 42.78 27.90 -0.76
CA GLY B 222 41.61 28.47 -1.41
C GLY B 222 41.33 27.85 -2.76
N VAL B 223 40.35 28.40 -3.46
CA VAL B 223 40.13 28.03 -4.86
C VAL B 223 41.21 28.68 -5.72
N PHE B 224 41.71 29.84 -5.28
CA PHE B 224 42.74 30.58 -6.03
C PHE B 224 44.04 30.78 -5.24
N CYS B 225 43.93 31.15 -3.97
CA CYS B 225 45.11 31.31 -3.13
C CYS B 225 44.82 30.99 -1.66
N GLY B 226 45.90 30.72 -0.91
CA GLY B 226 45.81 30.50 0.52
C GLY B 226 45.44 31.77 1.27
N TRP B 227 45.03 31.63 2.52
CA TRP B 227 44.67 32.74 3.38
C TRP B 227 45.78 33.77 3.51
N ASP B 228 47.02 33.33 3.29
CA ASP B 228 48.21 34.17 3.44
C ASP B 228 48.72 34.69 2.08
N ASN B 229 47.85 34.68 1.08
CA ASN B 229 48.17 35.12 -0.28
C ASN B 229 49.06 34.17 -1.11
N ASP B 230 49.35 32.98 -0.58
CA ASP B 230 50.13 31.98 -1.30
C ASP B 230 49.34 31.41 -2.47
N VAL B 231 49.66 31.91 -3.65
CA VAL B 231 49.09 31.51 -4.93
C VAL B 231 49.23 30.01 -5.27
N ARG B 232 50.22 29.35 -4.69
CA ARG B 232 50.43 27.91 -4.91
C ARG B 232 49.42 27.07 -4.13
N HIS B 233 48.85 27.65 -3.07
CA HIS B 233 47.98 26.89 -2.17
C HIS B 233 46.53 26.97 -2.57
N ASN B 234 46.25 26.38 -3.73
CA ASN B 234 44.89 26.26 -4.26
C ASN B 234 44.52 24.79 -4.52
N LEU B 235 43.28 24.44 -4.18
CA LEU B 235 42.80 23.07 -4.35
C LEU B 235 42.82 22.53 -5.78
N PRO B 236 42.46 23.36 -6.79
CA PRO B 236 42.43 22.81 -8.15
C PRO B 236 43.76 22.19 -8.60
N SER B 237 44.88 22.74 -8.12
CA SER B 237 46.22 22.30 -8.52
C SER B 237 46.54 20.87 -8.08
N VAL B 238 45.84 20.40 -7.05
CA VAL B 238 46.12 19.06 -6.51
C VAL B 238 44.98 18.06 -6.73
N TYR B 239 43.92 18.49 -7.40
CA TYR B 239 42.70 17.70 -7.55
C TYR B 239 42.83 16.41 -8.39
N GLU B 240 43.61 16.47 -9.47
CA GLU B 240 43.57 15.41 -10.49
C GLU B 240 44.43 14.17 -10.22
N LYS B 241 45.40 14.29 -9.33
CA LYS B 241 46.23 13.14 -8.94
C LYS B 241 45.53 12.29 -7.87
N VAL B 242 46.00 11.04 -7.69
CA VAL B 242 45.47 10.14 -6.66
C VAL B 242 45.44 10.85 -5.31
N CYS B 243 46.57 11.43 -4.91
CA CYS B 243 46.62 12.38 -3.81
C CYS B 243 47.73 13.39 -4.11
N GLY B 244 47.34 14.47 -4.78
CA GLY B 244 48.28 15.55 -5.14
C GLY B 244 48.93 16.18 -3.92
N LEU B 245 48.25 16.08 -2.78
CA LEU B 245 48.72 16.63 -1.52
C LEU B 245 49.73 15.70 -0.82
N ALA B 246 50.04 14.58 -1.47
CA ALA B 246 51.04 13.65 -0.96
C ALA B 246 52.25 13.65 -1.89
N LYS B 247 53.25 14.44 -1.52
CA LYS B 247 54.41 14.72 -2.38
C LYS B 247 55.69 14.07 -1.82
N GLY B 248 56.74 14.09 -2.64
CA GLY B 248 58.03 13.54 -2.22
C GLY B 248 58.20 12.10 -2.69
N GLU B 249 59.42 11.60 -2.58
CA GLU B 249 59.82 10.28 -3.14
C GLU B 249 58.99 9.12 -2.61
N MET B 250 58.81 9.09 -1.30
CA MET B 250 58.08 8.01 -0.66
C MET B 250 56.63 7.95 -1.16
N ASN B 251 55.93 9.09 -1.15
CA ASN B 251 54.55 9.16 -1.64
C ASN B 251 54.43 8.81 -3.12
N GLU B 252 55.44 9.18 -3.90
CA GLU B 252 55.49 8.81 -5.31
C GLU B 252 55.49 7.30 -5.50
N GLU B 253 56.22 6.58 -4.64
CA GLU B 253 56.24 5.12 -4.68
C GLU B 253 54.89 4.53 -4.26
N LEU B 254 54.19 5.24 -3.38
CA LEU B 254 52.85 4.85 -2.96
C LEU B 254 51.81 5.05 -4.05
N GLY B 255 52.19 5.72 -5.14
CA GLY B 255 51.30 5.97 -6.27
C GLY B 255 50.44 7.23 -6.16
N ALA B 256 50.81 8.11 -5.24
CA ALA B 256 50.05 9.33 -4.96
C ALA B 256 50.11 10.38 -6.10
N GLN B 257 51.21 10.41 -6.85
CA GLN B 257 51.41 11.44 -7.87
C GLN B 257 51.01 11.01 -9.28
N GLU B 258 50.46 9.81 -9.41
CA GLU B 258 49.88 9.39 -10.68
C GLU B 258 48.49 10.00 -10.80
N GLU B 259 47.99 10.08 -12.03
CA GLU B 259 46.67 10.64 -12.29
C GLU B 259 45.61 9.71 -11.70
N TYR B 260 44.61 10.30 -11.05
CA TYR B 260 43.56 9.52 -10.41
C TYR B 260 42.62 8.90 -11.45
N ASP B 261 42.22 7.66 -11.21
CA ASP B 261 41.27 6.95 -12.07
C ASP B 261 39.82 7.33 -11.74
N PHE B 262 39.38 8.47 -12.26
CA PHE B 262 38.05 9.00 -12.00
C PHE B 262 36.90 8.08 -12.44
N ALA B 263 37.10 7.36 -13.54
CA ALA B 263 36.09 6.43 -14.05
C ALA B 263 35.75 5.31 -13.05
N SER B 264 36.69 4.98 -12.16
CA SER B 264 36.49 3.93 -11.16
C SER B 264 35.61 4.35 -9.99
N TRP B 265 35.37 5.65 -9.83
CA TRP B 265 34.56 6.14 -8.71
C TRP B 265 33.95 7.45 -9.11
N GLN B 266 32.70 7.40 -9.54
CA GLN B 266 31.99 8.56 -10.07
C GLN B 266 30.89 9.00 -9.11
N PRO B 267 31.06 10.18 -8.47
CA PRO B 267 30.10 10.62 -7.47
C PRO B 267 28.80 11.15 -8.06
N ASP B 268 27.72 10.92 -7.32
CA ASP B 268 26.41 11.49 -7.61
C ASP B 268 26.44 13.02 -7.43
N ALA B 269 27.21 13.49 -6.46
CA ALA B 269 27.36 14.92 -6.21
C ALA B 269 28.78 15.26 -5.76
N ILE B 270 29.22 16.46 -6.09
CA ILE B 270 30.49 16.98 -5.65
C ILE B 270 30.21 18.27 -4.88
N ILE B 271 30.56 18.27 -3.60
CA ILE B 271 30.34 19.40 -2.72
C ILE B 271 31.65 20.18 -2.63
N VAL B 272 31.65 21.41 -3.16
CA VAL B 272 32.85 22.26 -3.12
C VAL B 272 32.71 23.33 -2.05
N ASN B 273 33.41 23.15 -0.94
CA ASN B 273 33.39 24.12 0.14
C ASN B 273 34.71 24.89 0.16
N LEU B 274 34.81 25.84 -0.77
CA LEU B 274 36.01 26.67 -0.92
C LEU B 274 35.63 28.15 -1.05
N GLY B 275 36.55 29.02 -0.63
CA GLY B 275 36.35 30.47 -0.75
C GLY B 275 36.70 31.24 0.52
N THR B 276 36.56 30.58 1.67
CA THR B 276 36.83 31.20 2.96
C THR B 276 38.24 31.81 3.01
N ASN B 277 39.23 31.05 2.53
CA ASN B 277 40.61 31.54 2.53
C ASN B 277 40.90 32.56 1.45
N ASP B 278 40.24 32.45 0.30
CA ASP B 278 40.35 33.47 -0.73
C ASP B 278 39.89 34.86 -0.25
N VAL B 279 38.78 34.90 0.50
CA VAL B 279 38.28 36.11 1.17
C VAL B 279 39.30 36.69 2.15
N THR B 280 39.81 35.82 3.02
CA THR B 280 40.73 36.20 4.08
C THR B 280 41.98 36.87 3.52
N SER B 281 42.45 36.40 2.38
CA SER B 281 43.70 36.88 1.78
C SER B 281 43.73 38.38 1.53
N PHE B 282 42.57 38.95 1.24
CA PHE B 282 42.42 40.39 1.00
C PHE B 282 42.86 41.26 2.17
N ASN B 283 42.77 40.70 3.38
CA ASN B 283 43.15 41.42 4.60
C ASN B 283 44.49 40.95 5.18
N GLN B 284 45.27 40.25 4.37
CA GLN B 284 46.55 39.70 4.83
C GLN B 284 47.72 40.29 4.04
N PRO B 285 48.91 40.38 4.67
CA PRO B 285 50.13 40.88 4.01
C PRO B 285 50.50 40.13 2.74
N GLU B 286 51.29 40.79 1.89
CA GLU B 286 51.74 40.21 0.63
C GLU B 286 52.53 38.92 0.86
N PHE B 287 52.56 38.06 -0.15
CA PHE B 287 53.29 36.81 -0.06
C PHE B 287 54.48 36.78 -1.02
N LEU B 288 55.67 36.58 -0.46
CA LEU B 288 56.89 36.36 -1.24
C LEU B 288 56.96 34.87 -1.60
N ASN B 289 56.75 34.58 -2.89
CA ASN B 289 56.80 33.22 -3.41
C ASN B 289 58.26 32.77 -3.59
N PRO B 290 58.71 31.78 -2.79
CA PRO B 290 60.10 31.29 -2.87
C PRO B 290 60.46 30.63 -4.20
N ASP B 291 59.46 30.22 -4.98
CA ASP B 291 59.70 29.48 -6.21
C ASP B 291 60.03 30.34 -7.42
N ASP B 292 59.72 31.63 -7.34
CA ASP B 292 59.98 32.56 -8.45
C ASP B 292 60.44 33.95 -7.97
N GLY B 293 60.43 34.16 -6.65
CA GLY B 293 60.84 35.44 -6.07
C GLY B 293 59.87 36.59 -6.23
N LYS B 294 58.69 36.28 -6.80
CA LYS B 294 57.65 37.29 -7.05
C LYS B 294 56.70 37.42 -5.86
N THR B 295 56.15 38.62 -5.68
CA THR B 295 55.25 38.92 -4.56
C THR B 295 53.79 38.93 -5.01
N TYR B 296 52.91 38.39 -4.16
CA TYR B 296 51.49 38.28 -4.49
C TYR B 296 50.63 38.83 -3.35
N LYS B 297 49.59 39.57 -3.70
CA LYS B 297 48.70 40.18 -2.71
C LYS B 297 47.34 40.49 -3.32
N MET B 298 46.29 39.98 -2.68
CA MET B 298 44.92 40.36 -3.02
C MET B 298 44.64 41.65 -2.27
N ARG B 299 44.29 42.69 -3.00
CA ARG B 299 44.29 44.05 -2.43
C ARG B 299 42.89 44.51 -2.05
N THR B 300 42.80 45.36 -1.02
CA THR B 300 41.57 46.09 -0.76
C THR B 300 41.77 47.58 -1.07
N ASN B 301 40.73 48.21 -1.61
CA ASN B 301 40.78 49.62 -2.00
C ASN B 301 40.83 50.55 -0.79
N THR B 302 41.17 51.81 -1.01
CA THR B 302 41.22 52.77 0.10
C THR B 302 39.82 53.06 0.68
N ASP B 303 38.76 52.63 -0.01
CA ASP B 303 37.40 52.70 0.52
C ASP B 303 36.98 51.43 1.30
N GLY B 304 37.89 50.46 1.40
CA GLY B 304 37.63 49.23 2.16
C GLY B 304 37.03 48.08 1.35
N THR B 305 36.73 48.31 0.09
CA THR B 305 36.16 47.25 -0.75
C THR B 305 37.27 46.39 -1.36
N ARG B 306 36.95 45.15 -1.73
CA ARG B 306 37.91 44.29 -2.43
C ARG B 306 38.28 44.86 -3.79
N ASN B 307 39.57 44.82 -4.14
CA ASN B 307 40.02 45.14 -5.50
C ASN B 307 39.32 44.22 -6.50
N ARG B 308 38.65 44.84 -7.48
CA ARG B 308 37.83 44.12 -8.45
C ARG B 308 38.64 43.22 -9.38
N GLU B 309 39.79 43.69 -9.83
CA GLU B 309 40.69 42.87 -10.64
C GLU B 309 41.07 41.58 -9.88
N ASP B 310 41.27 41.72 -8.57
CA ASP B 310 41.61 40.58 -7.73
C ASP B 310 40.43 39.63 -7.50
N GLU B 311 39.23 40.18 -7.33
CA GLU B 311 38.01 39.38 -7.31
C GLU B 311 37.86 38.54 -8.59
N LEU B 312 38.14 39.16 -9.73
CA LEU B 312 38.02 38.48 -11.03
C LEU B 312 38.98 37.31 -11.20
N LYS B 313 40.12 37.37 -10.50
CA LYS B 313 41.06 36.25 -10.46
C LYS B 313 40.43 35.04 -9.78
N ILE B 314 39.65 35.28 -8.72
CA ILE B 314 38.91 34.20 -8.07
C ILE B 314 37.83 33.65 -9.01
N VAL B 315 37.08 34.56 -9.65
CA VAL B 315 36.07 34.16 -10.64
C VAL B 315 36.65 33.23 -11.71
N SER B 316 37.79 33.62 -12.29
CA SER B 316 38.46 32.81 -13.31
C SER B 316 38.91 31.47 -12.74
N ALA B 317 39.45 31.48 -11.52
CA ALA B 317 39.83 30.24 -10.85
C ALA B 317 38.62 29.31 -10.67
N ILE B 318 37.47 29.89 -10.35
CA ILE B 318 36.23 29.12 -10.18
C ILE B 318 35.77 28.49 -11.52
N ILE B 319 35.76 29.30 -12.57
CA ILE B 319 35.40 28.84 -13.92
C ILE B 319 36.30 27.66 -14.35
N ASP B 320 37.61 27.86 -14.23
CA ASP B 320 38.59 26.82 -14.54
C ASP B 320 38.42 25.54 -13.70
N PHE B 321 38.18 25.68 -12.39
CA PHE B 321 37.98 24.51 -11.53
C PHE B 321 36.70 23.76 -11.88
N LEU B 322 35.64 24.49 -12.21
CA LEU B 322 34.37 23.89 -12.62
C LEU B 322 34.53 23.11 -13.92
N THR B 323 35.31 23.67 -14.85
CA THR B 323 35.67 22.98 -16.08
C THR B 323 36.38 21.66 -15.80
N MET B 324 37.40 21.72 -14.95
CA MET B 324 38.14 20.54 -14.48
C MET B 324 37.25 19.48 -13.86
N LEU B 325 36.39 19.90 -12.94
CA LEU B 325 35.46 18.99 -12.25
C LEU B 325 34.52 18.26 -13.23
N ARG B 326 33.96 19.02 -14.18
CA ARG B 326 33.08 18.46 -15.21
C ARG B 326 33.81 17.50 -16.14
N LYS B 327 35.02 17.86 -16.58
CA LYS B 327 35.84 16.97 -17.41
C LYS B 327 36.02 15.58 -16.81
N HIS B 328 36.28 15.51 -15.50
CA HIS B 328 36.55 14.23 -14.84
C HIS B 328 35.32 13.58 -14.28
N ASN B 329 34.24 14.36 -14.16
CA ASN B 329 32.97 13.88 -13.64
C ASN B 329 31.82 14.36 -14.52
N PRO B 330 31.60 13.68 -15.67
CA PRO B 330 30.62 14.12 -16.67
C PRO B 330 29.18 14.24 -16.19
N ASN B 331 28.79 13.47 -15.16
CA ASN B 331 27.38 13.40 -14.78
C ASN B 331 27.03 13.89 -13.37
N ALA B 332 28.05 14.27 -12.61
CA ALA B 332 27.85 14.66 -11.22
C ALA B 332 27.12 16.00 -11.09
N GLN B 333 26.26 16.11 -10.08
CA GLN B 333 25.75 17.42 -9.68
C GLN B 333 26.84 18.10 -8.87
N ILE B 334 27.35 19.20 -9.39
CA ILE B 334 28.40 19.98 -8.69
C ILE B 334 27.73 21.10 -7.91
N ILE B 335 27.92 21.08 -6.59
CA ILE B 335 27.27 22.01 -5.69
C ILE B 335 28.32 22.77 -4.90
N TRP B 336 28.48 24.05 -5.22
CA TRP B 336 29.34 24.91 -4.42
C TRP B 336 28.63 25.23 -3.15
N SER B 337 29.19 24.77 -2.04
CA SER B 337 28.55 24.84 -0.73
C SER B 337 29.44 25.61 0.24
N TYR B 338 29.01 26.81 0.63
CA TYR B 338 29.89 27.75 1.30
C TYR B 338 29.12 28.59 2.31
N GLY B 339 29.75 28.90 3.45
CA GLY B 339 29.15 29.82 4.41
C GLY B 339 29.37 29.56 5.88
N MET B 340 30.06 28.48 6.22
CA MET B 340 30.25 28.08 7.63
C MET B 340 31.15 29.04 8.40
N LEU B 341 32.02 29.75 7.68
CA LEU B 341 32.79 30.83 8.29
C LEU B 341 32.64 32.11 7.47
N GLY B 342 31.42 32.67 7.46
CA GLY B 342 31.12 33.86 6.67
C GLY B 342 30.66 33.56 5.25
N SER B 343 29.87 34.47 4.69
CA SER B 343 29.32 34.31 3.35
C SER B 343 29.67 35.49 2.43
N ASP B 344 30.71 36.24 2.79
CA ASP B 344 31.14 37.44 2.07
C ASP B 344 31.44 37.22 0.60
N LEU B 345 31.85 36.01 0.24
CA LEU B 345 32.24 35.69 -1.13
C LEU B 345 31.09 35.22 -2.01
N ASN B 346 29.85 35.23 -1.48
CA ASN B 346 28.66 34.74 -2.20
C ASN B 346 28.58 35.17 -3.67
N LEU B 347 28.77 36.46 -3.90
CA LEU B 347 28.53 37.03 -5.22
C LEU B 347 29.66 36.73 -6.20
N VAL B 348 30.88 36.71 -5.69
CA VAL B 348 32.06 36.30 -6.47
C VAL B 348 31.94 34.82 -6.85
N ILE B 349 31.53 33.98 -5.91
CA ILE B 349 31.34 32.55 -6.20
C ILE B 349 30.28 32.31 -7.26
N THR B 350 29.12 32.96 -7.11
CA THR B 350 28.01 32.78 -8.04
C THR B 350 28.29 33.40 -9.40
N GLU B 351 29.11 34.45 -9.43
CA GLU B 351 29.56 35.00 -10.71
C GLU B 351 30.36 33.95 -11.48
N GLY B 352 31.27 33.29 -10.76
CA GLY B 352 32.06 32.18 -11.32
C GLY B 352 31.18 31.07 -11.83
N ILE B 353 30.19 30.67 -11.03
CA ILE B 353 29.24 29.63 -11.44
C ILE B 353 28.42 30.05 -12.66
N ASN B 354 27.88 31.27 -12.64
CA ASN B 354 27.05 31.77 -13.74
C ASN B 354 27.79 31.88 -15.07
N LYS B 355 28.98 32.45 -15.04
CA LYS B 355 29.80 32.58 -16.25
C LYS B 355 30.20 31.22 -16.81
N TYR B 356 30.63 30.31 -15.93
CA TYR B 356 30.95 28.94 -16.34
C TYR B 356 29.76 28.24 -17.01
N LYS B 357 28.61 28.25 -16.34
CA LYS B 357 27.46 27.48 -16.82
C LYS B 357 26.86 28.00 -18.13
N GLU B 358 26.91 29.31 -18.32
CA GLU B 358 26.42 29.91 -19.56
C GLU B 358 27.29 29.48 -20.74
N ASN B 359 28.60 29.58 -20.58
CA ASN B 359 29.55 29.19 -21.63
C ASN B 359 29.55 27.68 -21.93
N ALA B 360 29.42 26.87 -20.89
CA ALA B 360 29.51 25.42 -21.05
C ALA B 360 28.16 24.74 -21.29
N GLY B 361 27.07 25.48 -21.08
CA GLY B 361 25.72 24.91 -21.17
C GLY B 361 25.50 23.81 -20.14
N ASP B 362 26.06 24.00 -18.95
CA ASP B 362 26.06 23.01 -17.88
C ASP B 362 24.92 23.26 -16.91
N GLU B 363 23.93 22.35 -16.93
CA GLU B 363 22.72 22.49 -16.12
C GLU B 363 22.83 21.72 -14.81
N LYS B 364 24.03 21.23 -14.50
CA LYS B 364 24.20 20.44 -13.28
C LYS B 364 25.25 21.06 -12.36
N VAL B 365 25.20 22.38 -12.25
CA VAL B 365 26.03 23.12 -11.29
C VAL B 365 25.12 24.03 -10.47
N SER B 366 25.29 24.00 -9.15
CA SER B 366 24.42 24.73 -8.23
C SER B 366 25.21 25.45 -7.14
N PHE B 367 24.54 26.39 -6.47
CA PHE B 367 25.08 27.03 -5.28
C PHE B 367 24.16 26.70 -4.11
N PHE B 368 24.75 26.29 -2.99
CA PHE B 368 24.01 26.14 -1.75
C PHE B 368 24.75 26.81 -0.61
N GLN B 369 24.06 27.67 0.12
CA GLN B 369 24.72 28.37 1.22
C GLN B 369 24.64 27.56 2.50
N LEU B 370 25.78 27.35 3.15
CA LEU B 370 25.82 26.68 4.44
C LEU B 370 25.56 27.68 5.56
N PRO B 371 24.98 27.22 6.69
CA PRO B 371 24.77 28.14 7.81
C PRO B 371 26.09 28.58 8.45
N ASN B 372 26.14 29.85 8.86
CA ASN B 372 27.32 30.43 9.51
C ASN B 372 27.47 29.89 10.93
N THR B 373 28.71 29.75 11.38
CA THR B 373 29.00 29.37 12.75
C THR B 373 28.77 30.59 13.64
N THR B 374 27.92 30.45 14.64
CA THR B 374 27.65 31.55 15.57
C THR B 374 28.44 31.32 16.86
N MET B 375 28.42 32.30 17.76
CA MET B 375 29.29 32.29 18.95
C MET B 375 29.16 31.07 19.85
N GLU B 376 27.97 30.49 19.96
CA GLU B 376 27.85 29.31 20.83
C GLU B 376 28.33 28.00 20.16
N ASN B 377 28.64 28.06 18.87
CA ASN B 377 28.94 26.84 18.08
C ASN B 377 30.38 26.70 17.54
N PHE B 378 31.28 27.58 18.00
CA PHE B 378 32.68 27.48 17.63
C PHE B 378 33.35 26.33 18.38
N GLY B 379 34.32 25.69 17.73
CA GLY B 379 35.18 24.70 18.39
C GLY B 379 36.47 25.38 18.80
N SER B 380 37.61 24.77 18.50
CA SER B 380 38.90 25.42 18.74
C SER B 380 39.29 26.18 17.49
N HIS B 381 40.36 26.98 17.56
CA HIS B 381 40.88 27.74 16.41
C HIS B 381 39.90 28.69 15.79
N MET B 382 38.89 29.11 16.55
CA MET B 382 37.79 29.93 16.03
C MET B 382 37.18 29.30 14.77
N ALA B 383 37.10 27.98 14.77
CA ALA B 383 36.57 27.23 13.64
C ALA B 383 35.23 26.57 14.02
N PRO B 384 34.48 26.01 13.04
CA PRO B 384 33.23 25.31 13.38
C PRO B 384 33.43 24.17 14.38
N GLY B 385 32.66 24.18 15.46
CA GLY B 385 32.66 23.07 16.41
C GLY B 385 31.70 21.97 15.96
N PRO B 386 31.59 20.87 16.74
CA PRO B 386 30.70 19.77 16.38
C PRO B 386 29.25 20.23 16.09
N LYS B 387 28.77 21.23 16.84
CA LYS B 387 27.39 21.70 16.67
C LYS B 387 27.20 22.46 15.37
N SER B 388 28.22 23.20 14.95
CA SER B 388 28.18 23.88 13.68
C SER B 388 28.22 22.87 12.52
N HIS B 389 29.12 21.90 12.62
CA HIS B 389 29.17 20.80 11.65
C HIS B 389 27.84 20.10 11.54
N GLN B 390 27.21 19.81 12.68
CA GLN B 390 25.89 19.20 12.70
C GLN B 390 24.83 20.07 12.01
N ASN B 391 24.82 21.36 12.36
CA ASN B 391 23.89 22.31 11.75
C ASN B 391 24.05 22.40 10.23
N ALA B 392 25.30 22.43 9.78
CA ALA B 392 25.58 22.48 8.35
C ALA B 392 25.16 21.19 7.65
N ALA B 393 25.44 20.05 8.28
CA ALA B 393 25.06 18.75 7.74
C ALA B 393 23.54 18.62 7.56
N LYS B 394 22.79 19.07 8.56
CA LYS B 394 21.32 19.03 8.54
C LYS B 394 20.80 19.74 7.30
N GLU B 395 21.27 20.97 7.06
CA GLU B 395 20.83 21.76 5.93
C GLU B 395 21.29 21.17 4.60
N LEU B 396 22.55 20.68 4.56
CA LEU B 396 23.09 20.08 3.35
C LEU B 396 22.39 18.77 2.99
N VAL B 397 22.07 17.96 3.99
CA VAL B 397 21.34 16.70 3.79
C VAL B 397 19.98 17.00 3.17
N ASP B 398 19.26 17.97 3.75
CA ASP B 398 17.94 18.39 3.23
C ASP B 398 18.04 18.82 1.77
N TYR B 399 19.04 19.65 1.47
CA TYR B 399 19.28 20.10 0.10
C TYR B 399 19.54 18.93 -0.86
N LEU B 400 20.39 17.99 -0.44
CA LEU B 400 20.74 16.87 -1.30
C LEU B 400 19.58 15.90 -1.52
N ARG B 401 18.74 15.73 -0.50
CA ARG B 401 17.52 14.91 -0.65
C ARG B 401 16.63 15.48 -1.76
N ASN B 402 16.41 16.80 -1.74
CA ASN B 402 15.61 17.49 -2.75
C ASN B 402 16.30 17.56 -4.12
N LYS B 403 17.59 17.82 -4.13
CA LYS B 403 18.36 17.94 -5.38
C LYS B 403 18.47 16.61 -6.14
N LEU B 404 18.74 15.54 -5.40
CA LEU B 404 19.05 14.25 -6.00
C LEU B 404 17.90 13.25 -5.91
N GLY B 405 16.82 13.66 -5.27
CA GLY B 405 15.67 12.78 -5.07
C GLY B 405 15.99 11.66 -4.11
N TRP B 406 16.80 11.95 -3.10
CA TRP B 406 17.19 10.96 -2.10
C TRP B 406 16.32 11.02 -0.87
N PHE B 407 15.02 10.79 -1.06
CA PHE B 407 14.07 10.89 0.06
C PHE B 407 14.03 9.61 0.88
N LEU C 36 -26.58 -62.62 -44.67
CA LEU C 36 -26.64 -62.25 -43.23
C LEU C 36 -26.91 -63.45 -42.32
N GLN C 37 -25.95 -63.76 -41.46
CA GLN C 37 -26.11 -64.80 -40.43
C GLN C 37 -27.06 -64.29 -39.35
N TYR C 38 -27.77 -65.20 -38.70
CA TYR C 38 -28.56 -64.82 -37.52
C TYR C 38 -27.98 -65.48 -36.29
N THR C 39 -27.76 -64.68 -35.25
CA THR C 39 -27.25 -65.17 -33.98
C THR C 39 -28.13 -64.63 -32.86
N GLU C 40 -28.75 -65.55 -32.13
CA GLU C 40 -29.53 -65.18 -30.95
C GLU C 40 -28.63 -64.54 -29.92
N ILE C 41 -29.20 -63.58 -29.18
CA ILE C 41 -28.45 -62.84 -28.17
C ILE C 41 -27.79 -63.77 -27.14
N SER C 42 -28.52 -64.81 -26.75
CA SER C 42 -28.01 -65.78 -25.78
C SER C 42 -26.94 -66.71 -26.37
N ASN C 43 -26.78 -66.68 -27.68
CA ASN C 43 -25.77 -67.50 -28.37
C ASN C 43 -24.50 -66.72 -28.76
N ILE C 44 -24.31 -65.57 -28.12
CA ILE C 44 -23.05 -64.85 -28.20
C ILE C 44 -22.33 -65.11 -26.89
N SER C 45 -21.11 -65.66 -26.99
CA SER C 45 -20.32 -65.99 -25.80
C SER C 45 -20.01 -64.71 -25.01
N SER C 46 -19.86 -64.87 -23.69
CA SER C 46 -19.78 -63.74 -22.77
C SER C 46 -18.64 -62.77 -23.07
N ASP C 47 -17.55 -63.27 -23.65
CA ASP C 47 -16.42 -62.41 -24.00
C ASP C 47 -16.70 -61.54 -25.22
N LYS C 48 -17.84 -61.77 -25.87
CA LYS C 48 -18.18 -61.07 -27.11
C LYS C 48 -19.49 -60.25 -27.01
N ILE C 49 -20.02 -60.13 -25.80
CA ILE C 49 -21.18 -59.26 -25.56
C ILE C 49 -21.11 -58.66 -24.17
N ASN C 50 -21.46 -57.38 -24.05
CA ASN C 50 -21.73 -56.78 -22.76
C ASN C 50 -23.23 -56.56 -22.63
N ILE C 51 -23.83 -57.25 -21.67
CA ILE C 51 -25.23 -56.99 -21.36
C ILE C 51 -25.28 -55.90 -20.30
N LEU C 52 -25.96 -54.81 -20.63
CA LEU C 52 -26.06 -53.67 -19.73
C LEU C 52 -27.38 -53.73 -19.00
N GLY C 53 -27.34 -53.69 -17.69
CA GLY C 53 -28.56 -53.67 -16.91
C GLY C 53 -28.83 -54.96 -16.19
N ARG C 54 -29.63 -54.87 -15.13
CA ARG C 54 -29.99 -56.04 -14.34
C ARG C 54 -30.67 -57.08 -15.22
N THR C 55 -30.21 -58.32 -15.10
CA THR C 55 -30.87 -59.46 -15.73
C THR C 55 -31.32 -60.47 -14.68
N GLY C 56 -32.33 -61.27 -15.04
CA GLY C 56 -32.78 -62.37 -14.19
C GLY C 56 -32.58 -63.69 -14.90
N LYS C 57 -33.48 -64.64 -14.65
CA LYS C 57 -33.32 -65.98 -15.21
C LYS C 57 -33.57 -66.07 -16.73
N LYS C 58 -34.38 -65.16 -17.27
CA LYS C 58 -34.70 -65.20 -18.69
C LYS C 58 -33.55 -64.66 -19.55
N ARG C 59 -33.00 -65.54 -20.38
CA ARG C 59 -31.86 -65.21 -21.25
C ARG C 59 -32.29 -65.01 -22.70
N GLN C 60 -33.36 -65.70 -23.13
CA GLN C 60 -33.76 -65.69 -24.52
C GLN C 60 -35.28 -65.72 -24.71
N PRO C 61 -35.84 -64.66 -25.34
CA PRO C 61 -35.15 -63.42 -25.67
C PRO C 61 -34.75 -62.65 -24.40
N LEU C 62 -33.86 -61.68 -24.54
CA LEU C 62 -33.39 -60.91 -23.38
C LEU C 62 -34.35 -59.76 -23.05
N PRO C 63 -34.94 -59.79 -21.84
CA PRO C 63 -35.74 -58.64 -21.41
C PRO C 63 -34.83 -57.49 -21.00
N VAL C 64 -35.14 -56.30 -21.53
CA VAL C 64 -34.39 -55.10 -21.19
C VAL C 64 -35.30 -54.27 -20.27
N PHE C 65 -35.10 -54.42 -18.96
CA PHE C 65 -36.04 -53.93 -17.96
C PHE C 65 -35.92 -52.44 -17.64
N PHE C 66 -34.67 -51.95 -17.58
CA PHE C 66 -34.40 -50.61 -17.07
C PHE C 66 -33.89 -49.65 -18.13
N ASN C 67 -34.12 -48.35 -17.89
CA ASN C 67 -33.42 -47.29 -18.62
C ASN C 67 -31.92 -47.55 -18.56
N GLY C 68 -31.25 -47.37 -19.68
CA GLY C 68 -29.80 -47.55 -19.75
C GLY C 68 -29.39 -48.99 -19.98
N GLY C 69 -30.36 -49.89 -19.90
CA GLY C 69 -30.13 -51.31 -20.12
C GLY C 69 -30.15 -51.59 -21.62
N GLY C 70 -29.49 -52.68 -22.01
CA GLY C 70 -29.37 -53.02 -23.42
C GLY C 70 -28.13 -53.88 -23.66
N VAL C 71 -27.52 -53.73 -24.82
CA VAL C 71 -26.38 -54.57 -25.18
C VAL C 71 -25.30 -53.81 -25.92
N GLU C 72 -24.07 -54.27 -25.74
CA GLU C 72 -22.94 -53.76 -26.50
C GLU C 72 -22.21 -54.92 -27.16
N VAL C 73 -21.94 -54.79 -28.45
CA VAL C 73 -21.16 -55.77 -29.20
C VAL C 73 -20.11 -55.06 -30.03
N VAL C 74 -19.12 -55.81 -30.51
CA VAL C 74 -18.11 -55.28 -31.42
C VAL C 74 -18.08 -56.21 -32.62
N VAL C 75 -18.44 -55.68 -33.78
CA VAL C 75 -18.63 -56.51 -34.97
C VAL C 75 -17.95 -55.92 -36.19
N THR C 76 -17.41 -56.81 -37.02
CA THR C 76 -16.93 -56.41 -38.33
C THR C 76 -18.10 -56.49 -39.30
N GLY C 77 -17.81 -56.35 -40.60
CA GLY C 77 -18.83 -56.49 -41.63
C GLY C 77 -19.42 -55.17 -42.06
N SER C 78 -20.25 -55.21 -43.10
CA SER C 78 -20.85 -54.01 -43.67
C SER C 78 -22.18 -53.64 -43.02
N GLU C 79 -22.85 -54.64 -42.43
CA GLU C 79 -24.24 -54.49 -42.03
C GLU C 79 -24.55 -55.18 -40.71
N LEU C 80 -25.36 -54.53 -39.88
CA LEU C 80 -25.82 -55.11 -38.61
C LEU C 80 -27.25 -54.70 -38.30
N TRP C 81 -28.08 -55.69 -37.99
CA TRP C 81 -29.45 -55.48 -37.55
C TRP C 81 -29.67 -56.13 -36.23
N ILE C 82 -30.55 -55.55 -35.42
CA ILE C 82 -31.05 -56.22 -34.24
C ILE C 82 -32.54 -56.55 -34.41
N ASP C 83 -32.89 -57.78 -34.06
CA ASP C 83 -34.28 -58.22 -34.04
C ASP C 83 -34.78 -58.10 -32.61
N LEU C 84 -35.89 -57.39 -32.43
CA LEU C 84 -36.44 -57.18 -31.11
C LEU C 84 -37.96 -57.15 -31.09
N GLU C 85 -38.54 -57.21 -29.90
CA GLU C 85 -39.97 -57.15 -29.73
C GLU C 85 -40.27 -56.11 -28.66
N THR C 86 -41.29 -55.30 -28.91
CA THR C 86 -41.76 -54.35 -27.90
C THR C 86 -43.28 -54.39 -27.79
N ASP C 87 -43.79 -53.98 -26.64
CA ASP C 87 -45.22 -53.76 -26.46
C ASP C 87 -45.39 -52.52 -25.58
N SER C 88 -46.55 -51.89 -25.70
CA SER C 88 -46.85 -50.68 -24.95
C SER C 88 -48.26 -50.21 -25.28
N ASP C 89 -48.72 -49.20 -24.54
CA ASP C 89 -49.98 -48.53 -24.85
C ASP C 89 -49.76 -47.00 -24.84
N VAL C 90 -50.00 -46.37 -23.70
CA VAL C 90 -49.87 -44.91 -23.57
C VAL C 90 -48.39 -44.48 -23.64
N ASN C 91 -47.51 -45.26 -23.02
CA ASN C 91 -46.09 -44.94 -22.96
C ASN C 91 -45.27 -45.86 -23.86
N GLU C 92 -45.01 -45.38 -25.08
CA GLU C 92 -44.25 -46.16 -26.05
C GLU C 92 -42.76 -46.22 -25.70
N MET C 93 -42.09 -47.25 -26.21
CA MET C 93 -40.67 -47.47 -25.97
C MET C 93 -39.82 -46.49 -26.76
N TRP C 94 -38.67 -46.14 -26.20
CA TRP C 94 -37.64 -45.37 -26.91
C TRP C 94 -36.30 -46.03 -26.73
N VAL C 95 -35.48 -45.98 -27.76
CA VAL C 95 -34.13 -46.53 -27.71
C VAL C 95 -33.13 -45.51 -28.27
N ALA C 96 -31.87 -45.63 -27.87
CA ALA C 96 -30.81 -44.81 -28.42
C ALA C 96 -29.63 -45.69 -28.82
N LEU C 97 -28.90 -45.22 -29.83
CA LEU C 97 -27.83 -45.98 -30.45
C LEU C 97 -26.52 -45.18 -30.41
N GLU C 98 -25.46 -45.84 -29.95
CA GLU C 98 -24.12 -45.27 -29.97
C GLU C 98 -23.17 -46.21 -30.68
N ILE C 99 -22.40 -45.67 -31.61
CA ILE C 99 -21.40 -46.43 -32.34
C ILE C 99 -20.02 -45.85 -32.03
N ASN C 100 -19.11 -46.73 -31.59
CA ASN C 100 -17.77 -46.34 -31.14
C ASN C 100 -17.81 -45.23 -30.08
N GLY C 101 -18.78 -45.34 -29.16
CA GLY C 101 -18.94 -44.37 -28.07
C GLY C 101 -19.64 -43.06 -28.41
N ALA C 102 -20.07 -42.89 -29.67
CA ALA C 102 -20.69 -41.64 -30.11
C ALA C 102 -22.18 -41.79 -30.39
N PHE C 103 -22.98 -40.85 -29.88
CA PHE C 103 -24.45 -40.85 -30.09
C PHE C 103 -24.77 -40.77 -31.58
N ILE C 104 -25.62 -41.67 -32.06
CA ILE C 104 -25.95 -41.72 -33.48
C ILE C 104 -27.45 -41.50 -33.73
N ALA C 105 -28.28 -42.14 -32.93
CA ALA C 105 -29.71 -42.19 -33.19
C ALA C 105 -30.54 -42.36 -31.95
N ARG C 106 -31.79 -41.94 -32.06
CA ARG C 106 -32.75 -42.02 -30.99
C ARG C 106 -34.14 -41.99 -31.61
N GLN C 107 -34.99 -42.93 -31.21
CA GLN C 107 -36.33 -43.07 -31.83
C GLN C 107 -37.30 -43.85 -30.95
N MET C 108 -38.59 -43.63 -31.17
CA MET C 108 -39.60 -44.44 -30.50
C MET C 108 -39.81 -45.74 -31.27
N LEU C 109 -40.28 -46.76 -30.57
CA LEU C 109 -40.67 -48.03 -31.17
C LEU C 109 -42.09 -48.33 -30.74
N LEU C 110 -42.97 -48.59 -31.70
CA LEU C 110 -44.36 -48.93 -31.39
C LEU C 110 -44.54 -50.44 -31.29
N PRO C 111 -45.66 -50.91 -30.68
CA PRO C 111 -45.79 -52.35 -30.40
C PRO C 111 -45.54 -53.28 -31.59
N GLY C 112 -44.91 -54.43 -31.30
CA GLY C 112 -44.73 -55.48 -32.28
C GLY C 112 -43.30 -55.92 -32.48
N GLU C 113 -43.08 -56.69 -33.54
CA GLU C 113 -41.77 -57.18 -33.92
C GLU C 113 -41.05 -56.15 -34.77
N HIS C 114 -39.77 -55.92 -34.45
CA HIS C 114 -38.94 -54.98 -35.21
C HIS C 114 -37.64 -55.57 -35.64
N SER C 115 -37.19 -55.16 -36.81
CA SER C 115 -35.85 -55.40 -37.26
C SER C 115 -35.21 -54.03 -37.50
N LEU C 116 -34.39 -53.59 -36.53
CA LEU C 116 -33.71 -52.29 -36.58
C LEU C 116 -32.34 -52.39 -37.23
N CYS C 117 -32.10 -51.59 -38.26
CA CYS C 117 -30.78 -51.53 -38.85
C CYS C 117 -29.89 -50.63 -38.02
N LEU C 118 -28.83 -51.20 -37.43
CA LEU C 118 -27.94 -50.42 -36.57
C LEU C 118 -26.82 -49.75 -37.35
N PHE C 119 -26.34 -50.42 -38.39
CA PHE C 119 -25.46 -49.80 -39.38
C PHE C 119 -25.50 -50.56 -40.70
N ARG C 120 -25.18 -49.87 -41.80
CA ARG C 120 -25.13 -50.51 -43.11
C ARG C 120 -24.11 -49.83 -44.02
N SER C 121 -23.71 -50.52 -45.08
CA SER C 121 -22.77 -49.99 -46.09
C SER C 121 -21.39 -49.63 -45.53
N MET C 122 -21.00 -50.25 -44.42
CA MET C 122 -19.71 -49.96 -43.80
C MET C 122 -18.58 -50.81 -44.39
N GLU C 123 -17.36 -50.33 -44.21
CA GLU C 123 -16.15 -51.09 -44.58
C GLU C 123 -16.12 -52.40 -43.79
N LYS C 124 -16.05 -53.52 -44.51
CA LYS C 124 -16.22 -54.86 -43.93
C LYS C 124 -15.16 -55.30 -42.91
N THR C 125 -13.92 -54.85 -43.08
CA THR C 125 -12.81 -55.32 -42.25
C THR C 125 -12.69 -54.61 -40.89
N THR C 126 -13.21 -53.39 -40.81
CA THR C 126 -13.11 -52.59 -39.58
C THR C 126 -14.14 -53.01 -38.52
N PRO C 127 -13.69 -53.28 -37.29
CA PRO C 127 -14.68 -53.54 -36.24
C PRO C 127 -15.37 -52.25 -35.76
N LYS C 128 -16.67 -52.35 -35.47
CA LYS C 128 -17.43 -51.22 -34.92
C LYS C 128 -17.96 -51.65 -33.57
N ARG C 129 -17.83 -50.78 -32.57
CA ARG C 129 -18.44 -51.02 -31.28
C ARG C 129 -19.86 -50.47 -31.33
N VAL C 130 -20.83 -51.30 -30.98
CA VAL C 130 -22.24 -50.91 -31.11
C VAL C 130 -22.95 -51.08 -29.79
N ARG C 131 -23.57 -50.00 -29.32
CA ARG C 131 -24.30 -50.02 -28.06
C ARG C 131 -25.73 -49.53 -28.31
N LEU C 132 -26.70 -50.39 -27.99
CA LEU C 132 -28.10 -50.05 -28.10
C LEU C 132 -28.76 -50.19 -26.74
N TYR C 133 -29.40 -49.13 -26.27
CA TYR C 133 -29.97 -49.14 -24.93
C TYR C 133 -31.34 -48.48 -24.84
N ARG C 134 -32.04 -48.81 -23.76
CA ARG C 134 -33.39 -48.32 -23.50
C ARG C 134 -33.33 -46.90 -22.92
N GLU C 135 -34.13 -46.00 -23.48
CA GLU C 135 -34.19 -44.59 -23.03
C GLU C 135 -35.24 -44.37 -21.94
N LEU C 136 -36.22 -45.27 -21.88
CA LEU C 136 -37.35 -45.15 -20.97
C LEU C 136 -37.15 -45.94 -19.68
N GLN C 137 -37.50 -45.33 -18.55
CA GLN C 137 -37.45 -45.99 -17.25
C GLN C 137 -38.38 -47.21 -17.22
N ALA C 138 -38.18 -48.11 -16.25
CA ALA C 138 -39.20 -49.12 -15.96
C ALA C 138 -40.44 -48.36 -15.52
N MET C 139 -41.62 -48.92 -15.78
CA MET C 139 -42.88 -48.23 -15.50
C MET C 139 -43.73 -49.02 -14.50
N ASN C 140 -43.75 -48.56 -13.25
CA ASN C 140 -44.38 -49.28 -12.15
C ASN C 140 -45.85 -49.59 -12.38
N ASP C 141 -46.57 -48.63 -12.97
CA ASP C 141 -48.01 -48.71 -13.13
C ASP C 141 -48.40 -49.14 -14.54
N ASP C 142 -47.43 -49.62 -15.32
CA ASP C 142 -47.69 -50.02 -16.70
C ASP C 142 -47.21 -51.46 -16.91
N PRO C 143 -48.15 -52.42 -16.82
CA PRO C 143 -47.75 -53.83 -16.94
C PRO C 143 -47.58 -54.31 -18.37
N LYS C 144 -47.88 -53.45 -19.35
CA LYS C 144 -47.82 -53.83 -20.76
C LYS C 144 -46.46 -53.50 -21.39
N VAL C 145 -45.84 -52.40 -20.98
CA VAL C 145 -44.63 -51.89 -21.62
C VAL C 145 -43.46 -52.88 -21.45
N LYS C 146 -42.80 -53.21 -22.55
CA LYS C 146 -41.65 -54.12 -22.52
C LYS C 146 -40.72 -53.92 -23.70
N LEU C 147 -39.49 -54.39 -23.57
CA LEU C 147 -38.52 -54.38 -24.65
C LEU C 147 -37.70 -55.66 -24.55
N LEU C 148 -37.72 -56.46 -25.61
CA LEU C 148 -37.03 -57.76 -25.64
C LEU C 148 -36.04 -57.80 -26.80
N PHE C 149 -34.80 -58.16 -26.52
CA PHE C 149 -33.79 -58.32 -27.58
C PHE C 149 -33.69 -59.81 -27.95
N LYS C 150 -33.82 -60.10 -29.24
CA LYS C 150 -33.84 -61.49 -29.72
C LYS C 150 -32.51 -61.96 -30.30
N GLY C 151 -31.99 -61.21 -31.27
CA GLY C 151 -30.73 -61.56 -31.91
C GLY C 151 -30.27 -60.53 -32.92
N PHE C 152 -29.15 -60.80 -33.57
CA PHE C 152 -28.58 -59.94 -34.58
C PHE C 152 -28.51 -60.61 -35.94
N LYS C 153 -28.82 -59.85 -36.99
CA LYS C 153 -28.47 -60.22 -38.36
C LYS C 153 -27.19 -59.47 -38.72
N HIS C 154 -26.19 -60.21 -39.23
CA HIS C 154 -24.87 -59.65 -39.48
C HIS C 154 -24.12 -60.40 -40.55
N ASP C 155 -23.31 -59.69 -41.33
CA ASP C 155 -22.43 -60.34 -42.31
C ASP C 155 -21.01 -60.47 -41.79
N GLY C 156 -20.69 -59.76 -40.72
CA GLY C 156 -19.36 -59.79 -40.10
C GLY C 156 -19.29 -60.70 -38.90
N GLU C 157 -18.20 -60.59 -38.14
CA GLU C 157 -17.96 -61.47 -36.99
C GLU C 157 -17.89 -60.69 -35.69
N PHE C 158 -18.44 -61.28 -34.63
CA PHE C 158 -18.37 -60.71 -33.29
C PHE C 158 -16.95 -60.84 -32.73
N GLN C 159 -16.44 -59.71 -32.22
CA GLN C 159 -15.11 -59.61 -31.64
C GLN C 159 -15.23 -59.44 -30.13
N ASN C 160 -14.10 -59.57 -29.43
CA ASN C 160 -14.08 -59.32 -27.99
C ASN C 160 -14.54 -57.90 -27.68
N VAL C 161 -15.40 -57.75 -26.67
CA VAL C 161 -15.91 -56.43 -26.28
C VAL C 161 -15.01 -55.86 -25.17
N PRO C 162 -15.03 -54.52 -24.96
CA PRO C 162 -14.28 -53.99 -23.81
C PRO C 162 -14.76 -54.64 -22.52
N VAL C 163 -13.83 -54.90 -21.60
CA VAL C 163 -14.19 -55.47 -20.31
C VAL C 163 -14.26 -54.33 -19.30
N TYR C 164 -15.43 -54.17 -18.67
CA TYR C 164 -15.62 -53.15 -17.65
C TYR C 164 -15.58 -53.81 -16.26
N SER C 165 -14.41 -53.79 -15.65
CA SER C 165 -14.25 -54.32 -14.29
C SER C 165 -14.90 -53.37 -13.28
N ARG C 166 -14.82 -52.07 -13.57
CA ARG C 166 -15.46 -51.05 -12.74
C ARG C 166 -16.97 -51.08 -12.95
N LYS C 167 -17.71 -51.08 -11.84
CA LYS C 167 -19.17 -51.17 -11.85
C LYS C 167 -19.80 -50.12 -10.95
N LEU C 168 -20.85 -49.46 -11.45
CA LEU C 168 -21.56 -48.45 -10.68
C LEU C 168 -23.07 -48.69 -10.73
N GLU C 169 -23.71 -48.69 -9.57
CA GLU C 169 -25.17 -48.72 -9.53
C GLU C 169 -25.67 -47.32 -9.21
N PHE C 170 -26.72 -46.89 -9.89
CA PHE C 170 -27.34 -45.58 -9.66
C PHE C 170 -28.79 -45.80 -9.30
N ILE C 171 -29.18 -45.31 -8.13
CA ILE C 171 -30.56 -45.42 -7.66
C ILE C 171 -31.15 -44.01 -7.58
N GLY C 172 -32.30 -43.78 -8.20
CA GLY C 172 -32.85 -42.43 -8.19
C GLY C 172 -34.28 -42.23 -8.61
N ASP C 173 -34.62 -40.96 -8.84
CA ASP C 173 -35.96 -40.53 -9.23
C ASP C 173 -35.94 -40.05 -10.69
N SER C 174 -36.74 -39.04 -11.04
CA SER C 174 -36.84 -38.63 -12.45
C SER C 174 -35.53 -38.06 -12.99
N ILE C 175 -34.69 -37.54 -12.09
CA ILE C 175 -33.36 -37.05 -12.48
C ILE C 175 -32.51 -38.19 -13.03
N THR C 176 -32.54 -39.33 -12.35
CA THR C 176 -31.79 -40.52 -12.79
C THR C 176 -32.47 -41.21 -13.98
N SER C 177 -33.77 -40.97 -14.16
CA SER C 177 -34.48 -41.35 -15.39
C SER C 177 -34.26 -40.34 -16.51
N GLY C 178 -33.52 -39.27 -16.23
CA GLY C 178 -33.24 -38.23 -17.22
C GLY C 178 -34.47 -37.52 -17.76
N GLU C 179 -35.50 -37.41 -16.93
CA GLU C 179 -36.71 -36.70 -17.34
C GLU C 179 -36.41 -35.21 -17.52
N GLY C 180 -36.68 -34.72 -18.72
CA GLY C 180 -36.37 -33.33 -19.05
C GLY C 180 -35.06 -33.16 -19.79
N SER C 181 -34.33 -34.26 -19.98
CA SER C 181 -33.04 -34.22 -20.66
C SER C 181 -33.18 -33.94 -22.16
N TYR C 182 -34.38 -34.15 -22.70
CA TYR C 182 -34.74 -33.73 -24.04
C TYR C 182 -36.01 -32.90 -23.91
N GLY C 183 -36.25 -32.01 -24.87
CA GLY C 183 -37.48 -31.24 -24.91
C GLY C 183 -37.28 -29.77 -24.58
N ALA C 184 -38.16 -28.93 -25.11
CA ALA C 184 -38.12 -27.48 -24.90
C ALA C 184 -38.44 -27.10 -23.45
N PHE C 185 -37.90 -25.95 -23.02
CA PHE C 185 -38.09 -25.40 -21.68
C PHE C 185 -39.52 -25.48 -21.14
N ASP C 186 -40.49 -25.05 -21.95
CA ASP C 186 -41.87 -24.94 -21.46
C ASP C 186 -42.74 -26.19 -21.69
N ASP C 187 -42.15 -27.26 -22.21
CA ASP C 187 -42.87 -28.53 -22.39
C ASP C 187 -43.17 -29.20 -21.04
N VAL C 188 -44.38 -29.75 -20.90
CA VAL C 188 -44.80 -30.29 -19.60
C VAL C 188 -45.45 -31.69 -19.60
N ASP C 189 -45.75 -32.23 -20.77
CA ASP C 189 -46.44 -33.52 -20.87
C ASP C 189 -45.57 -34.67 -20.32
N TRP C 190 -46.15 -35.50 -19.46
CA TRP C 190 -45.41 -36.59 -18.82
C TRP C 190 -45.37 -37.81 -19.70
N ILE C 191 -44.51 -37.78 -20.72
CA ILE C 191 -44.46 -38.82 -21.74
C ILE C 191 -43.00 -39.21 -22.04
N PRO C 192 -42.80 -40.42 -22.63
CA PRO C 192 -41.45 -40.97 -22.86
C PRO C 192 -40.41 -40.13 -23.62
N MET C 193 -40.81 -39.34 -24.62
CA MET C 193 -39.82 -38.67 -25.46
C MET C 193 -38.87 -37.71 -24.71
N TYR C 194 -39.27 -37.31 -23.50
CA TYR C 194 -38.51 -36.36 -22.69
C TYR C 194 -37.51 -36.99 -21.72
N MET C 195 -37.57 -38.32 -21.59
CA MET C 195 -36.72 -39.09 -20.69
C MET C 195 -35.57 -39.72 -21.46
N SER C 196 -34.42 -39.92 -20.83
CA SER C 196 -33.30 -40.56 -21.51
C SER C 196 -32.22 -41.15 -20.60
N ALA C 197 -31.50 -42.12 -21.15
CA ALA C 197 -30.19 -42.52 -20.65
C ALA C 197 -29.08 -41.89 -21.49
N SER C 198 -29.43 -41.46 -22.69
CA SER C 198 -28.46 -40.88 -23.62
C SER C 198 -27.92 -39.51 -23.18
N ALA C 199 -28.73 -38.74 -22.46
CA ALA C 199 -28.29 -37.46 -21.92
C ALA C 199 -28.57 -37.48 -20.42
N ASN C 200 -27.60 -37.96 -19.65
CA ASN C 200 -27.88 -38.39 -18.28
C ASN C 200 -26.59 -38.40 -17.47
N TYR C 201 -26.59 -37.71 -16.33
CA TYR C 201 -25.40 -37.57 -15.48
C TYR C 201 -24.82 -38.94 -15.09
N ALA C 202 -25.70 -39.92 -14.94
CA ALA C 202 -25.31 -41.27 -14.53
C ALA C 202 -24.51 -41.97 -15.61
N THR C 203 -24.99 -41.94 -16.85
CA THR C 203 -24.27 -42.59 -17.95
C THR C 203 -23.06 -41.76 -18.38
N MET C 204 -23.13 -40.44 -18.23
CA MET C 204 -21.97 -39.59 -18.45
C MET C 204 -20.84 -39.97 -17.48
N THR C 205 -21.22 -40.17 -16.21
CA THR C 205 -20.27 -40.55 -15.17
C THR C 205 -19.64 -41.91 -15.46
N ALA C 206 -20.46 -42.89 -15.81
CA ALA C 206 -19.99 -44.26 -16.07
C ALA C 206 -19.07 -44.29 -17.28
N LYS C 207 -19.44 -43.58 -18.34
CA LYS C 207 -18.61 -43.47 -19.54
C LYS C 207 -17.25 -42.86 -19.24
N ALA C 208 -17.24 -41.77 -18.47
CA ALA C 208 -15.99 -41.09 -18.14
C ALA C 208 -15.04 -42.00 -17.35
N LEU C 209 -15.62 -42.89 -16.55
CA LEU C 209 -14.84 -43.76 -15.67
C LEU C 209 -14.65 -45.16 -16.23
N ASN C 210 -15.10 -45.39 -17.46
CA ASN C 210 -14.99 -46.70 -18.12
C ASN C 210 -15.67 -47.79 -17.28
N ALA C 211 -16.86 -47.46 -16.79
CA ALA C 211 -17.57 -48.34 -15.87
C ALA C 211 -18.86 -48.92 -16.44
N ASP C 212 -19.10 -50.20 -16.13
CA ASP C 212 -20.41 -50.80 -16.29
C ASP C 212 -21.34 -50.12 -15.31
N TYR C 213 -22.62 -50.00 -15.67
CA TYR C 213 -23.53 -49.26 -14.81
C TYR C 213 -24.90 -49.93 -14.81
N HIS C 214 -25.60 -49.83 -13.68
CA HIS C 214 -27.02 -50.16 -13.60
C HIS C 214 -27.79 -48.96 -13.13
N LEU C 215 -28.91 -48.68 -13.80
CA LEU C 215 -29.83 -47.62 -13.41
C LEU C 215 -31.11 -48.23 -12.82
N VAL C 216 -31.48 -47.78 -11.62
CA VAL C 216 -32.73 -48.21 -10.98
C VAL C 216 -33.44 -46.94 -10.53
N SER C 217 -34.49 -46.54 -11.26
CA SER C 217 -35.06 -45.22 -11.01
C SER C 217 -36.55 -45.13 -11.31
N GLN C 218 -37.24 -44.19 -10.66
CA GLN C 218 -38.66 -43.95 -10.92
C GLN C 218 -39.02 -42.49 -10.66
N GLY C 219 -39.50 -41.83 -11.70
CA GLY C 219 -39.90 -40.43 -11.64
C GLY C 219 -40.94 -40.21 -10.56
N GLY C 220 -40.71 -39.19 -9.73
CA GLY C 220 -41.68 -38.84 -8.71
C GLY C 220 -41.54 -39.59 -7.40
N TRP C 221 -40.74 -40.64 -7.38
CA TRP C 221 -40.59 -41.48 -6.18
C TRP C 221 -39.53 -40.97 -5.24
N GLY C 222 -39.69 -41.30 -3.96
CA GLY C 222 -38.75 -40.85 -2.93
C GLY C 222 -38.07 -42.00 -2.23
N VAL C 223 -37.30 -41.68 -1.19
CA VAL C 223 -36.76 -42.72 -0.32
C VAL C 223 -37.87 -43.23 0.63
N PHE C 224 -38.81 -42.34 0.97
CA PHE C 224 -39.95 -42.64 1.84
C PHE C 224 -41.31 -42.51 1.14
N CYS C 225 -41.51 -41.41 0.41
CA CYS C 225 -42.79 -41.21 -0.29
C CYS C 225 -42.59 -40.44 -1.58
N GLY C 226 -43.57 -40.55 -2.49
CA GLY C 226 -43.57 -39.78 -3.71
C GLY C 226 -43.83 -38.30 -3.44
N TRP C 227 -43.61 -37.46 -4.45
CA TRP C 227 -43.81 -36.02 -4.34
C TRP C 227 -45.22 -35.66 -3.96
N ASP C 228 -46.17 -36.54 -4.29
CA ASP C 228 -47.59 -36.32 -4.02
C ASP C 228 -48.07 -36.95 -2.71
N ASN C 229 -47.12 -37.27 -1.82
CA ASN C 229 -47.38 -37.92 -0.53
C ASN C 229 -47.77 -39.40 -0.59
N ASP C 230 -47.56 -40.01 -1.77
CA ASP C 230 -47.85 -41.43 -1.95
C ASP C 230 -46.76 -42.29 -1.31
N VAL C 231 -47.09 -42.82 -0.14
CA VAL C 231 -46.22 -43.64 0.69
C VAL C 231 -45.77 -44.94 0.01
N ARG C 232 -46.54 -45.38 -0.99
CA ARG C 232 -46.22 -46.60 -1.74
C ARG C 232 -45.07 -46.39 -2.71
N HIS C 233 -44.83 -45.13 -3.06
CA HIS C 233 -43.89 -44.79 -4.12
C HIS C 233 -42.53 -44.45 -3.58
N ASN C 234 -41.88 -45.49 -3.04
CA ASN C 234 -40.53 -45.40 -2.51
C ASN C 234 -39.61 -46.44 -3.16
N LEU C 235 -38.40 -46.02 -3.49
CA LEU C 235 -37.43 -46.88 -4.15
C LEU C 235 -37.05 -48.15 -3.34
N PRO C 236 -36.89 -48.03 -2.01
CA PRO C 236 -36.47 -49.23 -1.28
C PRO C 236 -37.43 -50.43 -1.46
N SER C 237 -38.72 -50.16 -1.62
CA SER C 237 -39.74 -51.20 -1.77
C SER C 237 -39.57 -52.02 -3.06
N VAL C 238 -38.89 -51.45 -4.05
CA VAL C 238 -38.71 -52.15 -5.32
C VAL C 238 -37.26 -52.55 -5.62
N TYR C 239 -36.36 -52.31 -4.67
CA TYR C 239 -34.93 -52.48 -4.93
C TYR C 239 -34.46 -53.92 -5.10
N GLU C 240 -35.06 -54.85 -4.36
CA GLU C 240 -34.50 -56.19 -4.22
C GLU C 240 -34.84 -57.19 -5.32
N LYS C 241 -35.90 -56.93 -6.08
CA LYS C 241 -36.24 -57.81 -7.19
C LYS C 241 -35.43 -57.48 -8.44
N VAL C 242 -35.38 -58.42 -9.39
CA VAL C 242 -34.73 -58.22 -10.68
C VAL C 242 -35.16 -56.88 -11.29
N CYS C 243 -36.47 -56.69 -11.40
CA CYS C 243 -37.05 -55.38 -11.69
C CYS C 243 -38.38 -55.25 -10.96
N GLY C 244 -38.32 -54.77 -9.72
CA GLY C 244 -39.52 -54.60 -8.89
C GLY C 244 -40.52 -53.64 -9.49
N LEU C 245 -40.04 -52.80 -10.40
CA LEU C 245 -40.86 -51.80 -11.11
C LEU C 245 -41.51 -52.36 -12.38
N ALA C 246 -41.36 -53.66 -12.59
CA ALA C 246 -42.05 -54.33 -13.68
C ALA C 246 -43.01 -55.36 -13.08
N LYS C 247 -44.28 -54.97 -13.00
CA LYS C 247 -45.30 -55.76 -12.31
C LYS C 247 -46.31 -56.35 -13.30
N GLY C 248 -47.17 -57.26 -12.81
CA GLY C 248 -48.18 -57.90 -13.65
C GLY C 248 -47.68 -59.25 -14.16
N GLU C 249 -48.59 -60.05 -14.70
CA GLU C 249 -48.28 -61.46 -15.00
C GLU C 249 -47.24 -61.62 -16.12
N MET C 250 -47.33 -60.77 -17.14
CA MET C 250 -46.38 -60.77 -18.23
C MET C 250 -44.95 -60.54 -17.73
N ASN C 251 -44.75 -59.47 -16.96
CA ASN C 251 -43.45 -59.19 -16.34
C ASN C 251 -43.01 -60.29 -15.38
N GLU C 252 -43.97 -60.88 -14.67
CA GLU C 252 -43.68 -62.05 -13.83
C GLU C 252 -43.12 -63.21 -14.65
N GLU C 253 -43.69 -63.46 -15.82
CA GLU C 253 -43.17 -64.48 -16.73
C GLU C 253 -41.77 -64.13 -17.25
N LEU C 254 -41.48 -62.83 -17.36
CA LEU C 254 -40.16 -62.37 -17.76
C LEU C 254 -39.10 -62.54 -16.65
N GLY C 255 -39.55 -62.86 -15.44
CA GLY C 255 -38.64 -63.05 -14.31
C GLY C 255 -38.33 -61.77 -13.54
N ALA C 256 -39.13 -60.72 -13.75
CA ALA C 256 -38.91 -59.42 -13.10
C ALA C 256 -39.15 -59.44 -11.59
N GLN C 257 -40.05 -60.31 -11.13
CA GLN C 257 -40.51 -60.28 -9.74
C GLN C 257 -39.79 -61.28 -8.83
N GLU C 258 -38.83 -62.01 -9.41
CA GLU C 258 -37.93 -62.83 -8.62
C GLU C 258 -36.89 -61.96 -7.93
N GLU C 259 -36.31 -62.48 -6.86
CA GLU C 259 -35.23 -61.79 -6.15
C GLU C 259 -34.00 -61.67 -7.05
N TYR C 260 -33.41 -60.48 -7.05
CA TYR C 260 -32.24 -60.22 -7.90
C TYR C 260 -31.02 -60.93 -7.35
N ASP C 261 -30.21 -61.48 -8.24
CA ASP C 261 -28.97 -62.15 -7.85
C ASP C 261 -27.84 -61.13 -7.68
N PHE C 262 -27.77 -60.51 -6.50
CA PHE C 262 -26.79 -59.45 -6.23
C PHE C 262 -25.35 -59.94 -6.32
N ALA C 263 -25.12 -61.19 -5.95
CA ALA C 263 -23.79 -61.81 -6.04
C ALA C 263 -23.21 -61.82 -7.45
N SER C 264 -24.07 -61.82 -8.47
CA SER C 264 -23.62 -61.86 -9.86
C SER C 264 -23.08 -60.53 -10.40
N TRP C 265 -23.34 -59.45 -9.69
CA TRP C 265 -22.95 -58.11 -10.15
C TRP C 265 -22.80 -57.21 -8.96
N GLN C 266 -21.55 -57.04 -8.51
CA GLN C 266 -21.25 -56.27 -7.30
C GLN C 266 -20.58 -54.94 -7.65
N PRO C 267 -21.27 -53.82 -7.39
CA PRO C 267 -20.69 -52.55 -7.80
C PRO C 267 -19.62 -52.07 -6.84
N ASP C 268 -18.64 -51.36 -7.39
CA ASP C 268 -17.63 -50.65 -6.62
C ASP C 268 -18.26 -49.52 -5.79
N ALA C 269 -19.28 -48.89 -6.36
CA ALA C 269 -19.97 -47.80 -5.68
C ALA C 269 -21.44 -47.81 -6.04
N ILE C 270 -22.25 -47.40 -5.07
CA ILE C 270 -23.69 -47.23 -5.27
C ILE C 270 -24.03 -45.76 -5.05
N ILE C 271 -24.50 -45.11 -6.11
CA ILE C 271 -24.86 -43.70 -6.07
C ILE C 271 -26.37 -43.59 -5.84
N VAL C 272 -26.75 -43.02 -4.70
CA VAL C 272 -28.15 -42.89 -4.32
C VAL C 272 -28.59 -41.43 -4.46
N ASN C 273 -29.33 -41.14 -5.51
CA ASN C 273 -29.84 -39.79 -5.74
C ASN C 273 -31.33 -39.75 -5.44
N LEU C 274 -31.65 -39.68 -4.14
CA LEU C 274 -33.02 -39.64 -3.65
C LEU C 274 -33.22 -38.59 -2.57
N GLY C 275 -34.44 -38.07 -2.48
CA GLY C 275 -34.77 -37.10 -1.46
C GLY C 275 -35.52 -35.90 -2.00
N THR C 276 -35.29 -35.59 -3.29
CA THR C 276 -35.95 -34.46 -3.95
C THR C 276 -37.46 -34.55 -3.81
N ASN C 277 -38.03 -35.74 -4.07
CA ASN C 277 -39.46 -35.92 -3.94
C ASN C 277 -39.97 -35.97 -2.51
N ASP C 278 -39.16 -36.52 -1.59
CA ASP C 278 -39.51 -36.50 -0.17
C ASP C 278 -39.67 -35.06 0.36
N VAL C 279 -38.76 -34.17 -0.05
CA VAL C 279 -38.83 -32.73 0.28
C VAL C 279 -40.10 -32.09 -0.26
N THR C 280 -40.40 -32.36 -1.53
CA THR C 280 -41.54 -31.77 -2.23
C THR C 280 -42.88 -32.07 -1.54
N SER C 281 -43.01 -33.31 -1.04
CA SER C 281 -44.26 -33.79 -0.45
C SER C 281 -44.78 -32.90 0.69
N PHE C 282 -43.87 -32.26 1.41
CA PHE C 282 -44.21 -31.37 2.52
C PHE C 282 -45.10 -30.20 2.10
N ASN C 283 -44.98 -29.80 0.83
CA ASN C 283 -45.77 -28.69 0.28
C ASN C 283 -46.90 -29.13 -0.65
N GLN C 284 -47.21 -30.42 -0.63
CA GLN C 284 -48.25 -30.97 -1.51
C GLN C 284 -49.45 -31.45 -0.69
N PRO C 285 -50.66 -31.44 -1.30
CA PRO C 285 -51.88 -31.91 -0.60
C PRO C 285 -51.78 -33.36 -0.13
N GLU C 286 -52.63 -33.72 0.84
CA GLU C 286 -52.67 -35.08 1.38
C GLU C 286 -52.99 -36.11 0.28
N PHE C 287 -52.55 -37.34 0.49
CA PHE C 287 -52.78 -38.40 -0.47
C PHE C 287 -53.70 -39.47 0.12
N LEU C 288 -54.82 -39.71 -0.55
CA LEU C 288 -55.70 -40.81 -0.19
C LEU C 288 -55.23 -42.09 -0.87
N ASN C 289 -54.80 -43.04 -0.05
CA ASN C 289 -54.26 -44.30 -0.52
C ASN C 289 -55.39 -45.29 -0.81
N PRO C 290 -55.59 -45.64 -2.10
CA PRO C 290 -56.70 -46.53 -2.46
C PRO C 290 -56.53 -47.97 -1.96
N ASP C 291 -55.33 -48.32 -1.53
CA ASP C 291 -55.02 -49.67 -1.03
C ASP C 291 -55.42 -49.92 0.42
N ASP C 292 -55.54 -48.87 1.22
CA ASP C 292 -55.92 -49.01 2.64
C ASP C 292 -56.95 -47.98 3.11
N GLY C 293 -57.35 -47.09 2.21
CA GLY C 293 -58.35 -46.06 2.51
C GLY C 293 -57.86 -44.94 3.41
N LYS C 294 -56.57 -44.94 3.76
CA LYS C 294 -56.01 -43.95 4.68
C LYS C 294 -55.40 -42.77 3.94
N THR C 295 -55.39 -41.61 4.59
CA THR C 295 -54.79 -40.40 4.00
C THR C 295 -53.40 -40.13 4.59
N TYR C 296 -52.48 -39.67 3.76
CA TYR C 296 -51.10 -39.47 4.15
C TYR C 296 -50.63 -38.07 3.76
N LYS C 297 -49.96 -37.40 4.69
CA LYS C 297 -49.45 -36.05 4.46
C LYS C 297 -48.20 -35.80 5.27
N MET C 298 -47.14 -35.38 4.58
CA MET C 298 -45.97 -34.86 5.23
C MET C 298 -46.32 -33.40 5.53
N ARG C 299 -46.27 -33.09 6.83
CA ARG C 299 -46.84 -31.87 7.36
C ARG C 299 -45.82 -30.75 7.51
N THR C 300 -46.29 -29.53 7.33
CA THR C 300 -45.49 -28.33 7.61
C THR C 300 -46.21 -27.52 8.70
N ASN C 301 -45.45 -27.07 9.68
CA ASN C 301 -45.99 -26.36 10.85
C ASN C 301 -46.54 -24.98 10.48
N THR C 302 -47.40 -24.40 11.32
CA THR C 302 -47.91 -23.04 11.08
C THR C 302 -46.74 -22.05 11.15
N ASP C 303 -45.62 -22.60 11.62
CA ASP C 303 -44.32 -21.97 11.69
C ASP C 303 -43.68 -21.82 10.30
N GLY C 304 -44.08 -22.68 9.36
CA GLY C 304 -43.42 -22.77 8.07
C GLY C 304 -42.37 -23.87 8.01
N THR C 305 -41.97 -24.37 9.18
CA THR C 305 -40.97 -25.45 9.25
C THR C 305 -41.61 -26.82 9.04
N ARG C 306 -40.79 -27.78 8.61
CA ARG C 306 -41.21 -29.18 8.45
C ARG C 306 -41.58 -29.80 9.79
N ASN C 307 -42.66 -30.58 9.81
CA ASN C 307 -42.99 -31.42 10.95
C ASN C 307 -41.82 -32.37 11.22
N ARG C 308 -41.28 -32.29 12.43
CA ARG C 308 -40.10 -33.06 12.84
C ARG C 308 -40.36 -34.58 12.83
N GLU C 309 -41.55 -34.98 13.29
CA GLU C 309 -41.91 -36.40 13.25
C GLU C 309 -41.89 -36.92 11.82
N ASP C 310 -42.33 -36.08 10.87
CA ASP C 310 -42.33 -36.45 9.46
C ASP C 310 -40.93 -36.51 8.84
N GLU C 311 -40.05 -35.57 9.20
CA GLU C 311 -38.62 -35.66 8.86
C GLU C 311 -38.02 -36.98 9.36
N LEU C 312 -38.38 -37.36 10.59
CA LEU C 312 -37.88 -38.58 11.21
C LEU C 312 -38.33 -39.84 10.48
N LYS C 313 -39.47 -39.77 9.78
CA LYS C 313 -39.89 -40.88 8.91
C LYS C 313 -38.91 -41.04 7.74
N ILE C 314 -38.42 -39.93 7.20
CA ILE C 314 -37.44 -39.97 6.11
C ILE C 314 -36.12 -40.53 6.63
N VAL C 315 -35.70 -40.05 7.80
CA VAL C 315 -34.48 -40.53 8.46
C VAL C 315 -34.51 -42.05 8.65
N SER C 316 -35.62 -42.55 9.21
CA SER C 316 -35.83 -43.99 9.39
C SER C 316 -35.79 -44.74 8.07
N ALA C 317 -36.43 -44.16 7.05
CA ALA C 317 -36.41 -44.75 5.70
C ALA C 317 -34.96 -44.84 5.17
N ILE C 318 -34.18 -43.81 5.44
CA ILE C 318 -32.77 -43.78 5.01
C ILE C 318 -31.94 -44.84 5.74
N ILE C 319 -32.09 -44.93 7.07
CA ILE C 319 -31.40 -45.97 7.85
C ILE C 319 -31.73 -47.37 7.32
N ASP C 320 -33.02 -47.63 7.13
CA ASP C 320 -33.51 -48.91 6.65
C ASP C 320 -33.00 -49.24 5.24
N PHE C 321 -32.99 -48.25 4.34
CA PHE C 321 -32.53 -48.49 2.96
C PHE C 321 -31.03 -48.73 2.92
N LEU C 322 -30.27 -47.99 3.72
CA LEU C 322 -28.81 -48.19 3.80
C LEU C 322 -28.48 -49.59 4.33
N THR C 323 -29.26 -50.05 5.29
CA THR C 323 -29.16 -51.42 5.82
C THR C 323 -29.38 -52.42 4.69
N MET C 324 -30.45 -52.22 3.92
CA MET C 324 -30.77 -53.04 2.75
C MET C 324 -29.64 -53.06 1.73
N LEU C 325 -29.14 -51.89 1.36
CA LEU C 325 -28.05 -51.75 0.41
C LEU C 325 -26.80 -52.50 0.87
N ARG C 326 -26.44 -52.34 2.15
CA ARG C 326 -25.27 -53.01 2.73
C ARG C 326 -25.41 -54.54 2.75
N LYS C 327 -26.61 -55.01 3.10
CA LYS C 327 -26.92 -56.45 3.12
C LYS C 327 -26.65 -57.11 1.76
N HIS C 328 -27.10 -56.47 0.68
CA HIS C 328 -26.93 -57.03 -0.66
C HIS C 328 -25.64 -56.66 -1.34
N ASN C 329 -24.99 -55.62 -0.83
CA ASN C 329 -23.70 -55.18 -1.37
C ASN C 329 -22.69 -54.97 -0.25
N PRO C 330 -22.09 -56.07 0.27
CA PRO C 330 -21.20 -56.02 1.46
C PRO C 330 -19.98 -55.11 1.36
N ASN C 331 -19.45 -54.92 0.16
CA ASN C 331 -18.18 -54.21 -0.02
C ASN C 331 -18.26 -52.85 -0.72
N ALA C 332 -19.43 -52.53 -1.26
CA ALA C 332 -19.61 -51.30 -2.04
C ALA C 332 -19.49 -50.02 -1.21
N GLN C 333 -18.89 -49.00 -1.81
CA GLN C 333 -18.98 -47.64 -1.27
C GLN C 333 -20.35 -47.08 -1.61
N ILE C 334 -21.13 -46.80 -0.58
CA ILE C 334 -22.44 -46.20 -0.76
C ILE C 334 -22.30 -44.68 -0.67
N ILE C 335 -22.69 -43.99 -1.74
CA ILE C 335 -22.57 -42.53 -1.81
C ILE C 335 -23.92 -41.89 -2.10
N TRP C 336 -24.51 -41.29 -1.09
CA TRP C 336 -25.73 -40.53 -1.27
C TRP C 336 -25.38 -39.24 -1.96
N SER C 337 -25.88 -39.06 -3.17
CA SER C 337 -25.53 -37.92 -4.02
C SER C 337 -26.79 -37.17 -4.40
N TYR C 338 -26.91 -35.95 -3.90
CA TYR C 338 -28.17 -35.23 -3.93
C TYR C 338 -27.90 -33.74 -4.14
N GLY C 339 -28.78 -33.08 -4.89
CA GLY C 339 -28.71 -31.61 -5.00
C GLY C 339 -29.01 -30.99 -6.35
N MET C 340 -29.29 -31.80 -7.37
CA MET C 340 -29.49 -31.28 -8.72
C MET C 340 -30.77 -30.48 -8.87
N LEU C 341 -31.74 -30.74 -7.98
CA LEU C 341 -32.95 -29.94 -7.88
C LEU C 341 -33.15 -29.48 -6.44
N GLY C 342 -32.22 -28.67 -5.94
CA GLY C 342 -32.26 -28.17 -4.57
C GLY C 342 -31.55 -29.08 -3.58
N SER C 343 -31.13 -28.49 -2.45
CA SER C 343 -30.36 -29.20 -1.43
C SER C 343 -30.97 -29.11 -0.03
N ASP C 344 -32.27 -28.83 0.02
CA ASP C 344 -32.94 -28.54 1.28
C ASP C 344 -32.97 -29.72 2.26
N LEU C 345 -32.87 -30.95 1.75
CA LEU C 345 -32.88 -32.15 2.59
C LEU C 345 -31.48 -32.61 3.04
N ASN C 346 -30.46 -31.78 2.79
CA ASN C 346 -29.08 -32.08 3.18
C ASN C 346 -28.92 -32.62 4.61
N LEU C 347 -29.55 -31.95 5.55
CA LEU C 347 -29.38 -32.28 6.97
C LEU C 347 -30.15 -33.52 7.38
N VAL C 348 -31.36 -33.68 6.84
CA VAL C 348 -32.17 -34.88 7.06
C VAL C 348 -31.47 -36.09 6.46
N ILE C 349 -30.90 -35.94 5.26
CA ILE C 349 -30.19 -37.04 4.62
C ILE C 349 -28.97 -37.48 5.42
N THR C 350 -28.16 -36.51 5.83
CA THR C 350 -26.93 -36.81 6.58
C THR C 350 -27.24 -37.30 8.00
N GLU C 351 -28.35 -36.82 8.57
CA GLU C 351 -28.82 -37.38 9.86
C GLU C 351 -29.08 -38.87 9.71
N GLY C 352 -29.73 -39.26 8.61
CA GLY C 352 -29.97 -40.67 8.29
C GLY C 352 -28.69 -41.45 8.12
N ILE C 353 -27.77 -40.94 7.30
CA ILE C 353 -26.46 -41.57 7.12
C ILE C 353 -25.68 -41.71 8.43
N ASN C 354 -25.64 -40.63 9.22
CA ASN C 354 -24.92 -40.62 10.49
C ASN C 354 -25.46 -41.62 11.51
N LYS C 355 -26.78 -41.63 11.68
CA LYS C 355 -27.41 -42.58 12.61
C LYS C 355 -27.20 -44.01 12.13
N TYR C 356 -27.36 -44.24 10.82
CA TYR C 356 -27.08 -45.56 10.26
C TYR C 356 -25.65 -46.02 10.52
N LYS C 357 -24.67 -45.18 10.18
CA LYS C 357 -23.26 -45.61 10.27
C LYS C 357 -22.76 -45.87 11.70
N GLU C 358 -23.27 -45.11 12.67
CA GLU C 358 -22.95 -45.28 14.10
C GLU C 358 -23.48 -46.62 14.62
N ASN C 359 -24.75 -46.91 14.35
CA ASN C 359 -25.37 -48.16 14.76
C ASN C 359 -24.80 -49.39 14.06
N ALA C 360 -24.35 -49.22 12.82
CA ALA C 360 -23.86 -50.34 12.02
C ALA C 360 -22.34 -50.47 12.01
N GLY C 361 -21.62 -49.43 12.42
CA GLY C 361 -20.16 -49.40 12.32
C GLY C 361 -19.70 -49.48 10.87
N ASP C 362 -20.43 -48.80 9.98
CA ASP C 362 -20.19 -48.86 8.55
C ASP C 362 -19.32 -47.69 8.11
N GLU C 363 -18.09 -48.00 7.68
CA GLU C 363 -17.12 -46.98 7.27
C GLU C 363 -17.14 -46.71 5.77
N LYS C 364 -18.10 -47.28 5.06
CA LYS C 364 -18.15 -47.14 3.61
C LYS C 364 -19.47 -46.54 3.12
N VAL C 365 -19.94 -45.52 3.85
CA VAL C 365 -21.09 -44.71 3.45
C VAL C 365 -20.69 -43.24 3.48
N SER C 366 -21.01 -42.52 2.41
CA SER C 366 -20.64 -41.12 2.27
C SER C 366 -21.80 -40.25 1.77
N PHE C 367 -21.63 -38.93 1.91
CA PHE C 367 -22.53 -37.98 1.31
C PHE C 367 -21.73 -37.10 0.33
N PHE C 368 -22.31 -36.88 -0.85
CA PHE C 368 -21.73 -35.96 -1.81
C PHE C 368 -22.85 -35.11 -2.41
N GLN C 369 -22.69 -33.80 -2.34
CA GLN C 369 -23.69 -32.90 -2.87
C GLN C 369 -23.45 -32.64 -4.35
N LEU C 370 -24.49 -32.79 -5.15
CA LEU C 370 -24.41 -32.49 -6.57
C LEU C 370 -24.72 -31.00 -6.79
N PRO C 371 -24.18 -30.41 -7.89
CA PRO C 371 -24.49 -29.01 -8.16
C PRO C 371 -25.95 -28.81 -8.54
N ASN C 372 -26.53 -27.71 -8.07
CA ASN C 372 -27.92 -27.36 -8.35
C ASN C 372 -28.10 -26.91 -9.80
N THR C 373 -29.26 -27.20 -10.39
CA THR C 373 -29.59 -26.75 -11.72
C THR C 373 -29.95 -25.26 -11.67
N THR C 374 -29.27 -24.45 -12.46
CA THR C 374 -29.52 -23.01 -12.48
C THR C 374 -30.37 -22.65 -13.69
N MET C 375 -30.82 -21.40 -13.78
CA MET C 375 -31.76 -20.98 -14.84
C MET C 375 -31.30 -21.24 -16.26
N GLU C 376 -30.00 -21.14 -16.52
CA GLU C 376 -29.47 -21.39 -17.86
C GLU C 376 -29.41 -22.89 -18.22
N ASN C 377 -29.61 -23.77 -17.23
CA ASN C 377 -29.35 -25.20 -17.41
C ASN C 377 -30.56 -26.14 -17.29
N PHE C 378 -31.77 -25.59 -17.23
CA PHE C 378 -32.98 -26.40 -17.18
C PHE C 378 -33.28 -26.99 -18.55
N GLY C 379 -33.84 -28.20 -18.55
CA GLY C 379 -34.33 -28.84 -19.75
C GLY C 379 -35.82 -28.60 -19.83
N SER C 380 -36.60 -29.62 -20.14
CA SER C 380 -38.05 -29.51 -20.09
C SER C 380 -38.51 -29.92 -18.70
N HIS C 381 -39.79 -29.69 -18.39
CA HIS C 381 -40.38 -30.06 -17.10
C HIS C 381 -39.72 -29.43 -15.89
N MET C 382 -39.05 -28.29 -16.10
CA MET C 382 -38.30 -27.63 -15.03
C MET C 382 -37.34 -28.62 -14.36
N ALA C 383 -36.79 -29.51 -15.17
CA ALA C 383 -35.89 -30.54 -14.69
C ALA C 383 -34.47 -30.28 -15.23
N PRO C 384 -33.46 -31.02 -14.73
CA PRO C 384 -32.10 -30.78 -15.23
C PRO C 384 -31.97 -31.04 -16.73
N GLY C 385 -31.44 -30.06 -17.46
CA GLY C 385 -31.15 -30.24 -18.90
C GLY C 385 -29.79 -30.90 -19.10
N PRO C 386 -29.41 -31.18 -20.35
CA PRO C 386 -28.12 -31.81 -20.65
C PRO C 386 -26.92 -31.13 -19.96
N LYS C 387 -26.94 -29.81 -19.88
CA LYS C 387 -25.82 -29.06 -19.30
C LYS C 387 -25.73 -29.26 -17.79
N SER C 388 -26.89 -29.36 -17.14
CA SER C 388 -26.90 -29.68 -15.71
C SER C 388 -26.38 -31.10 -15.46
N HIS C 389 -26.86 -32.05 -16.26
CA HIS C 389 -26.38 -33.42 -16.20
C HIS C 389 -24.88 -33.48 -16.36
N GLN C 390 -24.38 -32.72 -17.33
CA GLN C 390 -22.94 -32.60 -17.58
C GLN C 390 -22.19 -32.04 -16.36
N ASN C 391 -22.69 -30.93 -15.80
CA ASN C 391 -22.09 -30.29 -14.60
C ASN C 391 -22.02 -31.26 -13.42
N ALA C 392 -23.12 -31.96 -13.17
CA ALA C 392 -23.21 -32.93 -12.08
C ALA C 392 -22.24 -34.09 -12.31
N ALA C 393 -22.16 -34.58 -13.54
CA ALA C 393 -21.27 -35.68 -13.85
C ALA C 393 -19.80 -35.29 -13.65
N LYS C 394 -19.43 -34.08 -14.06
CA LYS C 394 -18.06 -33.58 -13.87
C LYS C 394 -17.69 -33.64 -12.38
N GLU C 395 -18.57 -33.14 -11.52
CA GLU C 395 -18.30 -33.12 -10.10
C GLU C 395 -18.31 -34.52 -9.48
N LEU C 396 -19.25 -35.36 -9.91
CA LEU C 396 -19.35 -36.74 -9.42
C LEU C 396 -18.15 -37.61 -9.85
N VAL C 397 -17.73 -37.46 -11.11
CA VAL C 397 -16.54 -38.15 -11.62
C VAL C 397 -15.31 -37.76 -10.78
N ASP C 398 -15.13 -36.46 -10.52
CA ASP C 398 -14.00 -35.97 -9.70
C ASP C 398 -14.03 -36.63 -8.31
N TYR C 399 -15.21 -36.65 -7.71
CA TYR C 399 -15.39 -37.26 -6.40
C TYR C 399 -15.05 -38.75 -6.40
N LEU C 400 -15.53 -39.47 -7.41
CA LEU C 400 -15.31 -40.91 -7.50
C LEU C 400 -13.85 -41.25 -7.79
N ARG C 401 -13.19 -40.44 -8.61
CA ARG C 401 -11.76 -40.63 -8.87
C ARG C 401 -10.96 -40.58 -7.58
N ASN C 402 -11.28 -39.63 -6.71
CA ASN C 402 -10.58 -39.47 -5.45
C ASN C 402 -11.00 -40.49 -4.39
N LYS C 403 -12.30 -40.74 -4.29
CA LYS C 403 -12.84 -41.69 -3.33
C LYS C 403 -12.40 -43.13 -3.58
N LEU C 404 -12.39 -43.53 -4.85
CA LEU C 404 -12.10 -44.92 -5.22
C LEU C 404 -10.68 -45.11 -5.74
N GLY C 405 -9.95 -44.01 -5.87
CA GLY C 405 -8.60 -44.06 -6.43
C GLY C 405 -8.61 -44.42 -7.89
N TRP C 406 -9.65 -43.97 -8.61
CA TRP C 406 -9.78 -44.21 -10.04
C TRP C 406 -9.19 -43.08 -10.84
N PHE C 407 -7.90 -42.82 -10.65
CA PHE C 407 -7.24 -41.70 -11.31
C PHE C 407 -6.84 -42.01 -12.75
N VAL D 35 65.51 15.87 24.75
CA VAL D 35 65.45 15.17 26.07
C VAL D 35 64.21 15.59 26.88
N LEU D 36 63.57 14.61 27.51
CA LEU D 36 62.41 14.86 28.35
C LEU D 36 62.71 14.44 29.79
N GLN D 37 62.30 15.29 30.73
CA GLN D 37 62.46 14.99 32.15
C GLN D 37 61.49 13.88 32.56
N TYR D 38 61.90 13.07 33.54
CA TYR D 38 61.00 12.09 34.12
C TYR D 38 60.71 12.43 35.57
N THR D 39 59.44 12.53 35.91
CA THR D 39 59.04 12.76 37.29
C THR D 39 58.05 11.70 37.71
N GLU D 40 58.41 10.96 38.75
CA GLU D 40 57.50 10.02 39.40
C GLU D 40 56.29 10.79 39.93
N ILE D 41 55.13 10.16 39.84
CA ILE D 41 53.88 10.79 40.22
C ILE D 41 53.89 11.26 41.70
N SER D 42 54.44 10.42 42.57
CA SER D 42 54.52 10.71 44.00
C SER D 42 55.52 11.80 44.36
N ASN D 43 56.36 12.19 43.41
CA ASN D 43 57.33 13.29 43.59
C ASN D 43 56.84 14.63 43.06
N ILE D 44 55.59 14.69 42.61
CA ILE D 44 54.98 15.97 42.27
C ILE D 44 54.32 16.52 43.53
N SER D 45 54.62 17.77 43.87
CA SER D 45 54.02 18.38 45.07
C SER D 45 52.50 18.44 44.94
N SER D 46 51.82 18.36 46.09
CA SER D 46 50.35 18.31 46.10
C SER D 46 49.71 19.50 45.42
N ASP D 47 50.43 20.63 45.43
CA ASP D 47 50.10 21.88 44.72
C ASP D 47 49.97 21.77 43.21
N LYS D 48 50.66 20.79 42.64
CA LYS D 48 50.85 20.72 41.20
C LYS D 48 50.29 19.43 40.60
N ILE D 49 49.44 18.76 41.36
CA ILE D 49 48.70 17.61 40.86
C ILE D 49 47.36 17.48 41.59
N ASN D 50 46.31 17.21 40.81
CA ASN D 50 45.04 16.80 41.36
C ASN D 50 44.86 15.31 41.09
N ILE D 51 44.79 14.54 42.17
CA ILE D 51 44.47 13.12 42.03
C ILE D 51 42.96 12.97 42.11
N LEU D 52 42.38 12.42 41.05
CA LEU D 52 40.93 12.29 40.97
C LEU D 52 40.54 10.89 41.38
N GLY D 53 39.63 10.78 42.35
CA GLY D 53 39.16 9.47 42.82
C GLY D 53 39.80 9.04 44.13
N ARG D 54 39.17 8.08 44.79
CA ARG D 54 39.66 7.55 46.05
C ARG D 54 41.08 7.00 45.95
N THR D 55 41.92 7.37 46.91
CA THR D 55 43.25 6.78 47.03
C THR D 55 43.44 6.11 48.39
N GLY D 56 44.38 5.17 48.44
CA GLY D 56 44.77 4.52 49.68
C GLY D 56 46.23 4.81 50.01
N LYS D 57 46.86 3.86 50.70
CA LYS D 57 48.21 4.02 51.23
C LYS D 57 49.30 4.13 50.15
N LYS D 58 49.08 3.46 49.01
CA LYS D 58 50.12 3.33 47.98
C LYS D 58 50.21 4.59 47.12
N ARG D 59 51.40 5.18 47.12
CA ARG D 59 51.62 6.44 46.42
C ARG D 59 52.48 6.29 45.16
N GLN D 60 53.31 5.26 45.13
CA GLN D 60 54.23 5.02 44.03
C GLN D 60 54.37 3.53 43.69
N PRO D 61 53.84 3.09 42.52
CA PRO D 61 53.04 3.90 41.59
C PRO D 61 51.66 4.14 42.18
N LEU D 62 50.89 5.02 41.54
CA LEU D 62 49.57 5.37 42.02
C LEU D 62 48.51 4.49 41.39
N PRO D 63 47.83 3.67 42.20
CA PRO D 63 46.74 2.83 41.70
C PRO D 63 45.48 3.67 41.48
N VAL D 64 44.88 3.50 40.31
CA VAL D 64 43.65 4.21 39.94
C VAL D 64 42.53 3.18 39.99
N PHE D 65 41.71 3.27 41.04
CA PHE D 65 40.77 2.21 41.39
C PHE D 65 39.44 2.29 40.66
N PHE D 66 38.88 3.49 40.58
CA PHE D 66 37.50 3.66 40.11
C PHE D 66 37.43 4.35 38.75
N ASN D 67 36.33 4.11 38.05
CA ASN D 67 35.93 4.91 36.89
C ASN D 67 35.93 6.40 37.25
N GLY D 68 36.37 7.24 36.31
CA GLY D 68 36.45 8.69 36.55
C GLY D 68 37.69 9.07 37.33
N GLY D 69 38.38 8.06 37.85
CA GLY D 69 39.60 8.27 38.62
C GLY D 69 40.77 8.52 37.69
N GLY D 70 41.75 9.29 38.14
CA GLY D 70 42.92 9.58 37.31
C GLY D 70 43.66 10.78 37.85
N VAL D 71 44.27 11.56 36.95
CA VAL D 71 45.08 12.71 37.37
C VAL D 71 44.84 13.92 36.49
N GLU D 72 45.05 15.09 37.08
CA GLU D 72 45.03 16.33 36.32
C GLU D 72 46.28 17.12 36.69
N VAL D 73 47.00 17.58 35.67
CA VAL D 73 48.16 18.44 35.85
C VAL D 73 48.00 19.66 34.96
N VAL D 74 48.75 20.72 35.27
CA VAL D 74 48.83 21.91 34.39
C VAL D 74 50.29 22.11 34.03
N VAL D 75 50.63 21.87 32.77
CA VAL D 75 52.03 21.84 32.35
C VAL D 75 52.34 22.72 31.14
N THR D 76 53.54 23.29 31.14
CA THR D 76 54.06 23.96 29.96
C THR D 76 54.77 22.91 29.09
N GLY D 77 55.43 23.36 28.03
CA GLY D 77 56.24 22.47 27.21
C GLY D 77 55.54 22.00 25.95
N SER D 78 56.32 21.36 25.07
CA SER D 78 55.82 20.91 23.77
C SER D 78 55.24 19.50 23.85
N GLU D 79 55.65 18.74 24.85
CA GLU D 79 55.38 17.31 24.88
C GLU D 79 55.10 16.79 26.29
N LEU D 80 54.14 15.88 26.41
CA LEU D 80 53.85 15.23 27.69
C LEU D 80 53.46 13.76 27.50
N TRP D 81 54.09 12.88 28.28
CA TRP D 81 53.75 11.46 28.31
C TRP D 81 53.48 11.02 29.71
N ILE D 82 52.61 10.03 29.86
CA ILE D 82 52.43 9.34 31.13
C ILE D 82 52.93 7.91 31.01
N ASP D 83 53.72 7.48 31.99
CA ASP D 83 54.15 6.10 32.10
C ASP D 83 53.19 5.41 33.03
N LEU D 84 52.59 4.33 32.55
CA LEU D 84 51.60 3.62 33.35
C LEU D 84 51.78 2.12 33.22
N GLU D 85 51.10 1.38 34.10
CA GLU D 85 51.07 -0.06 34.02
C GLU D 85 49.63 -0.52 34.13
N THR D 86 49.27 -1.49 33.30
CA THR D 86 47.93 -2.07 33.36
C THR D 86 48.02 -3.58 33.22
N ASP D 87 46.99 -4.25 33.74
CA ASP D 87 46.84 -5.68 33.57
C ASP D 87 45.36 -5.98 33.52
N SER D 88 45.02 -7.14 32.95
CA SER D 88 43.64 -7.51 32.68
C SER D 88 43.59 -8.87 31.99
N ASP D 89 42.38 -9.42 31.91
CA ASP D 89 42.16 -10.62 31.11
C ASP D 89 41.01 -10.36 30.15
N VAL D 90 39.80 -10.75 30.55
CA VAL D 90 38.61 -10.61 29.71
C VAL D 90 38.24 -9.13 29.52
N ASN D 91 38.41 -8.34 30.58
CA ASN D 91 37.99 -6.94 30.60
C ASN D 91 39.19 -5.99 30.56
N GLU D 92 39.54 -5.53 29.37
CA GLU D 92 40.70 -4.66 29.20
C GLU D 92 40.43 -3.24 29.71
N MET D 93 41.50 -2.54 30.08
CA MET D 93 41.40 -1.16 30.55
C MET D 93 41.07 -0.18 29.42
N TRP D 94 40.34 0.87 29.77
CA TRP D 94 40.06 1.97 28.85
C TRP D 94 40.33 3.27 29.54
N VAL D 95 40.92 4.22 28.82
CA VAL D 95 41.15 5.57 29.36
C VAL D 95 40.69 6.66 28.40
N ALA D 96 40.46 7.85 28.94
CA ALA D 96 40.08 9.00 28.13
C ALA D 96 40.88 10.22 28.54
N LEU D 97 41.13 11.09 27.56
CA LEU D 97 42.02 12.23 27.72
C LEU D 97 41.27 13.53 27.43
N GLU D 98 41.40 14.49 28.34
CA GLU D 98 40.81 15.81 28.16
C GLU D 98 41.89 16.88 28.33
N ILE D 99 42.00 17.77 27.35
CA ILE D 99 42.95 18.89 27.40
C ILE D 99 42.18 20.22 27.45
N ASN D 100 42.50 21.02 28.46
CA ASN D 100 41.79 22.28 28.73
C ASN D 100 40.27 22.10 28.80
N GLY D 101 39.84 20.99 29.39
CA GLY D 101 38.41 20.70 29.57
C GLY D 101 37.70 20.05 28.40
N ALA D 102 38.43 19.85 27.31
CA ALA D 102 37.83 19.33 26.09
C ALA D 102 38.27 17.88 25.83
N PHE D 103 37.30 17.03 25.51
CA PHE D 103 37.58 15.64 25.11
C PHE D 103 38.50 15.58 23.89
N ILE D 104 39.54 14.76 23.96
CA ILE D 104 40.50 14.61 22.86
C ILE D 104 40.59 13.16 22.37
N ALA D 105 40.72 12.22 23.31
CA ALA D 105 41.04 10.84 22.95
C ALA D 105 40.42 9.84 23.90
N ARG D 106 40.26 8.62 23.40
CA ARG D 106 39.75 7.52 24.16
C ARG D 106 40.28 6.25 23.52
N GLN D 107 40.80 5.34 24.35
CA GLN D 107 41.43 4.12 23.82
C GLN D 107 41.53 3.00 24.85
N MET D 108 41.64 1.79 24.33
CA MET D 108 41.84 0.57 25.11
C MET D 108 43.31 0.47 25.50
N LEU D 109 43.58 -0.15 26.65
CA LEU D 109 44.95 -0.43 27.08
C LEU D 109 45.08 -1.90 27.45
N LEU D 110 45.93 -2.62 26.71
CA LEU D 110 46.16 -4.05 26.96
C LEU D 110 47.31 -4.27 27.97
N PRO D 111 47.40 -5.46 28.58
CA PRO D 111 48.36 -5.67 29.69
C PRO D 111 49.81 -5.26 29.41
N GLY D 112 50.47 -4.74 30.45
CA GLY D 112 51.89 -4.39 30.36
C GLY D 112 52.25 -2.96 30.71
N GLU D 113 53.49 -2.59 30.40
CA GLU D 113 53.99 -1.23 30.56
C GLU D 113 53.61 -0.40 29.35
N HIS D 114 53.16 0.82 29.59
CA HIS D 114 52.81 1.74 28.51
C HIS D 114 53.40 3.09 28.75
N SER D 115 53.84 3.72 27.67
CA SER D 115 54.19 5.12 27.69
C SER D 115 53.24 5.80 26.71
N LEU D 116 52.23 6.48 27.25
CA LEU D 116 51.18 7.07 26.45
C LEU D 116 51.46 8.56 26.23
N CYS D 117 51.51 8.98 24.96
CA CYS D 117 51.74 10.37 24.63
C CYS D 117 50.44 11.15 24.77
N LEU D 118 50.42 12.11 25.70
CA LEU D 118 49.24 12.89 25.98
C LEU D 118 49.13 14.14 25.09
N PHE D 119 50.26 14.79 24.81
CA PHE D 119 50.35 15.78 23.76
C PHE D 119 51.77 15.92 23.25
N ARG D 120 51.91 16.45 22.03
CA ARG D 120 53.23 16.65 21.43
C ARG D 120 53.20 17.77 20.39
N SER D 121 54.38 18.29 20.05
CA SER D 121 54.56 19.37 19.06
C SER D 121 53.81 20.66 19.43
N MET D 122 53.53 20.85 20.71
CA MET D 122 52.79 22.05 21.14
C MET D 122 53.72 23.25 21.39
N GLU D 123 53.12 24.44 21.38
CA GLU D 123 53.78 25.68 21.78
C GLU D 123 54.32 25.55 23.21
N LYS D 124 55.62 25.80 23.39
CA LYS D 124 56.32 25.51 24.64
C LYS D 124 55.95 26.33 25.88
N THR D 125 55.65 27.61 25.68
CA THR D 125 55.50 28.53 26.81
C THR D 125 54.09 28.52 27.42
N THR D 126 53.11 28.07 26.64
CA THR D 126 51.73 28.10 27.08
C THR D 126 51.38 26.85 27.91
N PRO D 127 50.76 27.06 29.09
CA PRO D 127 50.32 25.94 29.90
C PRO D 127 49.10 25.24 29.30
N LYS D 128 49.04 23.90 29.46
CA LYS D 128 47.86 23.11 29.12
C LYS D 128 47.41 22.38 30.37
N ARG D 129 46.10 22.37 30.60
CA ARG D 129 45.54 21.52 31.63
C ARG D 129 45.27 20.17 31.00
N VAL D 130 45.76 19.12 31.65
CA VAL D 130 45.64 17.77 31.13
C VAL D 130 44.96 16.90 32.17
N ARG D 131 43.91 16.20 31.74
CA ARG D 131 43.20 15.27 32.61
C ARG D 131 43.14 13.92 31.91
N LEU D 132 43.71 12.89 32.56
CA LEU D 132 43.63 11.52 32.05
C LEU D 132 42.96 10.66 33.10
N TYR D 133 41.89 9.98 32.72
CA TYR D 133 41.12 9.20 33.68
C TYR D 133 40.68 7.86 33.14
N ARG D 134 40.31 6.99 34.07
CA ARG D 134 39.87 5.64 33.78
C ARG D 134 38.40 5.63 33.33
N GLU D 135 38.13 4.92 32.23
CA GLU D 135 36.78 4.82 31.67
C GLU D 135 35.97 3.65 32.27
N LEU D 136 36.68 2.70 32.86
CA LEU D 136 36.10 1.44 33.30
C LEU D 136 35.85 1.43 34.79
N GLN D 137 34.69 0.94 35.19
CA GLN D 137 34.34 0.78 36.60
C GLN D 137 35.33 -0.17 37.27
N ALA D 138 35.41 -0.12 38.60
CA ALA D 138 36.05 -1.18 39.35
C ALA D 138 35.29 -2.47 39.04
N MET D 139 36.00 -3.60 39.06
CA MET D 139 35.39 -4.88 38.66
C MET D 139 35.41 -5.86 39.81
N ASN D 140 34.26 -6.03 40.48
CA ASN D 140 34.17 -6.82 41.70
C ASN D 140 34.66 -8.26 41.58
N ASP D 141 34.39 -8.89 40.44
CA ASP D 141 34.73 -10.30 40.25
C ASP D 141 36.05 -10.52 39.52
N ASP D 142 36.79 -9.43 39.28
CA ASP D 142 38.00 -9.49 38.47
C ASP D 142 39.20 -9.05 39.31
N PRO D 143 40.02 -10.02 39.76
CA PRO D 143 41.14 -9.68 40.63
C PRO D 143 42.41 -9.29 39.87
N LYS D 144 42.34 -9.29 38.54
CA LYS D 144 43.51 -9.04 37.71
C LYS D 144 43.57 -7.60 37.18
N VAL D 145 42.41 -7.08 36.76
CA VAL D 145 42.34 -5.77 36.10
C VAL D 145 42.83 -4.63 37.03
N LYS D 146 43.75 -3.83 36.52
CA LYS D 146 44.33 -2.71 37.28
C LYS D 146 44.88 -1.62 36.37
N LEU D 147 45.07 -0.43 36.95
CA LEU D 147 45.67 0.71 36.25
C LEU D 147 46.54 1.48 37.23
N LEU D 148 47.84 1.54 36.96
CA LEU D 148 48.78 2.21 37.84
C LEU D 148 49.50 3.32 37.10
N PHE D 149 49.47 4.53 37.65
CA PHE D 149 50.22 5.64 37.06
C PHE D 149 51.60 5.74 37.74
N LYS D 150 52.65 5.71 36.94
CA LYS D 150 54.03 5.71 37.45
C LYS D 150 54.68 7.09 37.48
N GLY D 151 54.60 7.81 36.37
CA GLY D 151 55.20 9.14 36.25
C GLY D 151 54.94 9.79 34.91
N PHE D 152 55.47 11.00 34.74
CA PHE D 152 55.31 11.76 33.50
C PHE D 152 56.65 12.02 32.84
N LYS D 153 56.69 11.94 31.52
CA LYS D 153 57.80 12.46 30.73
C LYS D 153 57.37 13.84 30.19
N HIS D 154 58.21 14.84 30.38
CA HIS D 154 57.85 16.23 30.07
C HIS D 154 59.04 17.10 29.77
N ASP D 155 58.89 18.00 28.81
CA ASP D 155 59.93 18.99 28.55
C ASP D 155 59.62 20.36 29.20
N GLY D 156 58.38 20.52 29.65
CA GLY D 156 57.94 21.75 30.32
C GLY D 156 57.90 21.58 31.82
N GLU D 157 57.27 22.54 32.50
CA GLU D 157 57.21 22.53 33.97
C GLU D 157 55.80 22.30 34.49
N PHE D 158 55.69 21.63 35.64
CA PHE D 158 54.42 21.52 36.35
C PHE D 158 54.07 22.84 37.02
N GLN D 159 52.81 23.26 36.88
CA GLN D 159 52.33 24.47 37.52
C GLN D 159 51.23 24.11 38.51
N ASN D 160 50.86 25.08 39.35
CA ASN D 160 49.76 24.87 40.29
C ASN D 160 48.49 24.48 39.56
N VAL D 161 47.79 23.50 40.10
CA VAL D 161 46.56 23.01 39.49
C VAL D 161 45.34 23.69 40.11
N PRO D 162 44.16 23.59 39.46
CA PRO D 162 42.99 24.20 40.06
C PRO D 162 42.73 23.64 41.46
N VAL D 163 42.32 24.51 42.37
CA VAL D 163 41.95 24.09 43.71
C VAL D 163 40.44 23.89 43.72
N TYR D 164 40.00 22.64 43.86
CA TYR D 164 38.58 22.35 43.88
C TYR D 164 38.09 22.24 45.30
N SER D 165 37.53 23.35 45.80
CA SER D 165 36.86 23.38 47.09
C SER D 165 35.57 22.57 47.04
N ARG D 166 34.87 22.63 45.90
CA ARG D 166 33.64 21.87 45.70
C ARG D 166 33.95 20.40 45.44
N LYS D 167 33.21 19.52 46.10
CA LYS D 167 33.46 18.09 46.05
C LYS D 167 32.15 17.31 46.02
N LEU D 168 32.03 16.40 45.07
CA LEU D 168 30.82 15.59 44.90
C LEU D 168 31.16 14.10 44.83
N GLU D 169 30.48 13.30 45.63
CA GLU D 169 30.58 11.83 45.53
C GLU D 169 29.32 11.28 44.86
N PHE D 170 29.50 10.42 43.87
CA PHE D 170 28.41 9.76 43.17
C PHE D 170 28.48 8.26 43.44
N ILE D 171 27.39 7.71 43.97
CA ILE D 171 27.29 6.28 44.22
C ILE D 171 26.19 5.72 43.34
N GLY D 172 26.49 4.70 42.56
CA GLY D 172 25.47 4.16 41.67
C GLY D 172 25.68 2.79 41.07
N ASP D 173 24.90 2.53 40.04
CA ASP D 173 24.93 1.27 39.32
C ASP D 173 25.52 1.49 37.91
N SER D 174 25.05 0.76 36.91
CA SER D 174 25.59 0.88 35.55
C SER D 174 25.44 2.28 34.95
N ILE D 175 24.42 3.02 35.40
CA ILE D 175 24.19 4.38 34.92
C ILE D 175 25.35 5.28 35.33
N THR D 176 25.78 5.15 36.57
CA THR D 176 26.93 5.89 37.10
C THR D 176 28.27 5.33 36.56
N SER D 177 28.26 4.06 36.16
CA SER D 177 29.36 3.48 35.38
C SER D 177 29.31 3.89 33.90
N GLY D 178 28.27 4.62 33.50
CA GLY D 178 28.12 5.05 32.11
C GLY D 178 28.02 3.89 31.12
N GLU D 179 27.48 2.77 31.58
CA GLU D 179 27.22 1.61 30.72
C GLU D 179 26.22 1.97 29.64
N GLY D 180 26.62 1.86 28.38
CA GLY D 180 25.77 2.22 27.27
C GLY D 180 25.98 3.63 26.76
N SER D 181 26.86 4.38 27.42
CA SER D 181 27.19 5.76 27.01
C SER D 181 27.92 5.83 25.67
N TYR D 182 28.55 4.71 25.28
CA TYR D 182 29.12 4.53 23.96
C TYR D 182 28.53 3.26 23.35
N GLY D 183 28.51 3.19 22.02
CA GLY D 183 28.06 1.99 21.33
C GLY D 183 26.69 2.12 20.67
N ALA D 184 26.45 1.26 19.68
CA ALA D 184 25.21 1.29 18.91
C ALA D 184 24.04 0.78 19.73
N PHE D 185 22.85 1.27 19.38
CA PHE D 185 21.57 0.89 20.00
C PHE D 185 21.43 -0.62 20.27
N ASP D 186 21.67 -1.44 19.25
CA ASP D 186 21.41 -2.88 19.36
C ASP D 186 22.53 -3.71 20.01
N ASP D 187 23.66 -3.09 20.31
CA ASP D 187 24.80 -3.78 20.94
C ASP D 187 24.48 -4.25 22.36
N VAL D 188 24.80 -5.52 22.64
CA VAL D 188 24.46 -6.16 23.94
C VAL D 188 25.64 -6.75 24.75
N ASP D 189 26.83 -6.85 24.15
CA ASP D 189 27.97 -7.45 24.85
C ASP D 189 28.39 -6.66 26.08
N TRP D 190 28.53 -7.35 27.21
CA TRP D 190 28.89 -6.71 28.47
C TRP D 190 30.37 -6.58 28.57
N ILE D 191 30.91 -5.57 27.87
CA ILE D 191 32.36 -5.41 27.72
C ILE D 191 32.76 -3.94 27.95
N PRO D 192 34.03 -3.68 28.31
CA PRO D 192 34.49 -2.33 28.71
C PRO D 192 34.26 -1.20 27.70
N MET D 193 34.31 -1.48 26.41
CA MET D 193 34.23 -0.41 25.40
C MET D 193 32.94 0.44 25.44
N TYR D 194 31.88 -0.11 26.03
CA TYR D 194 30.59 0.59 26.11
C TYR D 194 30.39 1.43 27.37
N MET D 195 31.37 1.39 28.27
CA MET D 195 31.30 2.11 29.54
C MET D 195 32.19 3.34 29.52
N SER D 196 31.81 4.38 30.26
CA SER D 196 32.65 5.57 30.33
C SER D 196 32.39 6.50 31.51
N ALA D 197 33.42 7.28 31.84
CA ALA D 197 33.28 8.49 32.65
C ALA D 197 33.31 9.73 31.74
N SER D 198 33.75 9.53 30.50
CA SER D 198 33.86 10.62 29.53
C SER D 198 32.51 11.15 29.03
N ALA D 199 31.51 10.26 28.98
CA ALA D 199 30.15 10.65 28.62
C ALA D 199 29.21 10.11 29.70
N ASN D 200 28.97 10.92 30.71
CA ASN D 200 28.43 10.46 31.98
C ASN D 200 27.85 11.65 32.74
N TYR D 201 26.58 11.54 33.14
CA TYR D 201 25.87 12.62 33.84
C TYR D 201 26.63 13.13 35.07
N ALA D 202 27.34 12.23 35.76
CA ALA D 202 28.08 12.57 36.99
C ALA D 202 29.24 13.51 36.74
N THR D 203 30.09 13.15 35.78
CA THR D 203 31.23 13.99 35.41
C THR D 203 30.77 15.26 34.67
N MET D 204 29.65 15.16 33.94
CA MET D 204 29.02 16.34 33.33
C MET D 204 28.60 17.31 34.43
N THR D 205 27.97 16.79 35.48
CA THR D 205 27.52 17.58 36.63
C THR D 205 28.70 18.23 37.36
N ALA D 206 29.71 17.42 37.68
CA ALA D 206 30.93 17.89 38.33
C ALA D 206 31.64 18.98 37.54
N LYS D 207 31.76 18.79 36.22
CA LYS D 207 32.42 19.75 35.35
C LYS D 207 31.71 21.10 35.32
N ALA D 208 30.38 21.07 35.12
CA ALA D 208 29.57 22.29 35.08
C ALA D 208 29.70 23.08 36.39
N LEU D 209 29.86 22.35 37.49
CA LEU D 209 29.94 22.95 38.82
C LEU D 209 31.35 23.21 39.31
N ASN D 210 32.34 22.91 38.45
CA ASN D 210 33.76 23.08 38.79
C ASN D 210 34.12 22.34 40.09
N ALA D 211 33.69 21.08 40.17
CA ALA D 211 33.85 20.28 41.39
C ALA D 211 34.74 19.08 41.19
N ASP D 212 35.53 18.78 42.22
CA ASP D 212 36.21 17.48 42.35
C ASP D 212 35.11 16.42 42.55
N TYR D 213 35.35 15.20 42.06
CA TYR D 213 34.33 14.15 42.12
C TYR D 213 34.94 12.77 42.38
N HIS D 214 34.19 11.93 43.08
CA HIS D 214 34.49 10.50 43.21
C HIS D 214 33.31 9.71 42.72
N LEU D 215 33.58 8.69 41.91
CA LEU D 215 32.54 7.77 41.46
C LEU D 215 32.73 6.41 42.12
N VAL D 216 31.67 5.88 42.71
CA VAL D 216 31.67 4.54 43.31
C VAL D 216 30.46 3.80 42.73
N SER D 217 30.70 2.90 41.79
CA SER D 217 29.59 2.29 41.05
C SER D 217 29.84 0.85 40.60
N GLN D 218 28.76 0.11 40.38
CA GLN D 218 28.86 -1.26 39.88
C GLN D 218 27.62 -1.62 39.09
N GLY D 219 27.82 -1.95 37.82
CA GLY D 219 26.72 -2.32 36.92
C GLY D 219 25.91 -3.47 37.48
N GLY D 220 24.58 -3.32 37.46
CA GLY D 220 23.68 -4.40 37.88
C GLY D 220 23.42 -4.49 39.37
N TRP D 221 24.17 -3.73 40.17
CA TRP D 221 24.04 -3.76 41.63
C TRP D 221 22.96 -2.84 42.14
N GLY D 222 22.40 -3.18 43.29
CA GLY D 222 21.33 -2.38 43.89
C GLY D 222 21.69 -1.80 45.23
N VAL D 223 20.73 -1.17 45.90
CA VAL D 223 20.92 -0.76 47.27
C VAL D 223 20.78 -1.97 48.21
N PHE D 224 19.96 -2.94 47.78
CA PHE D 224 19.72 -4.19 48.52
C PHE D 224 20.19 -5.45 47.77
N CYS D 225 19.83 -5.55 46.49
CA CYS D 225 20.25 -6.71 45.68
C CYS D 225 20.45 -6.35 44.21
N GLY D 226 21.18 -7.20 43.51
CA GLY D 226 21.36 -7.07 42.07
C GLY D 226 20.08 -7.31 41.29
N TRP D 227 20.09 -6.92 40.02
CA TRP D 227 18.93 -7.08 39.13
C TRP D 227 18.49 -8.51 39.02
N ASP D 228 19.42 -9.44 39.27
CA ASP D 228 19.18 -10.88 39.15
C ASP D 228 18.87 -11.52 40.50
N ASN D 229 18.49 -10.71 41.48
CA ASN D 229 18.18 -11.17 42.84
C ASN D 229 19.39 -11.56 43.68
N ASP D 230 20.59 -11.29 43.18
CA ASP D 230 21.81 -11.58 43.91
C ASP D 230 21.97 -10.61 45.09
N VAL D 231 21.70 -11.13 46.27
CA VAL D 231 21.63 -10.34 47.49
C VAL D 231 23.02 -9.84 47.93
N ARG D 232 24.08 -10.44 47.40
CA ARG D 232 25.44 -10.03 47.75
C ARG D 232 25.83 -8.75 47.00
N HIS D 233 25.13 -8.49 45.89
CA HIS D 233 25.49 -7.39 45.00
C HIS D 233 24.78 -6.11 45.37
N ASN D 234 25.20 -5.55 46.50
CA ASN D 234 24.66 -4.30 47.00
C ASN D 234 25.79 -3.31 47.29
N LEU D 235 25.57 -2.05 46.92
CA LEU D 235 26.59 -1.00 47.09
C LEU D 235 27.02 -0.75 48.53
N PRO D 236 26.09 -0.75 49.51
CA PRO D 236 26.51 -0.49 50.89
C PRO D 236 27.62 -1.40 51.40
N SER D 237 27.61 -2.66 50.96
CA SER D 237 28.60 -3.67 51.39
C SER D 237 30.05 -3.34 50.98
N VAL D 238 30.21 -2.54 49.92
CA VAL D 238 31.55 -2.21 49.40
C VAL D 238 31.97 -0.75 49.60
N TYR D 239 31.11 0.03 50.25
CA TYR D 239 31.31 1.49 50.33
C TYR D 239 32.48 1.95 51.20
N GLU D 240 32.74 1.23 52.29
CA GLU D 240 33.65 1.74 53.34
C GLU D 240 35.15 1.56 53.10
N LYS D 241 35.53 0.63 52.24
CA LYS D 241 36.94 0.41 51.93
C LYS D 241 37.40 1.37 50.85
N VAL D 242 38.73 1.53 50.72
CA VAL D 242 39.34 2.35 49.67
C VAL D 242 38.70 2.03 48.31
N CYS D 243 38.69 0.74 47.98
CA CYS D 243 37.93 0.22 46.85
C CYS D 243 37.48 -1.19 47.14
N GLY D 244 36.29 -1.31 47.74
CA GLY D 244 35.71 -2.61 48.12
C GLY D 244 35.50 -3.52 46.93
N LEU D 245 35.41 -2.91 45.75
CA LEU D 245 35.21 -3.62 44.48
C LEU D 245 36.52 -4.10 43.84
N ALA D 246 37.65 -3.88 44.52
CA ALA D 246 38.92 -4.42 44.08
C ALA D 246 39.40 -5.47 45.09
N LYS D 247 39.26 -6.74 44.70
CA LYS D 247 39.50 -7.88 45.58
C LYS D 247 40.69 -8.74 45.13
N GLY D 248 41.17 -9.61 46.02
CA GLY D 248 42.32 -10.48 45.73
C GLY D 248 43.62 -9.87 46.25
N GLU D 249 44.65 -10.70 46.44
CA GLU D 249 45.88 -10.21 47.05
C GLU D 249 46.60 -9.12 46.26
N MET D 250 46.51 -9.16 44.93
CA MET D 250 47.08 -8.09 44.08
C MET D 250 46.48 -6.74 44.49
N ASN D 251 45.15 -6.69 44.58
CA ASN D 251 44.47 -5.47 45.00
C ASN D 251 44.73 -5.10 46.45
N GLU D 252 44.85 -6.10 47.31
CA GLU D 252 45.14 -5.87 48.72
C GLU D 252 46.49 -5.18 48.92
N GLU D 253 47.49 -5.58 48.14
CA GLU D 253 48.79 -4.94 48.24
C GLU D 253 48.76 -3.52 47.64
N LEU D 254 47.86 -3.29 46.69
CA LEU D 254 47.59 -1.93 46.20
C LEU D 254 46.87 -1.05 47.24
N GLY D 255 46.37 -1.69 48.29
CA GLY D 255 45.73 -0.98 49.41
C GLY D 255 44.22 -0.82 49.30
N ALA D 256 43.61 -1.61 48.43
CA ALA D 256 42.18 -1.48 48.11
C ALA D 256 41.24 -1.89 49.26
N GLN D 257 41.70 -2.84 50.08
CA GLN D 257 40.85 -3.48 51.08
C GLN D 257 40.97 -2.87 52.48
N GLU D 258 41.86 -1.88 52.62
CA GLU D 258 41.92 -1.06 53.83
C GLU D 258 40.71 -0.14 53.90
N GLU D 259 40.32 0.23 55.11
CA GLU D 259 39.23 1.18 55.33
C GLU D 259 39.61 2.54 54.75
N TYR D 260 38.67 3.16 54.04
CA TYR D 260 38.94 4.43 53.38
C TYR D 260 39.01 5.59 54.39
N ASP D 261 39.97 6.49 54.17
CA ASP D 261 40.15 7.65 55.02
C ASP D 261 39.19 8.77 54.60
N PHE D 262 37.97 8.72 55.14
CA PHE D 262 36.92 9.66 54.75
C PHE D 262 37.24 11.10 55.11
N ALA D 263 37.92 11.29 56.23
CA ALA D 263 38.30 12.63 56.69
C ALA D 263 39.17 13.39 55.70
N SER D 264 39.89 12.66 54.84
CA SER D 264 40.79 13.27 53.87
C SER D 264 40.07 13.86 52.66
N TRP D 265 38.78 13.54 52.52
CA TRP D 265 38.02 13.98 51.37
C TRP D 265 36.56 13.99 51.70
N GLN D 266 36.06 15.16 52.10
CA GLN D 266 34.68 15.33 52.56
C GLN D 266 33.84 16.08 51.52
N PRO D 267 32.87 15.40 50.88
CA PRO D 267 32.08 15.99 49.80
C PRO D 267 31.02 16.98 50.30
N ASP D 268 30.70 18.00 49.52
CA ASP D 268 29.57 18.88 49.85
C ASP D 268 28.25 18.18 49.64
N ALA D 269 28.20 17.28 48.66
CA ALA D 269 26.98 16.52 48.41
C ALA D 269 27.31 15.11 47.97
N ILE D 270 26.47 14.17 48.39
CA ILE D 270 26.58 12.78 47.98
C ILE D 270 25.35 12.43 47.14
N ILE D 271 25.59 12.06 45.89
CA ILE D 271 24.50 11.76 44.96
C ILE D 271 24.34 10.24 44.89
N VAL D 272 23.19 9.75 45.35
CA VAL D 272 22.94 8.30 45.39
C VAL D 272 21.96 7.91 44.30
N ASN D 273 22.50 7.27 43.26
CA ASN D 273 21.68 6.84 42.13
C ASN D 273 21.56 5.32 42.16
N LEU D 274 20.71 4.82 43.07
CA LEU D 274 20.48 3.39 43.22
C LEU D 274 18.99 3.07 43.27
N GLY D 275 18.63 1.84 42.93
CA GLY D 275 17.24 1.39 43.03
C GLY D 275 16.74 0.75 41.75
N THR D 276 17.30 1.18 40.62
CA THR D 276 16.94 0.63 39.32
C THR D 276 17.06 -0.90 39.28
N ASN D 277 18.14 -1.44 39.83
CA ASN D 277 18.32 -2.90 39.87
C ASN D 277 17.45 -3.59 40.92
N ASP D 278 17.20 -2.91 42.03
CA ASP D 278 16.27 -3.39 43.07
C ASP D 278 14.84 -3.62 42.53
N VAL D 279 14.29 -2.66 41.78
CA VAL D 279 12.97 -2.86 41.17
C VAL D 279 12.96 -3.99 40.13
N THR D 280 14.00 -4.06 39.32
CA THR D 280 14.13 -5.08 38.28
C THR D 280 14.06 -6.50 38.84
N SER D 281 14.69 -6.72 39.99
CA SER D 281 14.78 -8.04 40.62
C SER D 281 13.42 -8.70 40.86
N PHE D 282 12.40 -7.88 41.08
CA PHE D 282 11.03 -8.36 41.27
C PHE D 282 10.50 -9.14 40.09
N ASN D 283 11.04 -8.85 38.91
CA ASN D 283 10.58 -9.48 37.67
C ASN D 283 11.58 -10.48 37.11
N GLN D 284 12.56 -10.85 37.92
CA GLN D 284 13.61 -11.78 37.53
C GLN D 284 13.49 -13.10 38.30
N PRO D 285 13.95 -14.21 37.69
CA PRO D 285 13.96 -15.52 38.35
C PRO D 285 14.77 -15.52 39.66
N GLU D 286 14.49 -16.50 40.52
CA GLU D 286 15.20 -16.66 41.79
C GLU D 286 16.70 -16.85 41.58
N PHE D 287 17.48 -16.50 42.59
CA PHE D 287 18.92 -16.63 42.54
C PHE D 287 19.41 -17.60 43.61
N LEU D 288 20.08 -18.66 43.16
CA LEU D 288 20.74 -19.60 44.08
C LEU D 288 22.11 -19.05 44.47
N ASN D 289 22.26 -18.73 45.75
CA ASN D 289 23.50 -18.16 46.27
C ASN D 289 24.57 -19.23 46.51
N PRO D 290 25.62 -19.27 45.66
CA PRO D 290 26.67 -20.29 45.82
C PRO D 290 27.44 -20.21 47.14
N ASP D 291 27.25 -19.12 47.89
CA ASP D 291 27.95 -18.90 49.17
C ASP D 291 27.29 -19.58 50.37
N ASP D 292 25.96 -19.75 50.31
CA ASP D 292 25.21 -20.35 51.41
C ASP D 292 24.17 -21.40 50.95
N GLY D 293 23.98 -21.51 49.65
CA GLY D 293 23.04 -22.48 49.08
C GLY D 293 21.56 -22.10 49.16
N LYS D 294 21.28 -20.92 49.70
CA LYS D 294 19.91 -20.41 49.80
C LYS D 294 19.49 -19.70 48.51
N THR D 295 18.22 -19.84 48.16
CA THR D 295 17.67 -19.14 47.00
C THR D 295 16.99 -17.85 47.44
N TYR D 296 17.23 -16.77 46.68
CA TYR D 296 16.69 -15.45 46.99
C TYR D 296 15.83 -14.94 45.83
N LYS D 297 14.68 -14.38 46.17
CA LYS D 297 13.73 -13.91 45.16
C LYS D 297 12.83 -12.81 45.71
N MET D 298 12.89 -11.64 45.07
CA MET D 298 11.97 -10.56 45.39
C MET D 298 10.69 -10.84 44.62
N ARG D 299 9.60 -10.99 45.36
CA ARG D 299 8.36 -11.56 44.82
C ARG D 299 7.37 -10.50 44.35
N THR D 300 6.64 -10.84 43.29
CA THR D 300 5.49 -10.06 42.86
C THR D 300 4.23 -10.85 43.17
N ASN D 301 3.25 -10.17 43.75
CA ASN D 301 1.94 -10.76 44.02
C ASN D 301 1.21 -11.09 42.73
N THR D 302 0.22 -11.98 42.82
CA THR D 302 -0.53 -12.46 41.64
C THR D 302 -1.33 -11.36 40.95
N ASP D 303 -1.59 -10.28 41.68
CA ASP D 303 -2.25 -9.12 41.07
C ASP D 303 -1.25 -8.27 40.30
N GLY D 304 0.05 -8.53 40.52
CA GLY D 304 1.11 -7.81 39.79
C GLY D 304 1.90 -6.80 40.62
N THR D 305 1.48 -6.59 41.86
CA THR D 305 2.15 -5.64 42.75
C THR D 305 3.34 -6.29 43.44
N ARG D 306 4.31 -5.47 43.85
CA ARG D 306 5.47 -5.97 44.60
C ARG D 306 5.05 -6.50 45.98
N ASN D 307 5.65 -7.62 46.37
CA ASN D 307 5.50 -8.15 47.72
C ASN D 307 5.96 -7.11 48.75
N ARG D 308 5.06 -6.76 49.66
CA ARG D 308 5.29 -5.69 50.65
C ARG D 308 6.43 -5.99 51.61
N GLU D 309 6.54 -7.24 52.05
CA GLU D 309 7.66 -7.68 52.90
C GLU D 309 9.00 -7.43 52.18
N ASP D 310 9.03 -7.72 50.89
CA ASP D 310 10.22 -7.55 50.06
C ASP D 310 10.58 -6.07 49.84
N GLU D 311 9.57 -5.23 49.64
CA GLU D 311 9.77 -3.79 49.56
C GLU D 311 10.41 -3.26 50.85
N LEU D 312 9.94 -3.77 51.99
CA LEU D 312 10.44 -3.39 53.30
C LEU D 312 11.91 -3.74 53.51
N LYS D 313 12.39 -4.77 52.81
CA LYS D 313 13.81 -5.13 52.81
C LYS D 313 14.64 -4.03 52.14
N ILE D 314 14.11 -3.46 51.06
CA ILE D 314 14.74 -2.32 50.39
C ILE D 314 14.71 -1.10 51.31
N VAL D 315 13.55 -0.83 51.91
CA VAL D 315 13.38 0.24 52.90
C VAL D 315 14.44 0.18 54.01
N SER D 316 14.61 -1.00 54.60
CA SER D 316 15.60 -1.22 55.65
C SER D 316 17.01 -1.01 55.12
N ALA D 317 17.29 -1.53 53.92
CA ALA D 317 18.61 -1.36 53.31
C ALA D 317 18.92 0.13 53.09
N ILE D 318 17.91 0.91 52.73
CA ILE D 318 18.07 2.35 52.54
C ILE D 318 18.36 3.06 53.87
N ILE D 319 17.57 2.75 54.89
CA ILE D 319 17.78 3.29 56.24
C ILE D 319 19.21 3.01 56.73
N ASP D 320 19.64 1.75 56.60
CA ASP D 320 21.00 1.35 56.98
C ASP D 320 22.09 2.09 56.20
N PHE D 321 21.92 2.22 54.89
CA PHE D 321 22.90 2.89 54.04
C PHE D 321 23.02 4.39 54.34
N LEU D 322 21.88 5.05 54.55
CA LEU D 322 21.87 6.47 54.95
C LEU D 322 22.57 6.65 56.29
N THR D 323 22.37 5.72 57.21
CA THR D 323 23.09 5.72 58.48
C THR D 323 24.61 5.61 58.23
N MET D 324 25.00 4.70 57.35
CA MET D 324 26.41 4.53 56.97
C MET D 324 27.02 5.81 56.36
N LEU D 325 26.29 6.40 55.40
CA LEU D 325 26.75 7.63 54.73
C LEU D 325 26.93 8.78 55.70
N ARG D 326 25.96 8.99 56.58
CA ARG D 326 26.02 10.07 57.57
C ARG D 326 27.17 9.87 58.56
N LYS D 327 27.40 8.62 58.96
CA LYS D 327 28.49 8.25 59.87
C LYS D 327 29.85 8.70 59.32
N HIS D 328 30.09 8.45 58.03
CA HIS D 328 31.37 8.78 57.42
C HIS D 328 31.41 10.16 56.80
N ASN D 329 30.24 10.77 56.63
CA ASN D 329 30.15 12.13 56.09
C ASN D 329 29.18 12.99 56.90
N PRO D 330 29.65 13.54 58.05
CA PRO D 330 28.77 14.22 59.01
C PRO D 330 28.06 15.47 58.50
N ASN D 331 28.65 16.16 57.53
CA ASN D 331 28.12 17.44 57.07
C ASN D 331 27.56 17.47 55.65
N ALA D 332 27.73 16.37 54.90
CA ALA D 332 27.34 16.34 53.49
C ALA D 332 25.83 16.35 53.27
N GLN D 333 25.39 17.01 52.20
CA GLN D 333 24.01 16.92 51.78
C GLN D 333 23.85 15.63 50.97
N ILE D 334 23.07 14.70 51.49
CA ILE D 334 22.83 13.43 50.78
C ILE D 334 21.58 13.59 49.92
N ILE D 335 21.73 13.33 48.62
CA ILE D 335 20.62 13.50 47.69
C ILE D 335 20.43 12.21 46.90
N TRP D 336 19.31 11.54 47.15
CA TRP D 336 18.98 10.35 46.38
C TRP D 336 18.43 10.81 45.08
N SER D 337 19.13 10.44 44.01
CA SER D 337 18.83 10.94 42.67
C SER D 337 18.60 9.76 41.75
N TYR D 338 17.35 9.56 41.37
CA TYR D 338 16.91 8.34 40.73
C TYR D 338 15.87 8.69 39.67
N GLY D 339 15.92 7.97 38.55
CA GLY D 339 14.88 8.10 37.54
C GLY D 339 15.27 7.96 36.08
N MET D 340 16.57 7.84 35.79
CA MET D 340 17.03 7.78 34.40
C MET D 340 16.61 6.52 33.64
N LEU D 341 16.37 5.43 34.37
CA LEU D 341 15.78 4.23 33.79
C LEU D 341 14.50 3.84 34.54
N GLY D 342 13.52 4.75 34.52
CA GLY D 342 12.24 4.51 35.18
C GLY D 342 12.22 5.01 36.61
N SER D 343 11.03 5.30 37.10
CA SER D 343 10.86 5.90 38.41
C SER D 343 9.97 5.06 39.34
N ASP D 344 9.85 3.77 39.06
CA ASP D 344 8.92 2.86 39.76
C ASP D 344 9.16 2.76 41.28
N LEU D 345 10.42 2.92 41.70
CA LEU D 345 10.78 2.73 43.10
C LEU D 345 10.74 4.03 43.93
N ASN D 346 10.28 5.13 43.34
CA ASN D 346 10.38 6.40 44.06
C ASN D 346 9.71 6.43 45.44
N LEU D 347 8.58 5.74 45.58
CA LEU D 347 7.85 5.70 46.86
C LEU D 347 8.54 4.82 47.90
N VAL D 348 9.10 3.68 47.47
CA VAL D 348 9.90 2.84 48.36
C VAL D 348 11.16 3.59 48.78
N ILE D 349 11.81 4.26 47.82
CA ILE D 349 12.99 5.08 48.10
C ILE D 349 12.70 6.18 49.13
N THR D 350 11.63 6.93 48.90
CA THR D 350 11.28 8.04 49.79
C THR D 350 10.78 7.56 51.15
N GLU D 351 10.13 6.39 51.19
CA GLU D 351 9.78 5.72 52.45
C GLU D 351 11.05 5.48 53.28
N GLY D 352 12.07 4.93 52.64
CA GLY D 352 13.37 4.72 53.28
C GLY D 352 13.99 6.01 53.79
N ILE D 353 13.99 7.05 52.95
CA ILE D 353 14.55 8.35 53.33
C ILE D 353 13.78 8.99 54.51
N ASN D 354 12.46 9.02 54.40
CA ASN D 354 11.61 9.63 55.43
C ASN D 354 11.70 8.90 56.77
N LYS D 355 11.69 7.57 56.74
CA LYS D 355 11.86 6.77 57.96
C LYS D 355 13.22 7.02 58.59
N TYR D 356 14.26 7.05 57.77
CA TYR D 356 15.60 7.36 58.28
C TYR D 356 15.63 8.74 58.95
N LYS D 357 15.08 9.73 58.24
CA LYS D 357 15.20 11.14 58.65
C LYS D 357 14.40 11.48 59.90
N GLU D 358 13.19 10.94 59.99
CA GLU D 358 12.31 11.18 61.13
C GLU D 358 12.93 10.67 62.43
N ASN D 359 13.55 9.50 62.36
CA ASN D 359 14.17 8.93 63.53
C ASN D 359 15.50 9.57 63.91
N ALA D 360 16.31 9.92 62.91
CA ALA D 360 17.66 10.43 63.14
C ALA D 360 17.72 11.95 63.30
N GLY D 361 16.64 12.64 62.92
CA GLY D 361 16.59 14.10 62.94
C GLY D 361 17.62 14.70 61.98
N ASP D 362 17.77 14.06 60.82
CA ASP D 362 18.75 14.45 59.81
C ASP D 362 18.07 15.33 58.76
N GLU D 363 18.42 16.61 58.77
CA GLU D 363 17.81 17.60 57.90
C GLU D 363 18.59 17.82 56.60
N LYS D 364 19.60 16.98 56.36
CA LYS D 364 20.42 17.10 55.15
C LYS D 364 20.37 15.85 54.28
N VAL D 365 19.15 15.35 54.08
CA VAL D 365 18.88 14.27 53.15
C VAL D 365 17.71 14.69 52.28
N SER D 366 17.86 14.54 50.97
CA SER D 366 16.86 14.96 50.02
C SER D 366 16.61 13.91 48.94
N PHE D 367 15.48 14.03 48.26
CA PHE D 367 15.19 13.21 47.09
C PHE D 367 15.03 14.12 45.88
N PHE D 368 15.74 13.79 44.79
CA PHE D 368 15.59 14.47 43.51
C PHE D 368 15.45 13.45 42.39
N GLN D 369 14.32 13.51 41.71
CA GLN D 369 14.05 12.58 40.64
C GLN D 369 14.64 13.10 39.34
N LEU D 370 15.46 12.26 38.71
CA LEU D 370 16.12 12.55 37.45
C LEU D 370 15.19 12.22 36.28
N PRO D 371 15.38 12.90 35.12
CA PRO D 371 14.51 12.66 33.98
C PRO D 371 14.69 11.27 33.36
N ASN D 372 13.60 10.68 32.92
CA ASN D 372 13.63 9.36 32.30
C ASN D 372 14.28 9.37 30.91
N THR D 373 15.01 8.31 30.58
CA THR D 373 15.55 8.16 29.23
C THR D 373 14.41 7.79 28.28
N THR D 374 14.21 8.59 27.25
CA THR D 374 13.18 8.31 26.24
C THR D 374 13.77 7.60 25.01
N MET D 375 12.90 7.16 24.12
CA MET D 375 13.28 6.27 23.00
C MET D 375 14.38 6.86 22.12
N GLU D 376 14.40 8.18 22.03
CA GLU D 376 15.34 8.93 21.21
C GLU D 376 16.74 9.00 21.85
N ASN D 377 16.82 8.78 23.16
CA ASN D 377 18.06 9.04 23.90
C ASN D 377 18.77 7.82 24.50
N PHE D 378 18.39 6.62 24.07
CA PHE D 378 19.06 5.41 24.50
C PHE D 378 20.42 5.26 23.83
N GLY D 379 21.38 4.72 24.54
CA GLY D 379 22.67 4.37 23.96
C GLY D 379 22.64 2.88 23.63
N SER D 380 23.71 2.18 23.97
CA SER D 380 23.75 0.73 23.85
C SER D 380 23.17 0.09 25.12
N HIS D 381 22.91 -1.22 25.06
CA HIS D 381 22.34 -1.99 26.17
C HIS D 381 21.01 -1.50 26.66
N MET D 382 20.27 -0.77 25.83
CA MET D 382 19.03 -0.11 26.28
C MET D 382 19.25 0.75 27.53
N ALA D 383 20.39 1.41 27.59
CA ALA D 383 20.75 2.23 28.73
C ALA D 383 20.80 3.69 28.27
N PRO D 384 20.95 4.65 29.22
CA PRO D 384 20.99 6.06 28.83
C PRO D 384 22.17 6.38 27.91
N GLY D 385 21.89 7.04 26.79
CA GLY D 385 22.93 7.50 25.87
C GLY D 385 23.45 8.86 26.30
N PRO D 386 24.43 9.42 25.56
CA PRO D 386 25.02 10.72 25.89
C PRO D 386 23.99 11.83 26.12
N LYS D 387 22.92 11.88 25.31
CA LYS D 387 21.89 12.92 25.44
C LYS D 387 21.11 12.80 26.73
N SER D 388 20.83 11.56 27.14
CA SER D 388 20.13 11.31 28.40
C SER D 388 20.99 11.73 29.59
N HIS D 389 22.26 11.33 29.56
CA HIS D 389 23.24 11.81 30.55
C HIS D 389 23.28 13.32 30.62
N GLN D 390 23.33 13.98 29.46
CA GLN D 390 23.28 15.44 29.37
C GLN D 390 22.02 16.03 30.01
N ASN D 391 20.86 15.46 29.67
CA ASN D 391 19.57 15.93 30.20
C ASN D 391 19.52 15.82 31.72
N ALA D 392 19.95 14.67 32.24
CA ALA D 392 19.99 14.42 33.68
C ALA D 392 20.95 15.37 34.37
N ALA D 393 22.12 15.59 33.76
CA ALA D 393 23.12 16.51 34.30
C ALA D 393 22.55 17.93 34.39
N LYS D 394 21.87 18.38 33.34
CA LYS D 394 21.24 19.71 33.34
C LYS D 394 20.31 19.88 34.54
N GLU D 395 19.42 18.91 34.76
CA GLU D 395 18.47 18.97 35.87
C GLU D 395 19.16 18.88 37.23
N LEU D 396 20.16 18.02 37.35
CA LEU D 396 20.85 17.83 38.61
C LEU D 396 21.72 19.04 38.96
N VAL D 397 22.37 19.63 37.96
CA VAL D 397 23.18 20.83 38.15
C VAL D 397 22.28 21.96 38.67
N ASP D 398 21.13 22.14 38.03
CA ASP D 398 20.14 23.13 38.47
C ASP D 398 19.73 22.90 39.93
N TYR D 399 19.46 21.65 40.30
CA TYR D 399 19.10 21.29 41.66
C TYR D 399 20.22 21.63 42.65
N LEU D 400 21.46 21.29 42.29
CA LEU D 400 22.61 21.49 43.16
C LEU D 400 22.96 22.96 43.37
N ARG D 401 22.87 23.76 42.31
CA ARG D 401 23.09 25.21 42.39
C ARG D 401 22.20 25.86 43.45
N ASN D 402 20.90 25.51 43.42
CA ASN D 402 19.93 26.01 44.39
C ASN D 402 20.10 25.44 45.79
N LYS D 403 20.34 24.12 45.87
CA LYS D 403 20.50 23.46 47.16
C LYS D 403 21.77 23.88 47.90
N LEU D 404 22.88 24.00 47.19
CA LEU D 404 24.16 24.27 47.82
C LEU D 404 24.58 25.74 47.77
N GLY D 405 23.80 26.56 47.06
CA GLY D 405 24.15 27.97 46.87
C GLY D 405 25.35 28.12 45.95
N TRP D 406 25.38 27.29 44.90
CA TRP D 406 26.45 27.31 43.92
C TRP D 406 26.02 27.99 42.64
N PHE D 407 25.66 29.26 42.73
CA PHE D 407 25.19 30.00 41.56
C PHE D 407 26.33 30.50 40.68
N LEU E 36 -11.75 58.86 31.93
CA LEU E 36 -10.95 58.52 30.71
C LEU E 36 -10.86 59.68 29.71
N GLN E 37 -9.65 60.22 29.54
CA GLN E 37 -9.39 61.27 28.55
C GLN E 37 -9.37 60.68 27.14
N TYR E 38 -9.64 61.51 26.14
CA TYR E 38 -9.49 61.10 24.75
C TYR E 38 -8.43 61.90 24.04
N THR E 39 -7.48 61.21 23.43
CA THR E 39 -6.44 61.87 22.65
C THR E 39 -6.40 61.25 21.27
N GLU E 40 -6.63 62.09 20.26
CA GLU E 40 -6.50 61.68 18.87
C GLU E 40 -5.05 61.29 18.60
N ILE E 41 -4.86 60.32 17.72
CA ILE E 41 -3.54 59.80 17.42
C ILE E 41 -2.58 60.89 16.94
N SER E 42 -3.08 61.81 16.14
CA SER E 42 -2.30 62.93 15.62
C SER E 42 -1.99 63.99 16.68
N ASN E 43 -2.63 63.89 17.85
CA ASN E 43 -2.39 64.81 18.96
C ASN E 43 -1.45 64.28 20.06
N ILE E 44 -0.78 63.17 19.77
CA ILE E 44 0.31 62.67 20.61
C ILE E 44 1.60 63.15 19.97
N SER E 45 2.43 63.86 20.74
CA SER E 45 3.69 64.39 20.20
C SER E 45 4.63 63.27 19.75
N SER E 46 5.43 63.55 18.73
CA SER E 46 6.24 62.51 18.06
C SER E 46 7.18 61.73 19.00
N ASP E 47 7.62 62.37 20.07
CA ASP E 47 8.46 61.71 21.08
C ASP E 47 7.70 60.70 21.96
N LYS E 48 6.36 60.73 21.89
CA LYS E 48 5.52 59.86 22.72
C LYS E 48 4.70 58.85 21.89
N ILE E 49 5.08 58.67 20.63
CA ILE E 49 4.44 57.67 19.78
C ILE E 49 5.38 57.18 18.69
N ASN E 50 5.39 55.86 18.50
CA ASN E 50 6.02 55.26 17.33
C ASN E 50 4.95 54.80 16.34
N ILE E 51 4.94 55.44 15.19
CA ILE E 51 4.07 54.94 14.12
C ILE E 51 4.86 53.92 13.31
N LEU E 52 4.30 52.72 13.21
CA LEU E 52 4.96 51.63 12.51
C LEU E 52 4.37 51.47 11.11
N GLY E 53 5.23 51.50 10.11
CA GLY E 53 4.78 51.36 8.73
C GLY E 53 4.70 52.63 7.92
N ARG E 54 4.70 52.48 6.60
CA ARG E 54 4.63 53.61 5.69
C ARG E 54 3.37 54.44 5.93
N THR E 55 3.57 55.75 6.02
CA THR E 55 2.47 56.70 6.12
C THR E 55 2.55 57.69 4.98
N GLY E 56 1.42 58.32 4.67
CA GLY E 56 1.37 59.36 3.65
C GLY E 56 0.92 60.67 4.25
N LYS E 57 0.18 61.45 3.46
CA LYS E 57 -0.26 62.78 3.90
C LYS E 57 -1.36 62.73 4.96
N LYS E 58 -2.19 61.68 4.93
CA LYS E 58 -3.30 61.57 5.89
C LYS E 58 -2.82 61.12 7.26
N ARG E 59 -3.05 61.96 8.27
CA ARG E 59 -2.56 61.68 9.63
C ARG E 59 -3.69 61.48 10.64
N GLN E 60 -4.87 61.99 10.34
CA GLN E 60 -6.01 61.86 11.24
C GLN E 60 -7.30 61.59 10.45
N PRO E 61 -7.93 60.42 10.67
CA PRO E 61 -7.40 59.25 11.39
C PRO E 61 -6.21 58.64 10.66
N LEU E 62 -5.43 57.83 11.36
CA LEU E 62 -4.24 57.24 10.76
C LEU E 62 -4.58 55.95 10.01
N PRO E 63 -4.39 55.95 8.68
CA PRO E 63 -4.55 54.70 7.92
C PRO E 63 -3.37 53.79 8.14
N VAL E 64 -3.67 52.52 8.42
CA VAL E 64 -2.66 51.49 8.62
C VAL E 64 -2.71 50.60 7.38
N PHE E 65 -1.81 50.88 6.44
CA PHE E 65 -1.86 50.28 5.11
C PHE E 65 -1.30 48.87 5.03
N PHE E 66 -0.20 48.62 5.75
CA PHE E 66 0.55 47.37 5.58
C PHE E 66 0.48 46.45 6.78
N ASN E 67 0.68 45.15 6.53
CA ASN E 67 0.95 44.16 7.58
C ASN E 67 2.12 44.66 8.44
N GLY E 68 2.02 44.48 9.75
CA GLY E 68 3.06 44.92 10.69
C GLY E 68 3.02 46.41 10.99
N GLY E 69 2.18 47.12 10.24
CA GLY E 69 1.96 48.55 10.47
C GLY E 69 1.03 48.74 11.66
N GLY E 70 1.17 49.86 12.35
CA GLY E 70 0.36 50.15 13.54
C GLY E 70 1.01 51.22 14.38
N VAL E 71 0.84 51.11 15.70
CA VAL E 71 1.37 52.11 16.62
C VAL E 71 1.92 51.53 17.90
N GLU E 72 2.89 52.24 18.46
CA GLU E 72 3.41 51.91 19.77
C GLU E 72 3.37 53.15 20.64
N VAL E 73 2.86 52.97 21.87
CA VAL E 73 2.87 54.03 22.87
C VAL E 73 3.34 53.43 24.19
N VAL E 74 3.72 54.28 25.12
CA VAL E 74 3.90 53.84 26.50
C VAL E 74 3.12 54.76 27.43
N VAL E 75 2.26 54.14 28.22
CA VAL E 75 1.29 54.88 29.01
C VAL E 75 1.19 54.31 30.41
N THR E 76 1.00 55.21 31.36
CA THR E 76 0.68 54.84 32.73
C THR E 76 -0.83 54.65 32.82
N GLY E 77 -1.35 54.45 34.03
CA GLY E 77 -2.79 54.37 34.24
C GLY E 77 -3.30 52.94 34.32
N SER E 78 -4.57 52.79 34.65
CA SER E 78 -5.19 51.48 34.85
C SER E 78 -5.77 50.91 33.55
N GLU E 79 -6.07 51.78 32.61
CA GLU E 79 -6.88 51.40 31.46
C GLU E 79 -6.48 52.12 30.17
N LEU E 80 -6.50 51.40 29.06
CA LEU E 80 -6.23 51.97 27.73
C LEU E 80 -7.11 51.33 26.67
N TRP E 81 -7.78 52.17 25.89
CA TRP E 81 -8.55 51.73 24.74
C TRP E 81 -8.08 52.43 23.51
N ILE E 82 -8.23 51.76 22.38
CA ILE E 82 -8.02 52.40 21.08
C ILE E 82 -9.36 52.45 20.33
N ASP E 83 -9.66 53.62 19.77
CA ASP E 83 -10.81 53.79 18.90
C ASP E 83 -10.30 53.70 17.48
N LEU E 84 -10.91 52.80 16.70
CA LEU E 84 -10.47 52.52 15.34
C LEU E 84 -11.65 52.23 14.43
N GLU E 85 -11.41 52.28 13.13
CA GLU E 85 -12.43 51.98 12.14
C GLU E 85 -11.86 50.96 11.17
N THR E 86 -12.69 50.00 10.79
CA THR E 86 -12.29 49.05 9.78
C THR E 86 -13.42 48.82 8.77
N ASP E 87 -13.04 48.41 7.58
CA ASP E 87 -14.01 47.95 6.60
C ASP E 87 -13.42 46.77 5.83
N SER E 88 -14.29 45.94 5.27
CA SER E 88 -13.89 44.75 4.54
C SER E 88 -15.12 44.03 4.04
N ASP E 89 -14.89 42.99 3.24
CA ASP E 89 -15.95 42.08 2.80
C ASP E 89 -15.50 40.63 3.01
N VAL E 90 -14.92 40.03 1.99
CA VAL E 90 -14.50 38.62 2.03
C VAL E 90 -13.30 38.43 2.96
N ASN E 91 -12.36 39.38 2.91
CA ASN E 91 -11.14 39.30 3.70
C ASN E 91 -11.16 40.29 4.87
N GLU E 92 -11.60 39.80 6.03
CA GLU E 92 -11.72 40.63 7.23
C GLU E 92 -10.35 41.00 7.84
N MET E 93 -10.33 42.10 8.58
CA MET E 93 -9.12 42.59 9.22
C MET E 93 -8.72 41.72 10.41
N TRP E 94 -7.41 41.60 10.64
CA TRP E 94 -6.87 41.00 11.85
C TRP E 94 -5.84 41.89 12.47
N VAL E 95 -5.81 41.92 13.80
CA VAL E 95 -4.81 42.68 14.54
C VAL E 95 -4.21 41.84 15.66
N ALA E 96 -3.02 42.24 16.10
CA ALA E 96 -2.33 41.58 17.19
C ALA E 96 -1.81 42.63 18.17
N LEU E 97 -1.78 42.24 19.44
CA LEU E 97 -1.43 43.13 20.54
C LEU E 97 -0.24 42.59 21.33
N GLU E 98 0.76 43.43 21.52
CA GLU E 98 1.91 43.09 22.36
C GLU E 98 2.06 44.13 23.46
N ILE E 99 2.20 43.65 24.69
CA ILE E 99 2.44 44.54 25.84
C ILE E 99 3.81 44.25 26.41
N ASN E 100 4.62 45.30 26.55
CA ASN E 100 6.00 45.18 27.04
C ASN E 100 6.80 44.14 26.24
N GLY E 101 6.57 44.09 24.93
CA GLY E 101 7.31 43.19 24.04
C GLY E 101 6.75 41.78 23.90
N ALA E 102 5.72 41.46 24.68
CA ALA E 102 5.19 40.09 24.73
C ALA E 102 3.83 39.98 24.07
N PHE E 103 3.65 38.94 23.26
CA PHE E 103 2.38 38.68 22.57
C PHE E 103 1.26 38.47 23.58
N ILE E 104 0.13 39.16 23.39
CA ILE E 104 -0.98 39.09 24.33
C ILE E 104 -2.28 38.62 23.66
N ALA E 105 -2.59 39.17 22.49
CA ALA E 105 -3.87 38.94 21.86
C ALA E 105 -3.79 38.99 20.35
N ARG E 106 -4.75 38.33 19.72
CA ARG E 106 -4.90 38.33 18.27
C ARG E 106 -6.38 38.04 17.98
N GLN E 107 -6.97 38.83 17.09
CA GLN E 107 -8.41 38.74 16.80
C GLN E 107 -8.79 39.38 15.47
N MET E 108 -9.91 38.91 14.90
CA MET E 108 -10.46 39.54 13.72
C MET E 108 -11.28 40.78 14.13
N LEU E 109 -11.38 41.71 13.19
CA LEU E 109 -12.24 42.88 13.35
C LEU E 109 -13.15 42.96 12.15
N LEU E 110 -14.46 42.96 12.41
CA LEU E 110 -15.45 43.06 11.34
C LEU E 110 -15.80 44.53 11.11
N PRO E 111 -16.42 44.86 9.96
CA PRO E 111 -16.58 46.28 9.58
C PRO E 111 -17.30 47.14 10.62
N GLY E 112 -16.91 48.41 10.67
CA GLY E 112 -17.51 49.38 11.58
C GLY E 112 -16.50 50.09 12.48
N GLU E 113 -17.02 50.89 13.42
CA GLU E 113 -16.20 51.57 14.40
C GLU E 113 -16.04 50.64 15.60
N HIS E 114 -14.82 50.54 16.11
CA HIS E 114 -14.56 49.71 17.29
C HIS E 114 -13.89 50.47 18.38
N SER E 115 -14.14 50.04 19.60
CA SER E 115 -13.38 50.48 20.75
C SER E 115 -12.76 49.24 21.39
N LEU E 116 -11.48 49.01 21.10
CA LEU E 116 -10.74 47.87 21.62
C LEU E 116 -10.07 48.21 22.94
N CYS E 117 -10.38 47.45 23.98
CA CYS E 117 -9.68 47.59 25.23
C CYS E 117 -8.33 46.88 25.16
N LEU E 118 -7.25 47.64 25.28
CA LEU E 118 -5.90 47.13 25.14
C LEU E 118 -5.35 46.63 26.48
N PHE E 119 -5.69 47.33 27.56
CA PHE E 119 -5.49 46.82 28.90
C PHE E 119 -6.43 47.48 29.90
N ARG E 120 -6.68 46.82 31.02
CA ARG E 120 -7.55 47.36 32.05
C ARG E 120 -7.19 46.81 33.42
N SER E 121 -7.65 47.52 34.45
CA SER E 121 -7.45 47.16 35.86
C SER E 121 -5.97 46.98 36.26
N MET E 122 -5.09 47.68 35.56
CA MET E 122 -3.66 47.63 35.87
C MET E 122 -3.26 48.64 36.94
N GLU E 123 -2.12 48.39 37.59
CA GLU E 123 -1.49 49.33 38.51
C GLU E 123 -1.22 50.67 37.79
N LYS E 124 -1.78 51.74 38.35
CA LYS E 124 -1.81 53.05 37.70
C LYS E 124 -0.46 53.74 37.49
N THR E 125 0.50 53.52 38.39
CA THR E 125 1.78 54.24 38.33
C THR E 125 2.81 53.66 37.35
N THR E 126 2.66 52.38 37.01
CA THR E 126 3.62 51.68 36.15
C THR E 126 3.35 51.98 34.66
N PRO E 127 4.38 52.38 33.92
CA PRO E 127 4.25 52.57 32.47
C PRO E 127 4.14 51.22 31.77
N LYS E 128 3.28 51.12 30.76
CA LYS E 128 3.20 49.91 29.94
C LYS E 128 3.47 50.29 28.50
N ARG E 129 4.35 49.52 27.85
CA ARG E 129 4.57 49.69 26.43
C ARG E 129 3.52 48.86 25.71
N VAL E 130 2.78 49.51 24.81
CA VAL E 130 1.66 48.88 24.12
C VAL E 130 1.85 49.00 22.62
N ARG E 131 1.87 47.86 21.94
CA ARG E 131 2.02 47.83 20.50
C ARG E 131 0.85 47.08 19.86
N LEU E 132 0.14 47.75 18.98
CA LEU E 132 -0.96 47.15 18.24
C LEU E 132 -0.70 47.31 16.76
N TYR E 133 -0.71 46.19 16.04
CA TYR E 133 -0.38 46.19 14.63
C TYR E 133 -1.29 45.30 13.78
N ARG E 134 -1.27 45.58 12.48
CA ARG E 134 -2.07 44.89 11.49
C ARG E 134 -1.43 43.54 11.14
N GLU E 135 -2.23 42.48 11.18
CA GLU E 135 -1.77 41.12 10.86
C GLU E 135 -1.87 40.80 9.36
N LEU E 136 -2.73 41.54 8.67
CA LEU E 136 -3.05 41.25 7.26
C LEU E 136 -2.29 42.16 6.30
N GLN E 137 -1.78 41.56 5.21
CA GLN E 137 -1.12 42.31 4.15
C GLN E 137 -2.07 43.33 3.52
N ALA E 138 -1.51 44.34 2.84
CA ALA E 138 -2.29 45.14 1.91
C ALA E 138 -2.87 44.20 0.87
N MET E 139 -4.06 44.52 0.37
CA MET E 139 -4.76 43.61 -0.54
C MET E 139 -4.97 44.29 -1.88
N ASN E 140 -4.17 43.88 -2.87
CA ASN E 140 -4.15 44.57 -4.16
C ASN E 140 -5.49 44.59 -4.88
N ASP E 141 -6.22 43.48 -4.82
CA ASP E 141 -7.46 43.32 -5.57
C ASP E 141 -8.70 43.51 -4.69
N ASP E 142 -8.52 44.18 -3.56
CA ASP E 142 -9.60 44.42 -2.61
C ASP E 142 -9.61 45.89 -2.22
N PRO E 143 -10.47 46.71 -2.86
CA PRO E 143 -10.46 48.15 -2.62
C PRO E 143 -11.21 48.58 -1.35
N LYS E 144 -11.88 47.64 -0.70
CA LYS E 144 -12.72 47.96 0.44
C LYS E 144 -12.00 47.83 1.79
N VAL E 145 -11.09 46.86 1.89
CA VAL E 145 -10.45 46.53 3.16
C VAL E 145 -9.56 47.69 3.64
N LYS E 146 -9.72 48.08 4.90
CA LYS E 146 -8.98 49.19 5.49
C LYS E 146 -8.93 49.09 7.02
N LEU E 147 -7.94 49.76 7.59
CA LEU E 147 -7.81 49.89 9.04
C LEU E 147 -7.33 51.31 9.35
N LEU E 148 -8.11 52.03 10.17
CA LEU E 148 -7.82 53.42 10.52
C LEU E 148 -7.76 53.55 12.03
N PHE E 149 -6.67 54.14 12.54
CA PHE E 149 -6.57 54.38 13.98
C PHE E 149 -6.99 55.82 14.27
N LYS E 150 -7.91 55.99 15.22
CA LYS E 150 -8.46 57.33 15.52
C LYS E 150 -7.82 57.99 16.73
N GLY E 151 -7.81 57.29 17.85
CA GLY E 151 -7.20 57.81 19.08
C GLY E 151 -7.29 56.82 20.22
N PHE E 152 -6.94 57.30 21.41
CA PHE E 152 -6.91 56.50 22.63
C PHE E 152 -7.79 57.07 23.74
N LYS E 153 -8.47 56.18 24.44
CA LYS E 153 -9.11 56.49 25.73
C LYS E 153 -8.18 55.98 26.82
N HIS E 154 -7.87 56.83 27.80
CA HIS E 154 -6.84 56.55 28.80
C HIS E 154 -6.99 57.39 30.04
N ASP E 155 -6.76 56.78 31.19
CA ASP E 155 -6.73 57.51 32.45
C ASP E 155 -5.30 57.89 32.85
N GLY E 156 -4.31 57.33 32.15
CA GLY E 156 -2.90 57.61 32.44
C GLY E 156 -2.30 58.61 31.49
N GLU E 157 -0.97 58.74 31.52
CA GLU E 157 -0.24 59.72 30.72
C GLU E 157 0.69 59.05 29.73
N PHE E 158 0.84 59.67 28.56
CA PHE E 158 1.76 59.18 27.55
C PHE E 158 3.19 59.53 27.95
N GLN E 159 4.06 58.53 27.88
CA GLN E 159 5.47 58.67 28.23
C GLN E 159 6.30 58.59 26.96
N ASN E 160 7.57 58.97 27.05
CA ASN E 160 8.48 58.85 25.91
C ASN E 160 8.57 57.39 25.48
N VAL E 161 8.52 57.16 24.18
CA VAL E 161 8.59 55.81 23.63
C VAL E 161 10.05 55.43 23.34
N PRO E 162 10.37 54.11 23.25
CA PRO E 162 11.70 53.75 22.79
C PRO E 162 11.99 54.37 21.42
N VAL E 163 13.22 54.81 21.21
CA VAL E 163 13.60 55.39 19.93
C VAL E 163 14.36 54.34 19.14
N TYR E 164 13.88 54.03 17.93
CA TYR E 164 14.51 53.07 17.04
C TYR E 164 15.26 53.78 15.91
N SER E 165 16.56 53.99 16.12
CA SER E 165 17.38 54.62 15.10
C SER E 165 17.66 53.64 13.96
N ARG E 166 17.76 52.36 14.30
CA ARG E 166 17.96 51.30 13.32
C ARG E 166 16.66 51.05 12.56
N LYS E 167 16.75 50.99 11.23
CA LYS E 167 15.57 50.81 10.38
C LYS E 167 15.81 49.74 9.32
N LEU E 168 14.80 48.87 9.15
CA LEU E 168 14.84 47.79 8.17
C LEU E 168 13.57 47.76 7.32
N GLU E 169 13.73 47.77 6.00
CA GLU E 169 12.58 47.55 5.12
C GLU E 169 12.62 46.11 4.59
N PHE E 170 11.46 45.45 4.57
CA PHE E 170 11.32 44.10 4.04
C PHE E 170 10.35 44.09 2.87
N ILE E 171 10.80 43.58 1.74
CA ILE E 171 9.99 43.49 0.53
C ILE E 171 9.87 42.00 0.19
N GLY E 172 8.63 41.51 0.04
CA GLY E 172 8.45 40.10 -0.22
C GLY E 172 7.10 39.64 -0.72
N ASP E 173 6.92 38.32 -0.67
CA ASP E 173 5.70 37.67 -1.11
C ASP E 173 4.96 37.11 0.11
N SER E 174 4.25 35.99 -0.04
CA SER E 174 3.46 35.44 1.06
C SER E 174 4.29 35.08 2.30
N ILE E 175 5.57 34.78 2.09
CA ILE E 175 6.48 34.47 3.20
C ILE E 175 6.62 35.71 4.09
N THR E 176 6.78 36.87 3.46
CA THR E 176 6.90 38.14 4.20
C THR E 176 5.53 38.62 4.73
N SER E 177 4.46 38.13 4.11
CA SER E 177 3.10 38.32 4.64
C SER E 177 2.78 37.30 5.75
N GLY E 178 3.71 36.40 6.03
CA GLY E 178 3.52 35.40 7.08
C GLY E 178 2.38 34.44 6.80
N GLU E 179 2.15 34.17 5.53
CA GLU E 179 1.13 33.22 5.09
C GLU E 179 1.45 31.83 5.59
N GLY E 180 0.58 31.27 6.41
CA GLY E 180 0.80 29.94 6.95
C GLY E 180 1.48 29.94 8.30
N SER E 181 1.82 31.13 8.82
CA SER E 181 2.40 31.25 10.15
C SER E 181 1.42 30.87 11.26
N TYR E 182 0.13 30.86 10.92
CA TYR E 182 -0.90 30.32 11.81
C TYR E 182 -1.68 29.26 11.03
N GLY E 183 -2.24 28.29 11.76
CA GLY E 183 -3.11 27.29 11.14
C GLY E 183 -2.48 25.92 11.08
N ALA E 184 -3.33 24.89 11.06
CA ALA E 184 -2.89 23.49 10.97
C ALA E 184 -2.23 23.17 9.63
N PHE E 185 -1.34 22.18 9.68
CA PHE E 185 -0.59 21.70 8.51
C PHE E 185 -1.45 21.52 7.26
N ASP E 186 -2.61 20.88 7.41
CA ASP E 186 -3.43 20.57 6.24
C ASP E 186 -4.44 21.64 5.81
N ASP E 187 -4.46 22.79 6.49
CA ASP E 187 -5.38 23.87 6.09
C ASP E 187 -4.91 24.55 4.80
N VAL E 188 -5.87 24.87 3.94
CA VAL E 188 -5.55 25.39 2.60
C VAL E 188 -6.34 26.61 2.16
N ASP E 189 -7.35 27.02 2.93
CA ASP E 189 -8.17 28.18 2.54
C ASP E 189 -7.35 29.47 2.54
N TRP E 190 -7.41 30.22 1.45
CA TRP E 190 -6.65 31.45 1.29
C TRP E 190 -7.32 32.62 1.96
N ILE E 191 -7.28 32.66 3.29
CA ILE E 191 -8.03 33.63 4.10
C ILE E 191 -7.15 34.27 5.21
N PRO E 192 -7.54 35.47 5.69
CA PRO E 192 -6.75 36.28 6.64
C PRO E 192 -6.24 35.62 7.92
N MET E 193 -6.99 34.71 8.53
CA MET E 193 -6.56 34.16 9.82
C MET E 193 -5.22 33.43 9.80
N TYR E 194 -4.79 33.04 8.60
CA TYR E 194 -3.54 32.28 8.44
C TYR E 194 -2.29 33.14 8.22
N MET E 195 -2.49 34.46 8.04
CA MET E 195 -1.42 35.41 7.79
C MET E 195 -1.07 36.19 9.06
N SER E 196 0.19 36.59 9.21
CA SER E 196 0.57 37.39 10.39
C SER E 196 1.84 38.20 10.25
N ALA E 197 1.93 39.23 11.08
CA ALA E 197 3.20 39.90 11.40
C ALA E 197 3.66 39.43 12.78
N SER E 198 2.74 38.86 13.55
CA SER E 198 3.03 38.39 14.91
C SER E 198 3.98 37.18 14.97
N ALA E 199 3.91 36.30 13.97
CA ALA E 199 4.81 35.15 13.85
C ALA E 199 5.46 35.20 12.47
N ASN E 200 6.59 35.88 12.38
CA ASN E 200 7.09 36.34 11.10
C ASN E 200 8.58 36.68 11.21
N TYR E 201 9.39 36.08 10.33
CA TYR E 201 10.84 36.21 10.37
C TYR E 201 11.31 37.68 10.35
N ALA E 202 10.55 38.51 9.62
CA ALA E 202 10.90 39.93 9.46
C ALA E 202 10.76 40.69 10.76
N THR E 203 9.64 40.50 11.46
CA THR E 203 9.41 41.17 12.73
C THR E 203 10.25 40.54 13.85
N MET E 204 10.50 39.23 13.76
CA MET E 204 11.43 38.57 14.68
C MET E 204 12.83 39.19 14.53
N THR E 205 13.23 39.40 13.27
CA THR E 205 14.53 40.00 12.96
C THR E 205 14.63 41.44 13.50
N ALA E 206 13.62 42.26 13.21
CA ALA E 206 13.59 43.65 13.66
C ALA E 206 13.63 43.77 15.18
N LYS E 207 12.85 42.92 15.85
CA LYS E 207 12.77 42.91 17.31
C LYS E 207 14.12 42.57 17.95
N ALA E 208 14.77 41.52 17.46
CA ALA E 208 16.09 41.11 17.96
C ALA E 208 17.11 42.22 17.83
N LEU E 209 16.99 43.00 16.76
CA LEU E 209 17.97 44.04 16.43
C LEU E 209 17.54 45.42 16.88
N ASN E 210 16.46 45.50 17.64
CA ASN E 210 15.93 46.78 18.15
C ASN E 210 15.70 47.77 17.01
N ALA E 211 15.12 47.29 15.93
CA ALA E 211 14.94 48.11 14.74
C ALA E 211 13.48 48.43 14.43
N ASP E 212 13.26 49.64 13.93
CA ASP E 212 12.02 50.00 13.26
C ASP E 212 11.96 49.18 11.98
N TYR E 213 10.76 48.82 11.52
CA TYR E 213 10.64 48.01 10.32
C TYR E 213 9.48 48.46 9.44
N HIS E 214 9.63 48.27 8.14
CA HIS E 214 8.54 48.42 7.18
C HIS E 214 8.38 47.14 6.41
N LEU E 215 7.15 46.63 6.33
CA LEU E 215 6.85 45.45 5.52
C LEU E 215 6.07 45.84 4.27
N VAL E 216 6.55 45.40 3.12
CA VAL E 216 5.88 45.63 1.84
C VAL E 216 5.80 44.29 1.13
N SER E 217 4.63 43.66 1.15
CA SER E 217 4.55 42.29 0.67
C SER E 217 3.23 41.93 0.01
N GLN E 218 3.25 40.92 -0.85
CA GLN E 218 2.05 40.46 -1.51
C GLN E 218 2.14 38.98 -1.90
N GLY E 219 1.25 38.18 -1.32
CA GLY E 219 1.15 36.75 -1.59
C GLY E 219 1.02 36.44 -3.07
N GLY E 220 1.83 35.50 -3.54
CA GLY E 220 1.76 35.05 -4.93
C GLY E 220 2.56 35.89 -5.91
N TRP E 221 3.01 37.07 -5.46
CA TRP E 221 3.71 38.00 -6.34
C TRP E 221 5.19 37.74 -6.43
N GLY E 222 5.79 38.09 -7.56
CA GLY E 222 7.22 37.91 -7.77
C GLY E 222 7.96 39.19 -8.07
N VAL E 223 9.22 39.07 -8.45
CA VAL E 223 9.99 40.24 -8.89
C VAL E 223 9.60 40.61 -10.32
N PHE E 224 9.21 39.58 -11.10
CA PHE E 224 8.81 39.76 -12.48
C PHE E 224 7.36 39.33 -12.74
N CYS E 225 6.94 38.20 -12.17
CA CYS E 225 5.58 37.73 -12.38
C CYS E 225 5.08 36.89 -11.21
N GLY E 226 3.75 36.79 -11.09
CA GLY E 226 3.12 35.93 -10.11
C GLY E 226 3.35 34.47 -10.42
N TRP E 227 3.12 33.62 -9.42
CA TRP E 227 3.29 32.17 -9.57
C TRP E 227 2.46 31.60 -10.70
N ASP E 228 1.37 32.29 -11.05
CA ASP E 228 0.45 31.85 -12.10
C ASP E 228 0.75 32.52 -13.44
N ASN E 229 1.97 33.04 -13.59
CA ASN E 229 2.40 33.73 -14.81
C ASN E 229 1.81 35.13 -15.03
N ASP E 230 1.05 35.63 -14.05
CA ASP E 230 0.48 36.97 -14.12
C ASP E 230 1.58 38.01 -14.00
N VAL E 231 1.93 38.56 -15.15
CA VAL E 231 3.02 39.53 -15.29
C VAL E 231 2.74 40.86 -14.58
N ARG E 232 1.47 41.13 -14.28
CA ARG E 232 1.08 42.35 -13.55
C ARG E 232 1.42 42.25 -12.07
N HIS E 233 1.55 41.02 -11.57
CA HIS E 233 1.75 40.79 -10.14
C HIS E 233 3.21 40.73 -9.77
N ASN E 234 3.86 41.89 -9.88
CA ASN E 234 5.25 42.06 -9.51
C ASN E 234 5.41 43.18 -8.48
N LEU E 235 6.28 42.96 -7.50
CA LEU E 235 6.51 43.96 -6.44
C LEU E 235 7.06 45.32 -6.91
N PRO E 236 8.02 45.33 -7.86
CA PRO E 236 8.55 46.62 -8.31
C PRO E 236 7.46 47.61 -8.76
N SER E 237 6.38 47.11 -9.35
CA SER E 237 5.30 47.95 -9.90
C SER E 237 4.53 48.73 -8.83
N VAL E 238 4.54 48.24 -7.60
CA VAL E 238 3.81 48.89 -6.51
C VAL E 238 4.72 49.49 -5.42
N TYR E 239 6.02 49.45 -5.64
CA TYR E 239 6.99 49.87 -4.61
C TYR E 239 7.01 51.36 -4.28
N GLU E 240 6.83 52.21 -5.29
CA GLU E 240 7.12 53.65 -5.16
C GLU E 240 6.02 54.50 -4.52
N LYS E 241 4.79 54.00 -4.51
CA LYS E 241 3.67 54.72 -3.88
C LYS E 241 3.63 54.46 -2.38
N VAL E 242 2.92 55.32 -1.65
CA VAL E 242 2.72 55.14 -0.21
C VAL E 242 2.27 53.72 0.11
N CYS E 243 1.22 53.27 -0.56
CA CYS E 243 0.82 51.88 -0.58
C CYS E 243 0.21 51.55 -1.94
N GLY E 244 1.07 51.16 -2.88
CA GLY E 244 0.66 50.84 -4.26
C GLY E 244 -0.35 49.71 -4.33
N LEU E 245 -0.33 48.87 -3.30
CA LEU E 245 -1.23 47.73 -3.15
C LEU E 245 -2.58 48.12 -2.53
N ALA E 246 -2.77 49.41 -2.27
CA ALA E 246 -4.06 49.91 -1.83
C ALA E 246 -4.68 50.76 -2.94
N LYS E 247 -5.58 50.14 -3.71
CA LYS E 247 -6.13 50.72 -4.94
C LYS E 247 -7.60 51.13 -4.79
N GLY E 248 -8.11 51.92 -5.75
CA GLY E 248 -9.51 52.34 -5.74
C GLY E 248 -9.67 53.72 -5.12
N GLU E 249 -10.84 54.33 -5.30
CA GLU E 249 -11.02 55.74 -4.93
C GLU E 249 -10.90 55.98 -3.42
N MET E 250 -11.41 55.03 -2.62
CA MET E 250 -11.35 55.13 -1.17
C MET E 250 -9.89 55.17 -0.69
N ASN E 251 -9.08 54.20 -1.12
CA ASN E 251 -7.65 54.20 -0.81
C ASN E 251 -6.94 55.43 -1.38
N GLU E 252 -7.42 55.92 -2.52
CA GLU E 252 -6.88 57.16 -3.10
C GLU E 252 -7.10 58.34 -2.17
N GLU E 253 -8.29 58.42 -1.57
CA GLU E 253 -8.58 59.47 -0.57
C GLU E 253 -7.71 59.32 0.68
N LEU E 254 -7.36 58.09 1.02
CA LEU E 254 -6.47 57.84 2.14
C LEU E 254 -5.01 58.22 1.86
N GLY E 255 -4.70 58.51 0.59
CA GLY E 255 -3.36 58.93 0.19
C GLY E 255 -2.40 57.83 -0.22
N ALA E 256 -2.93 56.63 -0.46
CA ALA E 256 -2.11 55.45 -0.77
C ALA E 256 -1.45 55.52 -2.14
N GLN E 257 -2.06 56.24 -3.07
CA GLN E 257 -1.59 56.27 -4.46
C GLN E 257 -0.69 57.45 -4.79
N GLU E 258 -0.41 58.27 -3.78
CA GLU E 258 0.59 59.32 -3.93
C GLU E 258 1.98 58.70 -3.81
N GLU E 259 2.97 59.38 -4.36
CA GLU E 259 4.36 58.93 -4.27
C GLU E 259 4.81 58.94 -2.81
N TYR E 260 5.47 57.87 -2.40
CA TYR E 260 5.97 57.76 -1.03
C TYR E 260 7.14 58.72 -0.79
N ASP E 261 7.17 59.33 0.39
CA ASP E 261 8.25 60.24 0.79
C ASP E 261 9.41 59.45 1.40
N PHE E 262 10.25 58.87 0.54
CA PHE E 262 11.37 58.02 0.98
C PHE E 262 12.37 58.73 1.87
N ALA E 263 12.57 60.03 1.62
CA ALA E 263 13.48 60.86 2.44
C ALA E 263 13.08 60.90 3.92
N SER E 264 11.80 60.70 4.21
CA SER E 264 11.32 60.75 5.60
C SER E 264 11.64 59.48 6.41
N TRP E 265 12.06 58.42 5.73
CA TRP E 265 12.33 57.13 6.38
C TRP E 265 13.34 56.34 5.57
N GLN E 266 14.60 56.47 5.94
CA GLN E 266 15.69 55.82 5.22
C GLN E 266 16.25 54.61 5.98
N PRO E 267 16.05 53.40 5.42
CA PRO E 267 16.45 52.19 6.14
C PRO E 267 17.95 51.93 6.05
N ASP E 268 18.49 51.33 7.10
CA ASP E 268 19.88 50.89 7.12
C ASP E 268 20.10 49.72 6.15
N ALA E 269 19.07 48.89 6.03
CA ALA E 269 19.11 47.77 5.11
C ALA E 269 17.72 47.51 4.54
N ILE E 270 17.72 47.03 3.31
CA ILE E 270 16.49 46.59 2.65
C ILE E 270 16.64 45.09 2.35
N ILE E 271 15.77 44.29 2.96
CA ILE E 271 15.75 42.85 2.77
C ILE E 271 14.73 42.51 1.67
N VAL E 272 15.22 41.96 0.56
CA VAL E 272 14.38 41.61 -0.56
C VAL E 272 14.21 40.10 -0.65
N ASN E 273 13.03 39.62 -0.26
CA ASN E 273 12.73 38.19 -0.28
C ASN E 273 11.73 37.90 -1.39
N LEU E 274 12.27 37.88 -2.61
CA LEU E 274 11.48 37.60 -3.80
C LEU E 274 12.19 36.56 -4.68
N GLY E 275 11.39 35.85 -5.47
CA GLY E 275 11.92 34.88 -6.41
C GLY E 275 11.14 33.59 -6.39
N THR E 276 10.57 33.26 -5.23
CA THR E 276 9.85 32.01 -5.05
C THR E 276 8.73 31.83 -6.08
N ASN E 277 7.95 32.89 -6.28
CA ASN E 277 6.85 32.83 -7.24
C ASN E 277 7.29 32.90 -8.69
N ASP E 278 8.39 33.62 -8.93
CA ASP E 278 8.98 33.68 -10.26
C ASP E 278 9.43 32.29 -10.74
N VAL E 279 10.07 31.52 -9.86
CA VAL E 279 10.50 30.16 -10.24
C VAL E 279 9.31 29.24 -10.47
N THR E 280 8.30 29.35 -9.61
CA THR E 280 7.11 28.51 -9.67
C THR E 280 6.39 28.62 -11.01
N SER E 281 6.36 29.84 -11.56
CA SER E 281 5.63 30.14 -12.80
C SER E 281 6.05 29.26 -13.98
N PHE E 282 7.33 28.88 -14.04
CA PHE E 282 7.84 28.00 -15.10
C PHE E 282 7.09 26.66 -15.20
N ASN E 283 6.50 26.22 -14.10
CA ASN E 283 5.75 24.96 -14.08
C ASN E 283 4.24 25.15 -14.02
N GLN E 284 3.79 26.35 -14.38
CA GLN E 284 2.37 26.69 -14.31
C GLN E 284 1.82 27.03 -15.67
N PRO E 285 0.51 26.79 -15.89
CA PRO E 285 -0.13 27.11 -17.17
C PRO E 285 0.00 28.59 -17.56
N GLU E 286 -0.12 28.88 -18.85
CA GLU E 286 -0.07 30.24 -19.37
C GLU E 286 -1.15 31.13 -18.76
N PHE E 287 -0.91 32.44 -18.76
CA PHE E 287 -1.85 33.39 -18.17
C PHE E 287 -2.43 34.31 -19.23
N LEU E 288 -3.76 34.37 -19.30
CA LEU E 288 -4.44 35.30 -20.19
C LEU E 288 -4.69 36.62 -19.45
N ASN E 289 -3.93 37.64 -19.85
CA ASN E 289 -4.02 38.96 -19.27
C ASN E 289 -5.24 39.71 -19.82
N PRO E 290 -6.24 39.99 -18.96
CA PRO E 290 -7.46 40.67 -19.43
C PRO E 290 -7.24 42.13 -19.84
N ASP E 291 -6.13 42.71 -19.39
CA ASP E 291 -5.84 44.13 -19.63
C ASP E 291 -5.24 44.41 -21.02
N ASP E 292 -4.66 43.39 -21.66
CA ASP E 292 -4.12 43.54 -23.01
C ASP E 292 -4.46 42.37 -23.95
N GLY E 293 -5.17 41.38 -23.43
CA GLY E 293 -5.58 40.21 -24.20
C GLY E 293 -4.48 39.23 -24.61
N LYS E 294 -3.26 39.50 -24.16
CA LYS E 294 -2.11 38.67 -24.51
C LYS E 294 -1.91 37.54 -23.48
N THR E 295 -1.41 36.40 -23.94
CA THR E 295 -1.12 35.29 -23.04
C THR E 295 0.35 35.29 -22.61
N TYR E 296 0.60 34.94 -21.35
CA TYR E 296 1.95 35.00 -20.80
C TYR E 296 2.35 33.68 -20.15
N LYS E 297 3.55 33.21 -20.45
CA LYS E 297 4.02 31.91 -20.00
C LYS E 297 5.54 31.84 -19.88
N MET E 298 6.01 31.58 -18.66
CA MET E 298 7.43 31.29 -18.43
C MET E 298 7.64 29.82 -18.79
N ARG E 299 8.50 29.60 -19.78
CA ARG E 299 8.56 28.32 -20.48
C ARG E 299 9.65 27.39 -19.95
N THR E 300 9.35 26.09 -19.99
CA THR E 300 10.32 25.04 -19.69
C THR E 300 10.54 24.22 -20.96
N ASN E 301 11.81 24.04 -21.31
CA ASN E 301 12.22 23.25 -22.48
C ASN E 301 11.86 21.78 -22.31
N THR E 302 11.78 21.05 -23.43
CA THR E 302 11.53 19.60 -23.41
C THR E 302 12.67 18.88 -22.67
N ASP E 303 13.76 19.64 -22.50
CA ASP E 303 14.94 19.34 -21.68
C ASP E 303 14.62 19.14 -20.19
N GLY E 304 13.53 19.78 -19.74
CA GLY E 304 13.26 19.94 -18.32
C GLY E 304 13.85 21.22 -17.76
N THR E 305 14.74 21.86 -18.53
CA THR E 305 15.39 23.10 -18.10
C THR E 305 14.52 24.33 -18.39
N ARG E 306 14.75 25.40 -17.64
CA ARG E 306 14.03 26.66 -17.84
C ARG E 306 14.44 27.30 -19.15
N ASN E 307 13.48 27.90 -19.85
CA ASN E 307 13.77 28.72 -21.02
C ASN E 307 14.69 29.88 -20.64
N ARG E 308 15.80 30.00 -21.36
CA ARG E 308 16.85 30.97 -21.01
C ARG E 308 16.41 32.41 -21.25
N GLU E 309 15.73 32.68 -22.35
CA GLU E 309 15.17 34.00 -22.63
C GLU E 309 14.26 34.45 -21.48
N ASP E 310 13.48 33.50 -20.96
CA ASP E 310 12.57 33.76 -19.84
C ASP E 310 13.32 34.01 -18.52
N GLU E 311 14.42 33.30 -18.30
CA GLU E 311 15.29 33.58 -17.15
C GLU E 311 15.85 35.00 -17.22
N LEU E 312 16.27 35.41 -18.41
CA LEU E 312 16.83 36.74 -18.65
C LEU E 312 15.83 37.87 -18.40
N LYS E 313 14.54 37.57 -18.56
CA LYS E 313 13.47 38.49 -18.20
C LYS E 313 13.44 38.79 -16.70
N ILE E 314 13.64 37.74 -15.89
CA ILE E 314 13.76 37.89 -14.44
C ILE E 314 15.01 38.69 -14.08
N VAL E 315 16.13 38.34 -14.70
CA VAL E 315 17.41 39.05 -14.49
C VAL E 315 17.25 40.55 -14.73
N SER E 316 16.66 40.92 -15.86
CA SER E 316 16.40 42.31 -16.20
C SER E 316 15.49 42.99 -15.18
N ALA E 317 14.46 42.26 -14.73
CA ALA E 317 13.56 42.79 -13.72
C ALA E 317 14.31 43.05 -12.42
N ILE E 318 15.26 42.17 -12.09
CA ILE E 318 16.09 42.34 -10.92
C ILE E 318 17.01 43.56 -11.05
N ILE E 319 17.68 43.70 -12.20
CA ILE E 319 18.50 44.89 -12.49
C ILE E 319 17.67 46.19 -12.34
N ASP E 320 16.50 46.21 -12.98
CA ASP E 320 15.62 47.38 -12.92
C ASP E 320 15.14 47.69 -11.51
N PHE E 321 14.79 46.66 -10.75
CA PHE E 321 14.31 46.86 -9.38
C PHE E 321 15.40 47.36 -8.45
N LEU E 322 16.62 46.84 -8.61
CA LEU E 322 17.75 47.29 -7.79
C LEU E 322 18.06 48.76 -8.07
N THR E 323 17.97 49.15 -9.34
CA THR E 323 18.11 50.54 -9.75
C THR E 323 17.07 51.42 -9.03
N MET E 324 15.82 50.96 -9.02
CA MET E 324 14.71 51.63 -8.33
C MET E 324 14.99 51.77 -6.84
N LEU E 325 15.37 50.66 -6.20
CA LEU E 325 15.72 50.64 -4.79
C LEU E 325 16.85 51.61 -4.45
N ARG E 326 17.88 51.63 -5.27
CA ARG E 326 19.03 52.53 -5.06
C ARG E 326 18.63 54.00 -5.23
N LYS E 327 17.83 54.28 -6.26
CA LYS E 327 17.32 55.63 -6.53
C LYS E 327 16.61 56.23 -5.30
N HIS E 328 15.77 55.45 -4.65
CA HIS E 328 14.97 55.94 -3.51
C HIS E 328 15.65 55.78 -2.18
N ASN E 329 16.67 54.94 -2.14
CA ASN E 329 17.45 54.70 -0.92
C ASN E 329 18.96 54.72 -1.20
N PRO E 330 19.55 55.93 -1.30
CA PRO E 330 20.95 56.08 -1.73
C PRO E 330 22.01 55.42 -0.87
N ASN E 331 21.75 55.23 0.43
CA ASN E 331 22.76 54.73 1.34
C ASN E 331 22.51 53.33 1.90
N ALA E 332 21.34 52.78 1.60
CA ALA E 332 20.93 51.49 2.14
C ALA E 332 21.78 50.31 1.64
N GLN E 333 22.06 49.39 2.54
CA GLN E 333 22.57 48.07 2.16
C GLN E 333 21.39 47.22 1.68
N ILE E 334 21.42 46.87 0.39
CA ILE E 334 20.36 46.06 -0.19
C ILE E 334 20.79 44.61 -0.13
N ILE E 335 19.99 43.79 0.56
CA ILE E 335 20.31 42.37 0.78
C ILE E 335 19.17 41.50 0.26
N TRP E 336 19.42 40.85 -0.87
CA TRP E 336 18.49 39.88 -1.40
C TRP E 336 18.58 38.65 -0.55
N SER E 337 17.47 38.33 0.14
CA SER E 337 17.44 37.24 1.09
C SER E 337 16.34 36.27 0.71
N TYR E 338 16.73 35.07 0.29
CA TYR E 338 15.83 34.13 -0.38
C TYR E 338 16.21 32.70 0.00
N GLY E 339 15.21 31.83 0.12
CA GLY E 339 15.49 30.39 0.33
C GLY E 339 14.56 29.62 1.24
N MET E 340 13.61 30.32 1.86
CA MET E 340 12.72 29.69 2.84
C MET E 340 11.75 28.67 2.22
N LEU E 341 11.46 28.84 0.93
CA LEU E 341 10.70 27.83 0.17
C LEU E 341 11.45 27.45 -1.10
N GLY E 342 12.63 26.86 -0.92
CA GLY E 342 13.47 26.46 -2.04
C GLY E 342 14.43 27.55 -2.47
N SER E 343 15.51 27.13 -3.12
CA SER E 343 16.58 28.04 -3.50
C SER E 343 16.92 27.92 -4.97
N ASP E 344 15.99 27.41 -5.78
CA ASP E 344 16.25 27.15 -7.19
C ASP E 344 16.62 28.38 -8.02
N LEU E 345 16.17 29.55 -7.59
CA LEU E 345 16.45 30.77 -8.33
C LEU E 345 17.73 31.47 -7.91
N ASN E 346 18.50 30.86 -7.02
CA ASN E 346 19.66 31.59 -6.50
C ASN E 346 20.67 32.07 -7.55
N LEU E 347 20.90 31.26 -8.59
CA LEU E 347 21.83 31.63 -9.66
C LEU E 347 21.29 32.75 -10.57
N VAL E 348 20.00 32.68 -10.87
CA VAL E 348 19.32 33.72 -11.66
C VAL E 348 19.30 35.02 -10.86
N ILE E 349 18.97 34.93 -9.57
CA ILE E 349 18.97 36.09 -8.68
C ILE E 349 20.35 36.77 -8.62
N THR E 350 21.38 35.97 -8.40
CA THR E 350 22.75 36.51 -8.28
C THR E 350 23.28 37.03 -9.61
N GLU E 351 22.82 36.45 -10.72
CA GLU E 351 23.13 36.99 -12.05
C GLU E 351 22.59 38.42 -12.15
N GLY E 352 21.33 38.60 -11.74
CA GLY E 352 20.69 39.91 -11.70
C GLY E 352 21.45 40.88 -10.81
N ILE E 353 21.84 40.44 -9.62
CA ILE E 353 22.60 41.28 -8.69
C ILE E 353 23.96 41.62 -9.25
N ASN E 354 24.68 40.62 -9.75
CA ASN E 354 26.02 40.84 -10.29
C ASN E 354 26.07 41.77 -11.50
N LYS E 355 25.15 41.58 -12.44
CA LYS E 355 25.08 42.46 -13.60
C LYS E 355 24.73 43.89 -13.21
N TYR E 356 23.76 44.05 -12.31
CA TYR E 356 23.39 45.38 -11.82
C TYR E 356 24.59 46.09 -11.19
N LYS E 357 25.27 45.43 -10.26
CA LYS E 357 26.33 46.09 -9.50
C LYS E 357 27.56 46.43 -10.37
N GLU E 358 27.81 45.63 -11.40
CA GLU E 358 28.86 45.91 -12.38
C GLU E 358 28.50 47.13 -13.24
N ASN E 359 27.29 47.13 -13.79
CA ASN E 359 26.81 48.24 -14.62
C ASN E 359 26.67 49.56 -13.86
N ALA E 360 26.38 49.48 -12.56
CA ALA E 360 26.10 50.67 -11.74
C ALA E 360 27.22 51.09 -10.80
N GLY E 361 28.23 50.23 -10.64
CA GLY E 361 29.32 50.48 -9.70
C GLY E 361 28.82 50.56 -8.26
N ASP E 362 27.85 49.70 -7.93
CA ASP E 362 27.20 49.71 -6.63
C ASP E 362 27.72 48.57 -5.76
N GLU E 363 28.49 48.92 -4.72
CA GLU E 363 29.07 47.93 -3.82
C GLU E 363 28.06 47.39 -2.80
N LYS E 364 27.10 48.22 -2.39
CA LYS E 364 26.23 47.90 -1.24
C LYS E 364 24.96 47.11 -1.62
N VAL E 365 25.18 46.06 -2.43
CA VAL E 365 24.16 45.05 -2.73
C VAL E 365 24.76 43.69 -2.42
N SER E 366 24.03 42.86 -1.68
CA SER E 366 24.51 41.54 -1.26
C SER E 366 23.45 40.45 -1.46
N PHE E 367 23.90 39.19 -1.44
CA PHE E 367 22.99 38.05 -1.45
C PHE E 367 23.21 37.24 -0.18
N PHE E 368 22.12 36.93 0.51
CA PHE E 368 22.16 35.99 1.63
C PHE E 368 21.06 34.95 1.46
N GLN E 369 21.45 33.68 1.46
CA GLN E 369 20.47 32.62 1.31
C GLN E 369 19.90 32.26 2.68
N LEU E 370 18.58 32.27 2.76
CA LEU E 370 17.86 31.89 3.97
C LEU E 370 17.71 30.36 4.05
N PRO E 371 17.61 29.82 5.28
CA PRO E 371 17.42 28.37 5.41
C PRO E 371 16.06 27.90 4.87
N ASN E 372 16.07 26.74 4.22
CA ASN E 372 14.87 26.15 3.65
C ASN E 372 13.98 25.59 4.75
N THR E 373 12.67 25.62 4.53
CA THR E 373 11.72 25.04 5.47
C THR E 373 11.73 23.51 5.29
N THR E 374 12.00 22.78 6.36
CA THR E 374 12.04 21.32 6.30
C THR E 374 10.73 20.76 6.85
N MET E 375 10.54 19.44 6.71
CA MET E 375 9.27 18.79 7.06
C MET E 375 8.71 19.05 8.46
N GLU E 376 9.57 19.18 9.45
CA GLU E 376 9.10 19.48 10.81
C GLU E 376 8.65 20.94 10.99
N ASN E 377 8.92 21.79 10.00
CA ASN E 377 8.77 23.24 10.18
C ASN E 377 7.73 23.97 9.35
N PHE E 378 6.89 23.22 8.62
CA PHE E 378 5.81 23.82 7.86
C PHE E 378 4.67 24.26 8.78
N GLY E 379 4.00 25.33 8.37
CA GLY E 379 2.78 25.78 9.05
C GLY E 379 1.61 25.27 8.24
N SER E 380 0.65 26.12 7.97
CA SER E 380 -0.44 25.79 7.03
C SER E 380 -0.01 26.17 5.61
N HIS E 381 -0.81 25.75 4.63
CA HIS E 381 -0.55 26.07 3.21
C HIS E 381 0.77 25.62 2.67
N MET E 382 1.39 24.61 3.30
CA MET E 382 2.73 24.17 2.93
C MET E 382 3.72 25.36 2.89
N ALA E 383 3.55 26.30 3.81
CA ALA E 383 4.38 27.48 3.88
C ALA E 383 5.21 27.43 5.17
N PRO E 384 6.17 28.37 5.34
CA PRO E 384 6.96 28.34 6.58
C PRO E 384 6.10 28.54 7.84
N GLY E 385 6.25 27.63 8.80
CA GLY E 385 5.59 27.78 10.10
C GLY E 385 6.44 28.64 11.03
N PRO E 386 5.94 28.89 12.26
CA PRO E 386 6.66 29.70 13.24
C PRO E 386 8.13 29.29 13.44
N LYS E 387 8.40 27.99 13.46
CA LYS E 387 9.76 27.51 13.67
C LYS E 387 10.67 27.82 12.49
N SER E 388 10.10 27.78 11.28
CA SER E 388 10.87 28.15 10.09
C SER E 388 11.19 29.64 10.10
N HIS E 389 10.18 30.46 10.41
CA HIS E 389 10.38 31.91 10.55
C HIS E 389 11.44 32.22 11.56
N GLN E 390 11.41 31.50 12.69
CA GLN E 390 12.39 31.59 13.75
C GLN E 390 13.82 31.25 13.25
N ASN E 391 13.96 30.11 12.59
CA ASN E 391 15.24 29.68 12.02
C ASN E 391 15.82 30.71 11.04
N ALA E 392 14.97 31.19 10.14
CA ALA E 392 15.37 32.19 9.16
C ALA E 392 15.80 33.49 9.83
N ALA E 393 15.05 33.88 10.87
CA ALA E 393 15.36 35.08 11.64
C ALA E 393 16.72 34.98 12.34
N LYS E 394 16.99 33.86 13.00
CA LYS E 394 18.30 33.62 13.63
C LYS E 394 19.45 33.80 12.62
N GLU E 395 19.34 33.18 11.45
CA GLU E 395 20.39 33.29 10.44
C GLU E 395 20.48 34.71 9.84
N LEU E 396 19.33 35.34 9.62
CA LEU E 396 19.31 36.71 9.10
C LEU E 396 19.85 37.72 10.11
N VAL E 397 19.49 37.57 11.38
CA VAL E 397 19.98 38.44 12.44
C VAL E 397 21.51 38.36 12.54
N ASP E 398 22.05 37.14 12.55
CA ASP E 398 23.51 36.92 12.52
C ASP E 398 24.17 37.63 11.33
N TYR E 399 23.59 37.47 10.15
CA TYR E 399 24.10 38.10 8.94
C TYR E 399 24.13 39.64 9.07
N LEU E 400 23.05 40.21 9.59
CA LEU E 400 22.92 41.66 9.71
C LEU E 400 23.85 42.24 10.76
N ARG E 401 24.03 41.53 11.88
CA ARG E 401 25.01 41.93 12.91
C ARG E 401 26.40 42.08 12.30
N ASN E 402 26.80 41.11 11.48
CA ASN E 402 28.10 41.14 10.82
C ASN E 402 28.19 42.14 9.67
N LYS E 403 27.14 42.21 8.85
CA LYS E 403 27.11 43.12 7.70
C LYS E 403 27.07 44.60 8.10
N LEU E 404 26.24 44.92 9.10
CA LEU E 404 26.02 46.31 9.52
C LEU E 404 26.82 46.69 10.76
N GLY E 405 27.52 45.70 11.32
CA GLY E 405 28.25 45.91 12.56
C GLY E 405 27.33 46.18 13.73
N TRP E 406 26.15 45.54 13.72
CA TRP E 406 25.19 45.68 14.81
C TRP E 406 25.39 44.64 15.88
N PHE E 407 26.54 44.67 16.54
CA PHE E 407 26.90 43.64 17.51
C PHE E 407 26.29 43.86 18.88
N VAL F 35 22.39 -7.71 4.38
CA VAL F 35 22.58 -6.62 3.37
C VAL F 35 22.30 -7.13 1.95
N LEU F 36 21.95 -6.20 1.07
CA LEU F 36 21.68 -6.51 -0.32
C LEU F 36 22.80 -5.96 -1.20
N GLN F 37 23.21 -6.76 -2.20
CA GLN F 37 24.15 -6.29 -3.20
C GLN F 37 23.41 -5.34 -4.14
N TYR F 38 24.16 -4.44 -4.76
CA TYR F 38 23.59 -3.59 -5.81
C TYR F 38 24.28 -3.89 -7.13
N THR F 39 23.48 -4.23 -8.13
CA THR F 39 24.04 -4.44 -9.47
C THR F 39 23.34 -3.56 -10.47
N GLU F 40 24.11 -2.69 -11.12
CA GLU F 40 23.59 -1.87 -12.21
C GLU F 40 23.12 -2.78 -13.34
N ILE F 41 22.04 -2.37 -14.00
CA ILE F 41 21.42 -3.19 -15.04
C ILE F 41 22.40 -3.57 -16.17
N SER F 42 23.22 -2.61 -16.57
CA SER F 42 24.20 -2.79 -17.64
C SER F 42 25.38 -3.68 -17.22
N ASN F 43 25.49 -3.99 -15.93
CA ASN F 43 26.54 -4.86 -15.41
C ASN F 43 26.08 -6.31 -15.18
N ILE F 44 24.88 -6.63 -15.64
CA ILE F 44 24.40 -8.02 -15.65
C ILE F 44 24.75 -8.59 -17.02
N SER F 45 25.43 -9.73 -17.05
CA SER F 45 25.81 -10.37 -18.31
C SER F 45 24.56 -10.72 -19.13
N SER F 46 24.68 -10.68 -20.46
CA SER F 46 23.52 -10.88 -21.34
C SER F 46 22.79 -12.21 -21.08
N ASP F 47 23.53 -13.19 -20.56
CA ASP F 47 23.01 -14.52 -20.19
C ASP F 47 22.08 -14.52 -18.99
N LYS F 48 22.18 -13.50 -18.15
CA LYS F 48 21.44 -13.48 -16.90
C LYS F 48 20.41 -12.35 -16.84
N ILE F 49 20.09 -11.79 -18.01
CA ILE F 49 19.01 -10.81 -18.13
C ILE F 49 18.34 -10.88 -19.50
N ASN F 50 17.02 -10.82 -19.49
CA ASN F 50 16.25 -10.64 -20.72
C ASN F 50 15.68 -9.24 -20.71
N ILE F 51 16.14 -8.41 -21.64
CA ILE F 51 15.53 -7.10 -21.83
C ILE F 51 14.38 -7.23 -22.80
N LEU F 52 13.19 -6.87 -22.34
CA LEU F 52 11.99 -6.96 -23.16
C LEU F 52 11.70 -5.62 -23.80
N GLY F 53 11.58 -5.61 -25.12
CA GLY F 53 11.24 -4.39 -25.85
C GLY F 53 12.43 -3.77 -26.55
N ARG F 54 12.15 -2.94 -27.53
CA ARG F 54 13.17 -2.25 -28.30
C ARG F 54 14.10 -1.43 -27.43
N THR F 55 15.41 -1.59 -27.65
CA THR F 55 16.42 -0.78 -26.97
C THR F 55 17.29 -0.02 -27.97
N GLY F 56 17.89 1.06 -27.51
CA GLY F 56 18.80 1.86 -28.32
C GLY F 56 20.20 1.89 -27.75
N LYS F 57 20.90 2.99 -27.99
CA LYS F 57 22.30 3.12 -27.61
C LYS F 57 22.53 3.23 -26.10
N LYS F 58 21.55 3.79 -25.38
CA LYS F 58 21.70 4.04 -23.95
C LYS F 58 21.49 2.78 -23.14
N ARG F 59 22.53 2.41 -22.41
CA ARG F 59 22.57 1.15 -21.66
C ARG F 59 22.43 1.35 -20.15
N GLN F 60 22.89 2.51 -19.67
CA GLN F 60 22.87 2.82 -18.25
C GLN F 60 22.53 4.30 -17.98
N PRO F 61 21.36 4.56 -17.35
CA PRO F 61 20.33 3.57 -17.03
C PRO F 61 19.63 3.11 -18.30
N LEU F 62 18.84 2.04 -18.20
CA LEU F 62 18.11 1.50 -19.34
C LEU F 62 16.76 2.18 -19.51
N PRO F 63 16.54 2.87 -20.64
CA PRO F 63 15.22 3.44 -20.90
C PRO F 63 14.27 2.35 -21.38
N VAL F 64 13.07 2.33 -20.80
CA VAL F 64 12.02 1.39 -21.20
C VAL F 64 11.01 2.20 -22.01
N PHE F 65 11.06 2.04 -23.32
CA PHE F 65 10.33 2.91 -24.24
C PHE F 65 8.87 2.55 -24.46
N PHE F 66 8.58 1.26 -24.57
CA PHE F 66 7.26 0.78 -25.00
C PHE F 66 6.51 0.03 -23.90
N ASN F 67 5.17 0.05 -24.00
CA ASN F 67 4.33 -0.88 -23.24
C ASN F 67 4.79 -2.32 -23.43
N GLY F 68 4.72 -3.12 -22.37
CA GLY F 68 5.23 -4.50 -22.38
C GLY F 68 6.74 -4.58 -22.29
N GLY F 69 7.40 -3.43 -22.34
CA GLY F 69 8.85 -3.36 -22.23
C GLY F 69 9.27 -3.47 -20.78
N GLY F 70 10.47 -4.00 -20.56
CA GLY F 70 10.97 -4.13 -19.20
C GLY F 70 12.05 -5.16 -19.12
N VAL F 71 12.12 -5.88 -17.99
CA VAL F 71 13.20 -6.83 -17.75
C VAL F 71 12.71 -8.13 -17.15
N GLU F 72 13.44 -9.19 -17.43
CA GLU F 72 13.22 -10.47 -16.77
C GLU F 72 14.54 -11.01 -16.27
N VAL F 73 14.58 -11.38 -15.00
CA VAL F 73 15.74 -12.05 -14.41
C VAL F 73 15.28 -13.32 -13.70
N VAL F 74 16.22 -14.22 -13.43
CA VAL F 74 15.96 -15.31 -12.49
C VAL F 74 16.99 -15.33 -11.38
N VAL F 75 16.49 -15.09 -10.18
CA VAL F 75 17.34 -14.86 -9.02
C VAL F 75 16.99 -15.78 -7.87
N THR F 76 18.02 -16.16 -7.12
CA THR F 76 17.84 -16.80 -5.83
C THR F 76 17.72 -15.69 -4.78
N GLY F 77 17.70 -16.05 -3.50
CA GLY F 77 17.69 -15.08 -2.41
C GLY F 77 16.31 -14.83 -1.83
N SER F 78 16.27 -14.13 -0.69
CA SER F 78 15.02 -13.83 0.00
C SER F 78 14.34 -12.56 -0.51
N GLU F 79 15.12 -11.69 -1.15
CA GLU F 79 14.66 -10.33 -1.42
C GLU F 79 15.22 -9.76 -2.72
N LEU F 80 14.38 -9.01 -3.43
CA LEU F 80 14.78 -8.33 -4.67
C LEU F 80 14.06 -6.98 -4.83
N TRP F 81 14.85 -5.93 -5.08
CA TRP F 81 14.32 -4.61 -5.40
C TRP F 81 14.86 -4.18 -6.74
N ILE F 82 14.07 -3.36 -7.45
CA ILE F 82 14.57 -2.65 -8.62
C ILE F 82 14.62 -1.15 -8.31
N ASP F 83 15.76 -0.54 -8.64
CA ASP F 83 15.91 0.90 -8.57
C ASP F 83 15.60 1.47 -9.93
N LEU F 84 14.66 2.41 -9.97
CA LEU F 84 14.31 3.03 -11.24
C LEU F 84 14.01 4.51 -11.14
N GLU F 85 13.88 5.16 -12.29
CA GLU F 85 13.54 6.56 -12.38
C GLU F 85 12.37 6.73 -13.34
N THR F 86 11.42 7.56 -12.94
CA THR F 86 10.32 7.91 -13.82
C THR F 86 10.05 9.40 -13.78
N ASP F 87 9.51 9.91 -14.88
CA ASP F 87 8.99 11.27 -14.90
C ASP F 87 7.71 11.29 -15.71
N SER F 88 6.88 12.31 -15.47
CA SER F 88 5.56 12.42 -16.09
C SER F 88 4.87 13.69 -15.63
N ASP F 89 3.79 14.04 -16.31
CA ASP F 89 2.92 15.14 -15.91
C ASP F 89 1.49 14.60 -15.82
N VAL F 90 0.70 14.83 -16.85
CA VAL F 90 -0.70 14.40 -16.88
C VAL F 90 -0.80 12.86 -16.90
N ASN F 91 0.15 12.22 -17.59
CA ASN F 91 0.12 10.77 -17.81
C ASN F 91 1.17 10.00 -17.02
N GLU F 92 0.79 9.57 -15.82
CA GLU F 92 1.72 8.91 -14.91
C GLU F 92 2.06 7.49 -15.36
N MET F 93 3.23 7.02 -14.98
CA MET F 93 3.72 5.68 -15.33
C MET F 93 2.95 4.59 -14.58
N TRP F 94 2.77 3.44 -15.23
CA TRP F 94 2.23 2.24 -14.58
C TRP F 94 3.10 1.06 -14.90
N VAL F 95 3.28 0.18 -13.93
CA VAL F 95 4.06 -1.05 -14.13
C VAL F 95 3.31 -2.24 -13.59
N ALA F 96 3.71 -3.43 -14.02
CA ALA F 96 3.13 -4.67 -13.54
C ALA F 96 4.22 -5.71 -13.32
N LEU F 97 4.02 -6.57 -12.33
CA LEU F 97 5.01 -7.54 -11.90
C LEU F 97 4.47 -8.96 -12.00
N GLU F 98 5.25 -9.83 -12.63
CA GLU F 98 4.92 -11.26 -12.73
C GLU F 98 6.06 -12.09 -12.14
N ILE F 99 5.73 -13.01 -11.25
CA ILE F 99 6.71 -13.93 -10.67
C ILE F 99 6.38 -15.36 -11.08
N ASN F 100 7.39 -16.06 -11.61
CA ASN F 100 7.23 -17.41 -12.17
C ASN F 100 6.06 -17.49 -13.16
N GLY F 101 5.91 -16.43 -13.95
CA GLY F 101 4.88 -16.35 -14.98
C GLY F 101 3.49 -15.97 -14.50
N ALA F 102 3.33 -15.68 -13.21
CA ALA F 102 2.02 -15.34 -12.65
C ALA F 102 1.92 -13.87 -12.24
N PHE F 103 0.80 -13.23 -12.61
CA PHE F 103 0.55 -11.84 -12.22
C PHE F 103 0.51 -11.70 -10.70
N ILE F 104 1.24 -10.70 -10.19
CA ILE F 104 1.35 -10.46 -8.75
C ILE F 104 0.86 -9.05 -8.38
N ALA F 105 1.28 -8.05 -9.15
CA ALA F 105 1.09 -6.66 -8.74
C ALA F 105 1.04 -5.72 -9.91
N ARG F 106 0.42 -4.56 -9.69
CA ARG F 106 0.27 -3.53 -10.69
C ARG F 106 0.06 -2.22 -9.95
N GLN F 107 0.82 -1.20 -10.31
CA GLN F 107 0.76 0.07 -9.60
C GLN F 107 1.18 1.26 -10.43
N MET F 108 0.72 2.43 -9.99
CA MET F 108 1.11 3.70 -10.55
C MET F 108 2.50 4.08 -10.02
N LEU F 109 3.27 4.82 -10.82
CA LEU F 109 4.53 5.39 -10.36
C LEU F 109 4.57 6.88 -10.65
N LEU F 110 4.69 7.69 -9.60
CA LEU F 110 4.76 9.15 -9.75
C LEU F 110 6.21 9.60 -9.90
N PRO F 111 6.43 10.80 -10.48
CA PRO F 111 7.80 11.24 -10.85
C PRO F 111 8.83 11.13 -9.72
N GLY F 112 10.06 10.79 -10.08
CA GLY F 112 11.17 10.73 -9.12
C GLY F 112 11.94 9.42 -9.13
N GLU F 113 12.78 9.24 -8.12
CA GLU F 113 13.54 8.01 -7.94
C GLU F 113 12.72 7.05 -7.11
N HIS F 114 12.73 5.77 -7.50
CA HIS F 114 12.02 4.73 -6.75
C HIS F 114 12.87 3.53 -6.52
N SER F 115 12.69 2.92 -5.36
CA SER F 115 13.16 1.58 -5.11
C SER F 115 11.94 0.74 -4.85
N LEU F 116 11.56 -0.09 -5.83
CA LEU F 116 10.39 -0.96 -5.73
C LEU F 116 10.78 -2.35 -5.26
N CYS F 117 10.14 -2.83 -4.20
CA CYS F 117 10.40 -4.16 -3.72
C CYS F 117 9.60 -5.16 -4.55
N LEU F 118 10.31 -6.06 -5.22
CA LEU F 118 9.69 -7.02 -6.13
C LEU F 118 9.32 -8.31 -5.41
N PHE F 119 10.18 -8.77 -4.51
CA PHE F 119 9.81 -9.81 -3.56
C PHE F 119 10.64 -9.71 -2.29
N ARG F 120 10.11 -10.27 -1.20
CA ARG F 120 10.81 -10.28 0.07
C ARG F 120 10.36 -11.45 0.94
N SER F 121 11.17 -11.76 1.96
CA SER F 121 10.93 -12.86 2.89
C SER F 121 10.81 -14.23 2.22
N MET F 122 11.37 -14.38 1.03
CA MET F 122 11.30 -15.64 0.30
C MET F 122 12.39 -16.62 0.71
N GLU F 123 12.14 -17.90 0.44
CA GLU F 123 13.12 -18.97 0.61
C GLU F 123 14.37 -18.69 -0.22
N LYS F 124 15.54 -18.63 0.43
CA LYS F 124 16.78 -18.12 -0.18
C LYS F 124 17.38 -18.95 -1.30
N THR F 125 17.22 -20.27 -1.23
CA THR F 125 17.93 -21.16 -2.18
C THR F 125 17.19 -21.37 -3.51
N THR F 126 15.88 -21.13 -3.51
CA THR F 126 15.06 -21.41 -4.69
C THR F 126 15.07 -20.23 -5.67
N PRO F 127 15.33 -20.50 -6.97
CA PRO F 127 15.26 -19.44 -7.97
C PRO F 127 13.82 -19.01 -8.26
N LYS F 128 13.63 -17.71 -8.48
CA LYS F 128 12.35 -17.17 -8.97
C LYS F 128 12.60 -16.43 -10.26
N ARG F 129 11.70 -16.61 -11.22
CA ARG F 129 11.73 -15.80 -12.43
C ARG F 129 10.90 -14.56 -12.14
N VAL F 130 11.49 -13.40 -12.42
CA VAL F 130 10.83 -12.12 -12.15
C VAL F 130 10.76 -11.30 -13.43
N ARG F 131 9.56 -10.85 -13.77
CA ARG F 131 9.35 -10.00 -14.94
C ARG F 131 8.66 -8.72 -14.47
N LEU F 132 9.30 -7.58 -14.73
CA LEU F 132 8.69 -6.28 -14.48
C LEU F 132 8.65 -5.49 -15.77
N TYR F 133 7.45 -5.03 -16.13
CA TYR F 133 7.26 -4.37 -17.40
C TYR F 133 6.34 -3.16 -17.31
N ARG F 134 6.42 -2.32 -18.33
CA ARG F 134 5.68 -1.07 -18.43
C ARG F 134 4.26 -1.36 -18.93
N GLU F 135 3.27 -0.78 -18.26
CA GLU F 135 1.85 -0.98 -18.61
C GLU F 135 1.34 0.04 -19.63
N LEU F 136 2.03 1.17 -19.73
CA LEU F 136 1.61 2.32 -20.52
C LEU F 136 2.34 2.37 -21.87
N GLN F 137 1.60 2.68 -22.93
CA GLN F 137 2.17 2.85 -24.26
C GLN F 137 3.18 3.99 -24.27
N ALA F 138 4.01 4.04 -25.31
CA ALA F 138 4.78 5.24 -25.61
C ALA F 138 3.75 6.34 -25.87
N MET F 139 4.08 7.59 -25.53
CA MET F 139 3.13 8.68 -25.65
C MET F 139 3.64 9.74 -26.63
N ASN F 140 3.08 9.75 -27.83
CA ASN F 140 3.56 10.61 -28.92
C ASN F 140 3.60 12.11 -28.59
N ASP F 141 2.58 12.60 -27.89
CA ASP F 141 2.46 14.04 -27.62
C ASP F 141 3.04 14.45 -26.28
N ASP F 142 3.65 13.50 -25.57
CA ASP F 142 4.13 13.73 -24.22
C ASP F 142 5.65 13.57 -24.13
N PRO F 143 6.40 14.69 -24.02
CA PRO F 143 7.86 14.64 -24.03
C PRO F 143 8.50 14.43 -22.65
N LYS F 144 7.69 14.33 -21.61
CA LYS F 144 8.19 14.25 -20.24
C LYS F 144 8.19 12.81 -19.72
N VAL F 145 7.12 12.08 -20.02
CA VAL F 145 6.93 10.72 -19.50
C VAL F 145 8.06 9.77 -19.93
N LYS F 146 8.65 9.10 -18.94
CA LYS F 146 9.73 8.14 -19.17
C LYS F 146 9.81 7.12 -18.04
N LEU F 147 10.50 6.02 -18.31
CA LEU F 147 10.80 5.02 -17.30
C LEU F 147 12.20 4.48 -17.56
N LEU F 148 13.07 4.60 -16.54
CA LEU F 148 14.48 4.20 -16.64
C LEU F 148 14.81 3.18 -15.57
N PHE F 149 15.32 2.02 -15.97
CA PHE F 149 15.75 1.01 -15.02
C PHE F 149 17.24 1.19 -14.70
N LYS F 150 17.57 1.32 -13.43
CA LYS F 150 18.95 1.61 -13.04
C LYS F 150 19.71 0.37 -12.56
N GLY F 151 19.09 -0.43 -11.69
CA GLY F 151 19.74 -1.61 -11.14
C GLY F 151 18.90 -2.39 -10.14
N PHE F 152 19.44 -3.52 -9.67
CA PHE F 152 18.76 -4.37 -8.70
C PHE F 152 19.46 -4.40 -7.35
N LYS F 153 18.68 -4.43 -6.28
CA LYS F 153 19.17 -4.77 -4.96
C LYS F 153 18.75 -6.19 -4.68
N HIS F 154 19.72 -7.02 -4.27
CA HIS F 154 19.51 -8.46 -4.20
C HIS F 154 20.43 -9.12 -3.22
N ASP F 155 19.90 -10.06 -2.45
CA ASP F 155 20.72 -10.89 -1.58
C ASP F 155 21.12 -12.23 -2.22
N GLY F 156 20.42 -12.63 -3.28
CA GLY F 156 20.75 -13.85 -4.00
C GLY F 156 21.56 -13.59 -5.25
N GLU F 157 21.71 -14.63 -6.07
CA GLU F 157 22.51 -14.55 -7.30
C GLU F 157 21.65 -14.54 -8.54
N PHE F 158 22.11 -13.87 -9.58
CA PHE F 158 21.50 -13.94 -10.89
C PHE F 158 21.85 -15.28 -11.52
N GLN F 159 20.85 -15.94 -12.08
CA GLN F 159 21.10 -17.17 -12.83
C GLN F 159 20.78 -16.92 -14.29
N ASN F 160 21.13 -17.89 -15.13
CA ASN F 160 20.81 -17.81 -16.55
C ASN F 160 19.31 -17.69 -16.77
N VAL F 161 18.93 -16.83 -17.71
CA VAL F 161 17.51 -16.59 -17.98
C VAL F 161 17.05 -17.45 -19.15
N PRO F 162 15.71 -17.58 -19.36
CA PRO F 162 15.28 -18.32 -20.54
C PRO F 162 15.84 -17.74 -21.83
N VAL F 163 16.21 -18.62 -22.74
CA VAL F 163 16.62 -18.22 -24.09
C VAL F 163 15.37 -18.29 -24.95
N TYR F 164 14.89 -17.13 -25.40
CA TYR F 164 13.73 -17.11 -26.28
C TYR F 164 14.21 -17.00 -27.70
N SER F 165 14.28 -18.16 -28.37
CA SER F 165 14.55 -18.22 -29.79
C SER F 165 13.34 -17.67 -30.55
N ARG F 166 12.15 -17.94 -30.02
CA ARG F 166 10.90 -17.42 -30.61
C ARG F 166 10.73 -15.92 -30.31
N LYS F 167 10.39 -15.17 -31.35
CA LYS F 167 10.27 -13.71 -31.23
C LYS F 167 9.08 -13.21 -32.04
N LEU F 168 8.24 -12.39 -31.40
CA LEU F 168 7.06 -11.87 -32.05
C LEU F 168 6.99 -10.36 -31.91
N GLU F 169 6.80 -9.65 -33.02
CA GLU F 169 6.51 -8.21 -32.96
C GLU F 169 5.03 -7.96 -33.18
N PHE F 170 4.45 -7.10 -32.34
CA PHE F 170 3.06 -6.68 -32.47
C PHE F 170 2.98 -5.17 -32.75
N ILE F 171 2.30 -4.84 -33.84
CA ILE F 171 2.10 -3.44 -34.22
C ILE F 171 0.61 -3.15 -34.20
N GLY F 172 0.20 -2.10 -33.50
CA GLY F 172 -1.22 -1.81 -33.44
C GLY F 172 -1.65 -0.48 -32.86
N ASP F 173 -2.93 -0.43 -32.50
CA ASP F 173 -3.57 0.77 -31.97
C ASP F 173 -3.90 0.56 -30.49
N SER F 174 -5.01 1.12 -30.00
CA SER F 174 -5.34 1.02 -28.58
C SER F 174 -5.58 -0.41 -28.11
N ILE F 175 -6.00 -1.28 -29.01
CA ILE F 175 -6.23 -2.69 -28.67
C ILE F 175 -4.90 -3.32 -28.26
N THR F 176 -3.84 -2.98 -29.00
CA THR F 176 -2.49 -3.49 -28.73
C THR F 176 -1.86 -2.76 -27.55
N SER F 177 -2.34 -1.54 -27.28
CA SER F 177 -2.01 -0.82 -26.04
C SER F 177 -2.85 -1.32 -24.86
N GLY F 178 -3.78 -2.24 -25.12
CA GLY F 178 -4.66 -2.79 -24.09
C GLY F 178 -5.53 -1.74 -23.40
N GLU F 179 -5.89 -0.70 -24.15
CA GLU F 179 -6.73 0.37 -23.62
C GLU F 179 -8.12 -0.22 -23.39
N GLY F 180 -8.61 -0.14 -22.16
CA GLY F 180 -9.87 -0.76 -21.77
C GLY F 180 -9.74 -2.11 -21.09
N SER F 181 -8.52 -2.65 -21.02
CA SER F 181 -8.29 -3.96 -20.41
C SER F 181 -8.48 -3.95 -18.90
N TYR F 182 -8.39 -2.77 -18.30
CA TYR F 182 -8.77 -2.55 -16.91
C TYR F 182 -9.83 -1.45 -16.87
N GLY F 183 -10.65 -1.46 -15.83
CA GLY F 183 -11.68 -0.42 -15.63
C GLY F 183 -13.09 -0.89 -15.92
N ALA F 184 -14.07 -0.21 -15.31
CA ALA F 184 -15.49 -0.54 -15.44
C ALA F 184 -16.04 -0.18 -16.83
N PHE F 185 -17.11 -0.88 -17.21
CA PHE F 185 -17.79 -0.68 -18.50
C PHE F 185 -18.02 0.79 -18.90
N ASP F 186 -18.60 1.57 -18.00
CA ASP F 186 -18.99 2.95 -18.31
C ASP F 186 -17.86 4.00 -18.24
N ASP F 187 -16.66 3.58 -17.82
CA ASP F 187 -15.52 4.51 -17.69
C ASP F 187 -15.02 5.02 -19.04
N VAL F 188 -14.78 6.33 -19.14
CA VAL F 188 -14.41 6.97 -20.42
C VAL F 188 -13.14 7.84 -20.40
N ASP F 189 -12.62 8.16 -19.22
CA ASP F 189 -11.42 9.03 -19.11
C ASP F 189 -10.20 8.43 -19.79
N TRP F 190 -9.58 9.20 -20.67
CA TRP F 190 -8.43 8.71 -21.43
C TRP F 190 -7.16 8.84 -20.62
N ILE F 191 -6.99 7.94 -19.67
CA ILE F 191 -5.90 8.01 -18.70
C ILE F 191 -5.18 6.66 -18.56
N PRO F 192 -3.93 6.67 -18.05
CA PRO F 192 -3.07 5.47 -17.97
C PRO F 192 -3.61 4.23 -17.23
N MET F 193 -4.36 4.40 -16.14
CA MET F 193 -4.79 3.24 -15.35
C MET F 193 -5.60 2.18 -16.11
N TYR F 194 -6.17 2.56 -17.25
CA TYR F 194 -7.03 1.66 -18.04
C TYR F 194 -6.29 0.91 -19.15
N MET F 195 -5.01 1.22 -19.34
CA MET F 195 -4.16 0.58 -20.35
C MET F 195 -3.28 -0.47 -19.70
N SER F 196 -2.94 -1.53 -20.45
CA SER F 196 -2.04 -2.56 -19.92
C SER F 196 -1.39 -3.43 -20.97
N ALA F 197 -0.25 -4.02 -20.58
CA ALA F 197 0.34 -5.19 -21.22
C ALA F 197 0.06 -6.46 -20.37
N SER F 198 -0.34 -6.26 -19.12
CA SER F 198 -0.65 -7.38 -18.21
C SER F 198 -1.93 -8.14 -18.58
N ALA F 199 -2.89 -7.44 -19.18
CA ALA F 199 -4.11 -8.07 -19.67
C ALA F 199 -4.27 -7.67 -21.12
N ASN F 200 -3.68 -8.45 -22.01
CA ASN F 200 -3.46 -8.01 -23.39
C ASN F 200 -3.27 -9.23 -24.28
N TYR F 201 -4.02 -9.32 -25.38
CA TYR F 201 -3.97 -10.48 -26.28
C TYR F 201 -2.55 -10.77 -26.80
N ALA F 202 -1.76 -9.72 -27.02
CA ALA F 202 -0.41 -9.85 -27.57
C ALA F 202 0.56 -10.56 -26.60
N THR F 203 0.59 -10.11 -25.35
CA THR F 203 1.41 -10.75 -24.33
C THR F 203 0.85 -12.12 -23.92
N MET F 204 -0.47 -12.26 -23.96
CA MET F 204 -1.12 -13.57 -23.78
C MET F 204 -0.61 -14.56 -24.85
N THR F 205 -0.57 -14.09 -26.08
CA THR F 205 -0.09 -14.89 -27.20
C THR F 205 1.40 -15.24 -27.05
N ALA F 206 2.22 -14.24 -26.73
CA ALA F 206 3.66 -14.44 -26.53
C ALA F 206 3.94 -15.43 -25.40
N LYS F 207 3.23 -15.28 -24.28
CA LYS F 207 3.40 -16.16 -23.13
C LYS F 207 3.04 -17.61 -23.44
N ALA F 208 1.90 -17.82 -24.09
CA ALA F 208 1.46 -19.18 -24.42
C ALA F 208 2.46 -19.88 -25.33
N LEU F 209 3.14 -19.08 -26.15
CA LEU F 209 4.06 -19.60 -27.15
C LEU F 209 5.52 -19.56 -26.70
N ASN F 210 5.76 -19.09 -25.47
CA ASN F 210 7.12 -19.01 -24.92
C ASN F 210 8.01 -18.12 -25.81
N ALA F 211 7.47 -16.96 -26.19
CA ALA F 211 8.14 -16.07 -27.13
C ALA F 211 8.50 -14.73 -26.51
N ASP F 212 9.68 -14.23 -26.88
CA ASP F 212 10.03 -12.84 -26.69
C ASP F 212 9.10 -12.00 -27.59
N TYR F 213 8.78 -10.79 -27.15
CA TYR F 213 7.83 -9.94 -27.87
C TYR F 213 8.23 -8.47 -27.83
N HIS F 214 7.89 -7.76 -28.89
CA HIS F 214 7.97 -6.30 -28.94
C HIS F 214 6.61 -5.76 -29.24
N LEU F 215 6.19 -4.77 -28.47
CA LEU F 215 4.93 -4.07 -28.70
C LEU F 215 5.23 -2.65 -29.23
N VAL F 216 4.57 -2.29 -30.32
CA VAL F 216 4.68 -0.96 -30.94
C VAL F 216 3.25 -0.49 -31.26
N SER F 217 2.71 0.38 -30.42
CA SER F 217 1.30 0.74 -30.53
C SER F 217 0.98 2.18 -30.12
N GLN F 218 -0.12 2.69 -30.64
CA GLN F 218 -0.60 4.01 -30.24
C GLN F 218 -2.11 4.09 -30.39
N GLY F 219 -2.79 4.33 -29.26
CA GLY F 219 -4.24 4.44 -29.22
C GLY F 219 -4.74 5.50 -30.19
N GLY F 220 -5.77 5.16 -30.96
CA GLY F 220 -6.38 6.10 -31.90
C GLY F 220 -5.72 6.18 -33.27
N TRP F 221 -4.55 5.57 -33.42
CA TRP F 221 -3.80 5.65 -34.69
C TRP F 221 -4.20 4.57 -35.66
N GLY F 222 -4.04 4.86 -36.95
CA GLY F 222 -4.39 3.93 -38.02
C GLY F 222 -3.19 3.51 -38.84
N VAL F 223 -3.42 2.74 -39.88
CA VAL F 223 -2.37 2.46 -40.88
C VAL F 223 -2.19 3.71 -41.78
N PHE F 224 -3.28 4.43 -42.02
CA PHE F 224 -3.24 5.67 -42.81
C PHE F 224 -3.51 6.93 -41.97
N CYS F 225 -4.60 6.92 -41.20
CA CYS F 225 -4.95 8.08 -40.38
C CYS F 225 -5.61 7.69 -39.06
N GLY F 226 -5.60 8.63 -38.12
CA GLY F 226 -6.30 8.44 -36.85
C GLY F 226 -7.80 8.42 -37.01
N TRP F 227 -8.48 7.98 -35.96
CA TRP F 227 -9.94 7.89 -35.88
C TRP F 227 -10.59 9.23 -36.16
N ASP F 228 -9.84 10.30 -35.89
CA ASP F 228 -10.33 11.67 -36.04
C ASP F 228 -9.86 12.31 -37.36
N ASN F 229 -9.47 11.47 -38.33
CA ASN F 229 -9.00 11.92 -39.64
C ASN F 229 -7.61 12.56 -39.64
N ASP F 230 -6.92 12.55 -38.49
CA ASP F 230 -5.57 13.09 -38.41
C ASP F 230 -4.57 12.20 -39.17
N VAL F 231 -4.21 12.66 -40.37
CA VAL F 231 -3.33 11.94 -41.29
C VAL F 231 -1.90 11.74 -40.74
N ARG F 232 -1.52 12.53 -39.74
CA ARG F 232 -0.21 12.39 -39.11
C ARG F 232 -0.13 11.19 -38.16
N HIS F 233 -1.29 10.72 -37.70
CA HIS F 233 -1.35 9.67 -36.70
C HIS F 233 -1.49 8.30 -37.33
N ASN F 234 -0.39 7.87 -37.95
CA ASN F 234 -0.28 6.57 -38.60
C ASN F 234 0.96 5.83 -38.09
N LEU F 235 0.82 4.52 -37.90
CA LEU F 235 1.90 3.70 -37.37
C LEU F 235 3.15 3.61 -38.24
N PRO F 236 3.01 3.46 -39.57
CA PRO F 236 4.21 3.35 -40.39
C PRO F 236 5.20 4.51 -40.20
N SER F 237 4.68 5.71 -39.94
CA SER F 237 5.49 6.92 -39.79
C SER F 237 6.46 6.88 -38.59
N VAL F 238 6.13 6.07 -37.59
CA VAL F 238 6.95 6.00 -36.37
C VAL F 238 7.67 4.66 -36.21
N TYR F 239 7.49 3.77 -37.18
CA TYR F 239 7.97 2.39 -37.08
C TYR F 239 9.49 2.20 -37.05
N GLU F 240 10.21 3.03 -37.81
CA GLU F 240 11.63 2.76 -38.09
C GLU F 240 12.63 3.23 -37.05
N LYS F 241 12.23 4.18 -36.22
CA LYS F 241 13.08 4.66 -35.14
C LYS F 241 13.03 3.73 -33.94
N VAL F 242 14.03 3.85 -33.06
CA VAL F 242 14.10 3.08 -31.81
C VAL F 242 12.77 3.18 -31.07
N CYS F 243 12.30 4.41 -30.86
CA CYS F 243 10.93 4.67 -30.41
C CYS F 243 10.47 5.99 -31.02
N GLY F 244 9.92 5.91 -32.22
CA GLY F 244 9.45 7.08 -32.97
C GLY F 244 8.41 7.87 -32.21
N LEU F 245 7.76 7.20 -31.27
CA LEU F 245 6.67 7.77 -30.46
C LEU F 245 7.18 8.48 -29.20
N ALA F 246 8.50 8.48 -29.02
CA ALA F 246 9.14 9.24 -27.95
C ALA F 246 9.89 10.43 -28.55
N LYS F 247 9.32 11.61 -28.38
CA LYS F 247 9.78 12.82 -29.06
C LYS F 247 10.27 13.86 -28.06
N GLY F 248 10.93 14.90 -28.56
CA GLY F 248 11.51 15.96 -27.73
C GLY F 248 12.94 15.69 -27.28
N GLU F 249 13.57 16.71 -26.71
CA GLU F 249 15.00 16.68 -26.37
C GLU F 249 15.37 15.59 -25.36
N MET F 250 14.54 15.41 -24.33
CA MET F 250 14.78 14.40 -23.31
C MET F 250 14.82 13.01 -23.95
N ASN F 251 13.82 12.69 -24.76
CA ASN F 251 13.77 11.41 -25.47
C ASN F 251 14.89 11.25 -26.49
N GLU F 252 15.28 12.35 -27.14
CA GLU F 252 16.42 12.35 -28.07
C GLU F 252 17.71 11.92 -27.38
N GLU F 253 17.96 12.41 -26.17
CA GLU F 253 19.15 11.99 -25.43
C GLU F 253 19.09 10.54 -24.97
N LEU F 254 17.89 10.02 -24.73
CA LEU F 254 17.70 8.60 -24.41
C LEU F 254 17.92 7.69 -25.63
N GLY F 255 17.97 8.29 -26.82
CA GLY F 255 18.29 7.57 -28.05
C GLY F 255 17.09 7.10 -28.85
N ALA F 256 15.91 7.62 -28.51
CA ALA F 256 14.65 7.17 -29.10
C ALA F 256 14.48 7.49 -30.58
N GLN F 257 15.09 8.60 -31.00
CA GLN F 257 14.87 9.14 -32.36
C GLN F 257 15.91 8.66 -33.38
N GLU F 258 16.87 7.86 -32.93
CA GLU F 258 17.81 7.21 -33.84
C GLU F 258 17.14 6.03 -34.52
N GLU F 259 17.65 5.64 -35.69
CA GLU F 259 17.09 4.52 -36.44
C GLU F 259 17.30 3.21 -35.67
N TYR F 260 16.27 2.39 -35.61
CA TYR F 260 16.34 1.14 -34.87
C TYR F 260 17.20 0.11 -35.59
N ASP F 261 17.98 -0.64 -34.82
CA ASP F 261 18.84 -1.70 -35.34
C ASP F 261 18.03 -2.99 -35.49
N PHE F 262 17.33 -3.12 -36.62
CA PHE F 262 16.45 -4.26 -36.86
C PHE F 262 17.20 -5.59 -36.87
N ALA F 263 18.45 -5.55 -37.33
CA ALA F 263 19.30 -6.74 -37.38
C ALA F 263 19.53 -7.40 -36.01
N SER F 264 19.44 -6.60 -34.95
CA SER F 264 19.69 -7.10 -33.59
C SER F 264 18.53 -7.91 -32.99
N TRP F 265 17.36 -7.85 -33.62
CA TRP F 265 16.16 -8.54 -33.12
C TRP F 265 15.23 -8.82 -34.26
N GLN F 266 15.27 -10.04 -34.77
CA GLN F 266 14.48 -10.44 -35.93
C GLN F 266 13.35 -11.40 -35.53
N PRO F 267 12.09 -10.96 -35.65
CA PRO F 267 10.96 -11.79 -35.20
C PRO F 267 10.62 -12.89 -36.19
N ASP F 268 10.08 -14.01 -35.70
CA ASP F 268 9.56 -15.04 -36.58
C ASP F 268 8.28 -14.61 -37.26
N ALA F 269 7.48 -13.81 -36.56
CA ALA F 269 6.24 -13.29 -37.12
C ALA F 269 6.00 -11.86 -36.65
N ILE F 270 5.37 -11.08 -37.52
CA ILE F 270 4.97 -9.71 -37.19
C ILE F 270 3.46 -9.65 -37.27
N ILE F 271 2.83 -9.34 -36.15
CA ILE F 271 1.37 -9.30 -36.06
C ILE F 271 0.94 -7.83 -36.19
N VAL F 272 0.20 -7.52 -37.25
CA VAL F 272 -0.22 -6.14 -37.51
C VAL F 272 -1.71 -5.97 -37.25
N ASN F 273 -2.03 -5.36 -36.12
CA ASN F 273 -3.43 -5.15 -35.77
C ASN F 273 -3.80 -3.70 -36.02
N LEU F 274 -4.07 -3.36 -37.27
CA LEU F 274 -4.40 -1.99 -37.65
C LEU F 274 -5.59 -1.93 -38.59
N GLY F 275 -6.32 -0.82 -38.57
CA GLY F 275 -7.43 -0.62 -39.47
C GLY F 275 -8.70 -0.14 -38.79
N THR F 276 -8.83 -0.43 -37.50
CA THR F 276 -10.00 -0.06 -36.73
C THR F 276 -10.23 1.46 -36.75
N ASN F 277 -9.16 2.23 -36.56
CA ASN F 277 -9.25 3.70 -36.58
C ASN F 277 -9.43 4.29 -37.96
N ASP F 278 -8.80 3.68 -38.97
CA ASP F 278 -9.04 4.05 -40.36
C ASP F 278 -10.53 3.94 -40.75
N VAL F 279 -11.19 2.86 -40.32
CA VAL F 279 -12.63 2.66 -40.56
C VAL F 279 -13.46 3.76 -39.88
N THR F 280 -13.14 4.03 -38.62
CA THR F 280 -13.85 5.02 -37.82
C THR F 280 -13.81 6.41 -38.45
N SER F 281 -12.67 6.77 -39.05
CA SER F 281 -12.44 8.12 -39.60
C SER F 281 -13.49 8.55 -40.63
N PHE F 282 -13.99 7.59 -41.40
CA PHE F 282 -15.05 7.84 -42.38
C PHE F 282 -16.31 8.44 -41.78
N ASN F 283 -16.55 8.17 -40.49
CA ASN F 283 -17.74 8.65 -39.80
C ASN F 283 -17.44 9.78 -38.82
N GLN F 284 -16.25 10.36 -38.92
CA GLN F 284 -15.83 11.44 -38.03
C GLN F 284 -15.65 12.77 -38.78
N PRO F 285 -15.82 13.90 -38.08
CA PRO F 285 -15.66 15.21 -38.69
C PRO F 285 -14.27 15.41 -39.29
N GLU F 286 -14.19 16.32 -40.26
CA GLU F 286 -12.93 16.67 -40.90
C GLU F 286 -11.91 17.17 -39.89
N PHE F 287 -10.63 17.02 -40.21
CA PHE F 287 -9.55 17.41 -39.32
C PHE F 287 -8.70 18.53 -39.91
N LEU F 288 -8.60 19.63 -39.17
CA LEU F 288 -7.69 20.71 -39.52
C LEU F 288 -6.29 20.35 -39.03
N ASN F 289 -5.37 20.22 -39.97
CA ASN F 289 -3.98 19.88 -39.68
C ASN F 289 -3.19 21.16 -39.39
N PRO F 290 -2.81 21.38 -38.12
CA PRO F 290 -2.07 22.59 -37.76
C PRO F 290 -0.68 22.70 -38.39
N ASP F 291 -0.18 21.60 -38.95
CA ASP F 291 1.15 21.56 -39.56
C ASP F 291 1.20 22.08 -40.99
N ASP F 292 0.08 22.05 -41.71
CA ASP F 292 0.04 22.54 -43.08
C ASP F 292 -1.21 23.39 -43.39
N GLY F 293 -2.10 23.51 -42.41
CA GLY F 293 -3.32 24.30 -42.57
C GLY F 293 -4.41 23.68 -43.44
N LYS F 294 -4.14 22.47 -43.95
CA LYS F 294 -5.11 21.73 -44.76
C LYS F 294 -6.08 20.94 -43.89
N THR F 295 -7.33 20.83 -44.36
CA THR F 295 -8.29 19.96 -43.68
C THR F 295 -8.36 18.60 -44.38
N TYR F 296 -8.50 17.55 -43.59
CA TYR F 296 -8.51 16.17 -44.11
C TYR F 296 -9.76 15.45 -43.66
N LYS F 297 -10.37 14.72 -44.59
CA LYS F 297 -11.63 14.03 -44.33
C LYS F 297 -11.80 12.78 -45.21
N MET F 298 -11.90 11.63 -44.55
CA MET F 298 -12.26 10.39 -45.22
C MET F 298 -13.77 10.42 -45.39
N ARG F 299 -14.20 10.43 -46.65
CA ARG F 299 -15.59 10.69 -47.01
C ARG F 299 -16.40 9.41 -47.14
N THR F 300 -17.67 9.48 -46.75
CA THR F 300 -18.64 8.43 -47.08
C THR F 300 -19.60 8.96 -48.13
N ASN F 301 -19.99 8.10 -49.06
CA ASN F 301 -21.00 8.42 -50.05
C ASN F 301 -22.36 8.58 -49.38
N THR F 302 -23.31 9.20 -50.09
CA THR F 302 -24.61 9.53 -49.52
C THR F 302 -25.46 8.31 -49.16
N ASP F 303 -25.15 7.15 -49.74
CA ASP F 303 -25.83 5.92 -49.32
C ASP F 303 -25.23 5.32 -48.04
N GLY F 304 -24.01 5.76 -47.70
CA GLY F 304 -23.39 5.36 -46.44
C GLY F 304 -22.10 4.56 -46.57
N THR F 305 -21.75 4.21 -47.81
CA THR F 305 -20.53 3.45 -48.08
C THR F 305 -19.30 4.35 -48.18
N ARG F 306 -18.12 3.75 -48.01
CA ARG F 306 -16.86 4.50 -48.09
C ARG F 306 -16.59 5.03 -49.50
N ASN F 307 -16.11 6.27 -49.57
CA ASN F 307 -15.58 6.82 -50.81
C ASN F 307 -14.43 5.92 -51.27
N ARG F 308 -14.54 5.43 -52.50
CA ARG F 308 -13.59 4.46 -53.06
C ARG F 308 -12.15 5.00 -53.15
N GLU F 309 -12.02 6.28 -53.53
CA GLU F 309 -10.70 6.89 -53.64
C GLU F 309 -10.00 6.95 -52.28
N ASP F 310 -10.77 7.28 -51.25
CA ASP F 310 -10.28 7.28 -49.87
C ASP F 310 -9.94 5.87 -49.37
N GLU F 311 -10.74 4.88 -49.78
CA GLU F 311 -10.39 3.47 -49.50
C GLU F 311 -9.02 3.13 -50.09
N LEU F 312 -8.77 3.61 -51.32
CA LEU F 312 -7.52 3.38 -52.05
C LEU F 312 -6.31 3.97 -51.34
N LYS F 313 -6.54 5.07 -50.61
CA LYS F 313 -5.51 5.68 -49.77
C LYS F 313 -5.07 4.73 -48.66
N ILE F 314 -6.02 4.01 -48.08
CA ILE F 314 -5.72 3.01 -47.05
C ILE F 314 -4.98 1.85 -47.70
N VAL F 315 -5.46 1.41 -48.87
CA VAL F 315 -4.82 0.35 -49.65
C VAL F 315 -3.35 0.67 -49.91
N SER F 316 -3.08 1.90 -50.35
CA SER F 316 -1.73 2.38 -50.61
C SER F 316 -0.87 2.37 -49.36
N ALA F 317 -1.44 2.83 -48.25
CA ALA F 317 -0.74 2.87 -46.97
C ALA F 317 -0.33 1.45 -46.54
N ILE F 318 -1.21 0.49 -46.78
CA ILE F 318 -0.95 -0.92 -46.44
C ILE F 318 0.19 -1.50 -47.28
N ILE F 319 0.11 -1.31 -48.59
CA ILE F 319 1.15 -1.76 -49.51
C ILE F 319 2.51 -1.20 -49.08
N ASP F 320 2.53 0.10 -48.80
CA ASP F 320 3.74 0.78 -48.43
C ASP F 320 4.28 0.31 -47.08
N PHE F 321 3.38 0.07 -46.12
CA PHE F 321 3.79 -0.45 -44.81
C PHE F 321 4.33 -1.88 -44.91
N LEU F 322 3.71 -2.70 -45.75
CA LEU F 322 4.18 -4.08 -45.97
C LEU F 322 5.59 -4.08 -46.59
N THR F 323 5.82 -3.16 -47.52
CA THR F 323 7.15 -2.95 -48.08
C THR F 323 8.17 -2.57 -47.00
N MET F 324 7.80 -1.61 -46.15
CA MET F 324 8.65 -1.20 -45.04
C MET F 324 8.96 -2.35 -44.09
N LEU F 325 7.94 -3.15 -43.78
CA LEU F 325 8.11 -4.31 -42.87
C LEU F 325 9.04 -5.35 -43.46
N ARG F 326 8.83 -5.69 -44.72
CA ARG F 326 9.67 -6.67 -45.41
C ARG F 326 11.12 -6.20 -45.54
N LYS F 327 11.30 -4.91 -45.80
CA LYS F 327 12.62 -4.29 -45.90
C LYS F 327 13.44 -4.50 -44.63
N HIS F 328 12.83 -4.26 -43.48
CA HIS F 328 13.52 -4.40 -42.20
C HIS F 328 13.47 -5.78 -41.60
N ASN F 329 12.57 -6.61 -42.13
CA ASN F 329 12.41 -7.98 -41.65
C ASN F 329 12.28 -8.94 -42.84
N PRO F 330 13.42 -9.25 -43.50
CA PRO F 330 13.41 -10.02 -44.77
C PRO F 330 12.80 -11.42 -44.69
N ASN F 331 12.79 -12.03 -43.50
CA ASN F 331 12.37 -13.43 -43.36
C ASN F 331 11.13 -13.67 -42.48
N ALA F 332 10.61 -12.62 -41.84
CA ALA F 332 9.48 -12.74 -40.94
C ALA F 332 8.17 -13.10 -41.66
N GLN F 333 7.34 -13.90 -41.01
CA GLN F 333 5.97 -14.10 -41.48
C GLN F 333 5.15 -12.89 -41.03
N ILE F 334 4.66 -12.11 -41.99
CA ILE F 334 3.87 -10.93 -41.66
C ILE F 334 2.39 -11.33 -41.65
N ILE F 335 1.71 -11.04 -40.56
CA ILE F 335 0.31 -11.46 -40.41
C ILE F 335 -0.56 -10.29 -39.98
N TRP F 336 -1.40 -9.83 -40.91
CA TRP F 336 -2.36 -8.80 -40.61
C TRP F 336 -3.48 -9.44 -39.84
N SER F 337 -3.61 -9.02 -38.59
CA SER F 337 -4.52 -9.68 -37.65
C SER F 337 -5.50 -8.64 -37.14
N TYR F 338 -6.76 -8.77 -37.52
CA TYR F 338 -7.71 -7.70 -37.35
C TYR F 338 -9.11 -8.25 -37.13
N GLY F 339 -9.87 -7.58 -36.26
CA GLY F 339 -11.29 -7.89 -36.10
C GLY F 339 -11.86 -7.80 -34.70
N MET F 340 -11.03 -7.42 -33.74
CA MET F 340 -11.46 -7.38 -32.34
C MET F 340 -12.49 -6.27 -32.07
N LEU F 341 -12.49 -5.23 -32.90
CA LEU F 341 -13.52 -4.19 -32.85
C LEU F 341 -14.16 -3.99 -34.22
N GLY F 342 -14.82 -5.04 -34.71
CA GLY F 342 -15.45 -5.02 -36.03
C GLY F 342 -14.51 -5.50 -37.11
N SER F 343 -15.08 -6.02 -38.19
CA SER F 343 -14.29 -6.57 -39.29
C SER F 343 -14.60 -5.90 -40.62
N ASP F 344 -15.09 -4.66 -40.57
CA ASP F 344 -15.52 -3.93 -41.76
C ASP F 344 -14.45 -3.68 -42.79
N LEU F 345 -13.20 -3.57 -42.36
CA LEU F 345 -12.10 -3.27 -43.29
C LEU F 345 -11.47 -4.52 -43.91
N ASN F 346 -12.06 -5.69 -43.64
CA ASN F 346 -11.59 -6.97 -44.19
C ASN F 346 -11.16 -6.96 -45.65
N LEU F 347 -12.02 -6.42 -46.52
CA LEU F 347 -11.74 -6.45 -47.95
C LEU F 347 -10.70 -5.41 -48.37
N VAL F 348 -10.71 -4.25 -47.73
CA VAL F 348 -9.71 -3.22 -47.98
C VAL F 348 -8.32 -3.71 -47.54
N ILE F 349 -8.25 -4.32 -46.37
CA ILE F 349 -7.00 -4.86 -45.85
C ILE F 349 -6.44 -5.94 -46.79
N THR F 350 -7.29 -6.86 -47.21
CA THR F 350 -6.85 -7.95 -48.07
C THR F 350 -6.52 -7.47 -49.49
N GLU F 351 -7.17 -6.38 -49.91
CA GLU F 351 -6.82 -5.73 -51.18
C GLU F 351 -5.37 -5.26 -51.13
N GLY F 352 -5.03 -4.56 -50.04
CA GLY F 352 -3.66 -4.09 -49.82
C GLY F 352 -2.64 -5.22 -49.81
N ILE F 353 -2.92 -6.26 -49.03
CA ILE F 353 -2.07 -7.46 -48.97
C ILE F 353 -1.91 -8.14 -50.34
N ASN F 354 -3.01 -8.36 -51.04
CA ASN F 354 -2.98 -9.00 -52.36
C ASN F 354 -2.19 -8.20 -53.41
N LYS F 355 -2.44 -6.89 -53.47
CA LYS F 355 -1.74 -6.03 -54.44
C LYS F 355 -0.26 -5.96 -54.11
N TYR F 356 0.06 -5.80 -52.83
CA TYR F 356 1.46 -5.84 -52.39
C TYR F 356 2.13 -7.15 -52.78
N LYS F 357 1.48 -8.27 -52.48
CA LYS F 357 2.08 -9.59 -52.66
C LYS F 357 2.27 -9.95 -54.14
N GLU F 358 1.31 -9.58 -54.97
CA GLU F 358 1.32 -9.91 -56.39
C GLU F 358 2.51 -9.23 -57.07
N ASN F 359 2.78 -7.99 -56.67
CA ASN F 359 3.90 -7.23 -57.19
C ASN F 359 5.26 -7.70 -56.67
N ALA F 360 5.31 -8.01 -55.37
CA ALA F 360 6.58 -8.34 -54.72
C ALA F 360 6.93 -9.83 -54.74
N GLY F 361 5.96 -10.68 -55.10
CA GLY F 361 6.16 -12.13 -55.01
C GLY F 361 6.45 -12.58 -53.58
N ASP F 362 5.83 -11.93 -52.62
CA ASP F 362 6.05 -12.21 -51.19
C ASP F 362 5.07 -13.29 -50.73
N GLU F 363 5.58 -14.48 -50.45
CA GLU F 363 4.75 -15.61 -50.03
C GLU F 363 4.70 -15.73 -48.50
N LYS F 364 5.21 -14.71 -47.80
CA LYS F 364 5.27 -14.74 -46.33
C LYS F 364 4.45 -13.60 -45.74
N VAL F 365 3.32 -13.31 -46.37
CA VAL F 365 2.35 -12.34 -45.86
C VAL F 365 0.97 -13.00 -45.84
N SER F 366 0.27 -12.86 -44.72
CA SER F 366 -1.01 -13.53 -44.49
C SER F 366 -2.04 -12.61 -43.84
N PHE F 367 -3.32 -12.98 -43.97
CA PHE F 367 -4.40 -12.34 -43.23
C PHE F 367 -5.00 -13.33 -42.24
N PHE F 368 -5.22 -12.89 -41.00
CA PHE F 368 -5.93 -13.69 -40.01
C PHE F 368 -6.95 -12.84 -39.26
N GLN F 369 -8.20 -13.25 -39.30
CA GLN F 369 -9.26 -12.50 -38.61
C GLN F 369 -9.34 -12.87 -37.13
N LEU F 370 -9.31 -11.86 -36.28
CA LEU F 370 -9.48 -12.06 -34.85
C LEU F 370 -10.97 -12.01 -34.52
N PRO F 371 -11.42 -12.71 -33.46
CA PRO F 371 -12.84 -12.69 -33.08
C PRO F 371 -13.29 -11.31 -32.59
N ASN F 372 -14.51 -10.92 -32.94
CA ASN F 372 -15.07 -9.65 -32.52
C ASN F 372 -15.42 -9.63 -31.04
N THR F 373 -15.30 -8.47 -30.40
CA THR F 373 -15.68 -8.31 -29.00
C THR F 373 -17.20 -8.20 -28.94
N THR F 374 -17.81 -9.07 -28.14
CA THR F 374 -19.26 -9.08 -27.98
C THR F 374 -19.67 -8.34 -26.72
N MET F 375 -20.97 -8.12 -26.55
CA MET F 375 -21.49 -7.32 -25.43
C MET F 375 -21.06 -7.79 -24.05
N GLU F 376 -20.85 -9.10 -23.88
CA GLU F 376 -20.42 -9.65 -22.60
C GLU F 376 -18.92 -9.41 -22.31
N ASN F 377 -18.15 -9.04 -23.31
CA ASN F 377 -16.69 -9.02 -23.21
C ASN F 377 -15.98 -7.67 -23.35
N PHE F 378 -16.75 -6.57 -23.30
CA PHE F 378 -16.17 -5.24 -23.31
C PHE F 378 -15.54 -4.90 -21.97
N GLY F 379 -14.46 -4.13 -21.99
CA GLY F 379 -13.87 -3.59 -20.77
C GLY F 379 -14.36 -2.17 -20.63
N SER F 380 -13.45 -1.25 -20.30
CA SER F 380 -13.77 0.18 -20.28
C SER F 380 -13.58 0.77 -21.67
N HIS F 381 -14.04 2.01 -21.86
CA HIS F 381 -13.96 2.73 -23.15
C HIS F 381 -14.63 2.01 -24.30
N MET F 382 -15.55 1.09 -24.01
CA MET F 382 -16.13 0.21 -25.04
C MET F 382 -15.05 -0.48 -25.89
N ALA F 383 -13.98 -0.91 -25.23
CA ALA F 383 -12.86 -1.57 -25.88
C ALA F 383 -12.81 -3.02 -25.42
N PRO F 384 -11.97 -3.86 -26.06
CA PRO F 384 -11.86 -5.25 -25.60
C PRO F 384 -11.45 -5.39 -24.14
N GLY F 385 -12.25 -6.10 -23.36
CA GLY F 385 -11.90 -6.43 -21.97
C GLY F 385 -11.03 -7.67 -21.93
N PRO F 386 -10.60 -8.08 -20.71
CA PRO F 386 -9.71 -9.24 -20.57
C PRO F 386 -10.21 -10.52 -21.28
N LYS F 387 -11.52 -10.79 -21.25
CA LYS F 387 -12.06 -11.99 -21.92
C LYS F 387 -11.95 -11.95 -23.43
N SER F 388 -12.11 -10.76 -24.01
CA SER F 388 -11.96 -10.60 -25.45
C SER F 388 -10.50 -10.80 -25.85
N HIS F 389 -9.59 -10.18 -25.11
CA HIS F 389 -8.14 -10.41 -25.30
C HIS F 389 -7.80 -11.88 -25.23
N GLN F 390 -8.34 -12.57 -24.24
CA GLN F 390 -8.16 -14.02 -24.09
C GLN F 390 -8.67 -14.82 -25.29
N ASN F 391 -9.88 -14.51 -25.75
CA ASN F 391 -10.47 -15.17 -26.93
C ASN F 391 -9.60 -14.98 -28.18
N ALA F 392 -9.14 -13.74 -28.38
CA ALA F 392 -8.31 -13.41 -29.53
C ALA F 392 -6.97 -14.14 -29.47
N ALA F 393 -6.36 -14.16 -28.28
CA ALA F 393 -5.09 -14.84 -28.08
C ALA F 393 -5.22 -16.34 -28.36
N LYS F 394 -6.32 -16.94 -27.90
CA LYS F 394 -6.58 -18.35 -28.15
C LYS F 394 -6.59 -18.65 -29.65
N GLU F 395 -7.36 -17.87 -30.42
CA GLU F 395 -7.43 -18.08 -31.86
C GLU F 395 -6.11 -17.74 -32.57
N LEU F 396 -5.44 -16.68 -32.12
CA LEU F 396 -4.15 -16.29 -32.68
C LEU F 396 -3.04 -17.31 -32.37
N VAL F 397 -3.01 -17.82 -31.13
CA VAL F 397 -2.04 -18.85 -30.76
C VAL F 397 -2.21 -20.09 -31.64
N ASP F 398 -3.45 -20.54 -31.83
CA ASP F 398 -3.75 -21.67 -32.70
C ASP F 398 -3.21 -21.45 -34.12
N TYR F 399 -3.48 -20.27 -34.65
CA TYR F 399 -3.01 -19.90 -35.98
C TYR F 399 -1.49 -19.94 -36.11
N LEU F 400 -0.80 -19.38 -35.11
CA LEU F 400 0.65 -19.29 -35.12
C LEU F 400 1.34 -20.65 -35.01
N ARG F 401 0.76 -21.54 -34.19
CA ARG F 401 1.27 -22.90 -34.00
C ARG F 401 1.34 -23.63 -35.33
N ASN F 402 0.24 -23.54 -36.09
CA ASN F 402 0.15 -24.16 -37.41
C ASN F 402 0.98 -23.45 -38.47
N LYS F 403 0.94 -22.12 -38.48
CA LYS F 403 1.69 -21.32 -39.45
C LYS F 403 3.21 -21.47 -39.29
N LEU F 404 3.68 -21.50 -38.05
CA LEU F 404 5.12 -21.46 -37.78
C LEU F 404 5.75 -22.80 -37.37
N GLY F 405 4.92 -23.82 -37.23
CA GLY F 405 5.38 -25.13 -36.73
C GLY F 405 5.78 -25.08 -35.28
N TRP F 406 4.97 -24.38 -34.47
CA TRP F 406 5.24 -24.21 -33.06
C TRP F 406 4.31 -25.02 -32.18
N PHE F 407 4.36 -26.34 -32.32
CA PHE F 407 3.67 -27.23 -31.39
C PHE F 407 4.66 -27.64 -30.31
N VAL G 35 -59.87 -42.50 -34.47
CA VAL G 35 -59.81 -41.95 -35.86
C VAL G 35 -58.87 -40.75 -35.98
N LEU G 36 -57.83 -40.90 -36.79
CA LEU G 36 -56.95 -39.79 -37.13
C LEU G 36 -57.33 -39.30 -38.52
N GLN G 37 -57.42 -37.98 -38.66
CA GLN G 37 -57.65 -37.37 -39.96
C GLN G 37 -56.41 -37.53 -40.82
N TYR G 38 -56.59 -37.69 -42.12
CA TYR G 38 -55.48 -37.67 -43.05
C TYR G 38 -55.56 -36.41 -43.91
N THR G 39 -54.48 -35.65 -43.95
CA THR G 39 -54.41 -34.47 -44.78
C THR G 39 -53.19 -34.50 -45.66
N GLU G 40 -53.41 -34.50 -46.97
CA GLU G 40 -52.35 -34.42 -47.96
C GLU G 40 -51.59 -33.12 -47.75
N ILE G 41 -50.27 -33.19 -47.92
CA ILE G 41 -49.42 -32.05 -47.65
C ILE G 41 -49.78 -30.84 -48.52
N SER G 42 -50.13 -31.08 -49.78
CA SER G 42 -50.47 -30.00 -50.74
C SER G 42 -51.83 -29.36 -50.44
N ASN G 43 -52.61 -29.98 -49.56
CA ASN G 43 -53.93 -29.48 -49.18
C ASN G 43 -53.93 -28.63 -47.90
N ILE G 44 -52.76 -28.36 -47.35
CA ILE G 44 -52.66 -27.49 -46.18
C ILE G 44 -52.44 -26.06 -46.69
N SER G 45 -53.24 -25.12 -46.20
CA SER G 45 -53.09 -23.73 -46.64
C SER G 45 -51.69 -23.21 -46.31
N SER G 46 -51.16 -22.37 -47.19
CA SER G 46 -49.78 -21.90 -47.07
C SER G 46 -49.47 -21.22 -45.74
N ASP G 47 -50.49 -20.64 -45.10
CA ASP G 47 -50.27 -20.00 -43.80
C ASP G 47 -50.17 -21.01 -42.64
N LYS G 48 -50.49 -22.27 -42.93
CA LYS G 48 -50.46 -23.32 -41.92
C LYS G 48 -49.38 -24.39 -42.17
N ILE G 49 -48.42 -24.07 -43.03
CA ILE G 49 -47.25 -24.92 -43.27
C ILE G 49 -46.05 -24.12 -43.76
N ASN G 50 -44.89 -24.42 -43.20
CA ASN G 50 -43.63 -23.88 -43.69
C ASN G 50 -42.87 -25.00 -44.38
N ILE G 51 -42.66 -24.85 -45.69
CA ILE G 51 -41.84 -25.79 -46.41
C ILE G 51 -40.40 -25.27 -46.36
N LEU G 52 -39.51 -26.08 -45.79
CA LEU G 52 -38.12 -25.69 -45.66
C LEU G 52 -37.30 -26.27 -46.81
N GLY G 53 -36.63 -25.40 -47.55
CA GLY G 53 -35.75 -25.84 -48.62
C GLY G 53 -36.33 -25.62 -49.99
N ARG G 54 -35.47 -25.62 -51.00
CA ARG G 54 -35.87 -25.37 -52.38
C ARG G 54 -36.91 -26.37 -52.86
N THR G 55 -37.97 -25.84 -53.48
CA THR G 55 -39.02 -26.65 -54.11
C THR G 55 -39.19 -26.35 -55.59
N GLY G 56 -39.72 -27.33 -56.32
CA GLY G 56 -39.99 -27.17 -57.75
C GLY G 56 -41.47 -27.33 -58.05
N LYS G 57 -41.76 -27.83 -59.25
CA LYS G 57 -43.14 -27.93 -59.73
C LYS G 57 -44.00 -28.96 -59.00
N LYS G 58 -43.38 -30.04 -58.50
CA LYS G 58 -44.13 -31.13 -57.89
C LYS G 58 -44.56 -30.81 -56.47
N ARG G 59 -45.87 -30.82 -56.25
CA ARG G 59 -46.46 -30.43 -54.96
C ARG G 59 -46.97 -31.63 -54.17
N GLN G 60 -47.41 -32.67 -54.89
CA GLN G 60 -47.98 -33.87 -54.27
C GLN G 60 -47.47 -35.13 -54.96
N PRO G 61 -46.69 -35.97 -54.24
CA PRO G 61 -46.12 -35.69 -52.92
C PRO G 61 -45.01 -34.65 -53.03
N LEU G 62 -44.61 -34.10 -51.89
CA LEU G 62 -43.57 -33.08 -51.86
C LEU G 62 -42.19 -33.71 -51.79
N PRO G 63 -41.36 -33.50 -52.83
CA PRO G 63 -39.98 -33.96 -52.79
C PRO G 63 -39.14 -33.05 -51.91
N VAL G 64 -38.35 -33.65 -51.04
CA VAL G 64 -37.43 -32.92 -50.17
C VAL G 64 -36.04 -33.19 -50.74
N PHE G 65 -35.50 -32.22 -51.47
CA PHE G 65 -34.26 -32.40 -52.22
C PHE G 65 -32.98 -32.28 -51.40
N PHE G 66 -32.95 -31.30 -50.50
CA PHE G 66 -31.71 -30.90 -49.84
C PHE G 66 -31.68 -31.24 -48.34
N ASN G 67 -30.48 -31.45 -47.81
CA ASN G 67 -30.24 -31.45 -46.37
C ASN G 67 -30.83 -30.18 -45.73
N GLY G 68 -31.42 -30.33 -44.54
CA GLY G 68 -32.07 -29.22 -43.85
C GLY G 68 -33.48 -28.97 -44.38
N GLY G 69 -33.82 -29.67 -45.46
CA GLY G 69 -35.09 -29.50 -46.12
C GLY G 69 -36.14 -30.31 -45.38
N GLY G 70 -37.38 -29.84 -45.40
CA GLY G 70 -38.44 -30.57 -44.72
C GLY G 70 -39.63 -29.67 -44.51
N VAL G 71 -40.36 -29.90 -43.42
CA VAL G 71 -41.57 -29.15 -43.16
C VAL G 71 -41.72 -28.79 -41.70
N GLU G 72 -42.43 -27.69 -41.46
CA GLU G 72 -42.79 -27.29 -40.12
C GLU G 72 -44.27 -26.96 -40.09
N VAL G 73 -44.96 -27.52 -39.10
CA VAL G 73 -46.37 -27.23 -38.86
C VAL G 73 -46.54 -26.93 -37.37
N VAL G 74 -47.64 -26.28 -37.01
CA VAL G 74 -48.02 -26.22 -35.60
C VAL G 74 -49.43 -26.74 -35.39
N VAL G 75 -49.51 -27.78 -34.56
CA VAL G 75 -50.73 -28.58 -34.46
C VAL G 75 -51.12 -28.83 -33.02
N THR G 76 -52.43 -28.89 -32.79
CA THR G 76 -52.96 -29.35 -31.51
C THR G 76 -53.12 -30.86 -31.61
N GLY G 77 -53.78 -31.46 -30.63
CA GLY G 77 -54.05 -32.91 -30.66
C GLY G 77 -53.05 -33.72 -29.87
N SER G 78 -53.38 -34.99 -29.70
CA SER G 78 -52.57 -35.90 -28.92
C SER G 78 -51.52 -36.60 -29.77
N GLU G 79 -51.74 -36.64 -31.09
CA GLU G 79 -50.98 -37.53 -31.95
C GLU G 79 -50.75 -36.94 -33.33
N LEU G 80 -49.55 -37.15 -33.89
CA LEU G 80 -49.19 -36.70 -35.23
C LEU G 80 -48.29 -37.72 -35.93
N TRP G 81 -48.65 -38.10 -37.15
CA TRP G 81 -47.81 -38.96 -37.99
C TRP G 81 -47.57 -38.27 -39.31
N ILE G 82 -46.41 -38.49 -39.91
CA ILE G 82 -46.18 -38.08 -41.29
C ILE G 82 -46.07 -39.32 -42.18
N ASP G 83 -46.81 -39.33 -43.29
CA ASP G 83 -46.67 -40.36 -44.31
C ASP G 83 -45.68 -39.90 -45.33
N LEU G 84 -44.70 -40.74 -45.61
CA LEU G 84 -43.68 -40.40 -46.58
C LEU G 84 -43.22 -41.61 -47.36
N GLU G 85 -42.44 -41.36 -48.41
CA GLU G 85 -41.84 -42.42 -49.19
C GLU G 85 -40.36 -42.09 -49.37
N THR G 86 -39.54 -43.13 -49.31
CA THR G 86 -38.11 -42.97 -49.56
C THR G 86 -37.59 -44.10 -50.45
N ASP G 87 -36.50 -43.82 -51.14
CA ASP G 87 -35.78 -44.86 -51.83
C ASP G 87 -34.29 -44.57 -51.71
N SER G 88 -33.48 -45.62 -51.88
CA SER G 88 -32.04 -45.52 -51.76
C SER G 88 -31.40 -46.86 -52.08
N ASP G 89 -30.09 -46.84 -52.26
CA ASP G 89 -29.31 -48.07 -52.42
C ASP G 89 -28.22 -48.08 -51.35
N VAL G 90 -27.04 -47.59 -51.71
CA VAL G 90 -25.88 -47.58 -50.81
C VAL G 90 -26.08 -46.54 -49.69
N ASN G 91 -26.64 -45.39 -50.06
CA ASN G 91 -26.77 -44.27 -49.13
C ASN G 91 -28.21 -44.06 -48.66
N GLU G 92 -28.55 -44.63 -47.52
CA GLU G 92 -29.92 -44.57 -46.99
C GLU G 92 -30.25 -43.19 -46.43
N MET G 93 -31.54 -42.90 -46.38
CA MET G 93 -32.05 -41.60 -45.91
C MET G 93 -31.94 -41.49 -44.40
N TRP G 94 -31.71 -40.27 -43.91
CA TRP G 94 -31.76 -39.96 -42.50
C TRP G 94 -32.60 -38.73 -42.27
N VAL G 95 -33.40 -38.76 -41.22
CA VAL G 95 -34.22 -37.61 -40.84
C VAL G 95 -33.97 -37.23 -39.38
N ALA G 96 -34.38 -36.01 -39.03
CA ALA G 96 -34.32 -35.55 -37.64
C ALA G 96 -35.59 -34.77 -37.29
N LEU G 97 -36.01 -34.86 -36.04
CA LEU G 97 -37.24 -34.27 -35.56
C LEU G 97 -36.99 -33.27 -34.44
N GLU G 98 -37.59 -32.10 -34.55
CA GLU G 98 -37.55 -31.10 -33.50
C GLU G 98 -38.96 -30.70 -33.11
N ILE G 99 -39.23 -30.66 -31.82
CA ILE G 99 -40.53 -30.24 -31.31
C ILE G 99 -40.32 -29.02 -30.42
N ASN G 100 -41.06 -27.95 -30.74
CA ASN G 100 -40.93 -26.66 -30.06
C ASN G 100 -39.48 -26.17 -30.03
N GLY G 101 -38.79 -26.38 -31.15
CA GLY G 101 -37.40 -25.94 -31.33
C GLY G 101 -36.34 -26.83 -30.69
N ALA G 102 -36.75 -27.94 -30.09
CA ALA G 102 -35.81 -28.80 -29.37
C ALA G 102 -35.62 -30.13 -30.10
N PHE G 103 -34.37 -30.59 -30.22
CA PHE G 103 -34.05 -31.88 -30.82
C PHE G 103 -34.71 -33.01 -30.04
N ILE G 104 -35.40 -33.90 -30.75
CA ILE G 104 -36.08 -35.05 -30.12
C ILE G 104 -35.55 -36.40 -30.64
N ALA G 105 -35.41 -36.51 -31.97
CA ALA G 105 -35.12 -37.81 -32.59
C ALA G 105 -34.35 -37.68 -33.89
N ARG G 106 -33.71 -38.79 -34.26
CA ARG G 106 -32.92 -38.88 -35.47
C ARG G 106 -32.80 -40.37 -35.80
N GLN G 107 -33.03 -40.72 -37.07
CA GLN G 107 -33.06 -42.13 -37.48
C GLN G 107 -32.87 -42.31 -38.98
N MET G 108 -32.44 -43.50 -39.39
CA MET G 108 -32.37 -43.81 -40.81
C MET G 108 -33.75 -44.24 -41.32
N LEU G 109 -33.94 -44.10 -42.63
CA LEU G 109 -35.13 -44.57 -43.30
C LEU G 109 -34.72 -45.41 -44.51
N LEU G 110 -35.10 -46.67 -44.51
CA LEU G 110 -34.82 -47.58 -45.61
C LEU G 110 -35.95 -47.56 -46.63
N PRO G 111 -35.70 -48.00 -47.88
CA PRO G 111 -36.64 -47.85 -49.00
C PRO G 111 -38.10 -48.25 -48.71
N GLY G 112 -39.04 -47.51 -49.28
CA GLY G 112 -40.46 -47.82 -49.15
C GLY G 112 -41.31 -46.69 -48.59
N GLU G 113 -42.59 -46.99 -48.37
CA GLU G 113 -43.48 -46.05 -47.70
C GLU G 113 -43.41 -46.24 -46.18
N HIS G 114 -43.49 -45.13 -45.46
CA HIS G 114 -43.41 -45.15 -44.02
C HIS G 114 -44.45 -44.27 -43.44
N SER G 115 -44.93 -44.67 -42.27
CA SER G 115 -45.73 -43.82 -41.44
C SER G 115 -44.95 -43.58 -40.14
N LEU G 116 -44.32 -42.40 -40.06
CA LEU G 116 -43.50 -42.05 -38.90
C LEU G 116 -44.31 -41.27 -37.89
N CYS G 117 -44.40 -41.78 -36.67
CA CYS G 117 -45.10 -41.09 -35.61
C CYS G 117 -44.19 -40.00 -35.03
N LEU G 118 -44.65 -38.76 -35.15
CA LEU G 118 -43.88 -37.60 -34.72
C LEU G 118 -44.11 -37.26 -33.25
N PHE G 119 -45.36 -37.38 -32.80
CA PHE G 119 -45.66 -37.39 -31.36
C PHE G 119 -46.94 -38.16 -31.07
N ARG G 120 -47.07 -38.62 -29.82
CA ARG G 120 -48.26 -39.34 -29.36
C ARG G 120 -48.51 -39.14 -27.87
N SER G 121 -49.74 -39.44 -27.45
CA SER G 121 -50.16 -39.36 -26.04
C SER G 121 -50.01 -37.96 -25.42
N MET G 122 -50.00 -36.93 -26.27
CA MET G 122 -49.82 -35.57 -25.79
C MET G 122 -51.14 -34.94 -25.38
N GLU G 123 -51.07 -33.93 -24.52
CA GLU G 123 -52.22 -33.11 -24.16
C GLU G 123 -52.87 -32.47 -25.39
N LYS G 124 -54.16 -32.76 -25.58
CA LYS G 124 -54.91 -32.44 -26.81
C LYS G 124 -55.05 -30.96 -27.19
N THR G 125 -55.19 -30.09 -26.20
CA THR G 125 -55.53 -28.69 -26.48
C THR G 125 -54.33 -27.78 -26.79
N THR G 126 -53.15 -28.18 -26.33
CA THR G 126 -51.94 -27.36 -26.49
C THR G 126 -51.30 -27.54 -27.88
N PRO G 127 -51.01 -26.43 -28.57
CA PRO G 127 -50.27 -26.50 -29.83
C PRO G 127 -48.81 -26.91 -29.65
N LYS G 128 -48.33 -27.72 -30.60
CA LYS G 128 -46.92 -28.13 -30.69
C LYS G 128 -46.38 -27.66 -32.03
N ARG G 129 -45.23 -27.02 -32.04
CA ARG G 129 -44.53 -26.76 -33.30
C ARG G 129 -43.66 -27.97 -33.62
N VAL G 130 -43.79 -28.47 -34.85
CA VAL G 130 -43.11 -29.69 -35.25
C VAL G 130 -42.30 -29.41 -36.51
N ARG G 131 -41.02 -29.78 -36.48
CA ARG G 131 -40.16 -29.63 -37.63
C ARG G 131 -39.48 -30.97 -37.90
N LEU G 132 -39.72 -31.51 -39.09
CA LEU G 132 -39.07 -32.73 -39.57
C LEU G 132 -38.28 -32.41 -40.82
N TYR G 133 -36.99 -32.72 -40.81
CA TYR G 133 -36.12 -32.38 -41.93
C TYR G 133 -35.15 -33.49 -42.28
N ARG G 134 -34.58 -33.38 -43.48
CA ARG G 134 -33.66 -34.35 -44.03
C ARG G 134 -32.26 -34.07 -43.48
N GLU G 135 -31.59 -35.14 -43.05
CA GLU G 135 -30.23 -35.03 -42.50
C GLU G 135 -29.15 -35.16 -43.56
N LEU G 136 -29.51 -35.76 -44.70
CA LEU G 136 -28.57 -36.14 -45.75
C LEU G 136 -28.54 -35.13 -46.89
N GLN G 137 -27.34 -34.80 -47.36
CA GLN G 137 -27.19 -33.90 -48.51
C GLN G 137 -27.84 -34.52 -49.75
N ALA G 138 -28.10 -33.68 -50.76
CA ALA G 138 -28.35 -34.18 -52.10
C ALA G 138 -27.13 -34.98 -52.52
N MET G 139 -27.34 -36.04 -53.30
CA MET G 139 -26.25 -36.94 -53.68
C MET G 139 -26.06 -36.92 -55.19
N ASN G 140 -25.03 -36.21 -55.64
CA ASN G 140 -24.82 -35.96 -57.07
C ASN G 140 -24.73 -37.21 -57.95
N ASP G 141 -24.06 -38.25 -57.45
CA ASP G 141 -23.84 -39.48 -58.22
C ASP G 141 -24.84 -40.59 -57.90
N ASP G 142 -25.90 -40.27 -57.16
CA ASP G 142 -26.87 -41.27 -56.74
C ASP G 142 -28.26 -40.89 -57.23
N PRO G 143 -28.75 -41.56 -58.29
CA PRO G 143 -30.02 -41.28 -58.93
C PRO G 143 -31.24 -41.90 -58.24
N LYS G 144 -31.01 -42.74 -57.23
CA LYS G 144 -32.09 -43.50 -56.61
C LYS G 144 -32.61 -42.84 -55.32
N VAL G 145 -31.69 -42.30 -54.52
CA VAL G 145 -32.03 -41.75 -53.21
C VAL G 145 -33.01 -40.56 -53.31
N LYS G 146 -34.07 -40.63 -52.51
CA LYS G 146 -35.10 -39.61 -52.51
C LYS G 146 -35.88 -39.63 -51.20
N LEU G 147 -36.60 -38.53 -50.94
CA LEU G 147 -37.50 -38.44 -49.80
C LEU G 147 -38.70 -37.60 -50.19
N LEU G 148 -39.88 -38.20 -50.08
CA LEU G 148 -41.12 -37.54 -50.50
C LEU G 148 -42.07 -37.47 -49.31
N PHE G 149 -42.59 -36.29 -49.02
CA PHE G 149 -43.61 -36.14 -47.99
C PHE G 149 -45.00 -36.22 -48.61
N LYS G 150 -45.82 -37.14 -48.11
CA LYS G 150 -47.16 -37.39 -48.63
C LYS G 150 -48.27 -36.61 -47.90
N GLY G 151 -48.27 -36.68 -46.58
CA GLY G 151 -49.31 -36.04 -45.77
C GLY G 151 -49.17 -36.35 -44.30
N PHE G 152 -50.13 -35.87 -43.50
CA PHE G 152 -50.11 -36.07 -42.06
C PHE G 152 -51.35 -36.81 -41.57
N LYS G 153 -51.16 -37.69 -40.58
CA LYS G 153 -52.26 -38.22 -39.78
C LYS G 153 -52.27 -37.45 -38.46
N HIS G 154 -53.45 -36.98 -38.06
CA HIS G 154 -53.59 -36.06 -36.92
C HIS G 154 -54.98 -36.05 -36.35
N ASP G 155 -55.07 -36.01 -35.03
CA ASP G 155 -56.36 -35.86 -34.36
C ASP G 155 -56.64 -34.39 -34.00
N GLY G 156 -55.60 -33.56 -34.08
CA GLY G 156 -55.73 -32.13 -33.81
C GLY G 156 -55.88 -31.27 -35.05
N GLU G 157 -55.75 -29.96 -34.89
CA GLU G 157 -55.90 -29.02 -36.00
C GLU G 157 -54.59 -28.33 -36.32
N PHE G 158 -54.39 -28.02 -37.60
CA PHE G 158 -53.28 -27.18 -38.02
C PHE G 158 -53.57 -25.74 -37.67
N GLN G 159 -52.57 -25.06 -37.11
CA GLN G 159 -52.68 -23.63 -36.80
C GLN G 159 -51.70 -22.88 -37.69
N ASN G 160 -51.81 -21.56 -37.72
CA ASN G 160 -50.86 -20.73 -38.45
C ASN G 160 -49.44 -20.97 -37.95
N VAL G 161 -48.51 -21.06 -38.89
CA VAL G 161 -47.10 -21.29 -38.57
C VAL G 161 -46.35 -19.97 -38.45
N PRO G 162 -45.14 -19.98 -37.83
CA PRO G 162 -44.36 -18.75 -37.81
C PRO G 162 -44.11 -18.19 -39.21
N VAL G 163 -44.11 -16.87 -39.32
CA VAL G 163 -43.80 -16.20 -40.58
C VAL G 163 -42.33 -15.77 -40.52
N TYR G 164 -41.48 -16.46 -41.28
CA TYR G 164 -40.06 -16.11 -41.32
C TYR G 164 -39.81 -15.13 -42.45
N SER G 165 -39.82 -13.84 -42.10
CA SER G 165 -39.43 -12.80 -43.05
C SER G 165 -37.94 -12.90 -43.34
N ARG G 166 -37.15 -13.27 -42.33
CA ARG G 166 -35.71 -13.44 -42.48
C ARG G 166 -35.38 -14.73 -43.22
N LYS G 167 -34.49 -14.66 -44.19
CA LYS G 167 -34.16 -15.78 -45.06
C LYS G 167 -32.66 -15.81 -45.31
N LEU G 168 -32.08 -17.00 -45.17
CA LEU G 168 -30.65 -17.20 -45.35
C LEU G 168 -30.39 -18.41 -46.23
N GLU G 169 -29.60 -18.22 -47.28
CA GLU G 169 -29.10 -19.33 -48.08
C GLU G 169 -27.65 -19.63 -47.73
N PHE G 170 -27.34 -20.92 -47.59
CA PHE G 170 -26.01 -21.38 -47.28
C PHE G 170 -25.54 -22.28 -48.42
N ILE G 171 -24.40 -21.94 -49.00
CA ILE G 171 -23.81 -22.73 -50.07
C ILE G 171 -22.47 -23.24 -49.59
N GLY G 172 -22.24 -24.55 -49.70
CA GLY G 172 -20.98 -25.09 -49.20
C GLY G 172 -20.59 -26.50 -49.56
N ASP G 173 -19.62 -27.01 -48.81
CA ASP G 173 -19.09 -28.35 -49.01
C ASP G 173 -19.53 -29.25 -47.86
N SER G 174 -18.69 -30.22 -47.48
CA SER G 174 -19.04 -31.19 -46.42
C SER G 174 -19.32 -30.54 -45.08
N ILE G 175 -18.72 -29.37 -44.87
CA ILE G 175 -18.93 -28.60 -43.64
C ILE G 175 -20.39 -28.17 -43.55
N THR G 176 -20.93 -27.68 -44.66
CA THR G 176 -22.32 -27.26 -44.74
C THR G 176 -23.26 -28.47 -44.84
N SER G 177 -22.73 -29.61 -45.29
CA SER G 177 -23.45 -30.88 -45.20
C SER G 177 -23.36 -31.48 -43.80
N GLY G 178 -22.63 -30.83 -42.90
CA GLY G 178 -22.45 -31.33 -41.53
C GLY G 178 -21.81 -32.70 -41.44
N GLU G 179 -20.94 -33.01 -42.40
CA GLU G 179 -20.25 -34.30 -42.41
C GLU G 179 -19.25 -34.29 -41.27
N GLY G 180 -19.36 -35.28 -40.38
CA GLY G 180 -18.52 -35.35 -39.20
C GLY G 180 -19.18 -34.81 -37.95
N SER G 181 -20.36 -34.21 -38.10
CA SER G 181 -21.12 -33.66 -36.97
C SER G 181 -21.64 -34.74 -36.01
N TYR G 182 -21.76 -35.96 -36.51
CA TYR G 182 -22.03 -37.14 -35.69
C TYR G 182 -20.93 -38.17 -35.91
N GLY G 183 -20.70 -39.03 -34.93
CA GLY G 183 -19.72 -40.11 -35.05
C GLY G 183 -18.43 -39.88 -34.29
N ALA G 184 -17.72 -40.99 -34.02
CA ALA G 184 -16.49 -40.95 -33.23
C ALA G 184 -15.32 -40.36 -34.02
N PHE G 185 -14.34 -39.84 -33.27
CA PHE G 185 -13.12 -39.23 -33.84
C PHE G 185 -12.46 -40.05 -34.96
N ASP G 186 -12.23 -41.34 -34.71
CA ASP G 186 -11.49 -42.17 -35.65
C ASP G 186 -12.31 -42.72 -36.83
N ASP G 187 -13.62 -42.47 -36.84
CA ASP G 187 -14.50 -43.00 -37.89
C ASP G 187 -14.23 -42.36 -39.26
N VAL G 188 -14.11 -43.20 -40.30
CA VAL G 188 -13.71 -42.73 -41.65
C VAL G 188 -14.67 -43.11 -42.80
N ASP G 189 -15.61 -44.03 -42.56
CA ASP G 189 -16.54 -44.47 -43.62
C ASP G 189 -17.42 -43.34 -44.11
N TRP G 190 -17.47 -43.16 -45.44
CA TRP G 190 -18.21 -42.05 -46.04
C TRP G 190 -19.64 -42.46 -46.26
N ILE G 191 -20.42 -42.36 -45.19
CA ILE G 191 -21.78 -42.88 -45.16
C ILE G 191 -22.72 -41.87 -44.48
N PRO G 192 -24.04 -41.94 -44.79
CA PRO G 192 -25.03 -40.95 -44.33
C PRO G 192 -25.09 -40.68 -42.82
N MET G 193 -24.85 -41.69 -41.99
CA MET G 193 -25.08 -41.53 -40.55
C MET G 193 -24.23 -40.44 -39.88
N TYR G 194 -23.14 -40.04 -40.55
CA TYR G 194 -22.21 -39.04 -40.01
C TYR G 194 -22.50 -37.59 -40.44
N MET G 195 -23.47 -37.42 -41.34
CA MET G 195 -23.86 -36.11 -41.85
C MET G 195 -25.12 -35.62 -41.18
N SER G 196 -25.29 -34.29 -41.08
CA SER G 196 -26.52 -33.76 -40.48
C SER G 196 -26.81 -32.28 -40.79
N ALA G 197 -28.08 -31.94 -40.66
CA ALA G 197 -28.52 -30.56 -40.50
C ALA G 197 -28.92 -30.28 -39.04
N SER G 198 -29.10 -31.36 -38.27
CA SER G 198 -29.46 -31.26 -36.86
C SER G 198 -28.34 -30.70 -35.98
N ALA G 199 -27.09 -30.94 -36.37
CA ALA G 199 -25.93 -30.38 -35.66
C ALA G 199 -25.01 -29.74 -36.70
N ASN G 200 -25.27 -28.47 -36.98
CA ASN G 200 -24.74 -27.82 -38.18
C ASN G 200 -24.76 -26.31 -37.96
N TYR G 201 -23.62 -25.66 -38.21
CA TYR G 201 -23.47 -24.21 -37.97
C TYR G 201 -24.53 -23.39 -38.72
N ALA G 202 -24.95 -23.85 -39.90
CA ALA G 202 -25.94 -23.16 -40.73
C ALA G 202 -27.33 -23.08 -40.09
N THR G 203 -27.83 -24.24 -39.67
CA THR G 203 -29.14 -24.31 -39.00
C THR G 203 -29.08 -23.72 -37.60
N MET G 204 -27.92 -23.84 -36.94
CA MET G 204 -27.68 -23.16 -35.66
C MET G 204 -27.79 -21.65 -35.85
N THR G 205 -27.16 -21.13 -36.90
CA THR G 205 -27.22 -19.71 -37.23
C THR G 205 -28.65 -19.29 -37.56
N ALA G 206 -29.32 -20.05 -38.43
CA ALA G 206 -30.69 -19.73 -38.83
C ALA G 206 -31.64 -19.75 -37.64
N LYS G 207 -31.47 -20.74 -36.76
CA LYS G 207 -32.30 -20.86 -35.55
C LYS G 207 -32.14 -19.67 -34.61
N ALA G 208 -30.89 -19.28 -34.35
CA ALA G 208 -30.60 -18.15 -33.47
C ALA G 208 -31.23 -16.85 -34.00
N LEU G 209 -31.29 -16.73 -35.33
CA LEU G 209 -31.78 -15.51 -35.96
C LEU G 209 -33.24 -15.55 -36.39
N ASN G 210 -33.97 -16.61 -36.01
CA ASN G 210 -35.39 -16.76 -36.33
C ASN G 210 -35.60 -16.69 -37.86
N ALA G 211 -34.76 -17.43 -38.59
CA ALA G 211 -34.71 -17.32 -40.04
C ALA G 211 -35.03 -18.62 -40.78
N ASP G 212 -35.76 -18.47 -41.88
CA ASP G 212 -35.91 -19.52 -42.89
C ASP G 212 -34.55 -19.71 -43.55
N TYR G 213 -34.26 -20.93 -44.00
CA TYR G 213 -32.94 -21.28 -44.52
C TYR G 213 -33.03 -22.29 -45.65
N HIS G 214 -32.12 -22.14 -46.61
CA HIS G 214 -31.88 -23.13 -47.67
C HIS G 214 -30.43 -23.55 -47.60
N LEU G 215 -30.21 -24.86 -47.63
CA LEU G 215 -28.86 -25.43 -47.68
C LEU G 215 -28.59 -26.00 -49.06
N VAL G 216 -27.46 -25.61 -49.66
CA VAL G 216 -27.02 -26.14 -50.96
C VAL G 216 -25.57 -26.58 -50.81
N SER G 217 -25.32 -27.87 -50.70
CA SER G 217 -23.98 -28.34 -50.33
C SER G 217 -23.59 -29.70 -50.92
N GLN G 218 -22.30 -29.92 -51.04
CA GLN G 218 -21.81 -31.20 -51.53
C GLN G 218 -20.39 -31.45 -51.03
N GLY G 219 -20.26 -32.49 -50.21
CA GLY G 219 -18.97 -32.91 -49.66
C GLY G 219 -17.92 -33.14 -50.73
N GLY G 220 -16.73 -32.60 -50.50
CA GLY G 220 -15.61 -32.79 -51.41
C GLY G 220 -15.53 -31.77 -52.55
N TRP G 221 -16.62 -31.03 -52.76
CA TRP G 221 -16.70 -30.07 -53.87
C TRP G 221 -16.14 -28.73 -53.52
N GLY G 222 -15.62 -28.04 -54.53
CA GLY G 222 -15.02 -26.72 -54.36
C GLY G 222 -15.80 -25.65 -55.10
N VAL G 223 -15.27 -24.42 -55.08
CA VAL G 223 -15.78 -23.36 -55.96
C VAL G 223 -15.28 -23.61 -57.39
N PHE G 224 -14.09 -24.19 -57.52
CA PHE G 224 -13.50 -24.51 -58.83
C PHE G 224 -13.41 -26.02 -59.10
N CYS G 225 -12.82 -26.77 -58.19
CA CYS G 225 -12.69 -28.22 -58.35
C CYS G 225 -12.82 -28.98 -57.02
N GLY G 226 -13.07 -30.28 -57.12
CA GLY G 226 -13.13 -31.15 -55.94
C GLY G 226 -11.76 -31.33 -55.31
N TRP G 227 -11.76 -31.87 -54.09
CA TRP G 227 -10.52 -32.09 -53.33
C TRP G 227 -9.55 -32.98 -54.07
N ASP G 228 -10.08 -33.76 -55.01
CA ASP G 228 -9.30 -34.75 -55.76
C ASP G 228 -8.98 -34.26 -57.16
N ASN G 229 -9.01 -32.94 -57.35
CA ASN G 229 -8.78 -32.28 -58.64
C ASN G 229 -9.87 -32.48 -59.68
N ASP G 230 -11.01 -33.06 -59.27
CA ASP G 230 -12.13 -33.23 -60.18
C ASP G 230 -12.79 -31.89 -60.48
N VAL G 231 -12.54 -31.43 -61.70
CA VAL G 231 -12.94 -30.10 -62.16
C VAL G 231 -14.47 -30.00 -62.36
N ARG G 232 -15.13 -31.14 -62.51
CA ARG G 232 -16.59 -31.17 -62.63
C ARG G 232 -17.27 -30.96 -61.30
N HIS G 233 -16.55 -31.17 -60.20
CA HIS G 233 -17.15 -31.14 -58.88
C HIS G 233 -17.07 -29.79 -58.23
N ASN G 234 -17.83 -28.86 -58.80
CA ASN G 234 -17.88 -27.50 -58.31
C ASN G 234 -19.31 -27.02 -58.10
N LEU G 235 -19.53 -26.30 -57.01
CA LEU G 235 -20.87 -25.83 -56.63
C LEU G 235 -21.56 -24.93 -57.66
N PRO G 236 -20.81 -24.03 -58.31
CA PRO G 236 -21.49 -23.13 -59.25
C PRO G 236 -22.22 -23.86 -60.38
N SER G 237 -21.68 -24.99 -60.82
CA SER G 237 -22.29 -25.76 -61.91
C SER G 237 -23.65 -26.35 -61.57
N VAL G 238 -23.95 -26.51 -60.28
CA VAL G 238 -25.23 -27.09 -59.84
C VAL G 238 -26.17 -26.09 -59.14
N TYR G 239 -25.76 -24.83 -59.08
CA TYR G 239 -26.49 -23.84 -58.29
C TYR G 239 -27.86 -23.43 -58.84
N GLU G 240 -27.98 -23.36 -60.16
CA GLU G 240 -29.12 -22.68 -60.79
C GLU G 240 -30.40 -23.50 -60.95
N LYS G 241 -30.27 -24.82 -60.88
CA LYS G 241 -31.43 -25.69 -60.99
C LYS G 241 -32.11 -25.86 -59.64
N VAL G 242 -33.36 -26.33 -59.64
CA VAL G 242 -34.10 -26.60 -58.41
C VAL G 242 -33.25 -27.46 -57.46
N CYS G 243 -32.72 -28.57 -57.96
CA CYS G 243 -31.67 -29.30 -57.27
C CYS G 243 -30.77 -29.95 -58.31
N GLY G 244 -29.70 -29.23 -58.68
CA GLY G 244 -28.74 -29.68 -59.69
C GLY G 244 -28.06 -30.98 -59.29
N LEU G 245 -28.00 -31.23 -57.99
CA LEU G 245 -27.38 -32.41 -57.41
C LEU G 245 -28.34 -33.62 -57.35
N ALA G 246 -29.52 -33.46 -57.92
CA ALA G 246 -30.45 -34.57 -58.04
C ALA G 246 -30.65 -34.89 -59.52
N LYS G 247 -29.90 -35.88 -60.00
CA LYS G 247 -29.83 -36.22 -61.42
C LYS G 247 -30.52 -37.55 -61.72
N GLY G 248 -30.69 -37.86 -63.00
CA GLY G 248 -31.33 -39.11 -63.43
C GLY G 248 -32.82 -38.94 -63.68
N GLU G 249 -33.43 -39.95 -64.30
CA GLU G 249 -34.82 -39.87 -64.74
C GLU G 249 -35.83 -39.70 -63.61
N MET G 250 -35.61 -40.42 -62.51
CA MET G 250 -36.48 -40.32 -61.34
C MET G 250 -36.52 -38.89 -60.81
N ASN G 251 -35.34 -38.29 -60.60
CA ASN G 251 -35.23 -36.91 -60.15
C ASN G 251 -35.76 -35.90 -61.16
N GLU G 252 -35.54 -36.17 -62.44
CA GLU G 252 -36.09 -35.34 -63.53
C GLU G 252 -37.61 -35.26 -63.45
N GLU G 253 -38.26 -36.38 -63.15
CA GLU G 253 -39.72 -36.43 -62.96
C GLU G 253 -40.16 -35.64 -61.73
N LEU G 254 -39.33 -35.65 -60.68
CA LEU G 254 -39.60 -34.89 -59.46
C LEU G 254 -39.44 -33.38 -59.66
N GLY G 255 -38.88 -32.99 -60.81
CA GLY G 255 -38.72 -31.57 -61.16
C GLY G 255 -37.39 -30.95 -60.77
N ALA G 256 -36.43 -31.78 -60.37
CA ALA G 256 -35.13 -31.32 -59.88
C ALA G 256 -34.26 -30.60 -60.92
N GLN G 257 -34.42 -30.95 -62.20
CA GLN G 257 -33.52 -30.44 -63.24
C GLN G 257 -34.04 -29.21 -63.98
N GLU G 258 -35.23 -28.75 -63.61
CA GLU G 258 -35.73 -27.47 -64.10
C GLU G 258 -35.04 -26.33 -63.39
N GLU G 259 -34.99 -25.17 -64.03
CA GLU G 259 -34.35 -24.00 -63.44
C GLU G 259 -35.13 -23.52 -62.21
N TYR G 260 -34.39 -23.17 -61.16
CA TYR G 260 -35.00 -22.75 -59.90
C TYR G 260 -35.67 -21.40 -60.02
N ASP G 261 -36.86 -21.29 -59.42
CA ASP G 261 -37.62 -20.05 -59.40
C ASP G 261 -37.08 -19.14 -58.29
N PHE G 262 -35.97 -18.47 -58.57
CA PHE G 262 -35.26 -17.64 -57.58
C PHE G 262 -36.10 -16.50 -57.01
N ALA G 263 -36.96 -15.92 -57.86
CA ALA G 263 -37.81 -14.80 -57.44
C ALA G 263 -38.77 -15.17 -56.30
N SER G 264 -39.11 -16.46 -56.19
CA SER G 264 -40.06 -16.95 -55.18
C SER G 264 -39.47 -17.05 -53.76
N TRP G 265 -38.15 -17.02 -53.64
CA TRP G 265 -37.51 -17.09 -52.33
C TRP G 265 -36.23 -16.31 -52.39
N GLN G 266 -36.28 -15.08 -51.87
CA GLN G 266 -35.14 -14.16 -51.94
C GLN G 266 -34.51 -13.94 -50.57
N PRO G 267 -33.27 -14.42 -50.38
CA PRO G 267 -32.65 -14.35 -49.06
C PRO G 267 -32.08 -12.96 -48.73
N ASP G 268 -32.10 -12.60 -47.44
CA ASP G 268 -31.43 -11.37 -46.99
C ASP G 268 -29.92 -11.49 -47.12
N ALA G 269 -29.40 -12.69 -46.94
CA ALA G 269 -27.98 -12.93 -47.08
C ALA G 269 -27.70 -14.32 -47.62
N ILE G 270 -26.59 -14.43 -48.35
CA ILE G 270 -26.13 -15.69 -48.88
C ILE G 270 -24.76 -15.96 -48.30
N ILE G 271 -24.65 -17.05 -47.55
CA ILE G 271 -23.41 -17.41 -46.88
C ILE G 271 -22.70 -18.45 -47.74
N VAL G 272 -21.52 -18.10 -48.23
CA VAL G 272 -20.77 -19.01 -49.10
C VAL G 272 -19.56 -19.58 -48.37
N ASN G 273 -19.66 -20.85 -48.02
CA ASN G 273 -18.60 -21.53 -47.31
C ASN G 273 -17.91 -22.50 -48.27
N LEU G 274 -17.04 -21.96 -49.13
CA LEU G 274 -16.32 -22.76 -50.12
C LEU G 274 -14.84 -22.41 -50.14
N GLY G 275 -14.02 -23.35 -50.59
CA GLY G 275 -12.59 -23.12 -50.71
C GLY G 275 -11.71 -24.18 -50.09
N THR G 276 -12.22 -24.84 -49.05
CA THR G 276 -11.48 -25.89 -48.36
C THR G 276 -10.99 -26.97 -49.32
N ASN G 277 -11.86 -27.43 -50.22
CA ASN G 277 -11.51 -28.50 -51.16
C ASN G 277 -10.60 -28.03 -52.29
N ASP G 278 -10.79 -26.77 -52.71
CA ASP G 278 -9.92 -26.12 -53.68
C ASP G 278 -8.45 -26.08 -53.21
N VAL G 279 -8.21 -25.67 -51.95
CA VAL G 279 -6.84 -25.67 -51.40
C VAL G 279 -6.25 -27.07 -51.30
N THR G 280 -7.08 -28.04 -50.87
CA THR G 280 -6.66 -29.44 -50.72
C THR G 280 -6.15 -30.05 -52.04
N SER G 281 -6.81 -29.70 -53.14
CA SER G 281 -6.50 -30.25 -54.47
C SER G 281 -5.04 -30.05 -54.90
N PHE G 282 -4.44 -28.93 -54.48
CA PHE G 282 -3.04 -28.63 -54.76
C PHE G 282 -2.07 -29.71 -54.25
N ASN G 283 -2.49 -30.41 -53.20
CA ASN G 283 -1.68 -31.48 -52.60
C ASN G 283 -2.16 -32.88 -52.95
N GLN G 284 -3.06 -32.96 -53.94
CA GLN G 284 -3.62 -34.26 -54.34
C GLN G 284 -3.18 -34.68 -55.74
N PRO G 285 -3.12 -36.01 -56.00
CA PRO G 285 -2.76 -36.53 -57.32
C PRO G 285 -3.66 -36.01 -58.43
N GLU G 286 -3.15 -36.06 -59.66
CA GLU G 286 -3.89 -35.61 -60.85
C GLU G 286 -5.18 -36.41 -61.03
N PHE G 287 -6.15 -35.80 -61.72
CA PHE G 287 -7.42 -36.44 -61.96
C PHE G 287 -7.67 -36.68 -63.45
N LEU G 288 -7.90 -37.93 -63.81
CA LEU G 288 -8.30 -38.26 -65.17
C LEU G 288 -9.81 -38.10 -65.30
N ASN G 289 -10.22 -37.07 -66.03
CA ASN G 289 -11.62 -36.78 -66.29
C ASN G 289 -12.22 -37.76 -67.28
N PRO G 290 -13.10 -38.68 -66.81
CA PRO G 290 -13.69 -39.69 -67.68
C PRO G 290 -14.60 -39.13 -68.77
N ASP G 291 -14.97 -37.85 -68.65
CA ASP G 291 -15.88 -37.20 -69.60
C ASP G 291 -15.19 -36.63 -70.85
N ASP G 292 -13.93 -36.24 -70.73
CA ASP G 292 -13.21 -35.63 -71.84
C ASP G 292 -11.81 -36.24 -72.10
N GLY G 293 -11.38 -37.15 -71.22
CA GLY G 293 -10.11 -37.86 -71.37
C GLY G 293 -8.87 -37.10 -70.92
N LYS G 294 -9.04 -35.85 -70.49
CA LYS G 294 -7.93 -35.03 -70.04
C LYS G 294 -7.67 -35.22 -68.53
N THR G 295 -6.40 -35.10 -68.14
CA THR G 295 -6.04 -35.13 -66.72
C THR G 295 -5.93 -33.70 -66.17
N TYR G 296 -6.38 -33.52 -64.94
CA TYR G 296 -6.37 -32.20 -64.30
C TYR G 296 -5.60 -32.23 -62.99
N LYS G 297 -4.82 -31.18 -62.75
CA LYS G 297 -3.96 -31.10 -61.58
C LYS G 297 -3.70 -29.65 -61.19
N MET G 298 -4.13 -29.30 -59.99
CA MET G 298 -3.76 -28.02 -59.39
C MET G 298 -2.36 -28.21 -58.84
N ARG G 299 -1.42 -27.45 -59.39
CA ARG G 299 0.00 -27.71 -59.20
C ARG G 299 0.62 -26.93 -58.05
N THR G 300 1.59 -27.57 -57.40
CA THR G 300 2.32 -26.95 -56.32
C THR G 300 3.79 -26.83 -56.72
N ASN G 301 4.37 -25.64 -56.52
CA ASN G 301 5.77 -25.38 -56.88
C ASN G 301 6.76 -26.18 -56.04
N THR G 302 7.97 -26.37 -56.54
CA THR G 302 9.01 -27.15 -55.85
C THR G 302 9.47 -26.48 -54.54
N ASP G 303 9.25 -25.18 -54.43
CA ASP G 303 9.52 -24.47 -53.19
C ASP G 303 8.39 -24.71 -52.18
N GLY G 304 7.28 -25.27 -52.65
CA GLY G 304 6.18 -25.68 -51.77
C GLY G 304 4.90 -24.86 -51.89
N THR G 305 4.97 -23.72 -52.59
CA THR G 305 3.83 -22.82 -52.72
C THR G 305 2.94 -23.21 -53.91
N ARG G 306 1.70 -22.72 -53.90
CA ARG G 306 0.75 -22.98 -54.98
C ARG G 306 1.16 -22.32 -56.29
N ASN G 307 0.95 -23.04 -57.40
CA ASN G 307 1.11 -22.46 -58.72
C ASN G 307 0.14 -21.29 -58.89
N ARG G 308 0.66 -20.14 -59.31
CA ARG G 308 -0.13 -18.91 -59.43
C ARG G 308 -1.23 -18.97 -60.50
N GLU G 309 -0.91 -19.54 -61.66
CA GLU G 309 -1.89 -19.70 -62.74
C GLU G 309 -3.09 -20.50 -62.26
N ASP G 310 -2.83 -21.53 -61.46
CA ASP G 310 -3.88 -22.37 -60.90
C ASP G 310 -4.70 -21.63 -59.84
N GLU G 311 -4.05 -20.79 -59.02
CA GLU G 311 -4.75 -19.91 -58.09
C GLU G 311 -5.73 -19.00 -58.85
N LEU G 312 -5.27 -18.48 -60.00
CA LEU G 312 -6.04 -17.58 -60.84
C LEU G 312 -7.31 -18.23 -61.41
N LYS G 313 -7.26 -19.55 -61.60
CA LYS G 313 -8.44 -20.31 -62.02
C LYS G 313 -9.50 -20.29 -60.92
N ILE G 314 -9.06 -20.36 -59.65
CA ILE G 314 -9.97 -20.25 -58.51
C ILE G 314 -10.53 -18.83 -58.42
N VAL G 315 -9.65 -17.84 -58.54
CA VAL G 315 -10.04 -16.42 -58.59
C VAL G 315 -11.11 -16.18 -59.66
N SER G 316 -10.89 -16.68 -60.88
CA SER G 316 -11.88 -16.55 -61.95
C SER G 316 -13.19 -17.28 -61.61
N ALA G 317 -13.08 -18.46 -61.02
CA ALA G 317 -14.25 -19.22 -60.60
C ALA G 317 -15.06 -18.44 -59.57
N ILE G 318 -14.37 -17.77 -58.66
CA ILE G 318 -15.02 -16.94 -57.63
C ILE G 318 -15.74 -15.74 -58.25
N ILE G 319 -15.06 -15.04 -59.15
CA ILE G 319 -15.65 -13.91 -59.88
C ILE G 319 -16.93 -14.34 -60.61
N ASP G 320 -16.83 -15.43 -61.37
CA ASP G 320 -17.98 -15.95 -62.13
C ASP G 320 -19.14 -16.35 -61.22
N PHE G 321 -18.84 -16.97 -60.08
CA PHE G 321 -19.87 -17.43 -59.15
C PHE G 321 -20.61 -16.28 -58.47
N LEU G 322 -19.86 -15.27 -58.06
CA LEU G 322 -20.44 -14.05 -57.47
C LEU G 322 -21.37 -13.36 -58.47
N THR G 323 -20.96 -13.35 -59.73
CA THR G 323 -21.79 -12.84 -60.83
C THR G 323 -23.08 -13.64 -60.94
N MET G 324 -22.95 -14.97 -60.95
CA MET G 324 -24.11 -15.86 -60.93
C MET G 324 -25.04 -15.60 -59.73
N LEU G 325 -24.44 -15.43 -58.55
CA LEU G 325 -25.21 -15.17 -57.33
C LEU G 325 -25.97 -13.86 -57.41
N ARG G 326 -25.29 -12.81 -57.87
CA ARG G 326 -25.89 -11.48 -58.00
C ARG G 326 -27.02 -11.46 -59.04
N LYS G 327 -26.82 -12.14 -60.16
CA LYS G 327 -27.83 -12.25 -61.22
C LYS G 327 -29.17 -12.79 -60.68
N HIS G 328 -29.11 -13.84 -59.88
CA HIS G 328 -30.32 -14.47 -59.35
C HIS G 328 -30.78 -13.91 -58.04
N ASN G 329 -29.90 -13.18 -57.37
CA ASN G 329 -30.22 -12.53 -56.10
C ASN G 329 -29.75 -11.06 -56.10
N PRO G 330 -30.51 -10.18 -56.77
CA PRO G 330 -30.07 -8.80 -56.98
C PRO G 330 -29.88 -7.95 -55.72
N ASN G 331 -30.55 -8.30 -54.62
CA ASN G 331 -30.49 -7.49 -53.38
C ASN G 331 -29.81 -8.12 -52.16
N ALA G 332 -29.45 -9.40 -52.26
CA ALA G 332 -28.89 -10.12 -51.10
C ALA G 332 -27.49 -9.66 -50.74
N GLN G 333 -27.21 -9.67 -49.45
CA GLN G 333 -25.84 -9.51 -48.96
C GLN G 333 -25.12 -10.84 -49.12
N ILE G 334 -24.08 -10.85 -49.95
CA ILE G 334 -23.29 -12.06 -50.16
C ILE G 334 -22.10 -12.01 -49.21
N ILE G 335 -21.98 -13.04 -48.37
CA ILE G 335 -20.91 -13.11 -47.38
C ILE G 335 -20.15 -14.42 -47.56
N TRP G 336 -18.91 -14.31 -48.02
CA TRP G 336 -18.07 -15.48 -48.11
C TRP G 336 -17.57 -15.77 -46.73
N SER G 337 -17.96 -16.92 -46.20
CA SER G 337 -17.61 -17.29 -44.83
C SER G 337 -16.81 -18.58 -44.81
N TYR G 338 -15.54 -18.47 -44.47
CA TYR G 338 -14.58 -19.56 -44.66
C TYR G 338 -13.60 -19.61 -43.49
N GLY G 339 -13.24 -20.83 -43.07
CA GLY G 339 -12.15 -21.00 -42.11
C GLY G 339 -12.27 -22.13 -41.12
N MET G 340 -13.37 -22.88 -41.16
CA MET G 340 -13.59 -23.94 -40.16
C MET G 340 -12.60 -25.11 -40.29
N LEU G 341 -12.05 -25.29 -41.50
CA LEU G 341 -10.97 -26.25 -41.70
C LEU G 341 -9.77 -25.60 -42.39
N GLY G 342 -9.16 -24.65 -41.69
CA GLY G 342 -7.99 -23.93 -42.21
C GLY G 342 -8.41 -22.67 -42.96
N SER G 343 -7.48 -21.72 -43.05
CA SER G 343 -7.75 -20.42 -43.66
C SER G 343 -6.74 -20.07 -44.75
N ASP G 344 -6.05 -21.08 -45.27
CA ASP G 344 -5.00 -20.87 -46.26
C ASP G 344 -5.44 -20.21 -47.56
N LEU G 345 -6.71 -20.36 -47.93
CA LEU G 345 -7.20 -19.76 -49.17
C LEU G 345 -7.76 -18.34 -49.01
N ASN G 346 -7.68 -17.78 -47.80
CA ASN G 346 -8.33 -16.49 -47.58
C ASN G 346 -7.91 -15.35 -48.51
N LEU G 347 -6.62 -15.28 -48.88
CA LEU G 347 -6.13 -14.24 -49.79
C LEU G 347 -6.60 -14.46 -51.22
N VAL G 348 -6.65 -15.71 -51.66
CA VAL G 348 -7.17 -16.05 -52.97
C VAL G 348 -8.65 -15.73 -53.04
N ILE G 349 -9.39 -16.08 -51.98
CA ILE G 349 -10.83 -15.82 -51.91
C ILE G 349 -11.12 -14.33 -51.98
N THR G 350 -10.44 -13.55 -51.16
CA THR G 350 -10.65 -12.10 -51.10
C THR G 350 -10.17 -11.39 -52.38
N GLU G 351 -9.17 -11.97 -53.04
CA GLU G 351 -8.74 -11.50 -54.36
C GLU G 351 -9.89 -11.62 -55.35
N GLY G 352 -10.51 -12.81 -55.37
CA GLY G 352 -11.71 -13.04 -56.18
C GLY G 352 -12.83 -12.06 -55.85
N ILE G 353 -13.09 -11.86 -54.57
CA ILE G 353 -14.16 -10.95 -54.11
C ILE G 353 -13.87 -9.51 -54.51
N ASN G 354 -12.65 -9.04 -54.21
CA ASN G 354 -12.27 -7.67 -54.54
C ASN G 354 -12.29 -7.40 -56.04
N LYS G 355 -11.80 -8.34 -56.85
CA LYS G 355 -11.77 -8.19 -58.29
C LYS G 355 -13.20 -8.15 -58.85
N TYR G 356 -14.04 -9.06 -58.39
CA TYR G 356 -15.45 -9.04 -58.74
C TYR G 356 -16.10 -7.71 -58.39
N LYS G 357 -15.88 -7.25 -57.15
CA LYS G 357 -16.53 -6.07 -56.58
C LYS G 357 -16.22 -4.76 -57.32
N GLU G 358 -14.96 -4.60 -57.70
CA GLU G 358 -14.51 -3.41 -58.38
C GLU G 358 -15.06 -3.39 -59.81
N ASN G 359 -14.98 -4.52 -60.48
CA ASN G 359 -15.47 -4.69 -61.84
C ASN G 359 -16.99 -4.50 -61.98
N ALA G 360 -17.74 -4.90 -60.96
CA ALA G 360 -19.20 -4.85 -61.02
C ALA G 360 -19.81 -3.65 -60.29
N GLY G 361 -19.02 -2.99 -59.44
CA GLY G 361 -19.55 -1.95 -58.55
C GLY G 361 -20.54 -2.52 -57.56
N ASP G 362 -20.25 -3.72 -57.06
CA ASP G 362 -21.13 -4.42 -56.13
C ASP G 362 -20.68 -4.16 -54.69
N GLU G 363 -21.48 -3.42 -53.95
CA GLU G 363 -21.13 -3.03 -52.59
C GLU G 363 -21.69 -3.99 -51.53
N LYS G 364 -22.42 -5.01 -51.96
CA LYS G 364 -23.05 -5.95 -51.02
C LYS G 364 -22.44 -7.35 -51.09
N VAL G 365 -21.11 -7.39 -51.12
CA VAL G 365 -20.34 -8.63 -51.00
C VAL G 365 -19.31 -8.44 -49.89
N SER G 366 -19.22 -9.42 -49.00
CA SER G 366 -18.35 -9.32 -47.83
C SER G 366 -17.55 -10.60 -47.61
N PHE G 367 -16.47 -10.48 -46.82
CA PHE G 367 -15.72 -11.65 -46.35
C PHE G 367 -15.80 -11.72 -44.83
N PHE G 368 -16.11 -12.91 -44.33
CA PHE G 368 -16.06 -13.17 -42.90
C PHE G 368 -15.38 -14.50 -42.62
N GLN G 369 -14.30 -14.45 -41.85
CA GLN G 369 -13.54 -15.65 -41.52
C GLN G 369 -14.16 -16.34 -40.32
N LEU G 370 -14.45 -17.62 -40.50
CA LEU G 370 -14.99 -18.47 -39.44
C LEU G 370 -13.86 -19.04 -38.59
N PRO G 371 -14.13 -19.35 -37.30
CA PRO G 371 -13.05 -19.86 -36.45
C PRO G 371 -12.61 -21.26 -36.86
N ASN G 372 -11.31 -21.52 -36.75
CA ASN G 372 -10.76 -22.82 -37.07
C ASN G 372 -11.15 -23.90 -36.05
N THR G 373 -11.39 -25.11 -36.52
CA THR G 373 -11.63 -26.27 -35.64
C THR G 373 -10.32 -26.68 -34.98
N THR G 374 -10.32 -26.72 -33.65
CA THR G 374 -9.15 -27.18 -32.90
C THR G 374 -9.26 -28.68 -32.55
N MET G 375 -8.17 -29.24 -32.03
CA MET G 375 -8.10 -30.68 -31.75
C MET G 375 -9.19 -31.21 -30.82
N GLU G 376 -9.65 -30.38 -29.89
CA GLU G 376 -10.68 -30.81 -28.94
C GLU G 376 -12.10 -30.81 -29.57
N ASN G 377 -12.24 -30.17 -30.72
CA ASN G 377 -13.54 -29.94 -31.36
C ASN G 377 -13.80 -30.68 -32.68
N PHE G 378 -12.94 -31.63 -33.02
CA PHE G 378 -13.15 -32.45 -34.21
C PHE G 378 -14.27 -33.47 -33.98
N GLY G 379 -15.04 -33.75 -35.03
CA GLY G 379 -16.03 -34.83 -35.00
C GLY G 379 -15.43 -36.06 -35.61
N SER G 380 -16.20 -36.75 -36.45
CA SER G 380 -15.68 -37.83 -37.27
C SER G 380 -15.06 -37.27 -38.55
N HIS G 381 -14.31 -38.12 -39.25
CA HIS G 381 -13.70 -37.75 -40.54
C HIS G 381 -12.72 -36.61 -40.45
N MET G 382 -12.21 -36.33 -39.25
CA MET G 382 -11.39 -35.13 -39.03
C MET G 382 -12.09 -33.87 -39.52
N ALA G 383 -13.40 -33.81 -39.30
CA ALA G 383 -14.22 -32.67 -39.72
C ALA G 383 -14.71 -31.94 -38.48
N PRO G 384 -15.31 -30.74 -38.65
CA PRO G 384 -15.86 -30.01 -37.52
C PRO G 384 -16.90 -30.83 -36.77
N GLY G 385 -16.70 -30.99 -35.46
CA GLY G 385 -17.70 -31.62 -34.61
C GLY G 385 -18.72 -30.60 -34.15
N PRO G 386 -19.74 -31.05 -33.39
CA PRO G 386 -20.80 -30.14 -32.90
C PRO G 386 -20.31 -28.87 -32.21
N LYS G 387 -19.25 -28.94 -31.40
CA LYS G 387 -18.71 -27.73 -30.72
C LYS G 387 -18.12 -26.72 -31.68
N SER G 388 -17.48 -27.22 -32.73
CA SER G 388 -16.91 -26.35 -33.75
C SER G 388 -18.02 -25.64 -34.52
N HIS G 389 -19.05 -26.40 -34.90
CA HIS G 389 -20.26 -25.84 -35.51
C HIS G 389 -20.87 -24.76 -34.63
N GLN G 390 -20.98 -25.05 -33.33
CA GLN G 390 -21.49 -24.07 -32.35
C GLN G 390 -20.65 -22.80 -32.31
N ASN G 391 -19.33 -22.97 -32.25
CA ASN G 391 -18.41 -21.84 -32.22
C ASN G 391 -18.53 -20.98 -33.48
N ALA G 392 -18.63 -21.63 -34.63
CA ALA G 392 -18.72 -20.93 -35.91
C ALA G 392 -20.05 -20.17 -36.01
N ALA G 393 -21.13 -20.82 -35.58
CA ALA G 393 -22.45 -20.20 -35.54
C ALA G 393 -22.46 -18.97 -34.63
N LYS G 394 -21.83 -19.07 -33.46
CA LYS G 394 -21.73 -17.95 -32.52
C LYS G 394 -21.12 -16.70 -33.20
N GLU G 395 -19.98 -16.89 -33.87
CA GLU G 395 -19.31 -15.78 -34.56
C GLU G 395 -20.11 -15.25 -35.75
N LEU G 396 -20.67 -16.18 -36.54
CA LEU G 396 -21.45 -15.81 -37.71
C LEU G 396 -22.74 -15.08 -37.34
N VAL G 397 -23.40 -15.54 -36.27
CA VAL G 397 -24.61 -14.89 -35.77
C VAL G 397 -24.31 -13.44 -35.36
N ASP G 398 -23.26 -13.25 -34.55
CA ASP G 398 -22.80 -11.90 -34.18
C ASP G 398 -22.55 -11.01 -35.41
N TYR G 399 -21.84 -11.56 -36.40
CA TYR G 399 -21.57 -10.86 -37.64
C TYR G 399 -22.84 -10.45 -38.37
N LEU G 400 -23.79 -11.37 -38.48
CA LEU G 400 -25.04 -11.13 -39.20
C LEU G 400 -25.94 -10.13 -38.48
N ARG G 401 -25.98 -10.21 -37.15
CA ARG G 401 -26.72 -9.24 -36.32
C ARG G 401 -26.28 -7.81 -36.64
N ASN G 402 -24.96 -7.61 -36.71
CA ASN G 402 -24.37 -6.32 -37.04
C ASN G 402 -24.54 -5.91 -38.50
N LYS G 403 -24.31 -6.84 -39.42
CA LYS G 403 -24.38 -6.54 -40.85
C LYS G 403 -25.79 -6.24 -41.35
N LEU G 404 -26.76 -7.04 -40.92
CA LEU G 404 -28.15 -6.92 -41.40
C LEU G 404 -29.07 -6.12 -40.49
N GLY G 405 -28.54 -5.73 -39.32
CA GLY G 405 -29.34 -5.02 -38.33
C GLY G 405 -30.38 -5.91 -37.67
N TRP G 406 -29.99 -7.15 -37.37
CA TRP G 406 -30.87 -8.11 -36.72
C TRP G 406 -30.50 -8.28 -35.27
N PHE G 407 -30.67 -7.22 -34.49
CA PHE G 407 -30.27 -7.26 -33.09
C PHE G 407 -31.32 -7.90 -32.20
N VAL H 35 -30.25 32.87 5.99
CA VAL H 35 -28.78 33.11 5.87
C VAL H 35 -28.01 32.09 6.72
N LEU H 36 -27.86 32.38 8.02
CA LEU H 36 -27.21 31.46 8.95
C LEU H 36 -28.24 30.85 9.88
N GLN H 37 -28.14 29.53 10.09
CA GLN H 37 -28.97 28.83 11.04
C GLN H 37 -28.52 29.17 12.46
N TYR H 38 -29.46 29.11 13.41
CA TYR H 38 -29.11 29.23 14.81
C TYR H 38 -29.48 27.95 15.55
N THR H 39 -28.53 27.40 16.29
CA THR H 39 -28.76 26.22 17.09
C THR H 39 -28.26 26.46 18.50
N GLU H 40 -29.19 26.34 19.46
CA GLU H 40 -28.87 26.47 20.88
C GLU H 40 -27.94 25.34 21.29
N ILE H 41 -27.08 25.61 22.26
CA ILE H 41 -26.06 24.65 22.67
C ILE H 41 -26.67 23.32 23.16
N SER H 42 -27.76 23.42 23.92
CA SER H 42 -28.44 22.24 24.48
C SER H 42 -29.20 21.42 23.45
N ASN H 43 -29.40 21.99 22.25
CA ASN H 43 -30.12 21.33 21.16
C ASN H 43 -29.22 20.65 20.12
N ILE H 44 -27.94 20.47 20.46
CA ILE H 44 -27.02 19.69 19.63
C ILE H 44 -26.88 18.32 20.28
N SER H 45 -27.08 17.25 19.51
CA SER H 45 -26.98 15.90 20.06
C SER H 45 -25.59 15.62 20.63
N SER H 46 -25.53 14.82 21.69
CA SER H 46 -24.28 14.56 22.42
C SER H 46 -23.12 14.12 21.53
N ASP H 47 -23.42 13.47 20.40
CA ASP H 47 -22.38 12.96 19.50
C ASP H 47 -21.84 14.02 18.53
N LYS H 48 -22.45 15.21 18.53
CA LYS H 48 -22.03 16.31 17.66
C LYS H 48 -21.50 17.52 18.43
N ILE H 49 -21.22 17.32 19.72
CA ILE H 49 -20.58 18.35 20.54
C ILE H 49 -19.78 17.72 21.68
N ASN H 50 -18.56 18.20 21.88
CA ASN H 50 -17.78 17.86 23.06
C ASN H 50 -17.80 19.06 24.01
N ILE H 51 -18.35 18.86 25.20
CA ILE H 51 -18.34 19.87 26.24
C ILE H 51 -17.10 19.64 27.11
N LEU H 52 -16.21 20.62 27.11
CA LEU H 52 -14.95 20.53 27.84
C LEU H 52 -15.07 21.20 29.20
N GLY H 53 -14.76 20.46 30.25
CA GLY H 53 -14.83 20.98 31.60
C GLY H 53 -16.04 20.48 32.36
N ARG H 54 -16.00 20.58 33.68
CA ARG H 54 -17.11 20.16 34.53
C ARG H 54 -18.38 20.92 34.21
N THR H 55 -19.50 20.18 34.14
CA THR H 55 -20.82 20.79 33.97
C THR H 55 -21.76 20.38 35.10
N GLY H 56 -22.81 21.19 35.32
CA GLY H 56 -23.83 20.89 36.32
C GLY H 56 -25.19 20.75 35.67
N LYS H 57 -26.24 21.11 36.40
CA LYS H 57 -27.63 20.90 35.95
C LYS H 57 -28.06 21.81 34.80
N LYS H 58 -27.50 23.03 34.75
CA LYS H 58 -27.92 24.00 33.75
C LYS H 58 -27.27 23.72 32.40
N ARG H 59 -28.11 23.50 31.39
CA ARG H 59 -27.63 23.17 30.05
C ARG H 59 -27.92 24.26 29.03
N GLN H 60 -28.89 25.13 29.33
CA GLN H 60 -29.23 26.23 28.44
C GLN H 60 -29.53 27.55 29.19
N PRO H 61 -28.68 28.57 29.02
CA PRO H 61 -27.38 28.47 28.35
C PRO H 61 -26.39 27.64 29.16
N LEU H 62 -25.28 27.26 28.53
CA LEU H 62 -24.26 26.44 29.18
C LEU H 62 -23.25 27.31 29.93
N PRO H 63 -23.18 27.17 31.27
CA PRO H 63 -22.18 27.89 32.02
C PRO H 63 -20.81 27.22 31.89
N VAL H 64 -19.79 28.00 31.57
CA VAL H 64 -18.42 27.48 31.47
C VAL H 64 -17.70 27.93 32.74
N PHE H 65 -17.54 27.00 33.67
CA PHE H 65 -17.04 27.34 35.01
C PHE H 65 -15.52 27.50 35.13
N PHE H 66 -14.77 26.66 34.42
CA PHE H 66 -13.34 26.54 34.64
C PHE H 66 -12.48 27.01 33.47
N ASN H 67 -11.25 27.43 33.77
CA ASN H 67 -10.19 27.54 32.75
C ASN H 67 -10.07 26.23 31.96
N GLY H 68 -9.82 26.34 30.66
CA GLY H 68 -9.76 25.17 29.78
C GLY H 68 -11.14 24.66 29.40
N GLY H 69 -12.17 25.20 30.04
CA GLY H 69 -13.55 24.80 29.79
C GLY H 69 -14.08 25.45 28.53
N GLY H 70 -15.00 24.76 27.85
CA GLY H 70 -15.56 25.31 26.62
C GLY H 70 -16.18 24.23 25.77
N VAL H 71 -16.14 24.43 24.46
CA VAL H 71 -16.79 23.51 23.53
C VAL H 71 -15.93 23.17 22.32
N GLU H 72 -16.17 21.98 21.78
CA GLU H 72 -15.59 21.59 20.52
C GLU H 72 -16.69 21.04 19.61
N VAL H 73 -16.76 21.58 18.40
CA VAL H 73 -17.66 21.06 17.37
C VAL H 73 -16.85 20.76 16.11
N VAL H 74 -17.43 19.93 15.23
CA VAL H 74 -16.87 19.71 13.89
C VAL H 74 -17.93 20.13 12.87
N VAL H 75 -17.65 21.19 12.13
CA VAL H 75 -18.65 21.79 11.25
C VAL H 75 -18.17 22.03 9.84
N THR H 76 -19.08 21.85 8.88
CA THR H 76 -18.86 22.29 7.52
C THR H 76 -19.29 23.75 7.42
N GLY H 77 -19.33 24.29 6.22
CA GLY H 77 -19.83 25.65 6.00
C GLY H 77 -18.75 26.69 5.87
N SER H 78 -19.14 27.88 5.42
CA SER H 78 -18.22 28.99 5.22
C SER H 78 -18.02 29.83 6.48
N GLU H 79 -18.98 29.77 7.39
CA GLU H 79 -19.03 30.71 8.51
C GLU H 79 -19.56 30.07 9.78
N LEU H 80 -19.00 30.49 10.91
CA LEU H 80 -19.40 29.98 12.22
C LEU H 80 -19.27 31.06 13.29
N TRP H 81 -20.34 31.29 14.03
CA TRP H 81 -20.34 32.22 15.17
C TRP H 81 -20.83 31.51 16.40
N ILE H 82 -20.32 31.92 17.55
CA ILE H 82 -20.88 31.51 18.83
C ILE H 82 -21.55 32.71 19.51
N ASP H 83 -22.77 32.51 19.99
CA ASP H 83 -23.46 33.49 20.82
C ASP H 83 -23.18 33.15 22.27
N LEU H 84 -22.69 34.12 23.02
CA LEU H 84 -22.42 33.91 24.43
C LEU H 84 -22.72 35.15 25.27
N GLU H 85 -22.67 34.97 26.59
CA GLU H 85 -22.88 36.04 27.54
C GLU H 85 -21.79 35.97 28.59
N THR H 86 -21.22 37.13 28.91
CA THR H 86 -20.24 37.23 29.96
C THR H 86 -20.56 38.41 30.88
N ASP H 87 -20.12 38.31 32.13
CA ASP H 87 -20.16 39.43 33.06
C ASP H 87 -18.88 39.39 33.87
N SER H 88 -18.53 40.54 34.44
CA SER H 88 -17.28 40.70 35.18
C SER H 88 -17.17 42.13 35.71
N ASP H 89 -16.23 42.33 36.63
CA ASP H 89 -15.88 43.66 37.12
C ASP H 89 -14.38 43.90 36.93
N VAL H 90 -13.60 43.68 37.98
CA VAL H 90 -12.15 43.89 37.96
C VAL H 90 -11.46 42.89 37.03
N ASN H 91 -11.94 41.65 37.03
CA ASN H 91 -11.33 40.56 36.29
C ASN H 91 -12.16 40.12 35.09
N GLU H 92 -11.86 40.69 33.92
CA GLU H 92 -12.61 40.40 32.71
C GLU H 92 -12.29 39.02 32.13
N MET H 93 -13.23 38.50 31.35
CA MET H 93 -13.12 37.18 30.73
C MET H 93 -12.11 37.17 29.59
N TRP H 94 -11.43 36.04 29.42
CA TRP H 94 -10.54 35.81 28.27
C TRP H 94 -10.84 34.47 27.66
N VAL H 95 -10.82 34.42 26.33
CA VAL H 95 -11.05 33.17 25.60
C VAL H 95 -9.98 32.96 24.55
N ALA H 96 -9.81 31.71 24.13
CA ALA H 96 -8.91 31.37 23.04
C ALA H 96 -9.55 30.39 22.08
N LEU H 97 -9.17 30.50 20.81
CA LEU H 97 -9.74 29.73 19.72
C LEU H 97 -8.70 28.86 19.03
N GLU H 98 -9.04 27.58 18.83
CA GLU H 98 -8.19 26.64 18.09
C GLU H 98 -9.01 25.98 17.00
N ILE H 99 -8.50 26.05 15.77
CA ILE H 99 -9.13 25.40 14.60
C ILE H 99 -8.23 24.28 14.08
N ASN H 100 -8.80 23.08 13.95
CA ASN H 100 -8.06 21.88 13.58
C ASN H 100 -6.81 21.67 14.44
N GLY H 101 -6.94 21.97 15.73
CA GLY H 101 -5.89 21.78 16.72
C GLY H 101 -4.81 22.85 16.78
N ALA H 102 -4.94 23.90 15.96
CA ALA H 102 -3.95 24.97 15.90
C ALA H 102 -4.50 26.26 16.50
N PHE H 103 -3.67 26.91 17.33
CA PHE H 103 -4.03 28.20 17.93
C PHE H 103 -4.29 29.24 16.86
N ILE H 104 -5.42 29.93 16.98
CA ILE H 104 -5.81 30.97 16.03
C ILE H 104 -5.94 32.36 16.67
N ALA H 105 -6.61 32.43 17.81
CA ALA H 105 -6.95 33.74 18.38
C ALA H 105 -7.08 33.67 19.89
N ARG H 106 -6.96 34.85 20.50
CA ARG H 106 -7.08 34.99 21.93
C ARG H 106 -7.48 36.44 22.17
N GLN H 107 -8.54 36.64 22.95
CA GLN H 107 -9.04 37.99 23.19
C GLN H 107 -9.77 38.15 24.50
N MET H 108 -9.89 39.41 24.91
CA MET H 108 -10.64 39.80 26.08
C MET H 108 -12.14 39.82 25.74
N LEU H 109 -12.98 39.53 26.73
CA LEU H 109 -14.42 39.70 26.61
C LEU H 109 -14.98 40.54 27.76
N LEU H 110 -15.50 41.71 27.42
CA LEU H 110 -16.10 42.60 28.40
C LEU H 110 -17.59 42.29 28.58
N PRO H 111 -18.20 42.67 29.73
CA PRO H 111 -19.56 42.24 30.07
C PRO H 111 -20.60 42.49 28.97
N GLY H 112 -21.56 41.57 28.85
CA GLY H 112 -22.65 41.71 27.89
C GLY H 112 -22.85 40.51 27.00
N GLU H 113 -23.75 40.66 26.04
CA GLU H 113 -24.00 39.64 25.04
C GLU H 113 -23.03 39.82 23.88
N HIS H 114 -22.47 38.72 23.40
CA HIS H 114 -21.56 38.76 22.26
C HIS H 114 -21.89 37.75 21.23
N SER H 115 -21.61 38.09 19.97
CA SER H 115 -21.61 37.14 18.90
C SER H 115 -20.20 37.14 18.32
N LEU H 116 -19.43 36.12 18.68
CA LEU H 116 -18.04 35.96 18.26
C LEU H 116 -17.96 35.16 16.98
N CYS H 117 -17.32 35.73 15.95
CA CYS H 117 -17.10 35.02 14.71
C CYS H 117 -15.88 34.12 14.87
N LEU H 118 -16.10 32.81 14.72
CA LEU H 118 -15.03 31.83 14.92
C LEU H 118 -14.28 31.55 13.63
N PHE H 119 -15.01 31.48 12.52
CA PHE H 119 -14.40 31.51 11.19
C PHE H 119 -15.38 32.05 10.15
N ARG H 120 -14.84 32.52 9.04
CA ARG H 120 -15.65 33.05 7.96
C ARG H 120 -14.95 32.93 6.61
N SER H 121 -15.73 33.01 5.54
CA SER H 121 -15.24 32.96 4.16
C SER H 121 -14.47 31.67 3.81
N MET H 122 -14.74 30.60 4.56
CA MET H 122 -14.06 29.32 4.35
C MET H 122 -14.78 28.48 3.29
N GLU H 123 -14.04 27.54 2.70
CA GLU H 123 -14.59 26.53 1.81
C GLU H 123 -15.72 25.75 2.49
N LYS H 124 -16.90 25.78 1.86
CA LYS H 124 -18.15 25.29 2.45
C LYS H 124 -18.24 23.80 2.72
N THR H 125 -17.62 22.98 1.88
CA THR H 125 -17.80 21.52 1.96
C THR H 125 -16.87 20.82 2.96
N THR H 126 -15.72 21.43 3.27
CA THR H 126 -14.74 20.82 4.17
C THR H 126 -15.07 21.02 5.65
N PRO H 127 -15.03 19.95 6.46
CA PRO H 127 -15.23 20.07 7.89
C PRO H 127 -14.06 20.74 8.60
N LYS H 128 -14.36 21.56 9.60
CA LYS H 128 -13.36 22.21 10.46
C LYS H 128 -13.63 21.78 11.89
N ARG H 129 -12.60 21.36 12.61
CA ARG H 129 -12.78 21.14 14.04
C ARG H 129 -12.52 22.46 14.75
N VAL H 130 -13.46 22.87 15.60
CA VAL H 130 -13.39 24.18 16.26
C VAL H 130 -13.46 23.99 17.76
N ARG H 131 -12.50 24.58 18.46
CA ARG H 131 -12.48 24.52 19.90
C ARG H 131 -12.35 25.94 20.47
N LEU H 132 -13.33 26.31 21.28
CA LEU H 132 -13.32 27.60 22.00
C LEU H 132 -13.40 27.34 23.49
N TYR H 133 -12.40 27.83 24.22
CA TYR H 133 -12.34 27.60 25.66
C TYR H 133 -11.97 28.86 26.45
N ARG H 134 -12.25 28.79 27.74
CA ARG H 134 -12.01 29.86 28.69
C ARG H 134 -10.54 29.86 29.12
N GLU H 135 -9.94 31.05 29.13
CA GLU H 135 -8.52 31.23 29.47
C GLU H 135 -8.32 31.51 30.95
N LEU H 136 -9.38 31.98 31.59
CA LEU H 136 -9.34 32.46 32.97
C LEU H 136 -9.82 31.39 33.94
N GLN H 137 -9.11 31.23 35.04
CA GLN H 137 -9.52 30.31 36.12
C GLN H 137 -10.86 30.72 36.71
N ALA H 138 -11.49 29.81 37.44
CA ALA H 138 -12.61 30.17 38.31
C ALA H 138 -12.06 31.17 39.31
N MET H 139 -12.88 32.12 39.74
CA MET H 139 -12.44 33.17 40.66
C MET H 139 -13.19 33.06 41.98
N ASN H 140 -12.52 32.53 43.00
CA ASN H 140 -13.15 32.20 44.28
C ASN H 140 -13.86 33.38 44.96
N ASP H 141 -13.25 34.56 44.90
CA ASP H 141 -13.77 35.74 45.60
C ASP H 141 -14.54 36.70 44.70
N ASP H 142 -14.82 36.27 43.47
CA ASP H 142 -15.54 37.09 42.51
C ASP H 142 -16.88 36.43 42.15
N PRO H 143 -18.00 36.98 42.66
CA PRO H 143 -19.32 36.39 42.40
C PRO H 143 -19.96 36.85 41.08
N LYS H 144 -19.28 37.73 40.36
CA LYS H 144 -19.85 38.36 39.18
C LYS H 144 -19.38 37.72 37.87
N VAL H 145 -18.09 37.41 37.80
CA VAL H 145 -17.49 36.90 36.56
C VAL H 145 -18.12 35.57 36.13
N LYS H 146 -18.56 35.52 34.88
CA LYS H 146 -19.17 34.32 34.33
C LYS H 146 -18.98 34.28 32.81
N LEU H 147 -19.14 33.07 32.25
CA LEU H 147 -19.15 32.87 30.82
C LEU H 147 -20.20 31.82 30.49
N LEU H 148 -21.15 32.20 29.65
CA LEU H 148 -22.28 31.34 29.30
C LEU H 148 -22.36 31.21 27.79
N PHE H 149 -22.32 29.96 27.30
CA PHE H 149 -22.48 29.71 25.87
C PHE H 149 -23.95 29.49 25.55
N LYS H 150 -24.46 30.23 24.57
CA LYS H 150 -25.89 30.21 24.20
C LYS H 150 -26.16 29.30 23.00
N GLY H 151 -25.43 29.51 21.92
CA GLY H 151 -25.61 28.72 20.69
C GLY H 151 -24.68 29.13 19.57
N PHE H 152 -24.90 28.56 18.39
CA PHE H 152 -24.07 28.83 17.22
C PHE H 152 -24.90 29.36 16.07
N LYS H 153 -24.30 30.29 15.32
CA LYS H 153 -24.78 30.68 14.00
C LYS H 153 -23.90 29.97 12.98
N HIS H 154 -24.52 29.30 12.02
CA HIS H 154 -23.79 28.44 11.06
C HIS H 154 -24.53 28.25 9.78
N ASP H 155 -23.79 28.25 8.67
CA ASP H 155 -24.37 27.93 7.37
C ASP H 155 -24.12 26.46 6.99
N GLY H 156 -23.22 25.80 7.71
CA GLY H 156 -22.89 24.40 7.47
C GLY H 156 -23.58 23.48 8.45
N GLU H 157 -23.18 22.21 8.46
CA GLU H 157 -23.80 21.21 9.34
C GLU H 157 -22.83 20.72 10.40
N PHE H 158 -23.38 20.40 11.56
CA PHE H 158 -22.64 19.73 12.62
C PHE H 158 -22.37 18.29 12.26
N GLN H 159 -21.13 17.86 12.46
CA GLN H 159 -20.77 16.47 12.25
C GLN H 159 -20.35 15.85 13.57
N ASN H 160 -20.17 14.53 13.58
CA ASN H 160 -19.74 13.83 14.79
C ASN H 160 -18.38 14.34 15.27
N VAL H 161 -18.24 14.49 16.57
CA VAL H 161 -17.01 15.00 17.15
C VAL H 161 -16.11 13.82 17.55
N PRO H 162 -14.80 14.06 17.73
CA PRO H 162 -13.99 12.96 18.23
C PRO H 162 -14.52 12.43 19.56
N VAL H 163 -14.46 11.11 19.71
CA VAL H 163 -14.80 10.45 20.96
C VAL H 163 -13.52 10.38 21.79
N TYR H 164 -13.50 11.10 22.91
CA TYR H 164 -12.33 11.06 23.80
C TYR H 164 -12.58 10.04 24.88
N SER H 165 -12.10 8.82 24.65
CA SER H 165 -12.14 7.77 25.66
C SER H 165 -11.15 8.09 26.77
N ARG H 166 -10.00 8.66 26.39
CA ARG H 166 -8.99 9.09 27.35
C ARG H 166 -9.44 10.37 28.07
N LYS H 167 -9.32 10.36 29.39
CA LYS H 167 -9.77 11.48 30.24
C LYS H 167 -8.76 11.77 31.34
N LEU H 168 -8.41 13.05 31.48
CA LEU H 168 -7.45 13.48 32.48
C LEU H 168 -7.99 14.65 33.30
N GLU H 169 -7.91 14.54 34.62
CA GLU H 169 -8.22 15.66 35.50
C GLU H 169 -6.94 16.24 36.10
N PHE H 170 -6.81 17.56 36.01
CA PHE H 170 -5.67 18.29 36.58
C PHE H 170 -6.14 19.18 37.73
N ILE H 171 -5.53 19.00 38.89
CA ILE H 171 -5.82 19.84 40.06
C ILE H 171 -4.55 20.60 40.43
N GLY H 172 -4.66 21.92 40.55
CA GLY H 172 -3.47 22.70 40.83
C GLY H 172 -3.63 24.10 41.34
N ASP H 173 -2.51 24.82 41.31
CA ASP H 173 -2.44 26.21 41.72
C ASP H 173 -2.27 27.09 40.47
N SER H 174 -1.55 28.20 40.60
CA SER H 174 -1.43 29.14 39.48
C SER H 174 -0.73 28.54 38.26
N ILE H 175 0.07 27.50 38.49
CA ILE H 175 0.79 26.83 37.39
C ILE H 175 -0.22 26.16 36.48
N THR H 176 -1.20 25.49 37.09
CA THR H 176 -2.27 24.82 36.36
C THR H 176 -3.29 25.84 35.82
N SER H 177 -3.32 27.03 36.43
CA SER H 177 -4.06 28.18 35.88
C SER H 177 -3.26 28.90 34.78
N GLY H 178 -2.02 28.46 34.56
CA GLY H 178 -1.16 29.05 33.53
C GLY H 178 -0.86 30.52 33.76
N GLU H 179 -0.81 30.92 35.03
CA GLU H 179 -0.49 32.29 35.38
C GLU H 179 0.98 32.53 35.05
N GLY H 180 1.24 33.52 34.18
CA GLY H 180 2.59 33.79 33.71
C GLY H 180 2.90 33.23 32.34
N SER H 181 1.98 32.42 31.79
CA SER H 181 2.16 31.80 30.48
C SER H 181 2.14 32.82 29.33
N TYR H 182 1.54 33.98 29.59
CA TYR H 182 1.62 35.15 28.69
C TYR H 182 2.18 36.33 29.48
N GLY H 183 2.81 37.27 28.79
CA GLY H 183 3.30 38.49 29.40
C GLY H 183 4.82 38.52 29.55
N ALA H 184 5.35 39.74 29.66
CA ALA H 184 6.79 39.97 29.75
C ALA H 184 7.36 39.56 31.11
N PHE H 185 8.65 39.26 31.12
CA PHE H 185 9.37 38.84 32.33
C PHE H 185 9.05 39.69 33.57
N ASP H 186 9.07 41.02 33.41
CA ASP H 186 8.97 41.93 34.55
C ASP H 186 7.55 42.28 35.01
N ASP H 187 6.53 41.79 34.28
CA ASP H 187 5.15 42.12 34.61
C ASP H 187 4.68 41.45 35.91
N VAL H 188 4.04 42.23 36.79
CA VAL H 188 3.63 41.73 38.11
C VAL H 188 2.12 41.85 38.43
N ASP H 189 1.38 42.61 37.63
CA ASP H 189 -0.05 42.82 37.90
C ASP H 189 -0.86 41.52 37.84
N TRP H 190 -1.60 41.24 38.91
CA TRP H 190 -2.39 40.00 39.02
C TRP H 190 -3.70 40.13 38.30
N ILE H 191 -3.63 40.03 36.97
CA ILE H 191 -4.79 40.28 36.13
C ILE H 191 -4.96 39.15 35.10
N PRO H 192 -6.20 38.98 34.55
CA PRO H 192 -6.54 37.88 33.65
C PRO H 192 -5.67 37.69 32.40
N MET H 193 -5.19 38.77 31.80
CA MET H 193 -4.46 38.65 30.54
C MET H 193 -3.20 37.76 30.58
N TYR H 194 -2.68 37.52 31.79
CA TYR H 194 -1.45 36.73 31.96
C TYR H 194 -1.68 35.24 32.20
N MET H 195 -2.95 34.85 32.33
CA MET H 195 -3.33 33.45 32.61
C MET H 195 -3.86 32.80 31.35
N SER H 196 -3.69 31.48 31.24
CA SER H 196 -4.20 30.79 30.05
C SER H 196 -4.37 29.30 30.21
N ALA H 197 -5.22 28.74 29.34
CA ALA H 197 -5.26 27.32 29.05
C ALA H 197 -4.64 27.06 27.69
N SER H 198 -4.50 28.11 26.88
CA SER H 198 -3.93 28.01 25.54
C SER H 198 -2.42 27.70 25.54
N ALA H 199 -1.72 28.16 26.58
CA ALA H 199 -0.29 27.87 26.75
C ALA H 199 -0.07 27.31 28.15
N ASN H 200 -0.21 25.99 28.29
CA ASN H 200 -0.39 25.38 29.60
C ASN H 200 0.00 23.90 29.53
N TYR H 201 0.84 23.45 30.46
CA TYR H 201 1.37 22.07 30.43
C TYR H 201 0.24 21.03 30.44
N ALA H 202 -0.87 21.35 31.12
CA ALA H 202 -2.01 20.45 31.24
C ALA H 202 -2.71 20.21 29.90
N THR H 203 -3.07 21.29 29.20
CA THR H 203 -3.70 21.18 27.88
C THR H 203 -2.70 20.68 26.82
N MET H 204 -1.42 21.02 26.98
CA MET H 204 -0.36 20.46 26.13
C MET H 204 -0.32 18.93 26.27
N THR H 205 -0.38 18.47 27.52
CA THR H 205 -0.37 17.04 27.82
C THR H 205 -1.62 16.33 27.27
N ALA H 206 -2.79 16.89 27.56
CA ALA H 206 -4.06 16.33 27.06
C ALA H 206 -4.08 16.25 25.53
N LYS H 207 -3.57 17.30 24.88
CA LYS H 207 -3.55 17.37 23.43
C LYS H 207 -2.66 16.29 22.82
N ALA H 208 -1.45 16.15 23.36
CA ALA H 208 -0.49 15.16 22.88
C ALA H 208 -1.05 13.74 23.00
N LEU H 209 -1.86 13.51 24.03
CA LEU H 209 -2.40 12.20 24.34
C LEU H 209 -3.81 11.96 23.82
N ASN H 210 -4.35 12.92 23.05
CA ASN H 210 -5.73 12.88 22.58
C ASN H 210 -6.75 12.64 23.69
N ALA H 211 -6.63 13.41 24.76
CA ALA H 211 -7.43 13.19 25.95
C ALA H 211 -8.39 14.34 26.21
N ASP H 212 -9.59 13.99 26.69
CA ASP H 212 -10.49 14.95 27.31
C ASP H 212 -9.82 15.35 28.62
N TYR H 213 -10.05 16.58 29.06
CA TYR H 213 -9.40 17.10 30.26
C TYR H 213 -10.33 18.01 31.05
N HIS H 214 -10.17 17.97 32.37
CA HIS H 214 -10.82 18.91 33.28
C HIS H 214 -9.75 19.59 34.10
N LEU H 215 -9.82 20.93 34.14
CA LEU H 215 -8.91 21.73 34.95
C LEU H 215 -9.61 22.27 36.20
N VAL H 216 -8.99 22.04 37.36
CA VAL H 216 -9.50 22.54 38.64
C VAL H 216 -8.34 23.24 39.37
N SER H 217 -8.30 24.56 39.31
CA SER H 217 -7.13 25.29 39.81
C SER H 217 -7.42 26.65 40.44
N GLN H 218 -6.53 27.08 41.32
CA GLN H 218 -6.63 28.39 41.95
C GLN H 218 -5.25 28.90 42.36
N GLY H 219 -4.84 30.00 41.74
CA GLY H 219 -3.57 30.64 42.00
C GLY H 219 -3.40 31.01 43.46
N GLY H 220 -2.23 30.73 44.01
CA GLY H 220 -1.92 31.05 45.39
C GLY H 220 -2.34 30.00 46.41
N TRP H 221 -3.19 29.06 45.99
CA TRP H 221 -3.75 28.05 46.88
C TRP H 221 -2.88 26.83 47.04
N GLY H 222 -3.01 26.16 48.18
CA GLY H 222 -2.21 24.97 48.46
C GLY H 222 -3.07 23.74 48.65
N VAL H 223 -2.44 22.64 49.01
CA VAL H 223 -3.16 21.45 49.47
C VAL H 223 -3.67 21.70 50.89
N PHE H 224 -2.91 22.48 51.68
CA PHE H 224 -3.28 22.83 53.05
C PHE H 224 -3.60 24.32 53.24
N CYS H 225 -2.71 25.19 52.77
CA CYS H 225 -2.92 26.63 52.92
C CYS H 225 -2.36 27.43 51.74
N GLY H 226 -2.84 28.67 51.59
CA GLY H 226 -2.32 29.58 50.57
C GLY H 226 -0.91 30.03 50.89
N TRP H 227 -0.24 30.61 49.90
CA TRP H 227 1.14 31.11 50.03
C TRP H 227 1.28 32.11 51.15
N ASP H 228 0.17 32.78 51.47
CA ASP H 228 0.13 33.84 52.48
C ASP H 228 -0.35 33.33 53.85
N ASN H 229 -0.28 32.01 54.04
CA ASN H 229 -0.73 31.35 55.27
C ASN H 229 -2.23 31.28 55.48
N ASP H 230 -3.01 31.58 54.45
CA ASP H 230 -4.47 31.49 54.54
C ASP H 230 -4.95 30.04 54.43
N VAL H 231 -5.33 29.48 55.58
CA VAL H 231 -5.79 28.10 55.72
C VAL H 231 -7.09 27.80 54.96
N ARG H 232 -7.86 28.84 54.66
CA ARG H 232 -9.10 28.71 53.90
C ARG H 232 -8.85 28.41 52.42
N HIS H 233 -7.65 28.76 51.96
CA HIS H 233 -7.30 28.67 50.55
C HIS H 233 -6.59 27.39 50.20
N ASN H 234 -7.33 26.29 50.29
CA ASN H 234 -6.84 24.97 49.90
C ASN H 234 -7.77 24.33 48.88
N LEU H 235 -7.18 23.63 47.92
CA LEU H 235 -7.94 22.98 46.85
C LEU H 235 -8.94 21.90 47.33
N PRO H 236 -8.55 21.07 48.32
CA PRO H 236 -9.49 20.01 48.74
C PRO H 236 -10.86 20.54 49.17
N SER H 237 -10.88 21.73 49.78
CA SER H 237 -12.11 22.35 50.27
C SER H 237 -13.13 22.67 49.17
N VAL H 238 -12.66 22.83 47.94
CA VAL H 238 -13.53 23.21 46.82
C VAL H 238 -13.70 22.13 45.76
N TYR H 239 -13.08 20.97 45.98
CA TYR H 239 -13.01 19.92 44.96
C TYR H 239 -14.35 19.25 44.63
N GLU H 240 -15.22 19.09 45.63
CA GLU H 240 -16.37 18.20 45.48
C GLU H 240 -17.62 18.76 44.81
N LYS H 241 -17.72 20.08 44.72
CA LYS H 241 -18.86 20.71 44.04
C LYS H 241 -18.63 20.81 42.55
N VAL H 242 -19.69 21.11 41.79
CA VAL H 242 -19.58 21.34 40.34
C VAL H 242 -18.47 22.36 40.06
N CYS H 243 -18.56 23.50 40.75
CA CYS H 243 -17.45 24.46 40.80
C CYS H 243 -17.45 25.17 42.14
N GLY H 244 -16.71 24.60 43.09
CA GLY H 244 -16.60 25.12 44.44
C GLY H 244 -16.07 26.53 44.47
N LEU H 245 -15.35 26.90 43.41
CA LEU H 245 -14.72 28.22 43.27
C LEU H 245 -15.63 29.25 42.59
N ALA H 246 -16.87 28.84 42.31
CA ALA H 246 -17.90 29.75 41.84
C ALA H 246 -18.93 29.95 42.94
N LYS H 247 -18.79 31.05 43.68
CA LYS H 247 -19.61 31.31 44.86
C LYS H 247 -20.57 32.47 44.63
N GLY H 248 -21.52 32.64 45.55
CA GLY H 248 -22.50 33.72 45.47
C GLY H 248 -23.79 33.30 44.79
N GLU H 249 -24.80 34.17 44.89
CA GLU H 249 -26.15 33.86 44.41
C GLU H 249 -26.23 33.59 42.91
N MET H 250 -25.53 34.38 42.10
CA MET H 250 -25.52 34.20 40.65
C MET H 250 -25.00 32.80 40.29
N ASN H 251 -23.84 32.44 40.85
CA ASN H 251 -23.24 31.13 40.62
C ASN H 251 -24.08 29.97 41.15
N GLU H 252 -24.75 30.17 42.28
CA GLU H 252 -25.69 29.20 42.84
C GLU H 252 -26.81 28.85 41.86
N GLU H 253 -27.35 29.88 41.19
CA GLU H 253 -28.39 29.71 40.16
C GLU H 253 -27.86 28.92 38.94
N LEU H 254 -26.57 29.10 38.63
CA LEU H 254 -25.92 28.38 37.54
C LEU H 254 -25.68 26.90 37.86
N GLY H 255 -25.78 26.53 39.13
CA GLY H 255 -25.61 25.14 39.56
C GLY H 255 -24.22 24.81 40.07
N ALA H 256 -23.44 25.84 40.40
CA ALA H 256 -22.04 25.67 40.77
C ALA H 256 -21.85 25.05 42.15
N GLN H 257 -22.80 25.28 43.05
CA GLN H 257 -22.63 24.90 44.46
C GLN H 257 -23.25 23.56 44.86
N GLU H 258 -23.91 22.90 43.93
CA GLU H 258 -24.36 21.53 44.13
C GLU H 258 -23.16 20.60 43.98
N GLU H 259 -23.24 19.43 44.60
CA GLU H 259 -22.19 18.41 44.52
C GLU H 259 -22.07 17.89 43.09
N TYR H 260 -20.83 17.72 42.63
CA TYR H 260 -20.55 17.30 41.25
C TYR H 260 -20.89 15.83 41.00
N ASP H 261 -21.42 15.55 39.82
CA ASP H 261 -21.73 14.18 39.39
C ASP H 261 -20.47 13.46 38.88
N PHE H 262 -19.63 13.01 39.81
CA PHE H 262 -18.37 12.34 39.47
C PHE H 262 -18.54 11.13 38.56
N ALA H 263 -19.68 10.44 38.68
CA ALA H 263 -19.98 9.26 37.87
C ALA H 263 -20.08 9.54 36.37
N SER H 264 -20.49 10.76 36.01
CA SER H 264 -20.67 11.13 34.60
C SER H 264 -19.36 11.37 33.84
N TRP H 265 -18.25 11.45 34.56
CA TRP H 265 -16.95 11.74 33.94
C TRP H 265 -15.84 11.19 34.79
N GLN H 266 -15.35 10.02 34.38
CA GLN H 266 -14.34 9.29 35.15
C GLN H 266 -12.98 9.34 34.46
N PRO H 267 -11.99 10.04 35.07
CA PRO H 267 -10.68 10.17 34.43
C PRO H 267 -9.84 8.90 34.57
N ASP H 268 -9.01 8.62 33.57
CA ASP H 268 -8.03 7.54 33.69
C ASP H 268 -6.95 7.90 34.67
N ALA H 269 -6.63 9.19 34.74
CA ALA H 269 -5.61 9.67 35.65
C ALA H 269 -5.97 11.04 36.20
N ILE H 270 -5.57 11.27 37.45
CA ILE H 270 -5.73 12.56 38.10
C ILE H 270 -4.35 13.12 38.40
N ILE H 271 -4.01 14.23 37.75
CA ILE H 271 -2.73 14.89 37.93
C ILE H 271 -2.83 15.98 39.00
N VAL H 272 -2.17 15.78 40.14
CA VAL H 272 -2.24 16.72 41.26
C VAL H 272 -0.96 17.54 41.40
N ASN H 273 -1.03 18.79 40.95
CA ASN H 273 0.11 19.70 41.03
C ASN H 273 -0.08 20.71 42.16
N LEU H 274 0.15 20.25 43.39
CA LEU H 274 -0.02 21.09 44.57
C LEU H 274 1.18 21.00 45.50
N GLY H 275 1.42 22.06 46.26
CA GLY H 275 2.50 22.07 47.23
C GLY H 275 3.42 23.27 47.16
N THR H 276 3.47 23.91 46.00
CA THR H 276 4.32 25.09 45.79
C THR H 276 3.96 26.20 46.78
N ASN H 277 2.67 26.49 46.91
CA ASN H 277 2.18 27.51 47.84
C ASN H 277 2.31 27.12 49.31
N ASP H 278 2.19 25.82 49.58
CA ASP H 278 2.41 25.29 50.93
C ASP H 278 3.85 25.55 51.43
N VAL H 279 4.85 25.27 50.59
CA VAL H 279 6.25 25.56 50.96
C VAL H 279 6.50 27.05 51.15
N THR H 280 5.92 27.87 50.28
CA THR H 280 6.07 29.33 50.32
C THR H 280 5.60 29.92 51.66
N SER H 281 4.49 29.39 52.19
CA SER H 281 3.88 29.92 53.41
C SER H 281 4.81 29.95 54.63
N PHE H 282 5.72 28.99 54.69
CA PHE H 282 6.71 28.93 55.77
C PHE H 282 7.59 30.17 55.83
N ASN H 283 7.75 30.83 54.69
CA ASN H 283 8.59 32.03 54.59
C ASN H 283 7.79 33.33 54.49
N GLN H 284 6.50 33.25 54.78
CA GLN H 284 5.60 34.41 54.70
C GLN H 284 5.05 34.82 56.06
N PRO H 285 4.72 36.11 56.23
CA PRO H 285 4.09 36.66 57.44
C PRO H 285 2.83 35.92 57.87
N GLU H 286 2.51 36.01 59.16
CA GLU H 286 1.29 35.42 59.73
C GLU H 286 0.01 35.94 59.06
N PHE H 287 -1.07 35.15 59.14
CA PHE H 287 -2.33 35.52 58.52
C PHE H 287 -3.47 35.60 59.53
N LEU H 288 -4.05 36.78 59.66
CA LEU H 288 -5.23 36.97 60.49
C LEU H 288 -6.49 36.58 59.70
N ASN H 289 -7.09 35.46 60.09
CA ASN H 289 -8.30 34.93 59.46
C ASN H 289 -9.51 35.74 59.91
N PRO H 290 -10.12 36.52 58.98
CA PRO H 290 -11.27 37.37 59.30
C PRO H 290 -12.53 36.60 59.70
N ASP H 291 -12.59 35.31 59.34
CA ASP H 291 -13.76 34.48 59.59
C ASP H 291 -13.83 33.89 61.00
N ASP H 292 -12.68 33.75 61.66
CA ASP H 292 -12.67 33.23 63.03
C ASP H 292 -11.82 34.05 64.02
N GLY H 293 -11.09 35.03 63.49
CA GLY H 293 -10.30 35.94 64.32
C GLY H 293 -8.94 35.39 64.75
N LYS H 294 -8.63 34.16 64.36
CA LYS H 294 -7.38 33.51 64.75
C LYS H 294 -6.26 33.78 63.74
N THR H 295 -5.03 33.82 64.23
CA THR H 295 -3.86 34.06 63.39
C THR H 295 -3.12 32.77 63.06
N TYR H 296 -2.82 32.58 61.77
CA TYR H 296 -2.19 31.35 61.28
C TYR H 296 -0.82 31.62 60.65
N LYS H 297 0.15 30.77 60.99
CA LYS H 297 1.51 30.90 60.49
C LYS H 297 2.23 29.55 60.45
N MET H 298 2.71 29.17 59.26
CA MET H 298 3.56 28.00 59.12
C MET H 298 4.97 28.43 59.48
N ARG H 299 5.52 27.79 60.51
CA ARG H 299 6.74 28.28 61.15
C ARG H 299 8.00 27.60 60.62
N THR H 300 9.09 28.36 60.56
CA THR H 300 10.40 27.79 60.30
C THR H 300 11.19 27.81 61.61
N ASN H 301 12.02 26.80 61.81
CA ASN H 301 12.90 26.75 62.98
C ASN H 301 13.97 27.82 62.89
N THR H 302 14.61 28.12 64.02
CA THR H 302 15.62 29.16 64.07
C THR H 302 16.87 28.81 63.25
N ASP H 303 17.01 27.53 62.89
CA ASP H 303 18.11 27.10 62.02
C ASP H 303 17.79 27.26 60.52
N GLY H 304 16.53 27.52 60.20
CA GLY H 304 16.11 27.75 58.82
C GLY H 304 15.22 26.67 58.22
N THR H 305 15.11 25.53 58.90
CA THR H 305 14.29 24.42 58.41
C THR H 305 12.83 24.56 58.84
N ARG H 306 11.94 23.84 58.17
CA ARG H 306 10.51 23.91 58.48
C ARG H 306 10.17 23.27 59.82
N ASN H 307 9.23 23.88 60.54
CA ASN H 307 8.68 23.29 61.74
C ASN H 307 7.99 21.97 61.39
N ARG H 308 8.35 20.90 62.09
CA ARG H 308 7.91 19.54 61.79
C ARG H 308 6.40 19.35 61.97
N GLU H 309 5.87 19.88 63.07
CA GLU H 309 4.44 19.85 63.37
C GLU H 309 3.64 20.47 62.22
N ASP H 310 4.15 21.57 61.68
CA ASP H 310 3.54 22.24 60.54
C ASP H 310 3.67 21.43 59.24
N GLU H 311 4.83 20.77 59.06
CA GLU H 311 5.00 19.81 57.97
C GLU H 311 3.92 18.71 58.04
N LEU H 312 3.63 18.25 59.25
CA LEU H 312 2.64 17.19 59.47
C LEU H 312 1.22 17.60 59.11
N LYS H 313 0.91 18.90 59.25
CA LYS H 313 -0.38 19.43 58.81
C LYS H 313 -0.55 19.29 57.30
N ILE H 314 0.55 19.46 56.56
CA ILE H 314 0.54 19.23 55.10
C ILE H 314 0.38 17.74 54.82
N VAL H 315 1.17 16.91 55.52
CA VAL H 315 1.07 15.44 55.42
C VAL H 315 -0.38 14.96 55.61
N SER H 316 -1.05 15.48 56.64
CA SER H 316 -2.45 15.12 56.91
C SER H 316 -3.38 15.56 55.79
N ALA H 317 -3.15 16.78 55.30
CA ALA H 317 -3.93 17.34 54.19
C ALA H 317 -3.80 16.49 52.93
N ILE H 318 -2.59 16.02 52.64
CA ILE H 318 -2.34 15.15 51.49
C ILE H 318 -3.07 13.81 51.64
N ILE H 319 -2.94 13.19 52.82
CA ILE H 319 -3.63 11.93 53.13
C ILE H 319 -5.14 12.11 52.95
N ASP H 320 -5.69 13.15 53.57
CA ASP H 320 -7.13 13.45 53.50
C ASP H 320 -7.59 13.69 52.06
N PHE H 321 -6.79 14.42 51.27
CA PHE H 321 -7.14 14.70 49.89
C PHE H 321 -7.10 13.46 49.01
N LEU H 322 -6.11 12.60 49.21
CA LEU H 322 -6.01 11.34 48.45
C LEU H 322 -7.23 10.44 48.73
N THR H 323 -7.65 10.41 50.00
CA THR H 323 -8.86 9.72 50.40
C THR H 323 -10.07 10.30 49.66
N MET H 324 -10.19 11.63 49.66
CA MET H 324 -11.26 12.30 48.92
C MET H 324 -11.22 11.98 47.43
N LEU H 325 -10.03 12.01 46.85
CA LEU H 325 -9.86 11.70 45.44
C LEU H 325 -10.26 10.27 45.11
N ARG H 326 -9.85 9.33 45.96
CA ARG H 326 -10.19 7.91 45.78
C ARG H 326 -11.69 7.66 45.93
N LYS H 327 -12.30 8.32 46.90
CA LYS H 327 -13.73 8.24 47.18
C LYS H 327 -14.58 8.48 45.93
N HIS H 328 -14.23 9.51 45.17
CA HIS H 328 -15.00 9.90 43.99
C HIS H 328 -14.45 9.34 42.71
N ASN H 329 -13.21 8.86 42.75
CA ASN H 329 -12.59 8.26 41.58
C ASN H 329 -11.96 6.91 41.94
N PRO H 330 -12.79 5.86 41.99
CA PRO H 330 -12.32 4.59 42.57
C PRO H 330 -11.29 3.87 41.69
N ASN H 331 -11.25 4.18 40.40
CA ASN H 331 -10.38 3.47 39.46
C ASN H 331 -9.22 4.27 38.85
N ALA H 332 -9.20 5.58 39.07
CA ALA H 332 -8.21 6.44 38.43
C ALA H 332 -6.80 6.27 39.01
N GLN H 333 -5.80 6.45 38.16
CA GLN H 333 -4.42 6.59 38.64
C GLN H 333 -4.25 8.01 39.14
N ILE H 334 -4.01 8.15 40.44
CA ILE H 334 -3.76 9.46 41.03
C ILE H 334 -2.25 9.72 40.98
N ILE H 335 -1.83 10.75 40.26
CA ILE H 335 -0.40 11.05 40.12
C ILE H 335 -0.08 12.45 40.66
N TRP H 336 0.61 12.51 41.79
CA TRP H 336 1.06 13.78 42.32
C TRP H 336 2.22 14.26 41.50
N SER H 337 2.03 15.36 40.78
CA SER H 337 3.03 15.83 39.83
C SER H 337 3.49 17.21 40.24
N TYR H 338 4.75 17.33 40.62
CA TYR H 338 5.21 18.51 41.33
C TYR H 338 6.67 18.80 41.01
N GLY H 339 7.00 20.07 40.80
CA GLY H 339 8.38 20.48 40.67
C GLY H 339 8.67 21.65 39.76
N MET H 340 7.64 22.22 39.13
CA MET H 340 7.83 23.30 38.14
C MET H 340 8.34 24.61 38.76
N LEU H 341 8.04 24.84 40.03
CA LEU H 341 8.61 25.96 40.78
C LEU H 341 9.23 25.44 42.08
N GLY H 342 10.30 24.65 41.93
CA GLY H 342 11.02 24.09 43.07
C GLY H 342 10.49 22.72 43.47
N SER H 343 11.34 21.91 44.08
CA SER H 343 10.96 20.56 44.49
C SER H 343 11.25 20.29 45.97
N ASP H 344 11.32 21.37 46.76
CA ASP H 344 11.69 21.26 48.17
C ASP H 344 10.70 20.44 49.00
N LEU H 345 9.44 20.37 48.56
CA LEU H 345 8.42 19.62 49.29
C LEU H 345 8.32 18.12 48.91
N ASN H 346 9.28 17.64 48.12
CA ASN H 346 9.31 16.24 47.65
C ASN H 346 9.07 15.18 48.72
N LEU H 347 9.82 15.27 49.81
CA LEU H 347 9.75 14.28 50.88
C LEU H 347 8.46 14.34 51.69
N VAL H 348 7.97 15.56 51.92
CA VAL H 348 6.69 15.76 52.62
C VAL H 348 5.54 15.20 51.79
N ILE H 349 5.54 15.50 50.49
CA ILE H 349 4.54 14.96 49.56
C ILE H 349 4.53 13.43 49.54
N THR H 350 5.70 12.83 49.38
CA THR H 350 5.78 11.36 49.33
C THR H 350 5.51 10.73 50.69
N GLU H 351 5.79 11.46 51.77
CA GLU H 351 5.39 11.04 53.12
C GLU H 351 3.87 10.90 53.17
N GLY H 352 3.18 11.91 52.65
CA GLY H 352 1.73 11.89 52.52
C GLY H 352 1.22 10.72 51.70
N ILE H 353 1.83 10.50 50.54
CA ILE H 353 1.42 9.43 49.63
C ILE H 353 1.62 8.03 50.24
N ASN H 354 2.80 7.79 50.81
CA ASN H 354 3.12 6.50 51.43
C ASN H 354 2.22 6.16 52.62
N LYS H 355 2.04 7.13 53.52
CA LYS H 355 1.16 6.97 54.67
C LYS H 355 -0.29 6.70 54.27
N TYR H 356 -0.80 7.48 53.32
CA TYR H 356 -2.12 7.21 52.76
C TYR H 356 -2.14 5.78 52.20
N LYS H 357 -1.06 5.41 51.53
CA LYS H 357 -0.94 4.17 50.76
C LYS H 357 -0.96 2.92 51.64
N GLU H 358 -0.22 2.95 52.75
CA GLU H 358 -0.10 1.82 53.67
C GLU H 358 -1.41 1.59 54.41
N ASN H 359 -1.97 2.67 54.96
CA ASN H 359 -3.19 2.61 55.78
C ASN H 359 -4.48 2.43 54.99
N ALA H 360 -4.38 2.41 53.66
CA ALA H 360 -5.56 2.28 52.79
C ALA H 360 -5.42 1.20 51.71
N GLY H 361 -4.22 0.65 51.55
CA GLY H 361 -3.97 -0.40 50.56
C GLY H 361 -4.28 0.03 49.13
N ASP H 362 -4.00 1.29 48.83
CA ASP H 362 -4.25 1.83 47.49
C ASP H 362 -2.99 1.72 46.65
N GLU H 363 -3.11 1.01 45.53
CA GLU H 363 -1.96 0.70 44.67
C GLU H 363 -1.89 1.59 43.43
N LYS H 364 -2.83 2.52 43.29
CA LYS H 364 -2.90 3.35 42.09
C LYS H 364 -2.67 4.83 42.40
N VAL H 365 -1.70 5.09 43.28
CA VAL H 365 -1.22 6.43 43.61
C VAL H 365 0.28 6.51 43.32
N SER H 366 0.69 7.53 42.57
CA SER H 366 2.09 7.68 42.19
C SER H 366 2.63 9.09 42.43
N PHE H 367 3.95 9.20 42.51
CA PHE H 367 4.62 10.49 42.49
C PHE H 367 5.42 10.62 41.19
N PHE H 368 5.30 11.78 40.54
CA PHE H 368 6.13 12.11 39.39
C PHE H 368 6.66 13.53 39.50
N GLN H 369 7.98 13.65 39.39
CA GLN H 369 8.68 14.92 39.47
C GLN H 369 8.58 15.69 38.15
N LEU H 370 8.04 16.90 38.18
CA LEU H 370 8.07 17.76 37.00
C LEU H 370 9.38 18.52 36.96
N PRO H 371 9.89 18.86 35.76
CA PRO H 371 11.16 19.59 35.69
C PRO H 371 11.02 21.02 36.21
N ASN H 372 12.05 21.50 36.89
CA ASN H 372 12.06 22.86 37.43
C ASN H 372 12.18 23.94 36.36
N THR H 373 11.52 25.08 36.55
CA THR H 373 11.64 26.20 35.63
C THR H 373 13.00 26.89 35.83
N THR H 374 13.77 26.97 34.75
CA THR H 374 15.07 27.64 34.77
C THR H 374 14.97 29.09 34.29
N MET H 375 16.05 29.84 34.46
CA MET H 375 16.07 31.29 34.19
C MET H 375 15.64 31.70 32.79
N GLU H 376 16.00 30.88 31.80
CA GLU H 376 15.65 31.15 30.42
C GLU H 376 14.16 30.85 30.11
N ASN H 377 13.48 30.16 31.02
CA ASN H 377 12.11 29.68 30.78
C ASN H 377 11.00 30.29 31.65
N PHE H 378 11.30 31.34 32.41
CA PHE H 378 10.25 32.04 33.16
C PHE H 378 9.39 32.89 32.23
N GLY H 379 8.11 33.00 32.55
CA GLY H 379 7.20 33.89 31.84
C GLY H 379 7.08 35.17 32.65
N SER H 380 5.85 35.65 32.81
CA SER H 380 5.59 36.79 33.70
C SER H 380 5.36 36.28 35.13
N HIS H 381 5.36 37.19 36.10
CA HIS H 381 5.10 36.87 37.52
C HIS H 381 6.11 35.91 38.11
N MET H 382 7.30 35.83 37.52
CA MET H 382 8.28 34.79 37.87
C MET H 382 7.66 33.38 37.93
N ALA H 383 6.80 33.11 36.96
CA ALA H 383 6.11 31.84 36.86
C ALA H 383 6.60 31.10 35.62
N PRO H 384 6.23 29.81 35.47
CA PRO H 384 6.61 29.07 34.27
C PRO H 384 6.11 29.75 32.99
N GLY H 385 7.02 30.02 32.06
CA GLY H 385 6.64 30.49 30.72
C GLY H 385 6.27 29.32 29.82
N PRO H 386 5.86 29.63 28.57
CA PRO H 386 5.46 28.59 27.61
C PRO H 386 6.46 27.45 27.46
N LYS H 387 7.76 27.76 27.46
CA LYS H 387 8.79 26.73 27.28
C LYS H 387 8.89 25.79 28.48
N SER H 388 8.69 26.33 29.69
CA SER H 388 8.66 25.51 30.89
C SER H 388 7.44 24.59 30.87
N HIS H 389 6.27 25.14 30.51
CA HIS H 389 5.07 24.32 30.28
C HIS H 389 5.30 23.21 29.27
N GLN H 390 5.90 23.56 28.13
CA GLN H 390 6.29 22.58 27.10
C GLN H 390 7.19 21.47 27.64
N ASN H 391 8.21 21.87 28.40
CA ASN H 391 9.16 20.93 29.01
C ASN H 391 8.47 19.96 29.96
N ALA H 392 7.62 20.51 30.83
CA ALA H 392 6.91 19.71 31.82
C ALA H 392 5.94 18.73 31.13
N ALA H 393 5.26 19.21 30.10
CA ALA H 393 4.33 18.39 29.31
C ALA H 393 5.03 17.21 28.62
N LYS H 394 6.15 17.47 27.95
CA LYS H 394 6.93 16.39 27.33
C LYS H 394 7.25 15.29 28.35
N GLU H 395 7.70 15.72 29.53
CA GLU H 395 8.03 14.85 30.66
C GLU H 395 6.83 14.06 31.18
N LEU H 396 5.73 14.77 31.44
CA LEU H 396 4.51 14.15 31.94
C LEU H 396 3.88 13.23 30.90
N VAL H 397 3.93 13.63 29.63
CA VAL H 397 3.39 12.82 28.53
C VAL H 397 4.12 11.47 28.45
N ASP H 398 5.45 11.50 28.46
CA ASP H 398 6.27 10.26 28.45
C ASP H 398 5.87 9.33 29.60
N TYR H 399 5.77 9.90 30.79
CA TYR H 399 5.38 9.17 31.98
C TYR H 399 3.99 8.54 31.82
N LEU H 400 3.04 9.30 31.27
CA LEU H 400 1.67 8.81 31.14
C LEU H 400 1.54 7.72 30.07
N ARG H 401 2.32 7.84 29.00
CA ARG H 401 2.40 6.80 27.97
C ARG H 401 2.79 5.45 28.59
N ASN H 402 3.80 5.48 29.46
CA ASN H 402 4.27 4.28 30.16
C ASN H 402 3.33 3.81 31.27
N LYS H 403 2.87 4.74 32.11
CA LYS H 403 2.01 4.40 33.25
C LYS H 403 0.68 3.80 32.82
N LEU H 404 0.12 4.30 31.72
CA LEU H 404 -1.24 3.94 31.31
C LEU H 404 -1.33 3.06 30.06
N GLY H 405 -0.21 2.86 29.37
CA GLY H 405 -0.21 2.12 28.10
C GLY H 405 -0.84 2.91 26.96
N TRP H 406 -0.50 4.20 26.86
CA TRP H 406 -0.97 5.04 25.77
C TRP H 406 0.15 5.38 24.84
N PHE H 407 0.71 4.37 24.18
CA PHE H 407 1.86 4.59 23.30
C PHE H 407 1.45 5.08 21.92
#